data_8DF1
#
_entry.id   8DF1
#
_cell.length_a   102.100
_cell.length_b   172.920
_cell.length_c   404.480
_cell.angle_alpha   90.000
_cell.angle_beta   90.000
_cell.angle_gamma   90.000
#
_symmetry.space_group_name_H-M   'P 21 21 21'
#
loop_
_entity.id
_entity.type
_entity.pdbx_description
1 polymer 'Chitinase-3-like protein 1'
2 polymer 'C59 Fab Heavy chain'
3 polymer 'C59 Fab Light chain'
4 branched alpha-D-mannopyranose-(1-6)-beta-D-mannopyranose-(1-4)-2-acetamido-2-deoxy-beta-D-glucopyranose-(1-4)-2-acetamido-2-deoxy-beta-D-glucopyranose
5 branched beta-D-mannopyranose-(1-4)-2-acetamido-2-deoxy-beta-D-glucopyranose-(1-4)-2-acetamido-2-deoxy-beta-D-glucopyranose
6 branched alpha-D-mannopyranose-(1-3)-[alpha-D-mannopyranose-(1-6)]beta-D-mannopyranose-(1-4)-2-acetamido-2-deoxy-beta-D-glucopyranose-(1-4)-2-acetamido-2-deoxy-beta-D-glucopyranose
#
loop_
_entity_poly.entity_id
_entity_poly.type
_entity_poly.pdbx_seq_one_letter_code
_entity_poly.pdbx_strand_id
1 'polypeptide(L)'
;YKLVCYYTSWSQYREGDGSCFPDALDRFLCTHIIYSFANISNDHIDTWEWNDVTLYGMLNTLKNRNPNLKTLLSVGGWNF
GSQRFSKIASNTQSRRTFIKSVPPFLRTHGFDGLDLAWLYPGRRDKQHFTTLIKEMKAEFIKEAQPGKKQLLLSAALSAG
KVTIDSSYDIAKISQHLDFISIMTYDFHGAWRGTTGHHSPLFRGQEDASPDRFSNTDYAVGYMLRLGAPASKLVMGIPTF
GRSFTLASSETGVGAPISGPGIPGRFTKEAGTLAYYEICDFLRGATVHRILGQQVPYATKGNQWVGYDDQESVKSKVQYL
KDRQLAGAMVWALDLDDFQGSFCGQDLRFPLTNAIKDALAAT
;
A,B,C,D,E,F
2 'polypeptide(L)'
;(PCA)SVEESGGDLVKPGASLTLTCTASGFTISSDYYMCWVRQAPGKGLEWIGCIYIGSGTDTYYASWAKGRFTISKTSS
TTVTLQMTSLTAADTATYFCARDKGWSNAWGFYFQLWGPGTLVTVSSGQPKAPSVFPLAPCCGDTPSSTVTLGCLVKGYL
PEPVTVTWNSGTLTNGVRTFPSVRQSSGLYSLSSVVSVTSSSQPVTCNVAHPATNTKVDKTVAPSTC
;
M,H,O,Q,S,U
3 'polypeptide(L)'
;DPVLTQTPASVEVPVGGTVTINCQASQSIGKYLNWYQQKPGQPPKLLIYSSSSLASGVSSRFKGSGFGTQFTLTISGVQC
ADAATYYCQQGYSYVDLENGFGGGTELEILGDPVAPTVLIFPPAADQVATGTVTIVCVANKYFPDVTVTWEVDGTTQTTG
IENSKTPQNSADCTYNLSSTLTLTSTQYNSHKEYTCKVTQGTTSVVQSFNRGDC
;
N,L,P,R,T,V
#
# COMPACT_ATOMS: atom_id res chain seq x y z
N TYR A 1 42.30 36.20 -3.58
CA TYR A 1 41.25 36.87 -4.34
C TYR A 1 41.38 36.48 -5.80
N LYS A 2 40.26 36.45 -6.53
CA LYS A 2 40.28 36.32 -7.97
C LYS A 2 40.44 37.70 -8.60
N LEU A 3 41.34 37.81 -9.57
CA LEU A 3 41.41 38.95 -10.48
C LEU A 3 41.04 38.44 -11.87
N VAL A 4 39.81 38.69 -12.28
CA VAL A 4 39.26 38.13 -13.52
C VAL A 4 39.30 39.21 -14.59
N CYS A 5 40.05 38.98 -15.66
CA CYS A 5 40.30 40.02 -16.66
C CYS A 5 39.80 39.59 -18.04
N TYR A 6 38.96 40.41 -18.66
CA TYR A 6 38.49 40.13 -20.00
C TYR A 6 39.48 40.63 -21.03
N TYR A 7 39.61 39.88 -22.12
CA TYR A 7 40.24 40.32 -23.35
C TYR A 7 39.21 40.21 -24.45
N THR A 8 39.14 41.22 -25.31
CA THR A 8 38.17 41.24 -26.38
C THR A 8 38.86 41.03 -27.72
N SER A 9 38.27 40.16 -28.54
CA SER A 9 38.88 39.78 -29.81
C SER A 9 38.98 40.96 -30.78
N TRP A 10 38.04 41.93 -30.70
CA TRP A 10 38.03 43.02 -31.66
C TRP A 10 39.12 44.06 -31.39
N SER A 11 39.81 43.96 -30.26
CA SER A 11 40.85 44.92 -29.95
C SER A 11 42.11 44.73 -30.82
N GLN A 12 42.04 43.84 -31.79
CA GLN A 12 43.17 43.63 -32.68
C GLN A 12 43.11 44.54 -33.89
N TYR A 13 41.94 45.07 -34.21
CA TYR A 13 41.76 45.86 -35.42
C TYR A 13 41.98 47.35 -35.20
N ARG A 14 42.32 47.77 -33.99
CA ARG A 14 42.61 49.16 -33.73
C ARG A 14 43.94 49.56 -34.35
N GLU A 15 44.05 50.82 -34.79
CA GLU A 15 45.24 51.22 -35.53
C GLU A 15 46.45 51.33 -34.62
N GLY A 16 47.62 51.08 -35.21
CA GLY A 16 48.89 51.33 -34.54
C GLY A 16 48.99 50.69 -33.17
N ASP A 17 49.43 51.49 -32.20
CA ASP A 17 49.63 51.00 -30.84
C ASP A 17 48.35 50.61 -30.14
N GLY A 18 47.19 50.86 -30.74
CA GLY A 18 45.95 50.36 -30.17
C GLY A 18 45.73 48.88 -30.37
N SER A 19 46.44 48.27 -31.33
CA SER A 19 46.30 46.86 -31.64
C SER A 19 46.73 46.00 -30.47
N CYS A 20 45.85 45.11 -30.04
CA CYS A 20 46.08 44.28 -28.86
C CYS A 20 45.87 42.83 -29.22
N PHE A 21 46.90 42.04 -29.09
CA PHE A 21 46.77 40.62 -29.28
C PHE A 21 47.04 39.92 -27.95
N PRO A 22 46.50 38.72 -27.74
CA PRO A 22 46.59 38.11 -26.40
C PRO A 22 48.00 37.94 -25.92
N ASP A 23 48.98 37.85 -26.84
CA ASP A 23 50.39 37.70 -26.48
C ASP A 23 51.00 38.98 -25.93
N ALA A 24 50.28 40.11 -25.98
CA ALA A 24 50.71 41.35 -25.35
C ALA A 24 50.31 41.42 -23.87
N LEU A 25 49.76 40.33 -23.33
CA LEU A 25 49.22 40.28 -21.98
C LEU A 25 50.25 39.71 -21.02
N ASP A 26 50.27 40.26 -19.81
CA ASP A 26 51.14 39.79 -18.74
C ASP A 26 50.57 38.50 -18.14
N ARG A 27 51.32 37.39 -18.23
CA ARG A 27 50.82 36.10 -17.74
C ARG A 27 50.50 36.13 -16.27
N PHE A 28 51.18 36.99 -15.52
CA PHE A 28 51.08 36.99 -14.07
C PHE A 28 50.24 38.14 -13.57
N LEU A 29 49.53 38.84 -14.46
CA LEU A 29 48.76 40.00 -14.05
C LEU A 29 47.47 39.58 -13.37
N CYS A 30 46.72 38.65 -13.99
CA CYS A 30 45.40 38.24 -13.53
C CYS A 30 45.43 36.78 -13.11
N THR A 31 44.45 36.40 -12.30
CA THR A 31 44.29 34.99 -11.98
C THR A 31 43.50 34.27 -13.06
N HIS A 32 42.58 34.98 -13.71
CA HIS A 32 41.77 34.44 -14.79
C HIS A 32 41.73 35.43 -15.96
N ILE A 33 41.90 34.93 -17.18
CA ILE A 33 41.66 35.73 -18.38
C ILE A 33 40.52 35.09 -19.17
N ILE A 34 39.52 35.88 -19.54
CA ILE A 34 38.35 35.40 -20.28
C ILE A 34 38.37 35.99 -21.68
N TYR A 35 38.33 35.12 -22.68
CA TYR A 35 38.29 35.55 -24.07
C TYR A 35 36.86 35.85 -24.50
N SER A 36 36.63 37.05 -25.05
CA SER A 36 35.32 37.51 -25.49
C SER A 36 35.39 37.83 -26.97
N PHE A 37 34.48 37.26 -27.76
CA PHE A 37 33.41 36.32 -27.47
C PHE A 37 33.38 35.15 -28.48
N ALA A 38 32.88 34.01 -28.05
CA ALA A 38 32.59 32.91 -28.94
C ALA A 38 31.17 33.00 -29.48
N ASN A 39 30.95 32.32 -30.59
CA ASN A 39 29.63 32.25 -31.22
C ASN A 39 28.89 31.00 -30.77
N ILE A 40 27.63 30.90 -31.18
CA ILE A 40 26.89 29.64 -31.19
C ILE A 40 26.32 29.48 -32.58
N SER A 41 26.87 28.56 -33.34
CA SER A 41 26.54 28.35 -34.75
C SER A 41 26.04 26.93 -34.91
N ASN A 42 24.83 26.78 -35.45
CA ASN A 42 24.18 25.48 -35.58
C ASN A 42 24.18 24.75 -34.23
N ASP A 43 23.79 25.48 -33.18
CA ASP A 43 23.68 24.97 -31.81
C ASP A 43 24.97 24.37 -31.27
N HIS A 44 26.10 24.61 -31.92
CA HIS A 44 27.40 24.28 -31.35
C HIS A 44 28.11 25.58 -30.99
N ILE A 45 28.82 25.58 -29.87
CA ILE A 45 29.79 26.65 -29.64
C ILE A 45 30.81 26.62 -30.76
N ASP A 46 31.20 27.79 -31.24
CA ASP A 46 32.06 27.85 -32.41
C ASP A 46 32.80 29.17 -32.40
N THR A 47 33.76 29.28 -33.31
CA THR A 47 34.53 30.50 -33.40
C THR A 47 33.63 31.67 -33.82
N TRP A 48 34.07 32.90 -33.49
CA TRP A 48 33.38 34.13 -33.86
C TRP A 48 34.15 34.87 -34.96
N GLU A 49 35.38 35.27 -34.66
CA GLU A 49 36.27 35.92 -35.62
C GLU A 49 36.89 34.85 -36.52
N TRP A 50 37.82 35.23 -37.39
CA TRP A 50 38.51 34.23 -38.20
C TRP A 50 39.76 33.70 -37.51
N ASN A 51 40.56 34.57 -36.88
CA ASN A 51 41.80 34.19 -36.23
C ASN A 51 41.60 33.80 -34.77
N ASP A 52 40.35 33.56 -34.34
CA ASP A 52 40.13 33.13 -32.96
C ASP A 52 41.04 31.95 -32.60
N VAL A 53 41.13 30.98 -33.50
CA VAL A 53 41.86 29.77 -33.18
C VAL A 53 43.34 30.07 -32.92
N THR A 54 43.95 30.90 -33.77
CA THR A 54 45.35 31.24 -33.53
C THR A 54 45.50 32.15 -32.31
N LEU A 55 44.53 33.05 -32.08
CA LEU A 55 44.56 33.92 -30.91
C LEU A 55 44.24 33.15 -29.63
N TYR A 56 43.32 32.17 -29.71
CA TYR A 56 43.14 31.24 -28.59
C TYR A 56 44.50 30.71 -28.17
N GLY A 57 45.29 30.28 -29.15
CA GLY A 57 46.61 29.78 -28.86
C GLY A 57 47.47 30.80 -28.15
N MET A 58 47.52 32.02 -28.67
CA MET A 58 48.32 33.07 -28.03
C MET A 58 47.97 33.22 -26.57
N LEU A 59 46.68 33.19 -26.25
CA LEU A 59 46.26 33.37 -24.88
C LEU A 59 46.73 32.21 -24.01
N ASN A 60 46.47 30.98 -24.47
CA ASN A 60 46.71 29.80 -23.62
C ASN A 60 48.18 29.40 -23.52
N THR A 61 49.03 29.84 -24.44
CA THR A 61 50.45 29.63 -24.21
C THR A 61 50.95 30.49 -23.05
N LEU A 62 50.18 31.49 -22.61
CA LEU A 62 50.59 32.27 -21.44
C LEU A 62 50.62 31.40 -20.19
N LYS A 63 49.82 30.34 -20.16
CA LYS A 63 49.81 29.45 -19.00
C LYS A 63 51.06 28.59 -18.89
N ASN A 64 51.90 28.55 -19.93
CA ASN A 64 53.10 27.71 -19.87
C ASN A 64 54.04 28.17 -18.77
N ARG A 65 54.22 29.48 -18.62
CA ARG A 65 55.10 30.03 -17.59
C ARG A 65 54.37 30.32 -16.29
N ASN A 66 53.04 30.40 -16.33
CA ASN A 66 52.22 30.55 -15.13
C ASN A 66 51.16 29.47 -15.15
N PRO A 67 51.51 28.24 -14.78
CA PRO A 67 50.52 27.15 -14.87
C PRO A 67 49.26 27.43 -14.07
N ASN A 68 49.37 28.23 -13.02
CA ASN A 68 48.21 28.53 -12.19
C ASN A 68 47.24 29.48 -12.88
N LEU A 69 47.64 30.12 -13.98
CA LEU A 69 46.74 30.96 -14.76
C LEU A 69 45.59 30.15 -15.32
N LYS A 70 44.36 30.63 -15.12
CA LYS A 70 43.15 30.00 -15.63
C LYS A 70 42.58 30.86 -16.75
N THR A 71 42.05 30.21 -17.78
CA THR A 71 41.49 30.93 -18.93
C THR A 71 40.07 30.43 -19.17
N LEU A 72 39.17 31.32 -19.53
CA LEU A 72 37.81 30.91 -19.85
C LEU A 72 37.41 31.48 -21.21
N LEU A 73 36.49 30.81 -21.89
CA LEU A 73 35.92 31.32 -23.13
C LEU A 73 34.52 31.86 -22.86
N SER A 74 34.25 33.08 -23.31
CA SER A 74 32.98 33.73 -23.05
C SER A 74 32.07 33.58 -24.26
N VAL A 75 30.83 33.12 -24.04
CA VAL A 75 29.87 32.86 -25.10
C VAL A 75 28.82 33.94 -25.08
N GLY A 76 28.67 34.65 -26.20
CA GLY A 76 27.58 35.57 -26.32
C GLY A 76 28.05 36.95 -26.74
N GLY A 77 27.83 37.93 -25.87
CA GLY A 77 28.16 39.29 -26.22
C GLY A 77 27.00 40.04 -26.86
N TRP A 78 27.27 41.31 -27.14
CA TRP A 78 26.24 42.23 -27.61
C TRP A 78 25.74 41.86 -29.01
N ASN A 79 26.66 41.58 -29.93
CA ASN A 79 26.26 41.28 -31.31
C ASN A 79 25.67 39.88 -31.47
N PHE A 80 25.67 39.08 -30.40
CA PHE A 80 25.03 37.77 -30.50
C PHE A 80 23.52 37.91 -30.67
N GLY A 81 22.88 38.77 -29.86
CA GLY A 81 21.44 38.95 -29.88
C GLY A 81 20.67 38.05 -28.93
N SER A 82 19.92 38.66 -27.98
CA SER A 82 19.23 37.87 -26.96
C SER A 82 18.28 36.86 -27.60
N GLN A 83 17.65 37.23 -28.72
CA GLN A 83 16.72 36.33 -29.38
C GLN A 83 17.38 35.00 -29.71
N ARG A 84 18.56 35.05 -30.34
CA ARG A 84 19.23 33.82 -30.76
C ARG A 84 19.69 33.01 -29.55
N PHE A 85 20.24 33.68 -28.53
CA PHE A 85 20.62 32.97 -27.33
C PHE A 85 19.40 32.38 -26.65
N SER A 86 18.27 33.08 -26.74
CA SER A 86 17.02 32.57 -26.20
C SER A 86 16.56 31.33 -26.96
N LYS A 87 16.54 31.41 -28.30
CA LYS A 87 16.12 30.26 -29.09
C LYS A 87 16.94 29.01 -28.74
N ILE A 88 18.23 29.20 -28.46
CA ILE A 88 19.08 28.06 -28.09
C ILE A 88 18.76 27.59 -26.68
N ALA A 89 18.63 28.52 -25.74
CA ALA A 89 18.44 28.11 -24.35
C ALA A 89 17.05 27.55 -24.10
N SER A 90 16.05 27.97 -24.87
CA SER A 90 14.67 27.54 -24.61
C SER A 90 14.37 26.16 -25.18
N ASN A 91 15.05 25.77 -26.27
CA ASN A 91 14.83 24.48 -26.92
C ASN A 91 15.64 23.38 -26.26
N THR A 92 14.97 22.32 -25.83
CA THR A 92 15.65 21.25 -25.09
C THR A 92 16.72 20.57 -25.93
N GLN A 93 16.48 20.39 -27.23
CA GLN A 93 17.51 19.79 -28.09
C GLN A 93 18.68 20.73 -28.29
N SER A 94 18.39 22.00 -28.56
CA SER A 94 19.44 22.99 -28.77
C SER A 94 20.36 23.09 -27.56
N ARG A 95 19.80 23.04 -26.35
CA ARG A 95 20.64 23.08 -25.15
C ARG A 95 21.58 21.89 -25.09
N ARG A 96 21.06 20.68 -25.27
CA ARG A 96 21.90 19.49 -25.14
C ARG A 96 23.03 19.53 -26.15
N THR A 97 22.70 19.71 -27.43
CA THR A 97 23.75 19.77 -28.44
C THR A 97 24.73 20.89 -28.13
N PHE A 98 24.23 22.04 -27.67
CA PHE A 98 25.12 23.12 -27.24
C PHE A 98 25.94 22.71 -26.03
N ILE A 99 25.28 22.24 -24.96
CA ILE A 99 26.01 21.84 -23.76
C ILE A 99 27.02 20.75 -24.07
N LYS A 100 26.65 19.79 -24.91
CA LYS A 100 27.58 18.72 -25.25
C LYS A 100 28.72 19.17 -26.13
N SER A 101 28.56 20.30 -26.84
CA SER A 101 29.59 20.81 -27.73
C SER A 101 30.66 21.59 -27.00
N VAL A 102 30.34 22.13 -25.82
CA VAL A 102 31.23 23.03 -25.11
C VAL A 102 32.48 22.35 -24.58
N PRO A 103 32.39 21.27 -23.79
CA PRO A 103 33.61 20.71 -23.18
C PRO A 103 34.64 20.28 -24.22
N PRO A 104 34.29 19.50 -25.26
CA PRO A 104 35.33 19.18 -26.25
C PRO A 104 35.90 20.42 -26.92
N PHE A 105 35.07 21.42 -27.23
CA PHE A 105 35.57 22.65 -27.84
C PHE A 105 36.54 23.40 -26.92
N LEU A 106 36.19 23.57 -25.65
CA LEU A 106 37.10 24.26 -24.73
C LEU A 106 38.41 23.51 -24.60
N ARG A 107 38.36 22.18 -24.46
CA ARG A 107 39.59 21.45 -24.22
C ARG A 107 40.50 21.48 -25.43
N THR A 108 39.96 21.35 -26.65
CA THR A 108 40.84 21.35 -27.81
C THR A 108 41.66 22.63 -27.88
N HIS A 109 41.06 23.76 -27.48
CA HIS A 109 41.78 25.02 -27.54
C HIS A 109 42.35 25.44 -26.19
N GLY A 110 42.29 24.57 -25.19
CA GLY A 110 43.03 24.82 -23.96
C GLY A 110 42.38 25.76 -22.98
N PHE A 111 41.07 25.91 -23.03
CA PHE A 111 40.39 26.72 -22.04
C PHE A 111 40.05 25.90 -20.81
N ASP A 112 40.06 26.56 -19.64
CA ASP A 112 39.73 25.92 -18.37
C ASP A 112 38.25 25.99 -18.01
N GLY A 113 37.45 26.79 -18.72
CA GLY A 113 36.04 26.88 -18.40
C GLY A 113 35.28 27.77 -19.36
N LEU A 114 33.97 27.84 -19.13
CA LEU A 114 33.06 28.65 -19.93
C LEU A 114 32.54 29.80 -19.09
N ASP A 115 32.37 30.96 -19.72
CA ASP A 115 31.82 32.15 -19.10
C ASP A 115 30.61 32.56 -19.93
N LEU A 116 29.42 32.44 -19.34
CA LEU A 116 28.19 32.80 -20.03
C LEU A 116 28.00 34.33 -20.05
N ALA A 117 27.83 34.89 -21.27
CA ALA A 117 27.69 36.33 -21.46
C ALA A 117 26.44 36.61 -22.28
N TRP A 118 25.30 36.14 -21.76
CA TRP A 118 23.99 36.45 -22.31
C TRP A 118 23.66 37.89 -21.91
N LEU A 119 23.76 38.81 -22.87
CA LEU A 119 23.59 40.24 -22.62
C LEU A 119 22.41 40.75 -23.44
N TYR A 120 21.19 40.56 -22.94
CA TYR A 120 20.83 40.11 -21.59
C TYR A 120 19.60 39.21 -21.71
N PRO A 121 19.43 38.26 -20.80
CA PRO A 121 18.24 37.40 -20.84
C PRO A 121 16.98 38.24 -20.77
N GLY A 122 15.89 37.69 -21.25
CA GLY A 122 14.65 38.41 -21.14
C GLY A 122 13.90 38.03 -19.87
N ARG A 123 12.79 38.71 -19.62
CA ARG A 123 11.96 38.27 -18.49
C ARG A 123 11.42 36.88 -18.75
N ARG A 124 11.26 36.52 -20.02
CA ARG A 124 10.75 35.23 -20.44
C ARG A 124 11.85 34.16 -20.50
N ASP A 125 13.12 34.57 -20.40
CA ASP A 125 14.25 33.66 -20.43
C ASP A 125 14.90 33.43 -19.08
N LYS A 126 14.24 33.81 -17.98
CA LYS A 126 14.89 33.69 -16.67
C LYS A 126 15.03 32.23 -16.27
N GLN A 127 13.96 31.44 -16.43
CA GLN A 127 14.08 30.02 -16.12
C GLN A 127 15.00 29.34 -17.11
N HIS A 128 14.89 29.69 -18.39
CA HIS A 128 15.78 29.10 -19.37
C HIS A 128 17.23 29.38 -19.01
N PHE A 129 17.51 30.58 -18.52
CA PHE A 129 18.85 30.88 -18.06
C PHE A 129 19.23 30.01 -16.87
N THR A 130 18.30 29.76 -15.95
CA THR A 130 18.64 28.94 -14.80
C THR A 130 18.89 27.50 -15.21
N THR A 131 18.03 26.94 -16.06
CA THR A 131 18.25 25.55 -16.49
C THR A 131 19.52 25.43 -17.31
N LEU A 132 19.80 26.40 -18.19
CA LEU A 132 21.06 26.37 -18.93
C LEU A 132 22.25 26.36 -17.98
N ILE A 133 22.25 27.28 -16.99
CA ILE A 133 23.33 27.32 -16.02
C ILE A 133 23.43 25.99 -15.29
N LYS A 134 22.29 25.47 -14.82
CA LYS A 134 22.28 24.22 -14.06
C LYS A 134 22.79 23.05 -14.89
N GLU A 135 22.24 22.87 -16.09
CA GLU A 135 22.62 21.75 -16.95
C GLU A 135 24.06 21.86 -17.43
N MET A 136 24.56 23.06 -17.64
CA MET A 136 25.97 23.21 -17.99
C MET A 136 26.87 22.67 -16.89
N LYS A 137 26.67 23.19 -15.67
CA LYS A 137 27.46 22.68 -14.54
C LYS A 137 27.26 21.19 -14.36
N ALA A 138 26.05 20.71 -14.64
CA ALA A 138 25.77 19.28 -14.56
C ALA A 138 26.70 18.49 -15.48
N GLU A 139 26.78 18.90 -16.76
CA GLU A 139 27.64 18.21 -17.72
C GLU A 139 29.10 18.39 -17.39
N PHE A 140 29.50 19.57 -16.93
CA PHE A 140 30.90 19.76 -16.58
C PHE A 140 31.31 18.78 -15.50
N ILE A 141 30.40 18.49 -14.57
CA ILE A 141 30.66 17.54 -13.50
C ILE A 141 30.71 16.11 -14.02
N LYS A 142 29.74 15.73 -14.87
CA LYS A 142 29.72 14.38 -15.42
C LYS A 142 30.97 14.10 -16.24
N GLU A 143 31.37 15.08 -17.03
CA GLU A 143 32.47 14.94 -17.97
C GLU A 143 33.82 14.74 -17.28
N ALA A 144 33.95 15.14 -16.02
CA ALA A 144 35.23 15.04 -15.32
C ALA A 144 35.62 13.60 -15.08
N GLN A 145 36.86 13.28 -15.38
CA GLN A 145 37.47 11.98 -15.12
C GLN A 145 38.79 12.21 -14.41
N PRO A 146 39.37 11.18 -13.82
CA PRO A 146 40.75 11.31 -13.36
C PRO A 146 41.67 11.76 -14.48
N GLY A 147 42.33 12.89 -14.28
CA GLY A 147 43.16 13.51 -15.28
C GLY A 147 42.49 14.62 -16.08
N LYS A 148 41.15 14.69 -16.09
CA LYS A 148 40.44 15.84 -16.63
C LYS A 148 39.96 16.72 -15.48
N LYS A 149 40.51 17.93 -15.36
CA LYS A 149 39.99 18.88 -14.37
C LYS A 149 38.59 19.33 -14.75
N GLN A 150 37.69 19.35 -13.78
CA GLN A 150 36.34 19.82 -14.07
C GLN A 150 36.42 21.24 -14.59
N LEU A 151 35.68 21.51 -15.66
CA LEU A 151 35.66 22.85 -16.24
C LEU A 151 34.93 23.87 -15.37
N LEU A 152 35.43 25.11 -15.36
CA LEU A 152 34.80 26.21 -14.65
C LEU A 152 33.61 26.77 -15.44
N LEU A 153 32.59 27.20 -14.72
CA LEU A 153 31.44 27.88 -15.31
C LEU A 153 31.18 29.19 -14.58
N SER A 154 31.33 30.31 -15.27
CA SER A 154 31.02 31.62 -14.72
C SER A 154 30.04 32.37 -15.63
N ALA A 155 29.55 33.50 -15.14
CA ALA A 155 28.64 34.33 -15.92
C ALA A 155 28.87 35.82 -15.66
N ALA A 156 28.77 36.61 -16.73
CA ALA A 156 28.75 38.06 -16.61
C ALA A 156 27.31 38.52 -16.45
N LEU A 157 27.00 39.16 -15.32
CA LEU A 157 25.64 39.61 -15.02
C LEU A 157 25.55 41.15 -15.01
N SER A 158 24.38 41.65 -15.42
CA SER A 158 24.12 43.08 -15.35
C SER A 158 24.15 43.57 -13.92
N ALA A 159 24.67 44.77 -13.71
CA ALA A 159 24.56 45.39 -12.40
C ALA A 159 23.29 46.20 -12.24
N GLY A 160 22.47 46.27 -13.28
CA GLY A 160 21.25 47.07 -13.22
C GLY A 160 20.16 46.36 -12.46
N LYS A 161 19.58 47.04 -11.47
CA LYS A 161 18.53 46.41 -10.69
C LYS A 161 17.41 45.90 -11.59
N VAL A 162 17.02 46.69 -12.59
CA VAL A 162 15.86 46.34 -13.40
C VAL A 162 16.07 45.00 -14.11
N THR A 163 17.21 44.85 -14.82
CA THR A 163 17.46 43.59 -15.53
C THR A 163 17.67 42.44 -14.56
N ILE A 164 18.36 42.68 -13.45
CA ILE A 164 18.51 41.64 -12.43
C ILE A 164 17.14 41.13 -12.00
N ASP A 165 16.20 42.03 -11.76
CA ASP A 165 14.86 41.58 -11.34
C ASP A 165 14.20 40.75 -12.42
N SER A 166 14.39 41.12 -13.69
CA SER A 166 13.65 40.46 -14.77
C SER A 166 14.29 39.16 -15.23
N SER A 167 15.62 39.09 -15.24
CA SER A 167 16.32 38.07 -16.00
C SER A 167 17.04 37.02 -15.17
N TYR A 168 17.39 37.32 -13.94
CA TYR A 168 18.22 36.41 -13.17
C TYR A 168 17.50 35.85 -11.95
N ASP A 169 17.69 34.54 -11.74
CA ASP A 169 17.28 33.87 -10.52
C ASP A 169 18.54 33.71 -9.68
N ILE A 170 18.96 34.84 -9.08
CA ILE A 170 20.26 34.94 -8.44
C ILE A 170 20.46 33.80 -7.44
N ALA A 171 19.48 33.60 -6.56
CA ALA A 171 19.64 32.61 -5.50
C ALA A 171 19.96 31.23 -6.06
N LYS A 172 19.21 30.78 -7.08
CA LYS A 172 19.39 29.45 -7.63
C LYS A 172 20.65 29.37 -8.48
N ILE A 173 20.85 30.37 -9.34
CA ILE A 173 22.00 30.42 -10.26
C ILE A 173 23.31 30.46 -9.50
N SER A 174 23.32 31.12 -8.34
CA SER A 174 24.55 31.28 -7.57
C SER A 174 25.12 29.92 -7.16
N GLN A 175 24.24 28.96 -6.91
CA GLN A 175 24.71 27.68 -6.41
C GLN A 175 25.45 26.88 -7.48
N HIS A 176 25.21 27.14 -8.76
CA HIS A 176 25.83 26.37 -9.84
C HIS A 176 27.07 27.04 -10.44
N LEU A 177 27.11 28.36 -10.49
CA LEU A 177 28.26 29.07 -11.03
C LEU A 177 29.45 29.04 -10.07
N ASP A 178 30.66 28.95 -10.64
CA ASP A 178 31.85 29.01 -9.81
C ASP A 178 32.15 30.43 -9.35
N PHE A 179 31.91 31.41 -10.21
CA PHE A 179 31.97 32.79 -9.77
C PHE A 179 31.09 33.62 -10.70
N ILE A 180 30.71 34.80 -10.22
CA ILE A 180 29.88 35.74 -10.95
C ILE A 180 30.65 37.05 -11.09
N SER A 181 30.82 37.50 -12.33
CA SER A 181 31.30 38.84 -12.64
C SER A 181 30.07 39.74 -12.77
N ILE A 182 29.95 40.68 -11.84
CA ILE A 182 28.90 41.69 -11.85
C ILE A 182 29.41 42.90 -12.62
N MET A 183 28.68 43.29 -13.68
CA MET A 183 29.12 44.36 -14.56
C MET A 183 28.73 45.74 -13.97
N THR A 184 29.43 46.08 -12.88
CA THR A 184 29.21 47.34 -12.15
C THR A 184 29.90 48.51 -12.87
N TYR A 185 29.46 48.73 -14.10
CA TYR A 185 29.87 49.89 -14.86
C TYR A 185 28.76 50.23 -15.86
N ASP A 186 28.98 51.31 -16.62
CA ASP A 186 28.02 51.76 -17.63
C ASP A 186 26.64 52.10 -17.02
N PHE A 187 26.64 52.65 -15.81
CA PHE A 187 25.39 53.05 -15.14
C PHE A 187 24.72 54.29 -15.73
N HIS A 188 25.47 55.15 -16.40
CA HIS A 188 24.97 56.42 -16.92
C HIS A 188 25.36 56.48 -18.39
N GLY A 189 24.43 56.92 -19.23
CA GLY A 189 24.72 56.98 -20.64
C GLY A 189 24.09 58.21 -21.26
N ALA A 190 24.40 58.41 -22.54
CA ALA A 190 24.01 59.68 -23.15
C ALA A 190 22.50 59.85 -23.21
N TRP A 191 21.75 58.74 -23.20
CA TRP A 191 20.30 58.86 -23.30
C TRP A 191 19.68 59.61 -22.12
N ARG A 192 20.43 59.84 -21.05
CA ARG A 192 19.88 60.55 -19.91
C ARG A 192 19.96 62.06 -20.05
N GLY A 193 20.71 62.55 -21.03
CA GLY A 193 20.76 63.98 -21.25
C GLY A 193 21.57 64.75 -20.25
N THR A 194 22.26 64.07 -19.34
CA THR A 194 23.10 64.76 -18.38
C THR A 194 24.43 64.05 -18.27
N THR A 195 25.45 64.78 -17.82
CA THR A 195 26.69 64.14 -17.43
C THR A 195 26.44 63.29 -16.19
N GLY A 196 27.17 62.19 -16.11
CA GLY A 196 27.12 61.36 -14.93
C GLY A 196 28.25 60.37 -14.99
N HIS A 197 28.84 60.07 -13.85
CA HIS A 197 29.90 59.08 -13.84
C HIS A 197 29.28 57.70 -14.03
N HIS A 198 29.83 56.91 -14.95
CA HIS A 198 29.22 55.64 -15.30
C HIS A 198 29.60 54.51 -14.35
N SER A 199 30.62 54.68 -13.51
CA SER A 199 31.02 53.65 -12.54
C SER A 199 31.30 54.25 -11.17
N PRO A 200 30.31 54.90 -10.55
CA PRO A 200 30.49 55.45 -9.21
C PRO A 200 30.56 54.34 -8.17
N LEU A 201 31.40 54.53 -7.15
CA LEU A 201 31.48 53.53 -6.09
C LEU A 201 30.25 53.58 -5.20
N PHE A 202 29.89 54.75 -4.69
CA PHE A 202 28.67 54.93 -3.91
C PHE A 202 27.74 55.91 -4.62
N ARG A 203 26.48 55.91 -4.19
CA ARG A 203 25.51 56.86 -4.75
C ARG A 203 26.03 58.29 -4.64
N GLY A 204 26.72 58.60 -3.56
CA GLY A 204 27.18 59.96 -3.39
C GLY A 204 26.04 60.90 -3.06
N GLN A 205 26.17 62.15 -3.50
CA GLN A 205 25.18 63.18 -3.21
C GLN A 205 23.79 62.73 -3.63
N GLU A 206 22.86 62.87 -2.70
CA GLU A 206 21.49 62.38 -2.85
C GLU A 206 20.75 63.10 -3.96
N ASP A 207 21.07 64.38 -4.19
CA ASP A 207 20.40 65.13 -5.26
C ASP A 207 20.97 64.78 -6.62
N ALA A 208 22.28 64.64 -6.70
CA ALA A 208 22.94 64.46 -7.99
C ALA A 208 22.43 63.21 -8.70
N SER A 209 22.45 62.05 -8.03
CA SER A 209 22.07 60.81 -8.70
C SER A 209 20.64 60.86 -9.22
N PRO A 210 20.39 60.37 -10.46
CA PRO A 210 19.01 60.25 -10.96
C PRO A 210 18.21 59.20 -10.19
N ASP A 211 18.72 57.98 -10.09
CA ASP A 211 18.08 56.92 -9.32
C ASP A 211 19.05 56.38 -8.28
N ARG A 212 18.49 55.75 -7.24
CA ARG A 212 19.28 55.21 -6.14
C ARG A 212 20.08 53.94 -6.53
N PHE A 213 19.89 53.37 -7.73
CA PHE A 213 20.42 52.04 -8.05
C PHE A 213 21.67 52.04 -8.92
N SER A 214 21.89 53.07 -9.73
CA SER A 214 22.95 53.02 -10.73
C SER A 214 24.31 53.38 -10.10
N ASN A 215 24.75 52.50 -9.21
CA ASN A 215 26.08 52.61 -8.64
C ASN A 215 26.53 51.24 -8.16
N THR A 216 27.86 51.06 -8.09
CA THR A 216 28.41 49.75 -7.78
C THR A 216 28.02 49.27 -6.39
N ASP A 217 28.00 50.17 -5.41
CA ASP A 217 27.68 49.75 -4.05
C ASP A 217 26.31 49.12 -3.98
N TYR A 218 25.31 49.74 -4.60
CA TYR A 218 23.97 49.15 -4.55
C TYR A 218 23.94 47.80 -5.25
N ALA A 219 24.57 47.70 -6.42
CA ALA A 219 24.51 46.45 -7.16
C ALA A 219 25.11 45.33 -6.34
N VAL A 220 26.30 45.55 -5.78
CA VAL A 220 26.94 44.51 -4.98
C VAL A 220 26.01 44.09 -3.84
N GLY A 221 25.58 45.07 -3.04
CA GLY A 221 24.71 44.75 -1.92
C GLY A 221 23.40 44.11 -2.32
N TYR A 222 22.93 44.37 -3.55
CA TYR A 222 21.67 43.78 -3.98
C TYR A 222 21.82 42.29 -4.27
N MET A 223 22.86 41.93 -5.03
CA MET A 223 23.06 40.53 -5.38
C MET A 223 23.35 39.71 -4.14
N LEU A 224 24.09 40.28 -3.18
CA LEU A 224 24.28 39.62 -1.90
C LEU A 224 22.94 39.36 -1.25
N ARG A 225 22.05 40.34 -1.27
CA ARG A 225 20.72 40.18 -0.69
C ARG A 225 19.88 39.17 -1.46
N LEU A 226 20.08 39.07 -2.77
CA LEU A 226 19.33 38.11 -3.55
C LEU A 226 19.87 36.69 -3.44
N GLY A 227 20.95 36.47 -2.68
CA GLY A 227 21.44 35.13 -2.44
C GLY A 227 22.73 34.77 -3.16
N ALA A 228 23.43 35.73 -3.76
CA ALA A 228 24.77 35.45 -4.24
C ALA A 228 25.72 35.38 -3.05
N PRO A 229 26.48 34.31 -2.91
CA PRO A 229 27.49 34.24 -1.84
C PRO A 229 28.57 35.26 -2.13
N ALA A 230 29.00 35.98 -1.09
CA ALA A 230 30.07 36.95 -1.27
C ALA A 230 31.32 36.28 -1.85
N SER A 231 31.60 35.04 -1.45
CA SER A 231 32.73 34.28 -1.96
C SER A 231 32.64 33.93 -3.45
N LYS A 232 31.50 34.18 -4.10
CA LYS A 232 31.35 33.95 -5.53
C LYS A 232 31.16 35.22 -6.35
N LEU A 233 31.06 36.38 -5.69
CA LEU A 233 30.90 37.66 -6.36
C LEU A 233 32.26 38.25 -6.72
N VAL A 234 32.39 38.63 -7.98
CA VAL A 234 33.57 39.32 -8.49
C VAL A 234 33.10 40.68 -8.97
N MET A 235 33.64 41.76 -8.40
CA MET A 235 33.11 43.11 -8.65
C MET A 235 33.75 43.73 -9.88
N GLY A 236 32.93 44.14 -10.83
CA GLY A 236 33.45 44.74 -12.06
C GLY A 236 34.05 46.12 -11.82
N ILE A 237 35.26 46.34 -12.31
CA ILE A 237 35.93 47.63 -12.32
C ILE A 237 36.29 47.95 -13.76
N PRO A 238 35.83 49.05 -14.34
CA PRO A 238 36.14 49.32 -15.74
C PRO A 238 37.47 50.03 -15.92
N THR A 239 38.14 49.74 -17.04
CA THR A 239 39.31 50.51 -17.43
C THR A 239 38.99 51.44 -18.59
N PHE A 240 37.74 51.89 -18.70
CA PHE A 240 37.32 52.75 -19.78
C PHE A 240 36.40 53.82 -19.21
N GLY A 241 36.22 54.89 -19.98
CA GLY A 241 35.30 55.92 -19.54
C GLY A 241 34.12 56.16 -20.45
N ARG A 242 33.04 56.67 -19.88
CA ARG A 242 31.93 57.20 -20.67
C ARG A 242 32.15 58.69 -20.88
N SER A 243 32.05 59.12 -22.12
CA SER A 243 32.27 60.51 -22.48
C SER A 243 30.98 61.11 -22.99
N PHE A 244 30.87 62.42 -22.85
CA PHE A 244 29.70 63.17 -23.27
C PHE A 244 30.17 64.44 -23.97
N THR A 245 29.34 64.97 -24.87
CA THR A 245 29.53 66.31 -25.40
C THR A 245 28.64 67.27 -24.62
N LEU A 246 29.26 68.27 -23.99
CA LEU A 246 28.51 69.23 -23.19
C LEU A 246 27.62 70.09 -24.08
N ALA A 247 26.45 70.45 -23.56
CA ALA A 247 25.51 71.29 -24.28
C ALA A 247 25.56 72.76 -23.83
N SER A 248 26.24 73.06 -22.74
CA SER A 248 26.34 74.40 -22.19
C SER A 248 27.78 74.62 -21.72
N SER A 249 28.02 75.72 -21.02
CA SER A 249 29.32 75.97 -20.42
C SER A 249 29.52 75.25 -19.09
N GLU A 250 28.52 74.54 -18.59
CA GLU A 250 28.62 73.80 -17.34
C GLU A 250 29.37 72.48 -17.49
N THR A 251 30.27 72.20 -16.55
CA THR A 251 31.06 70.98 -16.56
C THR A 251 30.82 70.09 -15.34
N GLY A 252 29.90 70.44 -14.46
CA GLY A 252 29.65 69.63 -13.29
C GLY A 252 28.89 68.34 -13.59
N VAL A 253 28.73 67.53 -12.54
CA VAL A 253 27.87 66.36 -12.63
C VAL A 253 26.42 66.81 -12.78
N GLY A 254 25.70 66.16 -13.69
CA GLY A 254 24.33 66.53 -13.98
C GLY A 254 24.19 67.63 -15.00
N ALA A 255 25.29 68.16 -15.52
CA ALA A 255 25.26 69.21 -16.52
C ALA A 255 24.61 68.72 -17.81
N PRO A 256 23.90 69.60 -18.53
CA PRO A 256 23.25 69.17 -19.77
C PRO A 256 24.27 68.81 -20.86
N ILE A 257 23.96 67.76 -21.61
CA ILE A 257 24.83 67.25 -22.66
C ILE A 257 24.08 67.28 -23.98
N SER A 258 24.84 67.28 -25.07
CA SER A 258 24.27 67.20 -26.40
C SER A 258 24.33 65.79 -26.98
N GLY A 259 25.05 64.87 -26.32
CA GLY A 259 25.16 63.51 -26.78
C GLY A 259 26.43 62.87 -26.27
N PRO A 260 26.76 61.68 -26.78
CA PRO A 260 28.01 61.03 -26.38
C PRO A 260 29.21 61.90 -26.71
N GLY A 261 30.33 61.61 -26.05
CA GLY A 261 31.56 62.34 -26.30
C GLY A 261 32.16 62.05 -27.66
N ILE A 262 33.08 62.93 -28.07
CA ILE A 262 33.73 62.76 -29.37
C ILE A 262 34.45 61.41 -29.38
N PRO A 263 34.33 60.61 -30.44
CA PRO A 263 34.99 59.29 -30.45
C PRO A 263 36.50 59.39 -30.26
N GLY A 264 37.05 58.37 -29.60
CA GLY A 264 38.50 58.30 -29.43
C GLY A 264 39.22 57.84 -30.67
N ARG A 265 40.50 58.22 -30.77
CA ARG A 265 41.29 57.91 -31.96
C ARG A 265 41.51 56.42 -32.15
N PHE A 266 41.61 55.66 -31.06
CA PHE A 266 41.88 54.23 -31.16
C PHE A 266 40.64 53.37 -31.01
N THR A 267 39.81 53.65 -30.00
CA THR A 267 38.58 52.88 -29.85
C THR A 267 37.57 53.18 -30.94
N LYS A 268 37.59 54.41 -31.47
CA LYS A 268 36.72 54.82 -32.58
C LYS A 268 35.24 54.55 -32.26
N GLU A 269 34.89 54.65 -30.98
CA GLU A 269 33.53 54.46 -30.53
C GLU A 269 33.12 55.71 -29.77
N ALA A 270 32.05 56.37 -30.23
CA ALA A 270 31.52 57.54 -29.55
C ALA A 270 31.07 57.17 -28.14
N GLY A 271 31.41 58.03 -27.18
CA GLY A 271 31.05 57.78 -25.80
C GLY A 271 31.95 56.81 -25.07
N THR A 272 33.00 56.31 -25.70
CA THR A 272 33.94 55.42 -25.03
C THR A 272 35.35 55.93 -25.26
N LEU A 273 36.14 55.97 -24.20
CA LEU A 273 37.58 56.23 -24.32
C LEU A 273 38.32 55.20 -23.51
N ALA A 274 39.28 54.53 -24.14
CA ALA A 274 40.17 53.66 -23.42
C ALA A 274 41.01 54.47 -22.45
N TYR A 275 41.54 53.80 -21.42
CA TYR A 275 42.33 54.54 -20.44
C TYR A 275 43.52 55.21 -21.10
N TYR A 276 44.20 54.53 -22.02
CA TYR A 276 45.32 55.16 -22.72
C TYR A 276 44.86 56.33 -23.57
N GLU A 277 43.61 56.31 -24.02
CA GLU A 277 43.10 57.47 -24.72
C GLU A 277 42.85 58.62 -23.74
N ILE A 278 42.46 58.29 -22.52
CA ILE A 278 42.18 59.30 -21.52
C ILE A 278 43.43 60.05 -21.13
N CYS A 279 44.57 59.36 -21.03
CA CYS A 279 45.81 60.05 -20.69
C CYS A 279 46.12 61.15 -21.70
N ASP A 280 45.87 60.89 -23.00
CA ASP A 280 45.98 61.96 -24.01
C ASP A 280 44.93 63.04 -23.77
N PHE A 281 43.72 62.63 -23.41
CA PHE A 281 42.67 63.59 -23.11
C PHE A 281 43.05 64.43 -21.90
N LEU A 282 43.72 63.82 -20.92
CA LEU A 282 44.07 64.55 -19.70
C LEU A 282 45.04 65.71 -19.93
N ARG A 283 45.79 65.72 -21.04
CA ARG A 283 46.67 66.84 -21.36
C ARG A 283 45.87 68.12 -21.60
N GLY A 284 46.00 69.09 -20.68
CA GLY A 284 45.26 70.34 -20.77
C GLY A 284 43.82 70.28 -20.31
N ALA A 285 43.40 69.17 -19.71
CA ALA A 285 42.10 69.06 -19.08
C ALA A 285 42.22 69.33 -17.59
N THR A 286 41.11 69.74 -16.99
CA THR A 286 41.01 69.85 -15.53
C THR A 286 40.33 68.59 -15.01
N VAL A 287 40.91 68.00 -13.97
CA VAL A 287 40.38 66.80 -13.35
C VAL A 287 39.63 67.20 -12.09
N HIS A 288 38.46 66.62 -11.89
CA HIS A 288 37.66 66.80 -10.69
C HIS A 288 37.30 65.44 -10.12
N ARG A 289 37.34 65.32 -8.80
CA ARG A 289 36.96 64.09 -8.12
C ARG A 289 35.58 64.23 -7.50
N ILE A 290 34.66 63.36 -7.89
CA ILE A 290 33.31 63.39 -7.31
C ILE A 290 33.39 62.89 -5.87
N LEU A 291 33.19 63.80 -4.90
CA LEU A 291 33.45 63.48 -3.50
C LEU A 291 32.68 62.25 -3.04
N GLY A 292 31.35 62.24 -3.20
CA GLY A 292 30.58 61.12 -2.69
C GLY A 292 30.62 59.86 -3.53
N GLN A 293 31.10 59.92 -4.76
CA GLN A 293 31.19 58.72 -5.59
C GLN A 293 32.61 58.17 -5.65
N GLN A 294 33.60 58.93 -5.19
CA GLN A 294 34.97 58.45 -5.01
C GLN A 294 35.58 57.98 -6.33
N VAL A 295 35.23 58.69 -7.41
CA VAL A 295 35.74 58.41 -8.76
C VAL A 295 35.95 59.73 -9.47
N PRO A 296 36.94 59.79 -10.34
CA PRO A 296 37.26 61.04 -11.03
C PRO A 296 36.48 61.24 -12.33
N TYR A 297 36.38 62.50 -12.74
CA TYR A 297 36.03 62.85 -14.12
C TYR A 297 36.94 63.98 -14.60
N ALA A 298 37.02 64.14 -15.92
CA ALA A 298 37.84 65.18 -16.53
C ALA A 298 37.04 65.92 -17.59
N THR A 299 37.34 67.21 -17.75
CA THR A 299 36.71 68.01 -18.80
C THR A 299 37.75 68.81 -19.55
N LYS A 300 37.56 68.91 -20.85
CA LYS A 300 38.41 69.71 -21.72
C LYS A 300 37.54 70.17 -22.89
N GLY A 301 37.34 71.48 -23.01
CA GLY A 301 36.40 72.00 -23.99
C GLY A 301 35.01 71.47 -23.73
N ASN A 302 34.37 71.00 -24.80
CA ASN A 302 33.01 70.48 -24.73
C ASN A 302 32.95 69.00 -24.39
N GLN A 303 34.07 68.42 -23.94
CA GLN A 303 34.15 67.00 -23.62
C GLN A 303 34.18 66.78 -22.11
N TRP A 304 33.43 65.77 -21.68
CA TRP A 304 33.30 65.40 -20.28
C TRP A 304 33.46 63.89 -20.21
N VAL A 305 34.39 63.42 -19.40
CA VAL A 305 34.66 61.99 -19.30
C VAL A 305 34.73 61.59 -17.85
N GLY A 306 33.86 60.66 -17.46
CA GLY A 306 33.94 60.02 -16.17
C GLY A 306 34.63 58.69 -16.37
N TYR A 307 35.64 58.44 -15.55
CA TYR A 307 36.50 57.28 -15.76
C TYR A 307 37.02 56.81 -14.42
N ASP A 308 37.67 55.66 -14.41
CA ASP A 308 38.37 55.22 -13.21
C ASP A 308 39.86 55.41 -13.37
N ASP A 309 40.52 55.80 -12.27
CA ASP A 309 41.96 55.91 -12.26
C ASP A 309 42.55 55.11 -11.10
N GLN A 310 43.87 55.22 -10.93
CA GLN A 310 44.58 54.38 -9.98
C GLN A 310 44.08 54.54 -8.55
N GLU A 311 43.60 55.72 -8.18
CA GLU A 311 43.08 55.92 -6.83
C GLU A 311 41.69 55.35 -6.68
N SER A 312 40.81 55.69 -7.64
CA SER A 312 39.42 55.21 -7.59
C SER A 312 39.37 53.71 -7.67
N VAL A 313 40.29 53.13 -8.43
CA VAL A 313 40.42 51.69 -8.51
C VAL A 313 40.78 51.08 -7.16
N LYS A 314 41.73 51.70 -6.44
CA LYS A 314 42.10 51.19 -5.12
C LYS A 314 40.93 51.29 -4.14
N SER A 315 40.21 52.42 -4.17
CA SER A 315 39.04 52.56 -3.31
C SER A 315 38.04 51.44 -3.60
N LYS A 316 37.85 51.09 -4.87
CA LYS A 316 36.92 50.02 -5.22
C LYS A 316 37.42 48.67 -4.71
N VAL A 317 38.72 48.40 -4.85
CA VAL A 317 39.27 47.15 -4.35
C VAL A 317 39.17 47.11 -2.82
N GLN A 318 39.41 48.25 -2.17
CA GLN A 318 39.22 48.31 -0.73
C GLN A 318 37.79 47.93 -0.37
N TYR A 319 36.81 48.49 -1.09
CA TYR A 319 35.42 48.19 -0.81
C TYR A 319 35.15 46.70 -0.95
N LEU A 320 35.64 46.08 -2.02
CA LEU A 320 35.34 44.67 -2.23
C LEU A 320 36.10 43.78 -1.25
N LYS A 321 37.30 44.18 -0.82
CA LYS A 321 37.98 43.40 0.21
C LYS A 321 37.24 43.49 1.54
N ASP A 322 36.80 44.69 1.91
CA ASP A 322 36.00 44.83 3.14
C ASP A 322 34.71 44.04 3.04
N ARG A 323 34.12 43.94 1.86
CA ARG A 323 32.91 43.15 1.60
C ARG A 323 33.18 41.66 1.51
N GLN A 324 34.44 41.25 1.56
CA GLN A 324 34.80 39.84 1.44
C GLN A 324 34.24 39.26 0.14
N LEU A 325 34.32 40.05 -0.91
CA LEU A 325 33.94 39.54 -2.22
C LEU A 325 35.01 38.57 -2.70
N ALA A 326 34.67 37.86 -3.78
CA ALA A 326 35.64 36.91 -4.34
C ALA A 326 36.82 37.63 -4.96
N GLY A 327 36.64 38.86 -5.39
CA GLY A 327 37.69 39.63 -6.00
C GLY A 327 37.11 40.56 -7.04
N ALA A 328 37.98 41.03 -7.92
CA ALA A 328 37.65 42.04 -8.90
C ALA A 328 37.69 41.46 -10.31
N MET A 329 36.78 41.95 -11.15
CA MET A 329 36.74 41.63 -12.57
C MET A 329 37.07 42.91 -13.32
N VAL A 330 37.98 42.81 -14.28
CA VAL A 330 38.45 43.96 -15.05
C VAL A 330 37.85 43.84 -16.43
N TRP A 331 37.16 44.89 -16.85
CA TRP A 331 36.76 45.05 -18.24
C TRP A 331 37.39 46.34 -18.73
N ALA A 332 38.39 46.23 -19.60
CA ALA A 332 39.02 45.04 -20.13
C ALA A 332 40.49 45.33 -20.32
N LEU A 333 41.29 44.26 -20.44
CA LEU A 333 42.74 44.41 -20.49
C LEU A 333 43.16 45.29 -21.67
N ASP A 334 42.45 45.18 -22.79
CA ASP A 334 42.81 45.95 -23.98
C ASP A 334 42.42 47.43 -23.89
N LEU A 335 41.69 47.83 -22.84
CA LEU A 335 41.35 49.23 -22.65
C LEU A 335 42.22 49.90 -21.59
N ASP A 336 42.89 49.13 -20.74
CA ASP A 336 43.99 49.64 -19.92
C ASP A 336 45.16 50.02 -20.83
N ASP A 337 46.15 50.71 -20.26
CA ASP A 337 47.35 51.06 -21.03
C ASP A 337 48.25 49.83 -21.10
N PHE A 338 47.87 48.89 -21.97
CA PHE A 338 48.63 47.64 -22.12
C PHE A 338 50.00 47.88 -22.74
N GLN A 339 50.16 48.98 -23.47
CA GLN A 339 51.46 49.36 -24.02
C GLN A 339 52.42 49.93 -22.99
N GLY A 340 51.90 50.67 -22.00
CA GLY A 340 52.71 51.32 -20.98
C GLY A 340 53.41 52.58 -21.44
N SER A 341 53.15 53.04 -22.65
CA SER A 341 53.82 54.18 -23.24
C SER A 341 52.89 55.37 -23.41
N PHE A 342 51.59 55.17 -23.23
CA PHE A 342 50.57 56.15 -23.51
C PHE A 342 50.32 57.09 -22.35
N CYS A 343 50.33 56.55 -21.15
CA CYS A 343 49.89 57.26 -19.97
C CYS A 343 51.03 57.90 -19.19
N GLY A 344 52.21 58.04 -19.78
CA GLY A 344 53.40 58.38 -19.03
C GLY A 344 53.86 57.21 -18.19
N GLN A 345 55.07 57.29 -17.63
CA GLN A 345 55.73 56.24 -16.86
C GLN A 345 56.07 55.03 -17.74
N ASP A 346 56.80 54.07 -17.17
CA ASP A 346 57.32 52.96 -17.95
C ASP A 346 56.44 51.72 -17.92
N LEU A 347 55.37 51.70 -17.12
CA LEU A 347 54.71 50.45 -16.76
C LEU A 347 53.43 50.21 -17.55
N ARG A 348 53.26 48.97 -18.01
CA ARG A 348 52.08 48.46 -18.68
C ARG A 348 50.97 48.14 -17.68
N PHE A 349 49.74 48.17 -18.18
CA PHE A 349 48.54 47.84 -17.41
C PHE A 349 48.45 48.61 -16.09
N PRO A 350 48.51 49.95 -16.13
CA PRO A 350 48.53 50.70 -14.86
C PRO A 350 47.29 50.52 -14.00
N LEU A 351 46.10 50.38 -14.60
CA LEU A 351 44.90 50.21 -13.77
C LEU A 351 44.82 48.81 -13.18
N THR A 352 44.93 47.78 -14.01
CA THR A 352 44.77 46.43 -13.50
C THR A 352 45.90 46.04 -12.56
N ASN A 353 47.10 46.60 -12.77
CA ASN A 353 48.17 46.41 -11.78
C ASN A 353 47.81 47.07 -10.46
N ALA A 354 47.16 48.23 -10.51
CA ALA A 354 46.68 48.87 -9.28
C ALA A 354 45.68 47.98 -8.55
N ILE A 355 44.82 47.29 -9.29
CA ILE A 355 43.91 46.33 -8.66
C ILE A 355 44.68 45.17 -8.05
N LYS A 356 45.56 44.55 -8.84
CA LYS A 356 46.36 43.45 -8.34
C LYS A 356 47.09 43.87 -7.06
N ASP A 357 47.71 45.05 -7.08
CA ASP A 357 48.48 45.51 -5.94
C ASP A 357 47.59 45.77 -4.73
N ALA A 358 46.43 46.38 -4.96
CA ALA A 358 45.54 46.60 -3.83
C ALA A 358 44.98 45.30 -3.30
N LEU A 359 44.75 44.33 -4.18
CA LEU A 359 44.29 43.03 -3.73
C LEU A 359 45.36 42.32 -2.91
N ALA A 360 46.63 42.54 -3.26
CA ALA A 360 47.73 41.88 -2.57
C ALA A 360 48.14 42.61 -1.31
N ALA A 361 47.92 43.94 -1.24
CA ALA A 361 48.25 44.68 -0.03
C ALA A 361 47.33 44.29 1.12
N THR A 362 47.92 44.22 2.32
CA THR A 362 47.19 43.87 3.52
C THR A 362 46.60 45.11 4.17
N TYR B 1 31.98 10.90 20.08
CA TYR B 1 31.22 9.80 19.52
C TYR B 1 29.84 9.84 20.11
N LYS B 2 28.85 9.42 19.33
CA LYS B 2 27.52 9.21 19.87
C LYS B 2 27.44 7.82 20.49
N LEU B 3 26.87 7.74 21.67
CA LEU B 3 26.42 6.49 22.26
C LEU B 3 24.90 6.58 22.31
N VAL B 4 24.25 5.88 21.38
CA VAL B 4 22.80 5.95 21.20
C VAL B 4 22.21 4.74 21.89
N CYS B 5 21.37 4.94 22.92
CA CYS B 5 20.90 3.84 23.75
C CYS B 5 19.38 3.72 23.69
N TYR B 6 18.89 2.55 23.32
CA TYR B 6 17.45 2.33 23.31
C TYR B 6 16.94 1.96 24.70
N TYR B 7 15.75 2.47 25.02
CA TYR B 7 14.95 2.03 26.16
C TYR B 7 13.63 1.55 25.62
N THR B 8 13.17 0.40 26.10
CA THR B 8 11.95 -0.22 25.59
C THR B 8 10.82 -0.13 26.60
N SER B 9 9.64 0.30 26.12
CA SER B 9 8.50 0.52 27.02
C SER B 9 8.05 -0.76 27.66
N TRP B 10 8.15 -1.89 26.94
CA TRP B 10 7.62 -3.16 27.44
C TRP B 10 8.51 -3.78 28.51
N SER B 11 9.68 -3.19 28.78
CA SER B 11 10.55 -3.68 29.85
C SER B 11 10.03 -3.31 31.24
N GLN B 12 8.81 -2.79 31.36
CA GLN B 12 8.26 -2.45 32.66
C GLN B 12 7.47 -3.59 33.27
N TYR B 13 7.03 -4.56 32.45
CA TYR B 13 6.19 -5.65 32.92
C TYR B 13 6.97 -6.87 33.35
N ARG B 14 8.29 -6.84 33.29
CA ARG B 14 9.08 -7.95 33.77
C ARG B 14 9.03 -7.97 35.29
N GLU B 15 9.04 -9.17 35.87
CA GLU B 15 8.78 -9.30 37.30
C GLU B 15 9.93 -8.75 38.14
N GLY B 16 9.58 -8.24 39.32
CA GLY B 16 10.58 -7.88 40.32
C GLY B 16 11.66 -6.96 39.77
N ASP B 17 12.91 -7.32 40.02
CA ASP B 17 14.04 -6.51 39.60
C ASP B 17 14.23 -6.46 38.09
N GLY B 18 13.44 -7.22 37.33
CA GLY B 18 13.49 -7.07 35.88
C GLY B 18 12.76 -5.86 35.34
N SER B 19 11.81 -5.32 36.11
CA SER B 19 11.08 -4.13 35.69
C SER B 19 12.00 -2.92 35.63
N CYS B 20 11.98 -2.25 34.48
CA CYS B 20 12.84 -1.12 34.19
C CYS B 20 12.00 0.05 33.72
N PHE B 21 12.07 1.17 34.46
CA PHE B 21 11.43 2.44 34.16
C PHE B 21 12.48 3.49 33.84
N PRO B 22 12.14 4.49 33.02
CA PRO B 22 13.19 5.39 32.51
C PRO B 22 13.95 6.09 33.59
N ASP B 23 13.35 6.30 34.77
CA ASP B 23 14.05 6.96 35.86
C ASP B 23 15.14 6.08 36.48
N ALA B 24 15.24 4.82 36.09
CA ALA B 24 16.34 3.98 36.52
C ALA B 24 17.57 4.11 35.62
N LEU B 25 17.52 5.01 34.64
CA LEU B 25 18.60 5.15 33.68
C LEU B 25 19.56 6.25 34.13
N ASP B 26 20.84 6.04 33.88
CA ASP B 26 21.90 6.97 34.25
C ASP B 26 21.91 8.16 33.29
N ARG B 27 21.74 9.36 33.84
CA ARG B 27 21.64 10.55 33.00
C ARG B 27 22.90 10.78 32.17
N PHE B 28 24.05 10.34 32.64
CA PHE B 28 25.33 10.67 32.03
C PHE B 28 25.94 9.50 31.28
N LEU B 29 25.17 8.44 31.07
CA LEU B 29 25.67 7.23 30.43
C LEU B 29 25.80 7.40 28.92
N CYS B 30 24.74 7.88 28.28
CA CYS B 30 24.65 7.89 26.83
C CYS B 30 24.58 9.31 26.30
N THR B 31 24.92 9.47 25.02
CA THR B 31 24.72 10.76 24.38
C THR B 31 23.27 10.94 23.93
N HIS B 32 22.63 9.86 23.50
CA HIS B 32 21.24 9.87 23.06
C HIS B 32 20.51 8.68 23.67
N ILE B 33 19.29 8.91 24.15
CA ILE B 33 18.42 7.82 24.57
C ILE B 33 17.18 7.81 23.68
N ILE B 34 16.88 6.65 23.09
CA ILE B 34 15.75 6.52 22.18
C ILE B 34 14.69 5.64 22.82
N TYR B 35 13.49 6.19 22.96
CA TYR B 35 12.36 5.48 23.54
C TYR B 35 11.65 4.64 22.49
N SER B 36 11.46 3.36 22.80
CA SER B 36 10.85 2.40 21.89
C SER B 36 9.58 1.88 22.52
N PHE B 37 8.45 1.97 21.80
CA PHE B 37 8.15 2.52 20.50
C PHE B 37 6.83 3.30 20.58
N ALA B 38 6.65 4.24 19.66
CA ALA B 38 5.40 4.94 19.41
C ALA B 38 4.58 4.26 18.33
N ASN B 39 3.28 4.56 18.33
CA ASN B 39 2.35 4.06 17.34
C ASN B 39 2.18 5.10 16.22
N ILE B 40 1.46 4.69 15.19
CA ILE B 40 0.86 5.64 14.27
C ILE B 40 -0.62 5.29 14.21
N SER B 41 -1.45 6.14 14.79
CA SER B 41 -2.88 5.89 14.95
C SER B 41 -3.63 6.98 14.22
N ASN B 42 -4.49 6.56 13.29
CA ASN B 42 -5.25 7.47 12.45
C ASN B 42 -4.31 8.47 11.77
N ASP B 43 -3.22 7.92 11.22
CA ASP B 43 -2.17 8.65 10.51
C ASP B 43 -1.50 9.73 11.34
N HIS B 44 -1.73 9.78 12.64
CA HIS B 44 -1.00 10.66 13.53
C HIS B 44 -0.03 9.84 14.36
N ILE B 45 1.17 10.36 14.60
CA ILE B 45 2.02 9.75 15.63
C ILE B 45 1.27 9.77 16.95
N ASP B 46 1.37 8.70 17.71
CA ASP B 46 0.55 8.59 18.90
C ASP B 46 1.21 7.65 19.90
N THR B 47 0.66 7.63 21.10
CA THR B 47 1.15 6.78 22.16
C THR B 47 0.91 5.29 21.82
N TRP B 48 1.69 4.42 22.46
CA TRP B 48 1.56 2.97 22.28
C TRP B 48 1.05 2.28 23.53
N GLU B 49 1.80 2.35 24.62
CA GLU B 49 1.41 1.73 25.88
C GLU B 49 0.44 2.66 26.61
N TRP B 50 0.06 2.31 27.84
CA TRP B 50 -0.89 3.16 28.55
C TRP B 50 -0.19 4.33 29.25
N ASN B 51 0.92 4.05 29.94
CA ASN B 51 1.63 5.07 30.68
C ASN B 51 2.76 5.72 29.88
N ASP B 52 2.77 5.57 28.55
CA ASP B 52 3.84 6.20 27.76
C ASP B 52 4.05 7.66 28.14
N VAL B 53 2.97 8.42 28.27
CA VAL B 53 3.13 9.85 28.50
C VAL B 53 3.84 10.10 29.84
N THR B 54 3.49 9.34 30.88
CA THR B 54 4.15 9.53 32.16
C THR B 54 5.61 9.07 32.09
N LEU B 55 5.87 8.02 31.30
CA LEU B 55 7.24 7.54 31.13
C LEU B 55 8.07 8.51 30.29
N TYR B 56 7.46 9.13 29.27
CA TYR B 56 8.12 10.22 28.58
C TYR B 56 8.66 11.24 29.59
N GLY B 57 7.82 11.61 30.56
CA GLY B 57 8.25 12.53 31.60
C GLY B 57 9.46 12.02 32.37
N MET B 58 9.42 10.76 32.81
CA MET B 58 10.57 10.19 33.49
C MET B 58 11.82 10.31 32.64
N LEU B 59 11.71 10.00 31.36
CA LEU B 59 12.89 9.99 30.51
C LEU B 59 13.44 11.40 30.38
N ASN B 60 12.58 12.35 30.02
CA ASN B 60 13.07 13.67 29.68
C ASN B 60 13.43 14.51 30.90
N THR B 61 12.97 14.15 32.10
CA THR B 61 13.48 14.83 33.30
C THR B 61 14.95 14.50 33.54
N LEU B 62 15.47 13.46 32.88
CA LEU B 62 16.90 13.19 32.97
C LEU B 62 17.70 14.34 32.38
N LYS B 63 17.12 15.05 31.42
CA LYS B 63 17.79 16.17 30.78
C LYS B 63 17.92 17.37 31.69
N ASN B 64 17.16 17.41 32.78
CA ASN B 64 17.24 18.56 33.66
C ASN B 64 18.64 18.69 34.26
N ARG B 65 19.21 17.57 34.71
CA ARG B 65 20.55 17.59 35.29
C ARG B 65 21.65 17.32 34.26
N ASN B 66 21.30 16.81 33.09
CA ASN B 66 22.25 16.64 31.97
C ASN B 66 21.66 17.26 30.72
N PRO B 67 21.76 18.59 30.57
CA PRO B 67 21.15 19.24 29.41
C PRO B 67 21.66 18.71 28.07
N ASN B 68 22.90 18.20 28.05
CA ASN B 68 23.46 17.73 26.79
C ASN B 68 22.88 16.38 26.34
N LEU B 69 22.21 15.65 27.24
CA LEU B 69 21.52 14.42 26.87
C LEU B 69 20.40 14.70 25.87
N LYS B 70 20.40 13.97 24.76
CA LYS B 70 19.39 14.10 23.71
C LYS B 70 18.50 12.87 23.76
N THR B 71 17.20 13.07 23.56
CA THR B 71 16.24 11.97 23.61
C THR B 71 15.46 11.91 22.30
N LEU B 72 15.19 10.71 21.82
CA LEU B 72 14.35 10.55 20.64
C LEU B 72 13.24 9.54 20.91
N LEU B 73 12.14 9.71 20.18
CA LEU B 73 11.02 8.79 20.16
C LEU B 73 11.09 7.96 18.89
N SER B 74 11.03 6.65 19.04
CA SER B 74 11.16 5.71 17.92
C SER B 74 9.77 5.24 17.48
N VAL B 75 9.49 5.34 16.18
CA VAL B 75 8.17 5.00 15.62
C VAL B 75 8.26 3.67 14.92
N GLY B 76 7.46 2.71 15.37
CA GLY B 76 7.35 1.46 14.67
C GLY B 76 7.59 0.26 15.56
N GLY B 77 8.65 -0.49 15.28
CA GLY B 77 8.93 -1.72 15.98
C GLY B 77 8.36 -2.93 15.28
N TRP B 78 8.65 -4.09 15.87
CA TRP B 78 8.25 -5.34 15.24
C TRP B 78 6.74 -5.50 15.20
N ASN B 79 6.06 -5.19 16.30
CA ASN B 79 4.62 -5.40 16.39
C ASN B 79 3.81 -4.39 15.60
N PHE B 80 4.47 -3.39 15.00
CA PHE B 80 3.74 -2.41 14.21
C PHE B 80 3.15 -3.06 12.96
N GLY B 81 3.94 -3.86 12.24
CA GLY B 81 3.51 -4.52 11.01
C GLY B 81 3.76 -3.68 9.77
N SER B 82 4.58 -4.21 8.84
CA SER B 82 5.00 -3.43 7.67
C SER B 82 3.81 -2.99 6.83
N GLN B 83 2.76 -3.80 6.74
CA GLN B 83 1.62 -3.42 5.93
C GLN B 83 1.08 -2.08 6.38
N ARG B 84 0.87 -1.92 7.69
CA ARG B 84 0.30 -0.67 8.19
C ARG B 84 1.26 0.49 7.93
N PHE B 85 2.55 0.29 8.20
CA PHE B 85 3.53 1.35 7.96
C PHE B 85 3.62 1.69 6.47
N SER B 86 3.49 0.67 5.61
CA SER B 86 3.51 0.93 4.17
C SER B 86 2.31 1.76 3.75
N LYS B 87 1.11 1.36 4.18
CA LYS B 87 -0.11 2.06 3.84
C LYS B 87 0.00 3.55 4.19
N ILE B 88 0.65 3.87 5.31
CA ILE B 88 0.87 5.26 5.69
C ILE B 88 1.91 5.92 4.78
N ALA B 89 3.02 5.24 4.54
CA ALA B 89 4.09 5.84 3.76
C ALA B 89 3.74 5.95 2.28
N SER B 90 2.87 5.06 1.78
CA SER B 90 2.54 5.09 0.36
C SER B 90 1.49 6.13 0.00
N ASN B 91 0.57 6.40 0.91
CA ASN B 91 -0.51 7.36 0.67
C ASN B 91 0.00 8.77 0.95
N THR B 92 -0.08 9.63 -0.08
CA THR B 92 0.44 10.98 0.01
C THR B 92 -0.30 11.79 1.08
N GLN B 93 -1.61 11.55 1.23
CA GLN B 93 -2.36 12.22 2.29
C GLN B 93 -1.92 11.72 3.66
N SER B 94 -1.75 10.41 3.80
CA SER B 94 -1.32 9.84 5.07
C SER B 94 0.05 10.35 5.49
N ARG B 95 0.98 10.47 4.54
CA ARG B 95 2.32 10.95 4.90
C ARG B 95 2.25 12.34 5.49
N ARG B 96 1.51 13.23 4.85
CA ARG B 96 1.45 14.62 5.31
C ARG B 96 0.95 14.71 6.75
N THR B 97 -0.19 14.12 7.03
CA THR B 97 -0.72 14.19 8.40
C THR B 97 0.29 13.62 9.39
N PHE B 98 0.94 12.49 9.04
CA PHE B 98 1.96 11.91 9.91
C PHE B 98 3.15 12.84 10.06
N ILE B 99 3.74 13.27 8.94
CA ILE B 99 4.91 14.12 9.00
C ILE B 99 4.58 15.42 9.72
N LYS B 100 3.39 15.97 9.50
CA LYS B 100 3.04 17.20 10.19
C LYS B 100 2.63 16.92 11.64
N SER B 101 2.33 15.68 11.98
CA SER B 101 1.92 15.39 13.34
C SER B 101 3.12 15.21 14.25
N VAL B 102 4.25 14.81 13.70
CA VAL B 102 5.40 14.42 14.51
C VAL B 102 5.97 15.63 15.25
N PRO B 103 6.28 16.76 14.61
CA PRO B 103 6.97 17.85 15.33
C PRO B 103 6.19 18.31 16.56
N PRO B 104 4.90 18.65 16.45
CA PRO B 104 4.19 19.08 17.66
C PRO B 104 4.13 18.00 18.74
N PHE B 105 3.94 16.74 18.36
CA PHE B 105 3.87 15.65 19.35
C PHE B 105 5.19 15.51 20.10
N LEU B 106 6.31 15.53 19.38
CA LEU B 106 7.61 15.39 20.02
C LEU B 106 7.84 16.53 21.01
N ARG B 107 7.56 17.76 20.58
CA ARG B 107 7.87 18.89 21.44
C ARG B 107 7.01 18.92 22.70
N THR B 108 5.71 18.59 22.60
CA THR B 108 4.86 18.58 23.79
C THR B 108 5.40 17.61 24.84
N HIS B 109 5.96 16.48 24.40
CA HIS B 109 6.53 15.50 25.31
C HIS B 109 8.05 15.59 25.43
N GLY B 110 8.68 16.63 24.89
CA GLY B 110 10.07 16.89 25.22
C GLY B 110 11.10 16.04 24.51
N PHE B 111 10.78 15.49 23.36
CA PHE B 111 11.79 14.78 22.59
C PHE B 111 12.58 15.73 21.72
N ASP B 112 13.85 15.38 21.47
CA ASP B 112 14.68 16.18 20.60
C ASP B 112 14.62 15.74 19.15
N GLY B 113 14.01 14.60 18.85
CA GLY B 113 13.95 14.13 17.48
C GLY B 113 13.21 12.81 17.37
N LEU B 114 13.07 12.35 16.12
CA LEU B 114 12.40 11.11 15.76
C LEU B 114 13.40 10.08 15.24
N ASP B 115 13.18 8.81 15.58
CA ASP B 115 13.99 7.69 15.11
C ASP B 115 13.06 6.69 14.42
N LEU B 116 13.18 6.56 13.10
CA LEU B 116 12.30 5.66 12.36
C LEU B 116 12.72 4.20 12.48
N ALA B 117 11.76 3.36 12.86
CA ALA B 117 12.01 1.93 13.05
C ALA B 117 10.98 1.12 12.27
N TRP B 118 10.93 1.34 10.97
CA TRP B 118 10.13 0.48 10.09
C TRP B 118 10.89 -0.83 9.92
N LEU B 119 10.41 -1.88 10.59
CA LEU B 119 11.11 -3.17 10.63
C LEU B 119 10.24 -4.24 9.99
N TYR B 120 10.31 -4.34 8.66
CA TYR B 120 11.26 -3.69 7.76
C TYR B 120 10.50 -3.34 6.47
N PRO B 121 10.91 -2.29 5.77
CA PRO B 121 10.26 -1.97 4.50
C PRO B 121 10.37 -3.13 3.53
N GLY B 122 9.47 -3.16 2.55
CA GLY B 122 9.50 -4.21 1.56
C GLY B 122 10.29 -3.81 0.33
N ARG B 123 10.45 -4.78 -0.58
CA ARG B 123 11.08 -4.43 -1.85
C ARG B 123 10.27 -3.38 -2.58
N ARG B 124 8.96 -3.34 -2.34
CA ARG B 124 8.10 -2.36 -2.99
C ARG B 124 8.05 -1.05 -2.20
N ASP B 125 8.58 -1.03 -0.98
CA ASP B 125 8.57 0.14 -0.11
C ASP B 125 9.91 0.85 -0.07
N LYS B 126 10.81 0.56 -1.00
CA LYS B 126 12.12 1.20 -0.91
C LYS B 126 12.02 2.69 -1.22
N GLN B 127 11.28 3.05 -2.27
CA GLN B 127 11.09 4.46 -2.62
C GLN B 127 10.20 5.17 -1.61
N HIS B 128 9.13 4.51 -1.17
CA HIS B 128 8.24 5.11 -0.18
C HIS B 128 9.00 5.41 1.10
N PHE B 129 9.91 4.52 1.48
CA PHE B 129 10.75 4.77 2.64
C PHE B 129 11.67 5.97 2.37
N THR B 130 12.19 6.10 1.16
CA THR B 130 13.09 7.20 0.87
C THR B 130 12.36 8.53 0.92
N THR B 131 11.20 8.63 0.27
CA THR B 131 10.46 9.90 0.30
C THR B 131 9.96 10.20 1.71
N LEU B 132 9.60 9.15 2.48
CA LEU B 132 9.25 9.38 3.88
C LEU B 132 10.41 10.03 4.61
N ILE B 133 11.61 9.45 4.47
CA ILE B 133 12.79 9.98 5.14
C ILE B 133 13.05 11.40 4.66
N LYS B 134 12.98 11.61 3.34
CA LYS B 134 13.32 12.91 2.75
C LYS B 134 12.35 13.98 3.20
N GLU B 135 11.05 13.70 3.11
CA GLU B 135 10.06 14.68 3.49
C GLU B 135 10.05 14.97 4.99
N MET B 136 10.36 13.96 5.81
CA MET B 136 10.44 14.17 7.25
C MET B 136 11.53 15.20 7.58
N LYS B 137 12.75 14.97 7.12
CA LYS B 137 13.80 15.94 7.38
C LYS B 137 13.41 17.31 6.81
N ALA B 138 12.65 17.31 5.71
CA ALA B 138 12.19 18.56 5.16
C ALA B 138 11.39 19.35 6.18
N GLU B 139 10.34 18.75 6.76
CA GLU B 139 9.51 19.47 7.71
C GLU B 139 10.32 19.85 8.95
N PHE B 140 11.22 18.98 9.38
CA PHE B 140 12.08 19.31 10.51
C PHE B 140 12.87 20.58 10.25
N ILE B 141 13.34 20.77 9.02
CA ILE B 141 14.06 21.98 8.65
C ILE B 141 13.11 23.16 8.56
N LYS B 142 11.95 22.96 7.90
CA LYS B 142 10.95 24.02 7.74
C LYS B 142 10.41 24.50 9.08
N GLU B 143 10.15 23.58 10.00
CA GLU B 143 9.51 23.95 11.26
C GLU B 143 10.41 24.80 12.15
N ALA B 144 11.73 24.71 11.96
CA ALA B 144 12.68 25.37 12.85
C ALA B 144 12.58 26.89 12.77
N GLN B 145 12.54 27.51 13.93
CA GLN B 145 12.54 28.96 14.09
C GLN B 145 13.57 29.26 15.16
N PRO B 146 14.01 30.51 15.27
CA PRO B 146 14.85 30.88 16.42
C PRO B 146 14.19 30.51 17.73
N GLY B 147 14.91 29.74 18.53
CA GLY B 147 14.37 29.20 19.75
C GLY B 147 13.85 27.80 19.66
N LYS B 148 13.53 27.31 18.45
CA LYS B 148 13.23 25.90 18.24
C LYS B 148 14.44 25.24 17.58
N LYS B 149 15.12 24.37 18.32
CA LYS B 149 16.21 23.60 17.73
C LYS B 149 15.63 22.64 16.73
N GLN B 150 16.27 22.53 15.57
CA GLN B 150 15.80 21.60 14.55
C GLN B 150 15.74 20.18 15.10
N LEU B 151 14.65 19.49 14.82
CA LEU B 151 14.47 18.14 15.33
C LEU B 151 15.45 17.16 14.67
N LEU B 152 15.91 16.18 15.45
CA LEU B 152 16.77 15.12 14.94
C LEU B 152 15.95 14.06 14.22
N LEU B 153 16.52 13.49 13.16
CA LEU B 153 15.92 12.35 12.46
C LEU B 153 16.95 11.24 12.30
N SER B 154 16.71 10.10 12.93
CA SER B 154 17.55 8.91 12.78
C SER B 154 16.70 7.72 12.36
N ALA B 155 17.37 6.61 12.03
CA ALA B 155 16.67 5.39 11.65
C ALA B 155 17.43 4.16 12.11
N ALA B 156 16.69 3.16 12.59
CA ALA B 156 17.27 1.86 12.86
C ALA B 156 17.19 0.99 11.60
N LEU B 157 18.34 0.61 11.07
CA LEU B 157 18.36 -0.19 9.85
C LEU B 157 18.87 -1.60 10.12
N SER B 158 18.34 -2.56 9.36
CA SER B 158 18.81 -3.94 9.47
C SER B 158 20.27 -3.99 9.05
N ALA B 159 21.01 -4.89 9.66
CA ALA B 159 22.36 -5.18 9.19
C ALA B 159 22.38 -6.30 8.16
N GLY B 160 21.23 -6.89 7.83
CA GLY B 160 21.22 -8.03 6.92
C GLY B 160 21.36 -7.62 5.48
N LYS B 161 22.34 -8.21 4.78
CA LYS B 161 22.56 -7.83 3.39
C LYS B 161 21.29 -8.00 2.57
N VAL B 162 20.57 -9.08 2.79
CA VAL B 162 19.40 -9.39 1.98
C VAL B 162 18.36 -8.28 2.10
N THR B 163 18.02 -7.90 3.34
CA THR B 163 17.03 -6.83 3.50
C THR B 163 17.59 -5.48 3.07
N ILE B 164 18.88 -5.22 3.35
CA ILE B 164 19.49 -3.96 2.91
C ILE B 164 19.34 -3.79 1.41
N ASP B 165 19.62 -4.84 0.64
CA ASP B 165 19.53 -4.72 -0.81
C ASP B 165 18.09 -4.45 -1.25
N SER B 166 17.12 -5.10 -0.62
CA SER B 166 15.74 -4.97 -1.10
C SER B 166 15.05 -3.70 -0.61
N SER B 167 15.36 -3.25 0.60
CA SER B 167 14.50 -2.31 1.31
C SER B 167 15.06 -0.91 1.48
N TYR B 168 16.36 -0.71 1.39
CA TYR B 168 16.95 0.59 1.64
C TYR B 168 17.68 1.16 0.43
N ASP B 169 17.50 2.46 0.22
CA ASP B 169 18.32 3.24 -0.73
C ASP B 169 19.33 4.02 0.11
N ILE B 170 20.34 3.29 0.59
CA ILE B 170 21.28 3.82 1.59
C ILE B 170 21.85 5.15 1.13
N ALA B 171 22.31 5.20 -0.12
CA ALA B 171 22.99 6.40 -0.63
C ALA B 171 22.12 7.65 -0.49
N LYS B 172 20.86 7.56 -0.96
CA LYS B 172 19.96 8.70 -0.98
C LYS B 172 19.46 9.01 0.43
N ILE B 173 19.08 7.96 1.16
CA ILE B 173 18.56 8.08 2.52
C ILE B 173 19.61 8.67 3.45
N SER B 174 20.88 8.32 3.25
CA SER B 174 21.94 8.75 4.17
C SER B 174 22.04 10.26 4.24
N GLN B 175 21.74 10.92 3.13
CA GLN B 175 21.93 12.37 3.05
C GLN B 175 20.93 13.13 3.92
N HIS B 176 19.80 12.52 4.28
CA HIS B 176 18.77 13.17 5.08
C HIS B 176 18.80 12.82 6.56
N LEU B 177 19.15 11.58 6.91
CA LEU B 177 19.19 11.16 8.31
C LEU B 177 20.39 11.75 9.04
N ASP B 178 20.17 12.14 10.29
CA ASP B 178 21.28 12.69 11.05
C ASP B 178 22.23 11.60 11.50
N PHE B 179 21.70 10.43 11.83
CA PHE B 179 22.57 9.28 12.04
C PHE B 179 21.78 8.01 11.77
N ILE B 180 22.50 6.94 11.50
CA ILE B 180 21.89 5.66 11.22
C ILE B 180 22.38 4.69 12.28
N SER B 181 21.43 4.05 12.97
CA SER B 181 21.75 2.94 13.88
C SER B 181 21.65 1.63 13.09
N ILE B 182 22.79 0.98 12.85
CA ILE B 182 22.81 -0.32 12.18
C ILE B 182 22.69 -1.46 13.19
N MET B 183 21.66 -2.28 13.02
CA MET B 183 21.33 -3.33 13.99
C MET B 183 22.21 -4.57 13.74
N THR B 184 23.50 -4.39 14.02
CA THR B 184 24.53 -5.43 13.86
C THR B 184 24.48 -6.45 15.00
N TYR B 185 23.32 -7.08 15.13
CA TYR B 185 23.16 -8.20 16.05
C TYR B 185 22.09 -9.12 15.47
N ASP B 186 21.80 -10.21 16.18
CA ASP B 186 20.76 -11.13 15.75
C ASP B 186 21.06 -11.71 14.36
N PHE B 187 22.34 -11.97 14.08
CA PHE B 187 22.74 -12.58 12.81
C PHE B 187 22.43 -14.08 12.70
N HIS B 188 22.34 -14.78 13.83
CA HIS B 188 22.17 -16.23 13.88
C HIS B 188 21.04 -16.59 14.83
N GLY B 189 20.17 -17.49 14.42
CA GLY B 189 19.08 -17.87 15.30
C GLY B 189 18.80 -19.35 15.23
N ALA B 190 17.87 -19.79 16.09
CA ALA B 190 17.66 -21.21 16.26
C ALA B 190 17.14 -21.85 14.99
N TRP B 191 16.49 -21.05 14.14
CA TRP B 191 15.94 -21.58 12.89
C TRP B 191 17.01 -22.14 11.96
N ARG B 192 18.29 -21.87 12.22
CA ARG B 192 19.36 -22.40 11.41
C ARG B 192 19.75 -23.80 11.83
N GLY B 193 19.28 -24.25 12.98
CA GLY B 193 19.57 -25.59 13.43
C GLY B 193 20.95 -25.81 13.99
N THR B 194 21.73 -24.74 14.17
CA THR B 194 23.07 -24.86 14.72
C THR B 194 23.32 -23.74 15.73
N THR B 195 24.26 -23.99 16.63
CA THR B 195 24.78 -22.91 17.45
C THR B 195 25.56 -21.93 16.59
N GLY B 196 25.48 -20.67 16.96
CA GLY B 196 26.26 -19.65 16.32
C GLY B 196 26.14 -18.38 17.13
N HIS B 197 27.23 -17.62 17.22
CA HIS B 197 27.14 -16.35 17.92
C HIS B 197 26.37 -15.37 17.05
N HIS B 198 25.41 -14.66 17.65
CA HIS B 198 24.50 -13.80 16.90
C HIS B 198 25.06 -12.42 16.62
N SER B 199 26.13 -12.00 17.27
CA SER B 199 26.73 -10.69 17.01
C SER B 199 28.25 -10.81 16.91
N PRO B 200 28.75 -11.62 15.98
CA PRO B 200 30.21 -11.73 15.80
C PRO B 200 30.79 -10.46 15.19
N LEU B 201 31.99 -10.10 15.64
CA LEU B 201 32.63 -8.89 15.12
C LEU B 201 33.07 -9.09 13.68
N PHE B 202 33.83 -10.15 13.41
CA PHE B 202 34.24 -10.53 12.07
C PHE B 202 33.69 -11.91 11.74
N ARG B 203 33.72 -12.25 10.44
CA ARG B 203 33.28 -13.58 10.01
C ARG B 203 33.98 -14.70 10.79
N GLY B 204 35.26 -14.50 11.12
CA GLY B 204 36.03 -15.55 11.78
C GLY B 204 36.40 -16.68 10.84
N GLN B 205 36.54 -17.88 11.41
CA GLN B 205 36.91 -19.05 10.64
C GLN B 205 36.00 -19.27 9.44
N GLU B 206 36.62 -19.48 8.27
CA GLU B 206 35.89 -19.54 7.01
C GLU B 206 34.93 -20.71 6.93
N ASP B 207 35.22 -21.83 7.63
CA ASP B 207 34.30 -22.97 7.63
C ASP B 207 33.10 -22.71 8.52
N ALA B 208 33.34 -22.09 9.67
CA ALA B 208 32.28 -21.94 10.67
C ALA B 208 31.09 -21.17 10.11
N SER B 209 31.34 -20.03 9.48
CA SER B 209 30.24 -19.19 9.01
C SER B 209 29.38 -19.95 7.99
N PRO B 210 28.04 -19.89 8.12
CA PRO B 210 27.17 -20.40 7.07
C PRO B 210 27.25 -19.49 5.86
N ASP B 211 27.10 -18.19 6.08
CA ASP B 211 27.19 -17.21 5.01
C ASP B 211 28.29 -16.20 5.32
N ARG B 212 28.79 -15.61 4.25
CA ARG B 212 29.85 -14.61 4.36
C ARG B 212 29.34 -13.29 4.94
N PHE B 213 28.02 -13.13 5.12
CA PHE B 213 27.43 -11.82 5.42
C PHE B 213 27.02 -11.60 6.87
N SER B 214 26.68 -12.64 7.63
CA SER B 214 26.06 -12.48 8.95
C SER B 214 27.14 -12.22 10.01
N ASN B 215 27.74 -11.04 9.90
CA ASN B 215 28.66 -10.54 10.91
C ASN B 215 28.69 -9.02 10.81
N THR B 216 29.02 -8.37 11.92
CA THR B 216 28.95 -6.91 11.96
C THR B 216 29.92 -6.27 10.98
N ASP B 217 31.15 -6.79 10.87
CA ASP B 217 32.11 -6.13 9.99
C ASP B 217 31.60 -6.08 8.56
N TYR B 218 31.05 -7.18 8.05
CA TYR B 218 30.54 -7.12 6.68
C TYR B 218 29.44 -6.08 6.58
N ALA B 219 28.55 -6.03 7.57
CA ALA B 219 27.44 -5.07 7.53
C ALA B 219 27.95 -3.64 7.51
N VAL B 220 28.88 -3.30 8.40
CA VAL B 220 29.42 -1.95 8.44
C VAL B 220 30.06 -1.59 7.10
N GLY B 221 31.00 -2.39 6.64
CA GLY B 221 31.67 -2.09 5.38
C GLY B 221 30.73 -2.07 4.18
N TYR B 222 29.63 -2.80 4.24
CA TYR B 222 28.67 -2.82 3.13
C TYR B 222 27.89 -1.53 3.06
N MET B 223 27.36 -1.08 4.18
CA MET B 223 26.60 0.16 4.20
C MET B 223 27.50 1.31 3.83
N LEU B 224 28.75 1.28 4.31
CA LEU B 224 29.71 2.26 3.87
C LEU B 224 29.85 2.23 2.35
N ARG B 225 29.98 1.03 1.77
CA ARG B 225 30.11 0.92 0.33
C ARG B 225 28.84 1.36 -0.39
N LEU B 226 27.67 1.15 0.21
CA LEU B 226 26.43 1.59 -0.40
C LEU B 226 26.16 3.08 -0.21
N GLY B 227 27.06 3.80 0.46
CA GLY B 227 27.00 5.25 0.54
C GLY B 227 26.63 5.86 1.87
N ALA B 228 26.59 5.09 2.94
CA ALA B 228 26.43 5.67 4.26
C ALA B 228 27.74 6.36 4.64
N PRO B 229 27.73 7.64 5.01
CA PRO B 229 28.94 8.27 5.55
C PRO B 229 29.32 7.69 6.90
N ALA B 230 30.61 7.46 7.09
CA ALA B 230 31.09 6.95 8.37
C ALA B 230 30.66 7.85 9.51
N SER B 231 30.68 9.16 9.27
CA SER B 231 30.23 10.14 10.24
C SER B 231 28.73 10.03 10.55
N LYS B 232 27.98 9.21 9.82
CA LYS B 232 26.56 9.00 10.12
C LYS B 232 26.20 7.59 10.56
N LEU B 233 27.16 6.65 10.56
CA LEU B 233 26.92 5.28 11.01
C LEU B 233 27.15 5.13 12.50
N VAL B 234 26.16 4.54 13.18
CA VAL B 234 26.27 4.20 14.58
C VAL B 234 26.16 2.68 14.66
N MET B 235 27.20 2.01 15.19
CA MET B 235 27.29 0.56 15.13
C MET B 235 26.55 -0.09 16.30
N GLY B 236 25.65 -1.02 15.98
CA GLY B 236 24.87 -1.67 17.01
C GLY B 236 25.69 -2.65 17.82
N ILE B 237 25.60 -2.53 19.15
CA ILE B 237 26.21 -3.47 20.08
C ILE B 237 25.10 -3.99 20.98
N PRO B 238 24.83 -5.29 21.00
CA PRO B 238 23.75 -5.80 21.83
C PRO B 238 24.18 -6.05 23.26
N THR B 239 23.23 -5.87 24.19
CA THR B 239 23.40 -6.27 25.57
C THR B 239 22.59 -7.52 25.90
N PHE B 240 22.35 -8.37 24.92
CA PHE B 240 21.56 -9.57 25.13
C PHE B 240 22.22 -10.74 24.39
N GLY B 241 21.81 -11.95 24.75
CA GLY B 241 22.33 -13.07 24.01
C GLY B 241 21.25 -13.86 23.29
N ARG B 242 21.63 -14.58 22.25
CA ARG B 242 20.79 -15.63 21.69
C ARG B 242 21.19 -16.93 22.33
N SER B 243 20.21 -17.70 22.79
CA SER B 243 20.44 -18.97 23.45
C SER B 243 19.88 -20.12 22.62
N PHE B 244 20.45 -21.30 22.81
CA PHE B 244 20.01 -22.48 22.08
C PHE B 244 19.97 -23.66 23.03
N THR B 245 19.09 -24.60 22.73
CA THR B 245 19.08 -25.90 23.38
C THR B 245 19.82 -26.89 22.50
N LEU B 246 20.91 -27.45 23.04
CA LEU B 246 21.73 -28.40 22.30
C LEU B 246 20.99 -29.70 22.04
N ALA B 247 21.24 -30.30 20.89
CA ALA B 247 20.64 -31.57 20.52
C ALA B 247 21.58 -32.75 20.72
N SER B 248 22.86 -32.51 21.00
CA SER B 248 23.80 -33.60 21.19
C SER B 248 24.70 -33.24 22.35
N SER B 249 25.75 -34.04 22.55
CA SER B 249 26.76 -33.77 23.58
C SER B 249 27.77 -32.72 23.13
N GLU B 250 27.70 -32.26 21.88
CA GLU B 250 28.62 -31.26 21.35
C GLU B 250 28.23 -29.88 21.83
N THR B 251 29.23 -29.11 22.23
CA THR B 251 29.02 -27.76 22.73
C THR B 251 29.73 -26.70 21.88
N GLY B 252 30.40 -27.07 20.80
CA GLY B 252 31.11 -26.12 19.98
C GLY B 252 30.20 -25.26 19.12
N VAL B 253 30.84 -24.33 18.38
CA VAL B 253 30.16 -23.55 17.37
C VAL B 253 29.72 -24.45 16.22
N GLY B 254 28.48 -24.26 15.77
CA GLY B 254 27.93 -25.09 14.71
C GLY B 254 27.33 -26.38 15.19
N ALA B 255 27.33 -26.63 16.50
CA ALA B 255 26.78 -27.85 17.05
C ALA B 255 25.27 -27.94 16.77
N PRO B 256 24.75 -29.14 16.55
CA PRO B 256 23.30 -29.27 16.28
C PRO B 256 22.50 -28.92 17.53
N ILE B 257 21.39 -28.21 17.28
CA ILE B 257 20.48 -27.76 18.33
C ILE B 257 19.09 -28.26 18.02
N SER B 258 18.25 -28.29 19.06
CA SER B 258 16.85 -28.64 18.92
C SER B 258 15.92 -27.43 18.88
N GLY B 259 16.41 -26.24 19.17
CA GLY B 259 15.58 -25.05 19.17
C GLY B 259 16.18 -23.96 20.04
N PRO B 260 15.42 -22.90 20.30
CA PRO B 260 15.92 -21.81 21.13
C PRO B 260 16.31 -22.29 22.53
N GLY B 261 17.11 -21.47 23.21
CA GLY B 261 17.45 -21.77 24.58
C GLY B 261 16.28 -21.62 25.52
N ILE B 262 16.41 -22.23 26.70
CA ILE B 262 15.33 -22.19 27.69
C ILE B 262 15.04 -20.74 28.06
N PRO B 263 13.78 -20.32 28.16
CA PRO B 263 13.48 -18.92 28.44
C PRO B 263 14.08 -18.47 29.76
N GLY B 264 14.48 -17.19 29.81
CA GLY B 264 14.96 -16.62 31.03
C GLY B 264 13.87 -16.23 32.01
N ARG B 265 14.23 -16.20 33.30
CA ARG B 265 13.23 -15.93 34.33
C ARG B 265 12.63 -14.54 34.19
N PHE B 266 13.40 -13.57 33.69
CA PHE B 266 12.91 -12.19 33.59
C PHE B 266 12.45 -11.81 32.18
N THR B 267 13.25 -12.13 31.16
CA THR B 267 12.84 -11.81 29.80
C THR B 267 11.69 -12.69 29.34
N LYS B 268 11.64 -13.93 29.86
CA LYS B 268 10.55 -14.87 29.57
C LYS B 268 10.37 -15.02 28.07
N GLU B 269 11.46 -14.90 27.33
CA GLU B 269 11.46 -15.08 25.89
C GLU B 269 12.45 -16.20 25.56
N ALA B 270 11.96 -17.26 24.92
CA ALA B 270 12.80 -18.36 24.50
C ALA B 270 13.88 -17.88 23.52
N GLY B 271 15.12 -18.30 23.76
CA GLY B 271 16.22 -17.91 22.90
C GLY B 271 16.79 -16.52 23.13
N THR B 272 16.30 -15.79 24.13
CA THR B 272 16.80 -14.45 24.44
C THR B 272 17.12 -14.40 25.93
N LEU B 273 18.28 -13.85 26.28
CA LEU B 273 18.58 -13.62 27.69
C LEU B 273 19.17 -12.24 27.91
N ALA B 274 18.63 -11.50 28.87
CA ALA B 274 19.25 -10.26 29.29
C ALA B 274 20.63 -10.54 29.88
N TYR B 275 21.48 -9.51 29.86
CA TYR B 275 22.83 -9.70 30.38
C TYR B 275 22.79 -10.09 31.85
N TYR B 276 21.93 -9.43 32.64
CA TYR B 276 21.83 -9.80 34.05
C TYR B 276 21.31 -11.23 34.20
N GLU B 277 20.57 -11.73 33.21
CA GLU B 277 20.20 -13.14 33.22
C GLU B 277 21.38 -14.04 32.84
N ILE B 278 22.25 -13.56 31.95
CA ILE B 278 23.41 -14.36 31.58
C ILE B 278 24.39 -14.49 32.75
N CYS B 279 24.57 -13.43 33.55
CA CYS B 279 25.44 -13.55 34.71
C CYS B 279 24.99 -14.67 35.64
N ASP B 280 23.67 -14.83 35.82
CA ASP B 280 23.17 -15.99 36.55
C ASP B 280 23.42 -17.28 35.80
N PHE B 281 23.26 -17.27 34.48
CA PHE B 281 23.57 -18.47 33.69
C PHE B 281 25.04 -18.83 33.82
N LEU B 282 25.91 -17.82 33.92
CA LEU B 282 27.35 -18.08 33.98
C LEU B 282 27.76 -18.87 35.21
N ARG B 283 26.93 -18.89 36.25
CA ARG B 283 27.21 -19.72 37.43
C ARG B 283 27.24 -21.20 37.05
N GLY B 284 28.42 -21.80 37.06
CA GLY B 284 28.60 -23.19 36.71
C GLY B 284 28.62 -23.48 35.22
N ALA B 285 28.63 -22.46 34.39
CA ALA B 285 28.81 -22.65 32.96
C ALA B 285 30.27 -22.50 32.57
N THR B 286 30.65 -23.12 31.46
CA THR B 286 31.95 -22.91 30.86
C THR B 286 31.81 -21.87 29.75
N VAL B 287 32.69 -20.87 29.76
CA VAL B 287 32.69 -19.81 28.75
C VAL B 287 33.79 -20.07 27.73
N HIS B 288 33.46 -19.91 26.47
CA HIS B 288 34.43 -20.03 25.39
C HIS B 288 34.41 -18.76 24.57
N ARG B 289 35.60 -18.33 24.15
CA ARG B 289 35.76 -17.15 23.32
C ARG B 289 36.08 -17.56 21.89
N ILE B 290 35.22 -17.18 20.94
CA ILE B 290 35.41 -17.55 19.54
C ILE B 290 36.57 -16.73 18.99
N LEU B 291 37.68 -17.41 18.67
CA LEU B 291 38.92 -16.74 18.31
C LEU B 291 38.71 -15.78 17.14
N GLY B 292 38.18 -16.28 16.02
CA GLY B 292 38.04 -15.41 14.87
C GLY B 292 36.87 -14.45 14.89
N GLN B 293 35.92 -14.61 15.80
CA GLN B 293 34.79 -13.70 15.89
C GLN B 293 34.90 -12.71 17.04
N GLN B 294 35.84 -12.94 17.96
CA GLN B 294 36.15 -11.99 19.03
C GLN B 294 34.95 -11.72 19.92
N VAL B 295 34.17 -12.77 20.18
CA VAL B 295 33.00 -12.70 21.05
C VAL B 295 32.88 -13.99 21.83
N PRO B 296 32.39 -13.91 23.07
CA PRO B 296 32.29 -15.11 23.91
C PRO B 296 30.98 -15.86 23.70
N TYR B 297 31.01 -17.14 24.07
CA TYR B 297 29.77 -17.87 24.30
C TYR B 297 29.92 -18.71 25.55
N ALA B 298 28.77 -19.10 26.13
CA ALA B 298 28.74 -19.90 27.33
C ALA B 298 27.83 -21.12 27.14
N THR B 299 28.20 -22.21 27.80
CA THR B 299 27.43 -23.44 27.79
C THR B 299 27.27 -23.99 29.20
N LYS B 300 26.08 -24.53 29.46
CA LYS B 300 25.80 -25.17 30.74
C LYS B 300 24.75 -26.24 30.50
N GLY B 301 25.10 -27.50 30.75
CA GLY B 301 24.20 -28.57 30.39
C GLY B 301 23.92 -28.56 28.90
N ASN B 302 22.64 -28.59 28.56
CA ASN B 302 22.17 -28.59 27.18
C ASN B 302 21.90 -27.19 26.65
N GLN B 303 22.39 -26.16 27.35
CA GLN B 303 22.18 -24.75 27.00
C GLN B 303 23.44 -24.12 26.43
N TRP B 304 23.26 -23.32 25.36
CA TRP B 304 24.34 -22.65 24.65
C TRP B 304 23.93 -21.21 24.38
N VAL B 305 24.76 -20.26 24.81
CA VAL B 305 24.43 -18.84 24.66
C VAL B 305 25.61 -18.11 24.06
N GLY B 306 25.37 -17.42 22.94
CA GLY B 306 26.32 -16.48 22.39
C GLY B 306 25.90 -15.09 22.82
N TYR B 307 26.85 -14.33 23.36
CA TYR B 307 26.53 -13.04 23.98
C TYR B 307 27.72 -12.11 23.88
N ASP B 308 27.49 -10.84 24.21
CA ASP B 308 28.59 -9.87 24.37
C ASP B 308 28.86 -9.61 25.84
N ASP B 309 30.14 -9.47 26.17
CA ASP B 309 30.60 -9.10 27.51
C ASP B 309 31.53 -7.90 27.41
N GLN B 310 32.08 -7.52 28.56
CA GLN B 310 32.87 -6.30 28.65
C GLN B 310 34.10 -6.33 27.76
N GLU B 311 34.65 -7.52 27.48
CA GLU B 311 35.84 -7.56 26.63
C GLU B 311 35.49 -7.43 25.15
N SER B 312 34.54 -8.22 24.66
CA SER B 312 34.15 -8.15 23.25
C SER B 312 33.54 -6.79 22.93
N VAL B 313 32.89 -6.19 23.92
CA VAL B 313 32.36 -4.84 23.79
C VAL B 313 33.48 -3.82 23.54
N LYS B 314 34.58 -3.91 24.28
CA LYS B 314 35.69 -2.98 24.05
C LYS B 314 36.32 -3.21 22.68
N SER B 315 36.48 -4.48 22.29
CA SER B 315 37.01 -4.78 20.95
C SER B 315 36.11 -4.24 19.85
N LYS B 316 34.78 -4.33 20.05
CA LYS B 316 33.87 -3.79 19.04
C LYS B 316 33.98 -2.28 18.94
N VAL B 317 34.10 -1.58 20.08
CA VAL B 317 34.29 -0.13 20.04
C VAL B 317 35.64 0.22 19.40
N GLN B 318 36.67 -0.58 19.69
CA GLN B 318 37.94 -0.41 19.00
C GLN B 318 37.75 -0.46 17.50
N TYR B 319 36.99 -1.45 17.03
CA TYR B 319 36.72 -1.57 15.60
C TYR B 319 36.01 -0.32 15.08
N LEU B 320 35.00 0.16 15.80
CA LEU B 320 34.23 1.28 15.26
C LEU B 320 35.02 2.58 15.31
N LYS B 321 35.90 2.75 16.31
CA LYS B 321 36.73 3.96 16.32
C LYS B 321 37.72 3.96 15.17
N ASP B 322 38.33 2.79 14.90
CA ASP B 322 39.25 2.68 13.78
C ASP B 322 38.56 2.99 12.45
N ARG B 323 37.29 2.62 12.33
CA ARG B 323 36.48 2.96 11.18
C ARG B 323 36.00 4.40 11.20
N GLN B 324 36.22 5.10 12.31
CA GLN B 324 35.75 6.46 12.50
C GLN B 324 34.26 6.57 12.26
N LEU B 325 33.52 5.59 12.77
CA LEU B 325 32.08 5.65 12.74
C LEU B 325 31.59 6.73 13.69
N ALA B 326 30.31 7.05 13.58
CA ALA B 326 29.75 8.06 14.46
C ALA B 326 29.74 7.61 15.90
N GLY B 327 29.71 6.32 16.16
CA GLY B 327 29.68 5.83 17.52
C GLY B 327 28.93 4.52 17.60
N ALA B 328 28.52 4.18 18.82
CA ALA B 328 27.90 2.91 19.13
C ALA B 328 26.44 3.10 19.51
N MET B 329 25.61 2.15 19.10
CA MET B 329 24.21 2.07 19.49
C MET B 329 24.04 0.82 20.33
N VAL B 330 23.40 0.98 21.48
CA VAL B 330 23.23 -0.11 22.44
C VAL B 330 21.78 -0.53 22.41
N TRP B 331 21.54 -1.80 22.11
CA TRP B 331 20.21 -2.39 22.30
C TRP B 331 20.36 -3.52 23.30
N ALA B 332 19.81 -3.34 24.50
CA ALA B 332 19.11 -2.16 24.98
C ALA B 332 19.42 -1.94 26.46
N LEU B 333 19.16 -0.72 26.94
CA LEU B 333 19.50 -0.36 28.30
C LEU B 333 18.82 -1.28 29.30
N ASP B 334 17.58 -1.69 29.02
CA ASP B 334 16.82 -2.54 29.93
C ASP B 334 17.32 -3.98 29.91
N LEU B 335 18.24 -4.31 29.00
CA LEU B 335 18.82 -5.65 28.94
C LEU B 335 20.22 -5.70 29.53
N ASP B 336 20.87 -4.56 29.71
CA ASP B 336 22.08 -4.47 30.52
C ASP B 336 21.74 -4.73 32.00
N ASP B 337 22.77 -4.93 32.82
CA ASP B 337 22.56 -5.10 34.25
C ASP B 337 22.34 -3.71 34.85
N PHE B 338 21.15 -3.17 34.63
CA PHE B 338 20.87 -1.83 35.12
C PHE B 338 20.78 -1.79 36.63
N GLN B 339 20.51 -2.92 37.29
CA GLN B 339 20.48 -2.94 38.74
C GLN B 339 21.89 -2.87 39.33
N GLY B 340 22.85 -3.50 38.66
CA GLY B 340 24.22 -3.55 39.15
C GLY B 340 24.44 -4.52 40.28
N SER B 341 23.41 -5.27 40.68
CA SER B 341 23.46 -6.22 41.77
C SER B 341 23.35 -7.64 41.26
N PHE B 342 23.02 -7.82 39.99
CA PHE B 342 22.77 -9.12 39.40
C PHE B 342 24.05 -9.77 38.91
N CYS B 343 24.94 -8.97 38.34
CA CYS B 343 26.11 -9.47 37.64
C CYS B 343 27.37 -9.51 38.51
N GLY B 344 27.22 -9.43 39.83
CA GLY B 344 28.36 -9.21 40.71
C GLY B 344 28.84 -7.77 40.60
N GLN B 345 29.73 -7.34 41.50
CA GLN B 345 30.23 -5.97 41.60
C GLN B 345 29.14 -4.97 42.02
N ASP B 346 29.53 -3.72 42.24
CA ASP B 346 28.60 -2.73 42.77
C ASP B 346 27.88 -1.94 41.69
N LEU B 347 28.31 -2.05 40.42
CA LEU B 347 28.00 -1.03 39.42
C LEU B 347 26.92 -1.48 38.43
N ARG B 348 26.04 -0.52 38.14
CA ARG B 348 24.99 -0.59 37.13
C ARG B 348 25.56 -0.41 35.72
N PHE B 349 24.80 -0.91 34.74
CA PHE B 349 25.11 -0.78 33.33
C PHE B 349 26.54 -1.18 32.96
N PRO B 350 26.99 -2.38 33.34
CA PRO B 350 28.39 -2.74 33.09
C PRO B 350 28.77 -2.81 31.62
N LEU B 351 27.85 -3.21 30.74
CA LEU B 351 28.23 -3.26 29.33
C LEU B 351 28.27 -1.86 28.72
N THR B 352 27.19 -1.10 28.83
CA THR B 352 27.18 0.17 28.11
C THR B 352 28.17 1.15 28.73
N ASN B 353 28.41 1.05 30.04
CA ASN B 353 29.50 1.81 30.64
C ASN B 353 30.83 1.38 30.05
N ALA B 354 30.98 0.07 29.82
CA ALA B 354 32.17 -0.40 29.11
C ALA B 354 32.25 0.21 27.72
N ILE B 355 31.10 0.36 27.05
CA ILE B 355 31.11 1.05 25.77
C ILE B 355 31.48 2.51 25.97
N LYS B 356 30.80 3.18 26.91
CA LYS B 356 31.11 4.58 27.19
C LYS B 356 32.59 4.77 27.49
N ASP B 357 33.14 3.90 28.33
CA ASP B 357 34.55 4.01 28.71
C ASP B 357 35.47 3.76 27.52
N ALA B 358 35.14 2.78 26.66
CA ALA B 358 35.97 2.52 25.49
C ALA B 358 35.91 3.66 24.48
N LEU B 359 34.77 4.32 24.36
CA LEU B 359 34.68 5.46 23.46
C LEU B 359 35.51 6.63 23.97
N ALA B 360 35.63 6.77 25.30
CA ALA B 360 36.37 7.87 25.90
C ALA B 360 37.86 7.60 26.03
N ALA B 361 38.29 6.34 26.15
CA ALA B 361 39.71 6.06 26.17
C ALA B 361 40.35 6.38 24.82
N THR B 362 41.56 6.92 24.86
CA THR B 362 42.29 7.25 23.64
C THR B 362 43.10 6.05 23.16
N TYR C 1 15.96 96.29 -22.73
CA TYR C 1 14.71 96.98 -22.46
C TYR C 1 13.59 96.43 -23.32
N LYS C 2 12.37 96.42 -22.78
CA LYS C 2 11.17 96.09 -23.55
C LYS C 2 10.69 97.34 -24.26
N LEU C 3 10.36 97.21 -25.54
CA LEU C 3 9.60 98.22 -26.27
C LEU C 3 8.25 97.61 -26.60
N VAL C 4 7.22 98.03 -25.86
CA VAL C 4 5.88 97.47 -25.95
C VAL C 4 5.01 98.40 -26.79
N CYS C 5 4.47 97.91 -27.89
CA CYS C 5 3.74 98.77 -28.83
C CYS C 5 2.34 98.24 -29.05
N TYR C 6 1.35 99.09 -28.82
CA TYR C 6 -0.02 98.70 -29.08
C TYR C 6 -0.36 98.91 -30.55
N TYR C 7 -1.18 98.02 -31.08
CA TYR C 7 -1.89 98.21 -32.33
C TYR C 7 -3.37 98.08 -32.04
N THR C 8 -4.17 98.98 -32.61
CA THR C 8 -5.60 98.95 -32.36
C THR C 8 -6.36 98.46 -33.58
N SER C 9 -7.29 97.53 -33.35
CA SER C 9 -8.03 96.90 -34.44
C SER C 9 -8.88 97.91 -35.19
N TRP C 10 -9.40 98.92 -34.48
CA TRP C 10 -10.31 99.85 -35.13
C TRP C 10 -9.59 100.85 -36.02
N SER C 11 -8.25 100.86 -36.03
CA SER C 11 -7.50 101.76 -36.89
C SER C 11 -7.53 101.35 -38.35
N GLN C 12 -8.29 100.31 -38.70
CA GLN C 12 -8.36 99.90 -40.09
C GLN C 12 -9.44 100.64 -40.85
N TYR C 13 -10.39 101.25 -40.16
CA TYR C 13 -11.52 101.90 -40.81
C TYR C 13 -11.23 103.35 -41.17
N ARG C 14 -10.02 103.84 -40.91
CA ARG C 14 -9.66 105.20 -41.28
C ARG C 14 -9.49 105.31 -42.79
N GLU C 15 -9.81 106.48 -43.34
CA GLU C 15 -9.83 106.61 -44.79
C GLU C 15 -8.41 106.64 -45.37
N GLY C 16 -8.29 106.13 -46.59
CA GLY C 16 -7.08 106.30 -47.37
C GLY C 16 -5.83 105.87 -46.63
N ASP C 17 -4.82 106.75 -46.61
CA ASP C 17 -3.55 106.44 -45.99
C ASP C 17 -3.65 106.28 -44.48
N GLY C 18 -4.79 106.65 -43.89
CA GLY C 18 -5.00 106.45 -42.47
C GLY C 18 -5.30 105.02 -42.09
N SER C 19 -5.71 104.21 -43.06
CA SER C 19 -5.99 102.81 -42.80
C SER C 19 -4.74 102.06 -42.38
N CYS C 20 -4.83 101.37 -41.25
CA CYS C 20 -3.71 100.67 -40.65
C CYS C 20 -4.10 99.22 -40.43
N PHE C 21 -3.39 98.32 -41.08
CA PHE C 21 -3.48 96.88 -40.89
C PHE C 21 -2.16 96.36 -40.32
N PRO C 22 -2.19 95.28 -39.55
CA PRO C 22 -0.95 94.86 -38.86
C PRO C 22 0.18 94.54 -39.81
N ASP C 23 -0.09 94.12 -41.04
CA ASP C 23 0.99 93.76 -41.94
C ASP C 23 1.81 94.97 -42.37
N ALA C 24 1.40 96.17 -42.00
CA ALA C 24 2.17 97.39 -42.22
C ALA C 24 3.15 97.68 -41.08
N LEU C 25 3.25 96.80 -40.10
CA LEU C 25 4.08 97.05 -38.94
C LEU C 25 5.46 96.45 -39.13
N ASP C 26 6.48 97.19 -38.66
CA ASP C 26 7.88 96.79 -38.78
C ASP C 26 8.17 95.67 -37.78
N ARG C 27 8.59 94.50 -38.30
CA ARG C 27 8.81 93.35 -37.44
C ARG C 27 9.86 93.62 -36.37
N PHE C 28 10.81 94.49 -36.68
CA PHE C 28 11.97 94.72 -35.84
C PHE C 28 11.89 96.02 -35.07
N LEU C 29 10.72 96.66 -35.05
CA LEU C 29 10.53 97.94 -34.37
C LEU C 29 10.39 97.76 -32.87
N CYS C 30 9.52 96.84 -32.45
CA CYS C 30 9.17 96.64 -31.06
C CYS C 30 9.58 95.24 -30.60
N THR C 31 9.75 95.08 -29.30
CA THR C 31 10.02 93.76 -28.74
C THR C 31 8.73 92.98 -28.52
N HIS C 32 7.63 93.67 -28.18
CA HIS C 32 6.30 93.10 -27.96
C HIS C 32 5.29 93.98 -28.69
N ILE C 33 4.34 93.36 -29.38
CA ILE C 33 3.21 94.10 -29.95
C ILE C 33 1.95 93.60 -29.30
N ILE C 34 1.10 94.50 -28.82
CA ILE C 34 -0.13 94.15 -28.15
C ILE C 34 -1.31 94.55 -29.01
N TYR C 35 -2.14 93.58 -29.36
CA TYR C 35 -3.35 93.80 -30.16
C TYR C 35 -4.52 94.20 -29.27
N SER C 36 -5.17 95.31 -29.60
CA SER C 36 -6.27 95.85 -28.82
C SER C 36 -7.52 95.94 -29.70
N PHE C 37 -8.63 95.38 -29.22
CA PHE C 37 -8.92 94.66 -27.99
C PHE C 37 -9.78 93.41 -28.28
N ALA C 38 -9.69 92.43 -27.39
CA ALA C 38 -10.60 91.30 -27.35
C ALA C 38 -11.79 91.57 -26.45
N ASN C 39 -12.84 90.81 -26.69
CA ASN C 39 -14.06 90.88 -25.90
C ASN C 39 -14.04 89.80 -24.82
N ILE C 40 -15.07 89.83 -23.98
CA ILE C 40 -15.42 88.67 -23.17
C ILE C 40 -16.90 88.38 -23.38
N SER C 41 -17.20 87.29 -24.07
CA SER C 41 -18.55 86.92 -24.48
C SER C 41 -18.91 85.56 -23.90
N ASN C 42 -20.02 85.50 -23.17
CA ASN C 42 -20.48 84.30 -22.50
C ASN C 42 -19.36 83.74 -21.61
N ASP C 43 -18.75 84.64 -20.84
CA ASP C 43 -17.65 84.37 -19.92
C ASP C 43 -16.43 83.76 -20.59
N HIS C 44 -16.37 83.74 -21.91
CA HIS C 44 -15.20 83.30 -22.64
C HIS C 44 -14.49 84.51 -23.24
N ILE C 45 -13.17 84.49 -23.25
CA ILE C 45 -12.46 85.42 -24.11
C ILE C 45 -12.86 85.11 -25.55
N ASP C 46 -13.08 86.16 -26.33
CA ASP C 46 -13.61 85.95 -27.68
C ASP C 46 -13.22 87.15 -28.52
N THR C 47 -13.39 86.99 -29.82
CA THR C 47 -13.06 88.04 -30.76
C THR C 47 -14.00 89.25 -30.60
N TRP C 48 -13.51 90.41 -31.05
CA TRP C 48 -14.28 91.65 -31.01
C TRP C 48 -14.71 92.09 -32.40
N GLU C 49 -13.75 92.39 -33.27
CA GLU C 49 -14.08 92.84 -34.61
C GLU C 49 -14.44 91.64 -35.49
N TRP C 50 -14.74 91.88 -36.76
CA TRP C 50 -15.11 90.76 -37.63
C TRP C 50 -13.87 90.10 -38.23
N ASN C 51 -12.91 90.90 -38.69
CA ASN C 51 -11.67 90.38 -39.23
C ASN C 51 -10.58 90.21 -38.16
N ASP C 52 -10.94 90.25 -36.87
CA ASP C 52 -9.93 90.03 -35.84
C ASP C 52 -9.13 88.76 -36.12
N VAL C 53 -9.81 87.69 -36.49
CA VAL C 53 -9.12 86.42 -36.68
C VAL C 53 -8.13 86.54 -37.83
N THR C 54 -8.54 87.17 -38.94
CA THR C 54 -7.63 87.35 -40.07
C THR C 54 -6.55 88.37 -39.73
N LEU C 55 -6.87 89.39 -38.93
CA LEU C 55 -5.86 90.35 -38.51
C LEU C 55 -4.88 89.71 -37.53
N TYR C 56 -5.39 88.84 -36.64
CA TYR C 56 -4.50 88.03 -35.80
C TYR C 56 -3.42 87.38 -36.64
N GLY C 57 -3.83 86.76 -37.76
CA GLY C 57 -2.87 86.15 -38.66
C GLY C 57 -1.85 87.15 -39.19
N MET C 58 -2.33 88.29 -39.69
CA MET C 58 -1.41 89.31 -40.19
C MET C 58 -0.36 89.65 -39.15
N LEU C 59 -0.80 89.81 -37.89
CA LEU C 59 0.12 90.20 -36.82
C LEU C 59 1.14 89.11 -36.57
N ASN C 60 0.68 87.90 -36.40
CA ASN C 60 1.52 86.82 -35.94
C ASN C 60 2.42 86.23 -37.03
N THR C 61 2.11 86.47 -38.31
CA THR C 61 3.10 86.08 -39.33
C THR C 61 4.33 86.99 -39.28
N LEU C 62 4.23 88.14 -38.61
CA LEU C 62 5.42 88.99 -38.46
C LEU C 62 6.48 88.27 -37.65
N LYS C 63 6.08 87.35 -36.76
CA LYS C 63 7.02 86.62 -35.93
C LYS C 63 7.80 85.58 -36.72
N ASN C 64 7.34 85.21 -37.92
CA ASN C 64 8.04 84.20 -38.70
C ASN C 64 9.47 84.63 -39.02
N ARG C 65 9.65 85.89 -39.37
CA ARG C 65 10.98 86.40 -39.68
C ARG C 65 11.70 86.99 -38.48
N ASN C 66 11.00 87.28 -37.39
CA ASN C 66 11.61 87.76 -36.16
C ASN C 66 11.15 86.91 -34.99
N PRO C 67 11.77 85.74 -34.78
CA PRO C 67 11.31 84.84 -33.71
C PRO C 67 11.32 85.48 -32.33
N ASN C 68 12.18 86.49 -32.11
CA ASN C 68 12.24 87.12 -30.80
C ASN C 68 11.04 88.03 -30.52
N LEU C 69 10.30 88.45 -31.55
CA LEU C 69 9.11 89.26 -31.35
C LEU C 69 8.01 88.51 -30.61
N LYS C 70 7.47 89.13 -29.57
CA LYS C 70 6.39 88.57 -28.77
C LYS C 70 5.10 89.33 -29.08
N THR C 71 3.97 88.65 -29.05
CA THR C 71 2.69 89.29 -29.31
C THR C 71 1.72 88.99 -28.17
N LEU C 72 0.90 89.97 -27.79
CA LEU C 72 -0.13 89.76 -26.78
C LEU C 72 -1.48 90.21 -27.30
N LEU C 73 -2.54 89.62 -26.76
CA LEU C 73 -3.90 90.08 -27.01
C LEU C 73 -4.38 90.81 -25.76
N SER C 74 -4.92 92.02 -25.95
CA SER C 74 -5.36 92.84 -24.83
C SER C 74 -6.86 92.71 -24.64
N VAL C 75 -7.30 92.41 -23.41
CA VAL C 75 -8.71 92.16 -23.11
C VAL C 75 -9.29 93.36 -22.38
N GLY C 76 -10.32 93.96 -22.96
CA GLY C 76 -11.06 95.02 -22.30
C GLY C 76 -11.21 96.25 -23.17
N GLY C 77 -10.66 97.38 -22.74
CA GLY C 77 -10.83 98.62 -23.47
C GLY C 77 -11.98 99.49 -22.98
N TRP C 78 -12.10 100.65 -23.64
CA TRP C 78 -13.07 101.68 -23.24
C TRP C 78 -14.51 101.24 -23.47
N ASN C 79 -14.79 100.68 -24.64
CA ASN C 79 -16.15 100.28 -24.97
C ASN C 79 -16.57 98.99 -24.29
N PHE C 80 -15.67 98.35 -23.56
CA PHE C 80 -16.08 97.15 -22.85
C PHE C 80 -17.04 97.50 -21.71
N GLY C 81 -16.72 98.52 -20.94
CA GLY C 81 -17.54 98.91 -19.80
C GLY C 81 -17.15 98.20 -18.51
N SER C 82 -16.69 98.96 -17.51
CA SER C 82 -16.17 98.37 -16.28
C SER C 82 -17.21 97.50 -15.61
N GLN C 83 -18.48 97.87 -15.70
CA GLN C 83 -19.53 97.07 -15.07
C GLN C 83 -19.49 95.64 -15.57
N ARG C 84 -19.36 95.47 -16.90
CA ARG C 84 -19.34 94.13 -17.46
C ARG C 84 -18.10 93.36 -17.01
N PHE C 85 -16.94 94.03 -16.99
CA PHE C 85 -15.72 93.37 -16.49
C PHE C 85 -15.83 93.04 -15.01
N SER C 86 -16.53 93.87 -14.24
CA SER C 86 -16.75 93.58 -12.84
C SER C 86 -17.59 92.33 -12.65
N LYS C 87 -18.72 92.27 -13.36
CA LYS C 87 -19.62 91.11 -13.28
C LYS C 87 -18.87 89.83 -13.55
N ILE C 88 -17.94 89.84 -14.50
CA ILE C 88 -17.16 88.64 -14.78
C ILE C 88 -16.12 88.39 -13.69
N ALA C 89 -15.40 89.43 -13.27
CA ALA C 89 -14.34 89.21 -12.30
C ALA C 89 -14.86 88.90 -10.91
N SER C 90 -16.06 89.36 -10.56
CA SER C 90 -16.59 89.15 -9.22
C SER C 90 -17.19 87.76 -9.03
N ASN C 91 -17.72 87.15 -10.09
CA ASN C 91 -18.37 85.85 -10.02
C ASN C 91 -17.31 84.75 -10.15
N THR C 92 -17.27 83.86 -9.16
CA THR C 92 -16.24 82.82 -9.11
C THR C 92 -16.36 81.85 -10.29
N GLN C 93 -17.58 81.56 -10.72
CA GLN C 93 -17.72 80.72 -11.91
C GLN C 93 -17.26 81.48 -13.14
N SER C 94 -17.66 82.76 -13.26
CA SER C 94 -17.29 83.54 -14.43
C SER C 94 -15.78 83.65 -14.58
N ARG C 95 -15.06 83.82 -13.48
CA ARG C 95 -13.61 83.87 -13.54
C ARG C 95 -13.04 82.59 -14.12
N ARG C 96 -13.49 81.45 -13.62
CA ARG C 96 -12.91 80.17 -14.03
C ARG C 96 -13.10 79.92 -15.52
N THR C 97 -14.33 79.98 -16.01
CA THR C 97 -14.54 79.77 -17.44
C THR C 97 -13.78 80.81 -18.25
N PHE C 98 -13.68 82.06 -17.77
CA PHE C 98 -12.87 83.05 -18.48
C PHE C 98 -11.39 82.65 -18.48
N ILE C 99 -10.84 82.42 -17.29
CA ILE C 99 -9.42 82.10 -17.18
C ILE C 99 -9.09 80.82 -17.96
N LYS C 100 -9.97 79.83 -17.91
CA LYS C 100 -9.72 78.57 -18.59
C LYS C 100 -9.83 78.70 -20.10
N SER C 101 -10.49 79.75 -20.58
CA SER C 101 -10.70 79.95 -22.01
C SER C 101 -9.53 80.64 -22.68
N VAL C 102 -8.77 81.42 -21.91
CA VAL C 102 -7.73 82.27 -22.49
C VAL C 102 -6.55 81.49 -23.07
N PRO C 103 -5.90 80.60 -22.33
CA PRO C 103 -4.69 79.97 -22.85
C PRO C 103 -4.95 79.22 -24.15
N PRO C 104 -5.99 78.36 -24.26
CA PRO C 104 -6.25 77.76 -25.57
C PRO C 104 -6.55 78.80 -26.64
N PHE C 105 -7.31 79.85 -26.32
CA PHE C 105 -7.62 80.87 -27.31
C PHE C 105 -6.38 81.59 -27.80
N LEU C 106 -5.52 82.03 -26.88
CA LEU C 106 -4.33 82.77 -27.30
C LEU C 106 -3.47 81.91 -28.21
N ARG C 107 -3.27 80.65 -27.83
CA ARG C 107 -2.39 79.79 -28.60
C ARG C 107 -2.94 79.48 -29.98
N THR C 108 -4.24 79.19 -30.08
CA THR C 108 -4.80 78.84 -31.40
C THR C 108 -4.55 79.94 -32.42
N HIS C 109 -4.59 81.20 -31.98
CA HIS C 109 -4.33 82.35 -32.84
C HIS C 109 -2.92 82.90 -32.69
N GLY C 110 -2.04 82.21 -31.97
CA GLY C 110 -0.63 82.55 -31.98
C GLY C 110 -0.18 83.70 -31.09
N PHE C 111 -0.94 84.04 -30.06
CA PHE C 111 -0.47 85.05 -29.14
C PHE C 111 0.41 84.41 -28.05
N ASP C 112 1.39 85.19 -27.58
CA ASP C 112 2.28 84.76 -26.51
C ASP C 112 1.79 85.12 -25.11
N GLY C 113 0.74 85.93 -24.99
CA GLY C 113 0.28 86.26 -23.66
C GLY C 113 -0.94 87.15 -23.71
N LEU C 114 -1.43 87.44 -22.51
CA LEU C 114 -2.61 88.26 -22.31
C LEU C 114 -2.18 89.58 -21.72
N ASP C 115 -2.84 90.66 -22.11
CA ASP C 115 -2.63 91.97 -21.52
C ASP C 115 -3.98 92.45 -21.01
N LEU C 116 -4.15 92.48 -19.70
CA LEU C 116 -5.43 92.91 -19.15
C LEU C 116 -5.58 94.43 -19.26
N ALA C 117 -6.69 94.87 -19.85
CA ALA C 117 -6.96 96.28 -20.05
C ALA C 117 -8.34 96.64 -19.49
N TRP C 118 -8.51 96.38 -18.20
CA TRP C 118 -9.69 96.81 -17.47
C TRP C 118 -9.57 98.30 -17.22
N LEU C 119 -10.33 99.11 -17.95
CA LEU C 119 -10.27 100.57 -17.92
C LEU C 119 -11.61 101.14 -17.46
N TYR C 120 -11.82 101.17 -16.14
CA TYR C 120 -10.86 100.93 -15.08
C TYR C 120 -11.61 100.20 -13.98
N PRO C 121 -10.93 99.37 -13.19
CA PRO C 121 -11.60 98.70 -12.08
C PRO C 121 -12.22 99.73 -11.16
N GLY C 122 -13.20 99.32 -10.41
CA GLY C 122 -13.81 100.26 -9.49
C GLY C 122 -13.11 100.24 -8.16
N ARG C 123 -13.50 101.15 -7.27
CA ARG C 123 -12.99 101.09 -5.91
C ARG C 123 -13.46 99.80 -5.24
N ARG C 124 -14.63 99.29 -5.64
CA ARG C 124 -15.17 98.06 -5.10
C ARG C 124 -14.62 96.82 -5.80
N ASP C 125 -13.95 96.98 -6.93
CA ASP C 125 -13.39 95.88 -7.68
C ASP C 125 -11.88 95.75 -7.51
N LYS C 126 -11.31 96.42 -6.51
CA LYS C 126 -9.86 96.37 -6.40
C LYS C 126 -9.39 94.98 -6.04
N GLN C 127 -10.06 94.34 -5.09
CA GLN C 127 -9.70 92.98 -4.72
C GLN C 127 -10.05 92.00 -5.83
N HIS C 128 -11.19 92.18 -6.50
CA HIS C 128 -11.53 91.31 -7.62
C HIS C 128 -10.48 91.40 -8.73
N PHE C 129 -9.97 92.60 -8.97
CA PHE C 129 -8.92 92.76 -9.97
C PHE C 129 -7.65 92.03 -9.54
N THR C 130 -7.34 92.06 -8.24
CA THR C 130 -6.15 91.39 -7.76
C THR C 130 -6.30 89.87 -7.85
N THR C 131 -7.44 89.31 -7.41
CA THR C 131 -7.61 87.85 -7.51
C THR C 131 -7.67 87.40 -8.96
N LEU C 132 -8.24 88.23 -9.84
CA LEU C 132 -8.22 87.92 -11.26
C LEU C 132 -6.79 87.76 -11.75
N ILE C 133 -5.93 88.74 -11.43
CA ILE C 133 -4.53 88.70 -11.87
C ILE C 133 -3.85 87.47 -11.30
N LYS C 134 -4.10 87.19 -10.01
CA LYS C 134 -3.48 86.06 -9.34
C LYS C 134 -3.88 84.73 -9.99
N GLU C 135 -5.18 84.52 -10.19
CA GLU C 135 -5.64 83.27 -10.77
C GLU C 135 -5.25 83.12 -12.23
N MET C 136 -5.18 84.23 -12.97
CA MET C 136 -4.71 84.15 -14.35
C MET C 136 -3.27 83.68 -14.42
N LYS C 137 -2.37 84.39 -13.75
CA LYS C 137 -0.97 83.95 -13.76
C LYS C 137 -0.88 82.53 -13.22
N ALA C 138 -1.75 82.17 -12.27
CA ALA C 138 -1.77 80.81 -11.76
C ALA C 138 -2.02 79.81 -12.88
N GLU C 139 -3.08 80.02 -13.67
CA GLU C 139 -3.38 79.09 -14.74
C GLU C 139 -2.29 79.07 -15.78
N PHE C 140 -1.72 80.23 -16.08
CA PHE C 140 -0.62 80.26 -17.04
C PHE C 140 0.53 79.38 -16.58
N ILE C 141 0.81 79.38 -15.27
CA ILE C 141 1.89 78.56 -14.74
C ILE C 141 1.53 77.08 -14.78
N LYS C 142 0.30 76.74 -14.34
CA LYS C 142 -0.14 75.34 -14.36
C LYS C 142 -0.18 74.80 -15.78
N GLU C 143 -0.60 75.64 -16.73
CA GLU C 143 -0.79 75.22 -18.12
C GLU C 143 0.53 74.94 -18.83
N ALA C 144 1.65 75.48 -18.36
CA ALA C 144 2.92 75.35 -19.06
C ALA C 144 3.43 73.90 -19.05
N GLN C 145 3.87 73.44 -20.21
CA GLN C 145 4.46 72.12 -20.40
C GLN C 145 5.76 72.25 -21.17
N PRO C 146 6.63 71.24 -21.14
CA PRO C 146 7.77 71.24 -22.04
C PRO C 146 7.31 71.38 -23.48
N GLY C 147 7.87 72.37 -24.16
CA GLY C 147 7.47 72.71 -25.50
C GLY C 147 6.42 73.80 -25.58
N LYS C 148 5.66 74.03 -24.50
CA LYS C 148 4.80 75.19 -24.42
C LYS C 148 5.47 76.21 -23.52
N LYS C 149 5.83 77.36 -24.08
CA LYS C 149 6.32 78.46 -23.26
C LYS C 149 5.17 78.96 -22.42
N GLN C 150 5.46 79.25 -21.15
CA GLN C 150 4.45 79.84 -20.28
C GLN C 150 3.96 81.16 -20.86
N LEU C 151 2.65 81.35 -20.84
CA LEU C 151 2.06 82.56 -21.39
C LEU C 151 2.38 83.79 -20.55
N LEU C 152 2.59 84.91 -21.24
CA LEU C 152 2.85 86.19 -20.58
C LEU C 152 1.56 86.81 -20.08
N LEU C 153 1.62 87.46 -18.91
CA LEU C 153 0.50 88.22 -18.38
C LEU C 153 0.98 89.62 -18.05
N SER C 154 0.48 90.63 -18.76
CA SER C 154 0.76 92.01 -18.46
C SER C 154 -0.55 92.78 -18.27
N ALA C 155 -0.44 94.01 -17.79
CA ALA C 155 -1.61 94.84 -17.63
C ALA C 155 -1.29 96.30 -17.91
N ALA C 156 -2.22 96.97 -18.58
CA ALA C 156 -2.15 98.41 -18.78
C ALA C 156 -2.85 99.10 -17.60
N LEU C 157 -2.09 99.90 -16.86
CA LEU C 157 -2.61 100.57 -15.68
C LEU C 157 -2.69 102.08 -15.91
N SER C 158 -3.67 102.71 -15.26
CA SER C 158 -3.78 104.16 -15.28
C SER C 158 -2.55 104.78 -14.62
N ALA C 159 -2.15 105.95 -15.13
CA ALA C 159 -1.14 106.76 -14.47
C ALA C 159 -1.75 107.75 -13.49
N GLY C 160 -3.08 107.79 -13.37
CA GLY C 160 -3.74 108.77 -12.51
C GLY C 160 -3.71 108.39 -11.05
N LYS C 161 -3.26 109.31 -10.19
CA LYS C 161 -3.20 109.01 -8.77
C LYS C 161 -4.57 108.62 -8.24
N VAL C 162 -5.60 109.33 -8.66
CA VAL C 162 -6.93 109.10 -8.11
C VAL C 162 -7.41 107.67 -8.38
N THR C 163 -7.31 107.23 -9.65
CA THR C 163 -7.74 105.86 -9.97
C THR C 163 -6.78 104.81 -9.39
N ILE C 164 -5.46 105.08 -9.40
CA ILE C 164 -4.54 104.12 -8.78
C ILE C 164 -4.94 103.86 -7.35
N ASP C 165 -5.23 104.92 -6.61
CA ASP C 165 -5.57 104.75 -5.20
C ASP C 165 -6.86 103.96 -5.03
N SER C 166 -7.84 104.16 -5.91
CA SER C 166 -9.12 103.49 -5.73
C SER C 166 -9.12 102.05 -6.27
N SER C 167 -8.40 101.81 -7.37
CA SER C 167 -8.63 100.61 -8.17
C SER C 167 -7.53 99.56 -8.14
N TYR C 168 -6.30 99.91 -7.78
CA TYR C 168 -5.20 98.97 -7.87
C TYR C 168 -4.57 98.65 -6.51
N ASP C 169 -4.25 97.37 -6.33
CA ASP C 169 -3.40 96.91 -5.22
C ASP C 169 -2.02 96.68 -5.82
N ILE C 170 -1.30 97.78 -6.06
CA ILE C 170 -0.08 97.71 -6.85
C ILE C 170 0.88 96.67 -6.29
N ALA C 171 1.15 96.74 -4.98
CA ALA C 171 2.16 95.84 -4.42
C ALA C 171 1.83 94.38 -4.72
N LYS C 172 0.57 93.97 -4.48
CA LYS C 172 0.18 92.57 -4.64
C LYS C 172 0.11 92.19 -6.10
N ILE C 173 -0.50 93.07 -6.90
CA ILE C 173 -0.66 92.83 -8.32
C ILE C 173 0.71 92.69 -9.00
N SER C 174 1.69 93.48 -8.56
CA SER C 174 3.00 93.50 -9.22
C SER C 174 3.68 92.14 -9.18
N GLN C 175 3.46 91.39 -8.11
CA GLN C 175 4.17 90.13 -7.95
C GLN C 175 3.71 89.09 -8.97
N HIS C 176 2.53 89.26 -9.55
CA HIS C 176 1.97 88.32 -10.51
C HIS C 176 2.15 88.74 -11.97
N LEU C 177 2.11 90.03 -12.26
CA LEU C 177 2.24 90.49 -13.65
C LEU C 177 3.67 90.37 -14.15
N ASP C 178 3.81 89.99 -15.42
CA ASP C 178 5.15 89.95 -16.00
C ASP C 178 5.69 91.34 -16.26
N PHE C 179 4.82 92.26 -16.69
CA PHE C 179 5.21 93.67 -16.74
C PHE C 179 3.94 94.53 -16.71
N ILE C 180 4.13 95.81 -16.33
CA ILE C 180 3.06 96.78 -16.26
C ILE C 180 3.35 97.92 -17.22
N SER C 181 2.39 98.17 -18.11
CA SER C 181 2.40 99.36 -18.95
C SER C 181 1.62 100.45 -18.21
N ILE C 182 2.32 101.49 -17.77
CA ILE C 182 1.69 102.63 -17.11
C ILE C 182 1.30 103.67 -18.15
N MET C 183 0.02 104.01 -18.20
CA MET C 183 -0.52 104.91 -19.22
C MET C 183 -0.28 106.37 -18.84
N THR C 184 0.99 106.76 -18.91
CA THR C 184 1.46 108.10 -18.56
C THR C 184 1.23 109.09 -19.70
N TYR C 185 -0.05 109.24 -20.05
CA TYR C 185 -0.46 110.26 -21.00
C TYR C 185 -1.90 110.63 -20.67
N ASP C 186 -2.49 111.50 -21.48
CA ASP C 186 -3.87 111.92 -21.29
C ASP C 186 -4.10 112.58 -19.94
N PHE C 187 -3.09 113.30 -19.43
CA PHE C 187 -3.21 114.00 -18.15
C PHE C 187 -4.08 115.26 -18.22
N HIS C 188 -4.21 115.87 -19.38
CA HIS C 188 -4.92 117.12 -19.54
C HIS C 188 -5.90 116.97 -20.67
N GLY C 189 -7.12 117.43 -20.47
CA GLY C 189 -8.12 117.37 -21.51
C GLY C 189 -8.97 118.61 -21.50
N ALA C 190 -9.84 118.71 -22.50
CA ALA C 190 -10.57 119.95 -22.66
C ALA C 190 -11.45 120.25 -21.47
N TRP C 191 -11.87 119.19 -20.75
CA TRP C 191 -12.73 119.38 -19.59
C TRP C 191 -12.06 120.21 -18.50
N ARG C 192 -10.76 120.46 -18.58
CA ARG C 192 -10.16 121.31 -17.57
C ARG C 192 -10.31 122.77 -17.89
N GLY C 193 -10.76 123.11 -19.10
CA GLY C 193 -11.01 124.48 -19.50
C GLY C 193 -9.78 125.32 -19.81
N THR C 194 -8.58 124.74 -19.77
CA THR C 194 -7.36 125.46 -20.06
C THR C 194 -6.48 124.61 -20.97
N THR C 195 -5.56 125.26 -21.68
CA THR C 195 -4.55 124.48 -22.37
C THR C 195 -3.65 123.80 -21.36
N GLY C 196 -3.17 122.62 -21.74
CA GLY C 196 -2.20 121.92 -20.93
C GLY C 196 -1.64 120.75 -21.71
N HIS C 197 -0.35 120.47 -21.53
CA HIS C 197 0.22 119.33 -22.24
C HIS C 197 -0.22 118.03 -21.57
N HIS C 198 -0.64 117.05 -22.39
CA HIS C 198 -1.25 115.84 -21.84
C HIS C 198 -0.25 114.77 -21.43
N SER C 199 1.00 114.87 -21.86
CA SER C 199 2.04 113.92 -21.47
C SER C 199 3.32 114.66 -21.09
N PRO C 200 3.27 115.48 -20.05
CA PRO C 200 4.50 116.13 -19.58
C PRO C 200 5.43 115.16 -18.89
N LEU C 201 6.73 115.33 -19.11
CA LEU C 201 7.68 114.45 -18.45
C LEU C 201 7.76 114.76 -16.97
N PHE C 202 7.93 116.05 -16.61
CA PHE C 202 7.92 116.56 -15.24
C PHE C 202 6.82 117.59 -15.01
N ARG C 203 6.50 117.85 -13.73
CA ARG C 203 5.50 118.87 -13.41
C ARG C 203 5.85 120.20 -14.04
N GLY C 204 7.13 120.53 -14.11
CA GLY C 204 7.53 121.81 -14.64
C GLY C 204 7.23 122.95 -13.68
N GLN C 205 6.98 124.12 -14.26
CA GLN C 205 6.74 125.33 -13.46
C GLN C 205 5.63 125.10 -12.45
N GLU C 206 5.91 125.49 -11.22
CA GLU C 206 5.05 125.20 -10.08
C GLU C 206 3.68 125.88 -10.19
N ASP C 207 3.60 127.03 -10.87
CA ASP C 207 2.31 127.73 -11.01
C ASP C 207 1.44 127.14 -12.10
N ALA C 208 2.05 126.81 -13.23
CA ALA C 208 1.28 126.37 -14.39
C ALA C 208 0.43 125.16 -14.03
N SER C 209 1.04 124.15 -13.39
CA SER C 209 0.36 122.90 -13.08
C SER C 209 -0.88 123.14 -12.21
N PRO C 210 -2.02 122.57 -12.56
CA PRO C 210 -3.17 122.60 -11.65
C PRO C 210 -2.94 121.70 -10.44
N ASP C 211 -2.54 120.44 -10.68
CA ASP C 211 -2.21 119.51 -9.60
C ASP C 211 -0.79 118.98 -9.76
N ARG C 212 -0.23 118.54 -8.64
CA ARG C 212 1.12 118.01 -8.57
C ARG C 212 1.25 116.62 -9.23
N PHE C 213 0.13 116.00 -9.64
CA PHE C 213 0.12 114.59 -10.03
C PHE C 213 0.06 114.33 -11.54
N SER C 214 -0.49 115.25 -12.35
CA SER C 214 -0.76 114.92 -13.76
C SER C 214 0.48 115.10 -14.63
N ASN C 215 1.47 114.24 -14.37
CA ASN C 215 2.68 114.17 -15.18
C ASN C 215 3.27 112.78 -15.03
N THR C 216 4.01 112.34 -16.04
CA THR C 216 4.49 110.97 -16.02
C THR C 216 5.45 110.73 -14.86
N ASP C 217 6.31 111.70 -14.55
CA ASP C 217 7.30 111.49 -13.49
C ASP C 217 6.64 111.14 -12.17
N TYR C 218 5.61 111.88 -11.77
CA TYR C 218 4.93 111.53 -10.52
C TYR C 218 4.32 110.15 -10.61
N ALA C 219 3.71 109.82 -11.75
CA ALA C 219 3.07 108.53 -11.90
C ALA C 219 4.09 107.40 -11.78
N VAL C 220 5.21 107.52 -12.50
CA VAL C 220 6.24 106.49 -12.44
C VAL C 220 6.71 106.30 -11.01
N GLY C 221 7.14 107.37 -10.37
CA GLY C 221 7.62 107.26 -9.00
C GLY C 221 6.56 106.80 -8.02
N TYR C 222 5.29 107.07 -8.30
CA TYR C 222 4.24 106.69 -7.37
C TYR C 222 4.06 105.17 -7.37
N MET C 223 3.96 104.57 -8.56
CA MET C 223 3.80 103.13 -8.65
C MET C 223 5.02 102.42 -8.08
N LEU C 224 6.21 102.96 -8.30
CA LEU C 224 7.39 102.42 -7.63
C LEU C 224 7.20 102.49 -6.12
N ARG C 225 6.71 103.63 -5.62
CA ARG C 225 6.53 103.77 -4.17
C ARG C 225 5.47 102.83 -3.63
N LEU C 226 4.44 102.51 -4.41
CA LEU C 226 3.41 101.59 -3.94
C LEU C 226 3.82 100.13 -4.05
N GLY C 227 5.02 99.86 -4.56
CA GLY C 227 5.58 98.53 -4.61
C GLY C 227 5.70 97.88 -5.96
N ALA C 228 5.52 98.61 -7.07
CA ALA C 228 5.81 98.07 -8.39
C ALA C 228 7.32 97.98 -8.59
N PRO C 229 7.85 96.81 -8.97
CA PRO C 229 9.29 96.73 -9.28
C PRO C 229 9.60 97.51 -10.54
N ALA C 230 10.69 98.28 -10.49
CA ALA C 230 11.09 99.04 -11.67
C ALA C 230 11.32 98.12 -12.86
N SER C 231 11.86 96.92 -12.60
CA SER C 231 12.07 95.93 -13.65
C SER C 231 10.76 95.43 -14.29
N LYS C 232 9.60 95.79 -13.72
CA LYS C 232 8.32 95.43 -14.30
C LYS C 232 7.52 96.63 -14.82
N LEU C 233 8.02 97.86 -14.64
CA LEU C 233 7.36 99.04 -15.15
C LEU C 233 7.78 99.29 -16.59
N VAL C 234 6.78 99.50 -17.44
CA VAL C 234 6.98 99.93 -18.82
C VAL C 234 6.30 101.29 -18.95
N MET C 235 7.07 102.32 -19.30
CA MET C 235 6.56 103.68 -19.27
C MET C 235 5.85 104.03 -20.58
N GLY C 236 4.60 104.49 -20.46
CA GLY C 236 3.82 104.85 -21.64
C GLY C 236 4.34 106.12 -22.28
N ILE C 237 4.52 106.08 -23.60
CA ILE C 237 4.88 107.25 -24.39
C ILE C 237 3.84 107.34 -25.50
N PRO C 238 3.13 108.44 -25.65
CA PRO C 238 2.10 108.54 -26.70
C PRO C 238 2.66 109.00 -28.04
N THR C 239 2.05 108.50 -29.12
CA THR C 239 2.29 109.02 -30.45
C THR C 239 1.10 109.86 -30.93
N PHE C 240 0.37 110.46 -30.02
CA PHE C 240 -0.79 111.25 -30.40
C PHE C 240 -0.80 112.52 -29.56
N GLY C 241 -1.61 113.49 -29.99
CA GLY C 241 -1.75 114.70 -29.20
C GLY C 241 -3.13 115.01 -28.68
N ARG C 242 -3.19 115.78 -27.59
CA ARG C 242 -4.42 116.43 -27.14
C ARG C 242 -4.48 117.84 -27.70
N SER C 243 -5.59 118.18 -28.34
CA SER C 243 -5.75 119.49 -28.96
C SER C 243 -6.88 120.25 -28.25
N PHE C 244 -6.82 121.56 -28.36
CA PHE C 244 -7.82 122.41 -27.74
C PHE C 244 -8.18 123.51 -28.72
N THR C 245 -9.39 124.02 -28.59
CA THR C 245 -9.82 125.23 -29.29
C THR C 245 -9.69 126.43 -28.35
N LEU C 246 -8.83 127.38 -28.73
CA LEU C 246 -8.57 128.55 -27.89
C LEU C 246 -9.76 129.50 -27.84
N ALA C 247 -9.97 130.11 -26.68
CA ALA C 247 -11.05 131.05 -26.48
C ALA C 247 -10.61 132.51 -26.55
N SER C 248 -9.31 132.78 -26.58
CA SER C 248 -8.77 134.13 -26.63
C SER C 248 -7.58 134.17 -27.60
N SER C 249 -6.88 135.29 -27.63
CA SER C 249 -5.65 135.43 -28.42
C SER C 249 -4.42 134.84 -27.74
N GLU C 250 -4.56 134.34 -26.50
CA GLU C 250 -3.47 133.71 -25.78
C GLU C 250 -3.24 132.29 -26.29
N THR C 251 -1.98 131.93 -26.53
CA THR C 251 -1.63 130.59 -27.00
C THR C 251 -0.74 129.83 -26.03
N GLY C 252 -0.42 130.40 -24.88
CA GLY C 252 0.45 129.74 -23.93
C GLY C 252 -0.26 128.63 -23.17
N VAL C 253 0.52 127.97 -22.31
CA VAL C 253 -0.06 127.01 -21.38
C VAL C 253 -1.02 127.71 -20.43
N GLY C 254 -2.17 127.08 -20.20
CA GLY C 254 -3.16 127.65 -19.31
C GLY C 254 -4.11 128.64 -19.95
N ALA C 255 -3.95 128.91 -21.24
CA ALA C 255 -4.83 129.84 -21.95
C ALA C 255 -6.27 129.33 -21.93
N PRO C 256 -7.24 130.23 -21.87
CA PRO C 256 -8.63 129.79 -21.87
C PRO C 256 -8.99 129.13 -23.20
N ILE C 257 -9.77 128.06 -23.10
CA ILE C 257 -10.23 127.29 -24.26
C ILE C 257 -11.74 127.20 -24.21
N SER C 258 -12.34 126.94 -25.36
CA SER C 258 -13.76 126.68 -25.42
C SER C 258 -14.10 125.20 -25.52
N GLY C 259 -13.12 124.34 -25.78
CA GLY C 259 -13.39 122.93 -25.92
C GLY C 259 -12.30 122.23 -26.71
N PRO C 260 -12.55 120.98 -27.07
CA PRO C 260 -11.55 120.19 -27.81
C PRO C 260 -11.15 120.83 -29.13
N GLY C 261 -10.02 120.37 -29.64
CA GLY C 261 -9.57 120.79 -30.94
C GLY C 261 -10.38 120.21 -32.08
N ILE C 262 -10.25 120.85 -33.23
CA ILE C 262 -10.94 120.42 -34.45
C ILE C 262 -10.51 119.01 -34.79
N PRO C 263 -11.42 118.11 -35.15
CA PRO C 263 -11.03 116.73 -35.44
C PRO C 263 -10.01 116.65 -36.56
N GLY C 264 -9.14 115.64 -36.48
CA GLY C 264 -8.21 115.39 -37.55
C GLY C 264 -8.85 114.70 -38.74
N ARG C 265 -8.23 114.89 -39.90
CA ARG C 265 -8.84 114.38 -41.12
C ARG C 265 -8.97 112.86 -41.10
N PHE C 266 -8.06 112.17 -40.43
CA PHE C 266 -8.06 110.70 -40.36
C PHE C 266 -8.59 110.15 -39.05
N THR C 267 -8.14 110.66 -37.90
CA THR C 267 -8.61 110.10 -36.63
C THR C 267 -10.08 110.41 -36.40
N LYS C 268 -10.56 111.55 -36.93
CA LYS C 268 -11.96 111.95 -36.85
C LYS C 268 -12.45 111.98 -35.41
N GLU C 269 -11.53 112.26 -34.48
CA GLU C 269 -11.84 112.37 -33.07
C GLU C 269 -11.48 113.77 -32.61
N ALA C 270 -12.48 114.52 -32.14
CA ALA C 270 -12.26 115.87 -31.64
C ALA C 270 -11.31 115.84 -30.46
N GLY C 271 -10.33 116.76 -30.47
CA GLY C 271 -9.36 116.85 -29.39
C GLY C 271 -8.22 115.85 -29.45
N THR C 272 -8.17 115.01 -30.49
CA THR C 272 -7.12 114.00 -30.64
C THR C 272 -6.53 114.14 -32.04
N LEU C 273 -5.21 114.11 -32.13
CA LEU C 273 -4.54 114.12 -33.43
C LEU C 273 -3.44 113.07 -33.46
N ALA C 274 -3.43 112.25 -34.52
CA ALA C 274 -2.30 111.36 -34.75
C ALA C 274 -1.05 112.17 -35.04
N TYR C 275 0.12 111.56 -34.80
CA TYR C 275 1.35 112.27 -35.08
C TYR C 275 1.45 112.64 -36.56
N TYR C 276 1.08 111.71 -37.45
CA TYR C 276 1.13 112.05 -38.87
C TYR C 276 0.14 113.15 -39.21
N GLU C 277 -0.92 113.28 -38.42
CA GLU C 277 -1.81 114.42 -38.59
C GLU C 277 -1.18 115.70 -38.07
N ILE C 278 -0.39 115.60 -37.01
CA ILE C 278 0.28 116.78 -36.46
C ILE C 278 1.32 117.32 -37.44
N CYS C 279 2.03 116.45 -38.14
CA CYS C 279 2.98 116.91 -39.15
C CYS C 279 2.32 117.81 -40.18
N ASP C 280 1.09 117.47 -40.60
CA ASP C 280 0.30 118.38 -41.44
C ASP C 280 -0.10 119.63 -40.69
N PHE C 281 -0.46 119.48 -39.42
CA PHE C 281 -0.82 120.65 -38.62
C PHE C 281 0.37 121.59 -38.44
N LEU C 282 1.57 121.03 -38.27
CA LEU C 282 2.74 121.87 -38.03
C LEU C 282 3.05 122.80 -39.20
N ARG C 283 2.54 122.53 -40.40
CA ARG C 283 2.74 123.42 -41.53
C ARG C 283 2.11 124.79 -41.29
N GLY C 284 2.95 125.80 -41.09
CA GLY C 284 2.47 127.14 -40.80
C GLY C 284 2.07 127.38 -39.36
N ALA C 285 2.31 126.44 -38.47
CA ALA C 285 2.14 126.66 -37.04
C ALA C 285 3.46 127.05 -36.41
N THR C 286 3.36 127.71 -35.25
CA THR C 286 4.51 128.00 -34.40
C THR C 286 4.57 126.93 -33.31
N VAL C 287 5.74 126.35 -33.10
CA VAL C 287 5.94 125.33 -32.08
C VAL C 287 6.65 125.94 -30.88
N HIS C 288 6.20 125.57 -29.69
CA HIS C 288 6.83 126.01 -28.46
C HIS C 288 7.16 124.78 -27.63
N ARG C 289 8.30 124.80 -26.97
CA ARG C 289 8.70 123.72 -26.08
C ARG C 289 8.54 124.17 -24.63
N ILE C 290 7.72 123.45 -23.86
CA ILE C 290 7.50 123.78 -22.46
C ILE C 290 8.76 123.39 -21.69
N LEU C 291 9.50 124.39 -21.23
CA LEU C 291 10.83 124.16 -20.64
C LEU C 291 10.77 123.17 -19.48
N GLY C 292 9.93 123.42 -18.49
CA GLY C 292 9.99 122.54 -17.34
C GLY C 292 9.35 121.18 -17.54
N GLN C 293 8.61 120.98 -18.61
CA GLN C 293 8.00 119.69 -18.87
C GLN C 293 8.72 118.92 -19.98
N GLN C 294 9.62 119.58 -20.70
CA GLN C 294 10.47 118.93 -21.70
C GLN C 294 9.64 118.31 -22.81
N VAL C 295 8.54 118.98 -23.16
CA VAL C 295 7.64 118.51 -24.22
C VAL C 295 7.11 119.71 -24.99
N PRO C 296 6.88 119.52 -26.29
CA PRO C 296 6.40 120.63 -27.13
C PRO C 296 4.88 120.74 -27.21
N TYR C 297 4.43 121.93 -27.60
CA TYR C 297 3.08 122.12 -28.09
C TYR C 297 3.14 122.98 -29.35
N ALA C 298 2.08 122.93 -30.14
CA ALA C 298 2.01 123.72 -31.36
C ALA C 298 0.68 124.46 -31.43
N THR C 299 0.73 125.66 -32.02
CA THR C 299 -0.46 126.50 -32.21
C THR C 299 -0.54 127.00 -33.64
N LYS C 300 -1.75 127.03 -34.17
CA LYS C 300 -2.00 127.59 -35.50
C LYS C 300 -3.43 128.10 -35.49
N GLY C 301 -3.60 129.42 -35.63
CA GLY C 301 -4.92 129.98 -35.47
C GLY C 301 -5.45 129.70 -34.08
N ASN C 302 -6.68 129.20 -34.01
CA ASN C 302 -7.35 128.92 -32.75
C ASN C 302 -7.10 127.52 -32.22
N GLN C 303 -6.14 126.80 -32.80
CA GLN C 303 -5.82 125.43 -32.44
C GLN C 303 -4.52 125.36 -31.66
N TRP C 304 -4.54 124.55 -30.60
CA TRP C 304 -3.44 124.33 -29.66
C TRP C 304 -3.34 122.83 -29.46
N VAL C 305 -2.15 122.25 -29.68
CA VAL C 305 -1.96 120.82 -29.59
C VAL C 305 -0.76 120.52 -28.73
N GLY C 306 -0.96 119.70 -27.69
CA GLY C 306 0.14 119.20 -26.90
C GLY C 306 0.47 117.77 -27.34
N TYR C 307 1.74 117.56 -27.64
CA TYR C 307 2.14 116.31 -28.26
C TYR C 307 3.59 116.00 -27.91
N ASP C 308 4.02 114.80 -28.26
CA ASP C 308 5.42 114.42 -28.18
C ASP C 308 6.05 114.49 -29.55
N ASP C 309 7.33 114.87 -29.61
CA ASP C 309 8.08 114.82 -30.85
C ASP C 309 9.34 114.00 -30.61
N GLN C 310 10.17 113.90 -31.65
CA GLN C 310 11.33 113.02 -31.61
C GLN C 310 12.30 113.39 -30.48
N GLU C 311 12.37 114.68 -30.12
CA GLU C 311 13.26 115.17 -29.09
C GLU C 311 12.73 114.87 -27.70
N SER C 312 11.45 115.21 -27.44
CA SER C 312 10.86 114.95 -26.14
C SER C 312 10.78 113.47 -25.87
N VAL C 313 10.58 112.69 -26.93
CA VAL C 313 10.58 111.24 -26.83
C VAL C 313 11.92 110.72 -26.32
N LYS C 314 13.03 111.28 -26.81
CA LYS C 314 14.34 110.88 -26.32
C LYS C 314 14.52 111.23 -24.84
N SER C 315 14.05 112.41 -24.45
CA SER C 315 14.12 112.81 -23.05
C SER C 315 13.37 111.82 -22.15
N LYS C 316 12.21 111.33 -22.60
CA LYS C 316 11.47 110.36 -21.80
C LYS C 316 12.22 109.03 -21.66
N VAL C 317 12.86 108.56 -22.75
CA VAL C 317 13.64 107.33 -22.68
C VAL C 317 14.84 107.53 -21.76
N GLN C 318 15.47 108.70 -21.83
CA GLN C 318 16.55 109.02 -20.91
C GLN C 318 16.07 108.91 -19.47
N TYR C 319 14.91 109.50 -19.18
CA TYR C 319 14.34 109.45 -17.84
C TYR C 319 14.13 108.02 -17.39
N LEU C 320 13.53 107.19 -18.28
CA LEU C 320 13.20 105.81 -17.90
C LEU C 320 14.44 104.94 -17.85
N LYS C 321 15.45 105.20 -18.69
CA LYS C 321 16.66 104.41 -18.60
C LYS C 321 17.37 104.69 -17.29
N ASP C 322 17.47 105.97 -16.91
CA ASP C 322 18.07 106.30 -15.64
C ASP C 322 17.33 105.66 -14.47
N ARG C 323 16.01 105.52 -14.59
CA ARG C 323 15.19 104.85 -13.59
C ARG C 323 15.32 103.33 -13.62
N GLN C 324 16.00 102.79 -14.63
CA GLN C 324 16.14 101.35 -14.78
C GLN C 324 14.77 100.69 -14.78
N LEU C 325 13.83 101.32 -15.49
CA LEU C 325 12.52 100.77 -15.74
C LEU C 325 12.62 99.62 -16.74
N ALA C 326 11.54 98.86 -16.86
CA ALA C 326 11.56 97.74 -17.79
C ALA C 326 11.64 98.19 -19.24
N GLY C 327 11.19 99.40 -19.54
CA GLY C 327 11.25 99.87 -20.90
C GLY C 327 10.11 100.82 -21.16
N ALA C 328 9.83 101.02 -22.44
CA ALA C 328 8.86 102.00 -22.89
C ALA C 328 7.68 101.29 -23.54
N MET C 329 6.49 101.84 -23.33
CA MET C 329 5.29 101.36 -24.00
C MET C 329 4.81 102.48 -24.91
N VAL C 330 4.49 102.15 -26.17
CA VAL C 330 4.07 103.14 -27.14
C VAL C 330 2.59 102.96 -27.34
N TRP C 331 1.83 104.03 -27.16
CA TRP C 331 0.44 104.06 -27.57
C TRP C 331 0.30 105.20 -28.58
N ALA C 332 0.06 104.87 -29.84
CA ALA C 332 -0.05 103.54 -30.43
C ALA C 332 0.55 103.56 -31.83
N LEU C 333 0.93 102.38 -32.32
CA LEU C 333 1.62 102.27 -33.59
C LEU C 333 0.82 102.87 -34.74
N ASP C 334 -0.50 102.73 -34.68
CA ASP C 334 -1.33 103.24 -35.76
C ASP C 334 -1.45 104.75 -35.74
N LEU C 335 -0.94 105.41 -34.70
CA LEU C 335 -0.96 106.87 -34.65
C LEU C 335 0.40 107.48 -34.97
N ASP C 336 1.47 106.69 -34.91
CA ASP C 336 2.74 107.10 -35.49
C ASP C 336 2.60 107.23 -37.01
N ASP C 337 3.58 107.88 -37.64
CA ASP C 337 3.59 108.00 -39.10
C ASP C 337 4.09 106.68 -39.70
N PHE C 338 3.22 105.67 -39.65
CA PHE C 338 3.59 104.36 -40.18
C PHE C 338 3.74 104.41 -41.69
N GLN C 339 3.11 105.38 -42.36
CA GLN C 339 3.28 105.51 -43.80
C GLN C 339 4.66 106.08 -44.14
N GLY C 340 5.19 106.98 -43.33
CA GLY C 340 6.47 107.59 -43.60
C GLY C 340 6.49 108.62 -44.70
N SER C 341 5.34 108.95 -45.27
CA SER C 341 5.21 109.90 -46.35
C SER C 341 4.50 111.16 -45.90
N PHE C 342 3.93 111.15 -44.70
CA PHE C 342 3.15 112.24 -44.16
C PHE C 342 3.99 113.26 -43.41
N CYS C 343 4.99 112.79 -42.69
CA CYS C 343 5.71 113.64 -41.76
C CYS C 343 6.97 114.24 -42.37
N GLY C 344 7.12 114.23 -43.69
CA GLY C 344 8.38 114.56 -44.32
C GLY C 344 9.38 113.45 -44.06
N GLN C 345 10.54 113.50 -44.73
CA GLN C 345 11.57 112.46 -44.63
C GLN C 345 11.12 111.13 -45.22
N ASP C 346 12.03 110.16 -45.30
CA ASP C 346 11.79 108.91 -45.98
C ASP C 346 11.23 107.80 -45.11
N LEU C 347 11.28 107.94 -43.79
CA LEU C 347 11.18 106.80 -42.90
C LEU C 347 9.82 106.69 -42.21
N ARG C 348 9.39 105.44 -42.10
CA ARG C 348 8.21 105.03 -41.35
C ARG C 348 8.48 105.06 -39.84
N PHE C 349 7.42 105.21 -39.06
CA PHE C 349 7.48 105.18 -37.60
C PHE C 349 8.53 106.10 -36.99
N PRO C 350 8.50 107.40 -37.30
CA PRO C 350 9.56 108.29 -36.80
C PRO C 350 9.60 108.39 -35.28
N LEU C 351 8.45 108.34 -34.59
CA LEU C 351 8.47 108.40 -33.13
C LEU C 351 8.93 107.09 -32.52
N THR C 352 8.30 105.98 -32.88
CA THR C 352 8.66 104.75 -32.19
C THR C 352 10.08 104.31 -32.56
N ASN C 353 10.54 104.61 -33.78
CA ASN C 353 11.94 104.36 -34.08
C ASN C 353 12.86 105.22 -33.24
N ALA C 354 12.48 106.47 -32.99
CA ALA C 354 13.27 107.31 -32.09
C ALA C 354 13.34 106.69 -30.70
N ILE C 355 12.24 106.09 -30.23
CA ILE C 355 12.26 105.40 -28.95
C ILE C 355 13.21 104.21 -29.03
N LYS C 356 13.04 103.37 -30.04
CA LYS C 356 13.90 102.22 -30.22
C LYS C 356 15.37 102.64 -30.23
N ASP C 357 15.69 103.69 -30.97
CA ASP C 357 17.07 104.15 -31.06
C ASP C 357 17.56 104.69 -29.72
N ALA C 358 16.68 105.42 -29.01
CA ALA C 358 17.07 105.97 -27.72
C ALA C 358 17.29 104.88 -26.67
N LEU C 359 16.50 103.80 -26.72
CA LEU C 359 16.72 102.69 -25.80
C LEU C 359 18.01 101.94 -26.11
N ALA C 360 18.41 101.89 -27.38
CA ALA C 360 19.61 101.17 -27.78
C ALA C 360 20.87 102.00 -27.60
N ALA C 361 20.75 103.33 -27.63
CA ALA C 361 21.92 104.16 -27.40
C ALA C 361 22.44 103.97 -25.98
N THR C 362 23.77 104.04 -25.85
CA THR C 362 24.41 103.87 -24.55
C THR C 362 24.43 105.19 -23.77
N TYR D 1 27.73 -57.50 18.44
CA TYR D 1 27.95 -58.41 17.33
C TYR D 1 26.72 -58.54 16.47
N LYS D 2 26.94 -58.73 15.18
CA LYS D 2 25.89 -59.02 14.22
C LYS D 2 25.54 -60.49 14.24
N LEU D 3 24.24 -60.78 14.26
CA LEU D 3 23.73 -62.12 14.00
C LEU D 3 22.90 -62.08 12.72
N VAL D 4 23.49 -62.54 11.62
CA VAL D 4 22.89 -62.44 10.29
C VAL D 4 22.30 -63.79 9.93
N CYS D 5 20.99 -63.86 9.74
CA CYS D 5 20.27 -65.12 9.59
C CYS D 5 19.56 -65.16 8.24
N TYR D 6 19.84 -66.17 7.43
CA TYR D 6 19.14 -66.30 6.15
C TYR D 6 17.79 -67.01 6.35
N TYR D 7 16.80 -66.57 5.59
CA TYR D 7 15.53 -67.28 5.41
C TYR D 7 15.37 -67.59 3.93
N THR D 8 15.02 -68.84 3.63
CA THR D 8 14.92 -69.30 2.24
C THR D 8 13.45 -69.46 1.82
N SER D 9 13.11 -68.89 0.66
CA SER D 9 11.71 -68.84 0.23
C SER D 9 11.13 -70.23 0.04
N TRP D 10 11.95 -71.20 -0.38
CA TRP D 10 11.43 -72.53 -0.71
C TRP D 10 11.10 -73.35 0.53
N SER D 11 11.44 -72.87 1.72
CA SER D 11 11.14 -73.64 2.94
C SER D 11 9.67 -73.62 3.31
N GLN D 12 8.85 -73.07 2.42
CA GLN D 12 7.41 -73.03 2.62
C GLN D 12 6.72 -74.25 2.05
N TYR D 13 7.39 -74.96 1.15
CA TYR D 13 6.79 -76.10 0.50
C TYR D 13 7.06 -77.41 1.24
N ARG D 14 7.74 -77.38 2.38
CA ARG D 14 7.97 -78.61 3.11
C ARG D 14 6.68 -79.05 3.78
N GLU D 15 6.48 -80.37 3.88
CA GLU D 15 5.20 -80.88 4.35
C GLU D 15 5.01 -80.58 5.83
N GLY D 16 3.75 -80.40 6.22
CA GLY D 16 3.41 -80.35 7.64
C GLY D 16 4.26 -79.35 8.38
N ASP D 17 4.80 -79.78 9.53
CA ASP D 17 5.63 -78.90 10.33
C ASP D 17 6.95 -78.52 9.69
N GLY D 18 7.28 -79.10 8.53
CA GLY D 18 8.46 -78.63 7.82
C GLY D 18 8.27 -77.30 7.14
N SER D 19 7.02 -76.92 6.88
CA SER D 19 6.72 -75.64 6.24
C SER D 19 7.08 -74.46 7.15
N CYS D 20 7.85 -73.52 6.59
CA CYS D 20 8.35 -72.35 7.30
C CYS D 20 8.02 -71.07 6.55
N PHE D 21 7.25 -70.20 7.20
CA PHE D 21 6.95 -68.90 6.64
C PHE D 21 7.55 -67.80 7.50
N PRO D 22 7.85 -66.63 6.92
CA PRO D 22 8.58 -65.60 7.68
C PRO D 22 7.84 -65.16 8.93
N ASP D 23 6.52 -65.29 8.98
CA ASP D 23 5.81 -64.88 10.18
C ASP D 23 6.11 -65.81 11.37
N ALA D 24 6.77 -66.95 11.13
CA ALA D 24 7.18 -67.87 12.18
C ALA D 24 8.56 -67.55 12.76
N LEU D 25 9.17 -66.43 12.37
CA LEU D 25 10.52 -66.10 12.81
C LEU D 25 10.45 -65.19 14.02
N ASP D 26 11.38 -65.38 14.96
CA ASP D 26 11.47 -64.55 16.15
C ASP D 26 12.08 -63.21 15.79
N ARG D 27 11.34 -62.11 16.04
CA ARG D 27 11.84 -60.80 15.66
C ARG D 27 13.12 -60.44 16.39
N PHE D 28 13.29 -60.92 17.61
CA PHE D 28 14.40 -60.50 18.44
C PHE D 28 15.51 -61.52 18.47
N LEU D 29 15.44 -62.50 17.57
CA LEU D 29 16.47 -63.52 17.53
C LEU D 29 17.73 -62.99 16.85
N CYS D 30 17.57 -62.35 15.69
CA CYS D 30 18.71 -61.94 14.88
C CYS D 30 18.75 -60.42 14.73
N THR D 31 19.95 -59.91 14.42
CA THR D 31 20.11 -58.49 14.11
C THR D 31 19.77 -58.20 12.65
N HIS D 32 20.06 -59.13 11.77
CA HIS D 32 19.76 -59.00 10.35
C HIS D 32 19.13 -60.30 9.89
N ILE D 33 18.07 -60.21 9.10
CA ILE D 33 17.47 -61.35 8.43
C ILE D 33 17.56 -61.12 6.93
N ILE D 34 18.09 -62.10 6.20
CA ILE D 34 18.26 -61.97 4.76
C ILE D 34 17.33 -62.95 4.06
N TYR D 35 16.49 -62.43 3.17
CA TYR D 35 15.56 -63.24 2.38
C TYR D 35 16.26 -63.73 1.10
N SER D 36 16.21 -65.04 0.88
CA SER D 36 16.85 -65.69 -0.26
C SER D 36 15.81 -66.42 -1.10
N PHE D 37 15.79 -66.15 -2.41
CA PHE D 37 16.63 -65.26 -3.23
C PHE D 37 15.78 -64.41 -4.18
N ALA D 38 16.27 -63.24 -4.57
CA ALA D 38 15.65 -62.49 -5.66
C ALA D 38 16.25 -62.87 -7.00
N ASN D 39 15.47 -62.63 -8.05
CA ASN D 39 15.88 -62.91 -9.41
C ASN D 39 16.48 -61.65 -10.01
N ILE D 40 17.02 -61.76 -11.23
CA ILE D 40 17.26 -60.60 -12.09
C ILE D 40 16.60 -60.91 -13.42
N SER D 41 15.51 -60.21 -13.73
CA SER D 41 14.71 -60.48 -14.91
C SER D 41 14.69 -59.22 -15.78
N ASN D 42 15.09 -59.36 -17.03
CA ASN D 42 15.19 -58.23 -17.93
C ASN D 42 16.07 -57.14 -17.31
N ASP D 43 17.22 -57.57 -16.77
CA ASP D 43 18.22 -56.70 -16.15
C ASP D 43 17.69 -55.88 -14.97
N HIS D 44 16.50 -56.19 -14.46
CA HIS D 44 15.99 -55.59 -13.24
C HIS D 44 16.03 -56.61 -12.13
N ILE D 45 16.35 -56.19 -10.91
CA ILE D 45 16.05 -57.03 -9.76
C ILE D 45 14.56 -57.31 -9.75
N ASP D 46 14.19 -58.55 -9.44
CA ASP D 46 12.79 -58.92 -9.52
C ASP D 46 12.51 -60.10 -8.59
N THR D 47 11.23 -60.35 -8.40
CA THR D 47 10.75 -61.39 -7.52
C THR D 47 11.08 -62.78 -8.11
N TRP D 48 11.13 -63.79 -7.22
CA TRP D 48 11.40 -65.18 -7.62
C TRP D 48 10.21 -66.10 -7.40
N GLU D 49 9.79 -66.31 -6.15
CA GLU D 49 8.65 -67.18 -5.92
C GLU D 49 7.36 -66.39 -6.13
N TRP D 50 6.27 -67.11 -6.40
CA TRP D 50 5.03 -66.39 -6.70
C TRP D 50 4.60 -65.52 -5.53
N ASN D 51 4.67 -66.04 -4.31
CA ASN D 51 4.23 -65.28 -3.15
C ASN D 51 5.35 -64.45 -2.51
N ASP D 52 6.50 -64.28 -3.20
CA ASP D 52 7.58 -63.47 -2.62
C ASP D 52 7.07 -62.14 -2.08
N VAL D 53 6.27 -61.43 -2.87
CA VAL D 53 5.85 -60.09 -2.48
C VAL D 53 5.04 -60.15 -1.19
N THR D 54 4.13 -61.11 -1.07
CA THR D 54 3.35 -61.20 0.16
C THR D 54 4.23 -61.65 1.34
N LEU D 55 5.25 -62.48 1.05
CA LEU D 55 6.18 -62.93 2.09
C LEU D 55 7.16 -61.82 2.50
N TYR D 56 7.61 -61.00 1.54
CA TYR D 56 8.35 -59.79 1.92
C TYR D 56 7.61 -59.05 3.02
N GLY D 57 6.30 -58.87 2.83
CA GLY D 57 5.49 -58.24 3.85
C GLY D 57 5.56 -58.94 5.19
N MET D 58 5.41 -60.28 5.20
CA MET D 58 5.50 -61.01 6.46
C MET D 58 6.81 -60.72 7.18
N LEU D 59 7.91 -60.76 6.46
CA LEU D 59 9.21 -60.55 7.08
C LEU D 59 9.34 -59.12 7.60
N ASN D 60 9.00 -58.14 6.77
CA ASN D 60 9.26 -56.76 7.12
C ASN D 60 8.27 -56.21 8.16
N THR D 61 7.10 -56.82 8.33
CA THR D 61 6.24 -56.43 9.45
C THR D 61 6.82 -56.86 10.80
N LEU D 62 7.81 -57.77 10.80
CA LEU D 62 8.45 -58.16 12.06
C LEU D 62 9.17 -56.98 12.68
N LYS D 63 9.65 -56.05 11.85
CA LYS D 63 10.39 -54.89 12.31
C LYS D 63 9.53 -53.86 13.04
N ASN D 64 8.21 -53.98 12.97
CA ASN D 64 7.35 -52.99 13.63
C ASN D 64 7.60 -52.97 15.13
N ARG D 65 7.77 -54.15 15.73
CA ARG D 65 8.02 -54.24 17.17
C ARG D 65 9.50 -54.24 17.51
N ASN D 66 10.37 -54.48 16.54
CA ASN D 66 11.82 -54.44 16.75
C ASN D 66 12.42 -53.52 15.69
N PRO D 67 12.38 -52.21 15.92
CA PRO D 67 12.89 -51.28 14.90
C PRO D 67 14.35 -51.51 14.53
N ASN D 68 15.14 -52.07 15.45
CA ASN D 68 16.55 -52.31 15.16
C ASN D 68 16.79 -53.50 14.22
N LEU D 69 15.80 -54.38 14.07
CA LEU D 69 15.95 -55.49 13.13
C LEU D 69 16.11 -54.96 11.72
N LYS D 70 17.20 -55.35 11.07
CA LYS D 70 17.50 -54.91 9.71
C LYS D 70 17.29 -56.09 8.77
N THR D 71 16.71 -55.85 7.61
CA THR D 71 16.43 -56.94 6.69
C THR D 71 17.04 -56.64 5.34
N LEU D 72 17.57 -57.67 4.70
CA LEU D 72 18.14 -57.53 3.38
C LEU D 72 17.54 -58.55 2.43
N LEU D 73 17.54 -58.23 1.15
CA LEU D 73 17.15 -59.15 0.08
C LEU D 73 18.40 -59.61 -0.67
N SER D 74 18.51 -60.93 -0.86
CA SER D 74 19.68 -61.52 -1.48
C SER D 74 19.40 -61.84 -2.95
N VAL D 75 20.30 -61.42 -3.83
CA VAL D 75 20.14 -61.61 -5.28
C VAL D 75 21.08 -62.72 -5.71
N GLY D 76 20.51 -63.78 -6.28
CA GLY D 76 21.31 -64.83 -6.88
C GLY D 76 20.93 -66.21 -6.41
N GLY D 77 21.87 -66.90 -5.77
CA GLY D 77 21.65 -68.26 -5.36
C GLY D 77 22.13 -69.28 -6.38
N TRP D 78 21.98 -70.55 -5.99
CA TRP D 78 22.48 -71.67 -6.76
C TRP D 78 21.75 -71.82 -8.07
N ASN D 79 20.42 -71.72 -8.04
CA ASN D 79 19.63 -71.88 -9.26
C ASN D 79 19.62 -70.62 -10.15
N PHE D 80 20.24 -69.52 -9.77
CA PHE D 80 20.30 -68.40 -10.70
C PHE D 80 21.13 -68.77 -11.91
N GLY D 81 22.27 -69.41 -11.69
CA GLY D 81 23.21 -69.78 -12.73
C GLY D 81 24.17 -68.65 -13.02
N SER D 82 25.47 -68.86 -12.70
CA SER D 82 26.43 -67.78 -12.78
C SER D 82 26.51 -67.17 -14.18
N GLN D 83 26.28 -67.98 -15.22
CA GLN D 83 26.35 -67.48 -16.59
C GLN D 83 25.45 -66.27 -16.77
N ARG D 84 24.19 -66.39 -16.33
CA ARG D 84 23.26 -65.27 -16.47
C ARG D 84 23.72 -64.10 -15.60
N PHE D 85 24.19 -64.38 -14.38
CA PHE D 85 24.70 -63.31 -13.53
C PHE D 85 25.93 -62.65 -14.15
N SER D 86 26.76 -63.43 -14.85
CA SER D 86 27.90 -62.83 -15.52
C SER D 86 27.45 -61.92 -16.65
N LYS D 87 26.54 -62.41 -17.50
CA LYS D 87 26.04 -61.62 -18.62
C LYS D 87 25.53 -60.26 -18.17
N ILE D 88 24.93 -60.20 -16.98
CA ILE D 88 24.46 -58.92 -16.45
C ILE D 88 25.64 -58.09 -15.93
N ALA D 89 26.55 -58.71 -15.18
CA ALA D 89 27.63 -57.94 -14.57
C ALA D 89 28.67 -57.47 -15.58
N SER D 90 28.85 -58.21 -16.67
CA SER D 90 29.87 -57.87 -17.66
C SER D 90 29.42 -56.77 -18.61
N ASN D 91 28.11 -56.65 -18.86
CA ASN D 91 27.57 -55.63 -19.75
C ASN D 91 27.41 -54.33 -18.97
N THR D 92 28.03 -53.26 -19.47
CA THR D 92 27.99 -51.97 -18.77
C THR D 92 26.56 -51.41 -18.68
N GLN D 93 25.75 -51.64 -19.71
CA GLN D 93 24.35 -51.21 -19.65
C GLN D 93 23.57 -52.05 -18.66
N SER D 94 23.74 -53.37 -18.69
CA SER D 94 23.00 -54.25 -17.80
C SER D 94 23.27 -53.91 -16.34
N ARG D 95 24.52 -53.59 -16.00
CA ARG D 95 24.84 -53.19 -14.62
C ARG D 95 24.03 -51.97 -14.23
N ARG D 96 24.02 -50.96 -15.10
CA ARG D 96 23.35 -49.71 -14.77
C ARG D 96 21.86 -49.93 -14.53
N THR D 97 21.18 -50.52 -15.50
CA THR D 97 19.75 -50.75 -15.31
C THR D 97 19.50 -51.63 -14.08
N PHE D 98 20.36 -52.64 -13.85
CA PHE D 98 20.26 -53.46 -12.64
C PHE D 98 20.48 -52.63 -11.39
N ILE D 99 21.61 -51.93 -11.33
CA ILE D 99 21.93 -51.13 -10.14
C ILE D 99 20.86 -50.07 -9.88
N LYS D 100 20.36 -49.44 -10.94
CA LYS D 100 19.34 -48.43 -10.75
C LYS D 100 18.00 -49.02 -10.34
N SER D 101 17.81 -50.32 -10.59
CA SER D 101 16.56 -50.98 -10.28
C SER D 101 16.45 -51.41 -8.83
N VAL D 102 17.60 -51.65 -8.17
CA VAL D 102 17.61 -52.22 -6.83
C VAL D 102 17.06 -51.25 -5.79
N PRO D 103 17.59 -50.03 -5.65
CA PRO D 103 17.15 -49.17 -4.54
C PRO D 103 15.65 -48.94 -4.53
N PRO D 104 15.00 -48.60 -5.67
CA PRO D 104 13.52 -48.51 -5.62
C PRO D 104 12.85 -49.81 -5.25
N PHE D 105 13.31 -50.95 -5.78
CA PHE D 105 12.70 -52.25 -5.45
C PHE D 105 12.82 -52.60 -3.97
N LEU D 106 14.00 -52.38 -3.39
CA LEU D 106 14.17 -52.68 -1.98
C LEU D 106 13.22 -51.84 -1.14
N ARG D 107 13.16 -50.53 -1.42
CA ARG D 107 12.37 -49.64 -0.58
C ARG D 107 10.88 -49.88 -0.71
N THR D 108 10.38 -50.14 -1.92
CA THR D 108 8.94 -50.37 -2.05
C THR D 108 8.48 -51.55 -1.20
N HIS D 109 9.33 -52.58 -1.08
CA HIS D 109 9.01 -53.77 -0.30
C HIS D 109 9.64 -53.78 1.10
N GLY D 110 10.26 -52.68 1.52
CA GLY D 110 10.68 -52.53 2.91
C GLY D 110 11.98 -53.21 3.33
N PHE D 111 12.87 -53.50 2.39
CA PHE D 111 14.18 -54.02 2.76
C PHE D 111 15.18 -52.89 3.05
N ASP D 112 16.10 -53.18 3.97
CA ASP D 112 17.14 -52.24 4.36
C ASP D 112 18.41 -52.37 3.53
N GLY D 113 18.54 -53.41 2.72
CA GLY D 113 19.75 -53.53 1.93
C GLY D 113 19.74 -54.73 1.01
N LEU D 114 20.81 -54.82 0.23
CA LEU D 114 21.02 -55.85 -0.76
C LEU D 114 22.14 -56.76 -0.29
N ASP D 115 21.99 -58.05 -0.54
CA ASP D 115 23.02 -59.03 -0.23
C ASP D 115 23.33 -59.75 -1.52
N LEU D 116 24.52 -59.52 -2.08
CA LEU D 116 24.92 -60.16 -3.32
C LEU D 116 25.35 -61.60 -3.06
N ALA D 117 24.71 -62.55 -3.75
CA ALA D 117 24.97 -63.97 -3.61
C ALA D 117 25.24 -64.57 -4.99
N TRP D 118 26.26 -64.05 -5.65
CA TRP D 118 26.74 -64.64 -6.89
C TRP D 118 27.56 -65.88 -6.52
N LEU D 119 26.96 -67.05 -6.69
CA LEU D 119 27.53 -68.34 -6.27
C LEU D 119 27.76 -69.20 -7.51
N TYR D 120 28.89 -69.02 -8.17
CA TYR D 120 30.03 -68.24 -7.72
C TYR D 120 30.63 -67.55 -8.92
N PRO D 121 31.24 -66.37 -8.73
CA PRO D 121 31.88 -65.67 -9.85
C PRO D 121 32.99 -66.52 -10.44
N GLY D 122 33.33 -66.27 -11.70
CA GLY D 122 34.42 -66.97 -12.32
C GLY D 122 35.72 -66.20 -12.15
N ARG D 123 36.83 -66.79 -12.60
CA ARG D 123 38.06 -65.99 -12.60
C ARG D 123 37.92 -64.83 -13.55
N ARG D 124 37.09 -64.98 -14.58
CA ARG D 124 36.93 -63.89 -15.52
C ARG D 124 35.90 -62.90 -15.02
N ASP D 125 35.17 -63.25 -13.96
CA ASP D 125 34.17 -62.38 -13.40
C ASP D 125 34.66 -61.71 -12.12
N LYS D 126 35.96 -61.82 -11.82
CA LYS D 126 36.48 -61.24 -10.59
C LYS D 126 36.50 -59.73 -10.67
N GLN D 127 36.96 -59.20 -11.80
CA GLN D 127 36.94 -57.76 -12.01
C GLN D 127 35.51 -57.26 -12.14
N HIS D 128 34.67 -58.02 -12.85
CA HIS D 128 33.26 -57.64 -12.95
C HIS D 128 32.60 -57.62 -11.58
N PHE D 129 32.93 -58.60 -10.73
CA PHE D 129 32.41 -58.62 -9.38
C PHE D 129 32.87 -57.39 -8.59
N THR D 130 34.12 -56.96 -8.82
CA THR D 130 34.63 -55.80 -8.09
C THR D 130 33.90 -54.53 -8.51
N THR D 131 33.81 -54.28 -9.83
CA THR D 131 33.12 -53.08 -10.28
C THR D 131 31.62 -53.14 -9.97
N LEU D 132 31.01 -54.34 -10.05
CA LEU D 132 29.62 -54.45 -9.63
C LEU D 132 29.46 -54.05 -8.16
N ILE D 133 30.29 -54.60 -7.28
CA ILE D 133 30.20 -54.28 -5.86
C ILE D 133 30.40 -52.78 -5.65
N LYS D 134 31.43 -52.21 -6.29
CA LYS D 134 31.77 -50.80 -6.11
C LYS D 134 30.64 -49.88 -6.57
N GLU D 135 30.12 -50.12 -7.77
CA GLU D 135 29.05 -49.28 -8.30
C GLU D 135 27.74 -49.47 -7.54
N MET D 136 27.48 -50.66 -7.00
CA MET D 136 26.31 -50.81 -6.14
C MET D 136 26.41 -49.92 -4.92
N LYS D 137 27.50 -50.06 -4.15
CA LYS D 137 27.68 -49.19 -3.00
C LYS D 137 27.70 -47.73 -3.43
N ALA D 138 28.24 -47.44 -4.61
CA ALA D 138 28.24 -46.08 -5.12
C ALA D 138 26.81 -45.54 -5.23
N GLU D 139 25.93 -46.28 -5.90
CA GLU D 139 24.57 -45.79 -6.09
C GLU D 139 23.83 -45.71 -4.77
N PHE D 140 24.09 -46.64 -3.85
CA PHE D 140 23.43 -46.57 -2.54
C PHE D 140 23.80 -45.28 -1.82
N ILE D 141 25.04 -44.83 -1.99
CA ILE D 141 25.50 -43.58 -1.38
C ILE D 141 24.88 -42.38 -2.07
N LYS D 142 24.91 -42.37 -3.41
CA LYS D 142 24.34 -41.24 -4.14
C LYS D 142 22.86 -41.09 -3.85
N GLU D 143 22.15 -42.21 -3.75
CA GLU D 143 20.70 -42.23 -3.56
C GLU D 143 20.27 -41.70 -2.19
N ALA D 144 21.15 -41.68 -1.20
CA ALA D 144 20.80 -41.30 0.17
C ALA D 144 20.44 -39.83 0.29
N GLN D 145 19.34 -39.57 0.98
CA GLN D 145 18.86 -38.24 1.29
C GLN D 145 18.54 -38.18 2.78
N PRO D 146 18.42 -36.99 3.37
CA PRO D 146 17.84 -36.89 4.71
C PRO D 146 16.47 -37.54 4.72
N GLY D 147 16.26 -38.50 5.61
CA GLY D 147 15.06 -39.28 5.67
C GLY D 147 15.13 -40.61 4.93
N LYS D 148 16.04 -40.77 3.97
CA LYS D 148 16.33 -42.07 3.39
C LYS D 148 17.64 -42.57 3.99
N LYS D 149 17.57 -43.61 4.82
CA LYS D 149 18.80 -44.19 5.32
C LYS D 149 19.52 -44.88 4.18
N GLN D 150 20.84 -44.74 4.13
CA GLN D 150 21.61 -45.43 3.12
C GLN D 150 21.40 -46.95 3.19
N LEU D 151 21.21 -47.54 2.00
CA LEU D 151 20.97 -48.99 1.87
C LEU D 151 22.23 -49.80 2.17
N LEU D 152 22.06 -50.95 2.83
CA LEU D 152 23.18 -51.82 3.15
C LEU D 152 23.56 -52.70 1.96
N LEU D 153 24.85 -52.96 1.81
CA LEU D 153 25.36 -53.86 0.77
C LEU D 153 26.26 -54.90 1.43
N SER D 154 25.84 -56.16 1.38
CA SER D 154 26.63 -57.30 1.83
C SER D 154 26.74 -58.33 0.73
N ALA D 155 27.60 -59.32 0.94
CA ALA D 155 27.75 -60.40 -0.01
C ALA D 155 28.02 -61.71 0.71
N ALA D 156 27.45 -62.80 0.19
CA ALA D 156 27.82 -64.14 0.63
C ALA D 156 28.99 -64.63 -0.22
N LEU D 157 30.13 -64.90 0.44
CA LEU D 157 31.35 -65.33 -0.24
C LEU D 157 31.67 -66.78 0.15
N SER D 158 32.29 -67.51 -0.79
CA SER D 158 32.74 -68.88 -0.52
C SER D 158 33.85 -68.92 0.52
N ALA D 159 33.85 -69.98 1.34
CA ALA D 159 34.96 -70.27 2.24
C ALA D 159 36.02 -71.16 1.60
N GLY D 160 35.81 -71.59 0.35
CA GLY D 160 36.75 -72.46 -0.32
C GLY D 160 37.93 -71.69 -0.86
N LYS D 161 39.14 -72.12 -0.50
CA LYS D 161 40.32 -71.41 -0.98
C LYS D 161 40.35 -71.29 -2.49
N VAL D 162 40.00 -72.36 -3.21
CA VAL D 162 40.16 -72.35 -4.66
C VAL D 162 39.29 -71.27 -5.31
N THR D 163 37.99 -71.24 -4.97
CA THR D 163 37.12 -70.24 -5.59
C THR D 163 37.48 -68.83 -5.13
N ILE D 164 37.85 -68.66 -3.85
CA ILE D 164 38.30 -67.35 -3.39
C ILE D 164 39.46 -66.87 -4.25
N ASP D 165 40.42 -67.74 -4.51
CA ASP D 165 41.57 -67.33 -5.31
C ASP D 165 41.16 -66.95 -6.73
N SER D 166 40.20 -67.68 -7.30
CA SER D 166 39.83 -67.39 -8.68
C SER D 166 38.84 -66.24 -8.78
N SER D 167 37.91 -66.11 -7.82
CA SER D 167 36.71 -65.30 -8.02
C SER D 167 36.69 -63.97 -7.27
N TYR D 168 37.41 -63.82 -6.18
CA TYR D 168 37.26 -62.62 -5.36
C TYR D 168 38.53 -61.78 -5.28
N ASP D 169 38.34 -60.46 -5.36
CA ASP D 169 39.37 -59.49 -5.02
C ASP D 169 39.04 -58.97 -3.63
N ILE D 170 39.36 -59.80 -2.62
CA ILE D 170 38.90 -59.55 -1.25
C ILE D 170 39.24 -58.13 -0.79
N ALA D 171 40.49 -57.73 -0.93
CA ALA D 171 40.91 -56.45 -0.37
C ALA D 171 40.07 -55.31 -0.93
N LYS D 172 39.87 -55.29 -2.24
CA LYS D 172 39.15 -54.19 -2.87
C LYS D 172 37.66 -54.29 -2.55
N ILE D 173 37.12 -55.50 -2.67
CA ILE D 173 35.69 -55.72 -2.43
C ILE D 173 35.34 -55.39 -0.99
N SER D 174 36.25 -55.71 -0.04
CA SER D 174 35.96 -55.49 1.36
C SER D 174 35.73 -54.01 1.65
N GLN D 175 36.38 -53.13 0.90
CA GLN D 175 36.26 -51.71 1.18
C GLN D 175 34.86 -51.18 0.86
N HIS D 176 34.11 -51.84 -0.02
CA HIS D 176 32.79 -51.34 -0.37
C HIS D 176 31.66 -52.05 0.35
N LEU D 177 31.79 -53.34 0.65
CA LEU D 177 30.73 -54.08 1.33
C LEU D 177 30.62 -53.68 2.79
N ASP D 178 29.39 -53.66 3.31
CA ASP D 178 29.21 -53.35 4.73
C ASP D 178 29.61 -54.51 5.62
N PHE D 179 29.35 -55.74 5.18
CA PHE D 179 29.87 -56.90 5.89
C PHE D 179 29.93 -58.06 4.91
N ILE D 180 30.73 -59.06 5.27
CA ILE D 180 30.89 -60.26 4.46
C ILE D 180 30.44 -61.44 5.30
N SER D 181 29.46 -62.19 4.81
CA SER D 181 29.11 -63.49 5.37
C SER D 181 29.92 -64.52 4.62
N ILE D 182 30.87 -65.13 5.34
CA ILE D 182 31.70 -66.20 4.79
C ILE D 182 31.02 -67.54 5.02
N MET D 183 30.81 -68.27 3.93
CA MET D 183 30.06 -69.53 3.97
C MET D 183 30.99 -70.67 4.43
N THR D 184 31.37 -70.60 5.70
CA THR D 184 32.26 -71.56 6.35
C THR D 184 31.53 -72.85 6.75
N TYR D 185 30.91 -73.46 5.77
CA TYR D 185 30.30 -74.76 5.94
C TYR D 185 30.29 -75.45 4.59
N ASP D 186 29.72 -76.64 4.56
CA ASP D 186 29.61 -77.41 3.33
C ASP D 186 30.99 -77.72 2.76
N PHE D 187 32.00 -77.85 3.63
CA PHE D 187 33.35 -78.19 3.19
C PHE D 187 33.47 -79.63 2.73
N HIS D 188 32.64 -80.52 3.27
CA HIS D 188 32.69 -81.96 3.05
C HIS D 188 31.30 -82.49 2.74
N GLY D 189 31.22 -83.37 1.75
CA GLY D 189 29.95 -83.97 1.42
C GLY D 189 30.18 -85.37 0.90
N ALA D 190 29.09 -86.05 0.56
CA ALA D 190 29.23 -87.42 0.10
C ALA D 190 30.08 -87.47 -1.16
N TRP D 191 30.17 -86.37 -1.89
CA TRP D 191 30.99 -86.30 -3.08
C TRP D 191 32.47 -86.56 -2.80
N ARG D 192 32.90 -86.54 -1.54
CA ARG D 192 34.30 -86.77 -1.26
C ARG D 192 34.65 -88.25 -1.16
N GLY D 193 33.64 -89.12 -1.10
CA GLY D 193 33.79 -90.56 -1.00
C GLY D 193 34.11 -91.09 0.38
N THR D 194 34.17 -90.23 1.39
CA THR D 194 34.41 -90.64 2.76
C THR D 194 33.53 -89.84 3.68
N THR D 195 33.34 -90.32 4.90
CA THR D 195 32.73 -89.47 5.88
C THR D 195 33.67 -88.32 6.21
N GLY D 196 33.09 -87.17 6.50
CA GLY D 196 33.84 -86.01 6.95
C GLY D 196 32.89 -84.95 7.46
N HIS D 197 33.29 -84.23 8.50
CA HIS D 197 32.43 -83.17 9.00
C HIS D 197 32.45 -82.00 8.02
N HIS D 198 31.27 -81.45 7.71
CA HIS D 198 31.23 -80.43 6.69
C HIS D 198 31.51 -79.03 7.21
N SER D 199 31.46 -78.81 8.53
CA SER D 199 31.75 -77.49 9.09
C SER D 199 32.62 -77.63 10.34
N PRO D 200 33.84 -78.19 10.20
CA PRO D 200 34.75 -78.27 11.34
C PRO D 200 35.27 -76.89 11.73
N LEU D 201 35.48 -76.68 13.04
CA LEU D 201 36.03 -75.41 13.49
C LEU D 201 37.51 -75.29 13.13
N PHE D 202 38.30 -76.31 13.48
CA PHE D 202 39.73 -76.39 13.14
C PHE D 202 40.00 -77.63 12.28
N ARG D 203 41.19 -77.63 11.68
CA ARG D 203 41.64 -78.76 10.87
C ARG D 203 41.55 -80.05 11.64
N GLY D 204 41.90 -80.01 12.93
CA GLY D 204 41.94 -81.22 13.71
C GLY D 204 43.10 -82.11 13.31
N GLN D 205 42.89 -83.41 13.49
CA GLN D 205 43.93 -84.40 13.20
C GLN D 205 44.44 -84.30 11.77
N GLU D 206 45.77 -84.23 11.65
CA GLU D 206 46.47 -83.99 10.39
C GLU D 206 46.25 -85.14 9.41
N ASP D 207 46.01 -86.36 9.89
CA ASP D 207 45.77 -87.45 8.97
C ASP D 207 44.37 -87.40 8.40
N ALA D 208 43.37 -87.16 9.25
CA ALA D 208 42.00 -87.23 8.77
C ALA D 208 41.77 -86.24 7.65
N SER D 209 42.15 -84.99 7.86
CA SER D 209 41.89 -83.94 6.89
C SER D 209 42.54 -84.31 5.55
N PRO D 210 41.83 -84.11 4.44
CA PRO D 210 42.44 -84.30 3.11
C PRO D 210 43.48 -83.24 2.75
N ASP D 211 43.03 -81.98 2.87
CA ASP D 211 43.77 -80.76 2.60
C ASP D 211 43.76 -79.87 3.83
N ARG D 212 44.73 -78.96 3.86
CA ARG D 212 44.85 -78.05 5.00
C ARG D 212 43.73 -77.01 5.05
N PHE D 213 42.88 -76.94 4.02
CA PHE D 213 41.99 -75.79 3.81
C PHE D 213 40.52 -76.00 4.21
N SER D 214 39.99 -77.22 4.23
CA SER D 214 38.54 -77.42 4.36
C SER D 214 38.07 -77.33 5.82
N ASN D 215 38.22 -76.15 6.40
CA ASN D 215 37.68 -75.93 7.72
C ASN D 215 37.48 -74.44 7.90
N THR D 216 36.57 -74.06 8.81
CA THR D 216 36.21 -72.65 8.94
C THR D 216 37.41 -71.81 9.36
N ASP D 217 38.27 -72.35 10.23
CA ASP D 217 39.41 -71.57 10.72
C ASP D 217 40.31 -71.13 9.59
N TYR D 218 40.64 -72.04 8.67
CA TYR D 218 41.46 -71.61 7.55
C TYR D 218 40.74 -70.54 6.75
N ALA D 219 39.44 -70.72 6.54
CA ALA D 219 38.69 -69.74 5.77
C ALA D 219 38.73 -68.37 6.45
N VAL D 220 38.46 -68.32 7.75
CA VAL D 220 38.48 -67.04 8.46
C VAL D 220 39.85 -66.37 8.33
N GLY D 221 40.92 -67.08 8.69
CA GLY D 221 42.25 -66.48 8.64
C GLY D 221 42.69 -66.09 7.25
N TYR D 222 42.18 -66.77 6.22
CA TYR D 222 42.58 -66.48 4.86
C TYR D 222 41.96 -65.16 4.40
N MET D 223 40.67 -64.99 4.64
CA MET D 223 40.05 -63.74 4.23
C MET D 223 40.65 -62.58 4.99
N LEU D 224 40.95 -62.79 6.27
CA LEU D 224 41.66 -61.76 7.02
C LEU D 224 42.99 -61.41 6.37
N ARG D 225 43.75 -62.43 5.97
CA ARG D 225 45.05 -62.22 5.33
C ARG D 225 44.90 -61.57 3.95
N LEU D 226 43.82 -61.87 3.23
CA LEU D 226 43.59 -61.27 1.92
C LEU D 226 42.99 -59.87 2.00
N GLY D 227 42.74 -59.35 3.20
CA GLY D 227 42.31 -57.97 3.39
C GLY D 227 40.87 -57.72 3.82
N ALA D 228 40.12 -58.72 4.21
CA ALA D 228 38.85 -58.44 4.83
C ALA D 228 39.10 -57.92 6.25
N PRO D 229 38.56 -56.75 6.60
CA PRO D 229 38.64 -56.30 8.01
C PRO D 229 37.82 -57.21 8.91
N ALA D 230 38.39 -57.55 10.08
CA ALA D 230 37.69 -58.41 11.03
C ALA D 230 36.33 -57.82 11.40
N SER D 231 36.26 -56.50 11.55
CA SER D 231 34.99 -55.83 11.84
C SER D 231 33.94 -55.99 10.75
N LYS D 232 34.31 -56.51 9.57
CA LYS D 232 33.37 -56.76 8.48
C LYS D 232 33.14 -58.24 8.18
N LEU D 233 33.89 -59.15 8.82
CA LEU D 233 33.73 -60.58 8.63
C LEU D 233 32.65 -61.13 9.56
N VAL D 234 31.68 -61.83 8.98
CA VAL D 234 30.65 -62.53 9.72
C VAL D 234 30.77 -64.02 9.38
N MET D 235 31.03 -64.86 10.41
CA MET D 235 31.35 -66.27 10.22
C MET D 235 30.10 -67.13 10.09
N GLY D 236 30.02 -67.90 9.00
CA GLY D 236 28.86 -68.75 8.78
C GLY D 236 28.87 -69.93 9.74
N ILE D 237 27.72 -70.19 10.38
CA ILE D 237 27.53 -71.36 11.22
C ILE D 237 26.30 -72.08 10.68
N PRO D 238 26.40 -73.35 10.27
CA PRO D 238 25.26 -74.03 9.67
C PRO D 238 24.31 -74.63 10.70
N THR D 239 23.02 -74.64 10.35
CA THR D 239 22.03 -75.36 11.15
C THR D 239 21.56 -76.62 10.45
N PHE D 240 22.43 -77.19 9.63
CA PHE D 240 22.08 -78.39 8.90
C PHE D 240 23.28 -79.32 8.92
N GLY D 241 23.04 -80.59 8.62
CA GLY D 241 24.13 -81.54 8.54
C GLY D 241 24.29 -82.15 7.18
N ARG D 242 25.51 -82.60 6.88
CA ARG D 242 25.77 -83.46 5.74
C ARG D 242 25.72 -84.92 6.17
N SER D 243 24.96 -85.75 5.45
CA SER D 243 24.80 -87.14 5.81
C SER D 243 25.40 -88.05 4.75
N PHE D 244 25.75 -89.25 5.19
CA PHE D 244 26.34 -90.26 4.32
C PHE D 244 25.68 -91.60 4.59
N THR D 245 25.66 -92.46 3.57
CA THR D 245 25.35 -93.88 3.73
C THR D 245 26.66 -94.66 3.82
N LEU D 246 26.89 -95.28 4.97
CA LEU D 246 28.12 -96.02 5.19
C LEU D 246 28.18 -97.24 4.29
N ALA D 247 29.39 -97.57 3.83
CA ALA D 247 29.62 -98.74 2.98
C ALA D 247 30.18 -99.93 3.74
N SER D 248 30.62 -99.74 4.97
CA SER D 248 31.22 -100.82 5.74
C SER D 248 30.74 -100.73 7.17
N SER D 249 31.36 -101.53 8.04
CA SER D 249 31.04 -101.46 9.46
C SER D 249 31.77 -100.33 10.16
N GLU D 250 32.65 -99.61 9.48
CA GLU D 250 33.35 -98.48 10.09
C GLU D 250 32.38 -97.32 10.20
N THR D 251 32.32 -96.70 11.36
CA THR D 251 31.44 -95.58 11.60
C THR D 251 32.18 -94.29 11.90
N GLY D 252 33.51 -94.32 11.90
CA GLY D 252 34.34 -93.17 12.17
C GLY D 252 34.43 -92.17 11.02
N VAL D 253 35.20 -91.11 11.28
CA VAL D 253 35.56 -90.16 10.25
C VAL D 253 36.44 -90.81 9.18
N GLY D 254 36.12 -90.55 7.92
CA GLY D 254 36.85 -91.10 6.81
C GLY D 254 36.43 -92.48 6.35
N ALA D 255 35.43 -93.08 7.00
CA ALA D 255 34.95 -94.43 6.67
C ALA D 255 34.41 -94.49 5.24
N PRO D 256 34.55 -95.64 4.56
CA PRO D 256 34.01 -95.74 3.21
C PRO D 256 32.50 -95.64 3.24
N ILE D 257 31.97 -94.95 2.24
CA ILE D 257 30.54 -94.69 2.10
C ILE D 257 30.10 -95.16 0.72
N SER D 258 28.80 -95.42 0.59
CA SER D 258 28.22 -95.77 -0.70
C SER D 258 27.51 -94.60 -1.37
N GLY D 259 27.35 -93.48 -0.67
CA GLY D 259 26.71 -92.31 -1.24
C GLY D 259 26.13 -91.39 -0.17
N PRO D 260 25.38 -90.37 -0.58
CA PRO D 260 24.77 -89.47 0.41
C PRO D 260 23.86 -90.23 1.35
N GLY D 261 23.56 -89.59 2.48
CA GLY D 261 22.64 -90.20 3.43
C GLY D 261 21.21 -90.23 2.92
N ILE D 262 20.40 -91.07 3.58
CA ILE D 262 18.98 -91.20 3.23
C ILE D 262 18.31 -89.85 3.38
N PRO D 263 17.47 -89.42 2.44
CA PRO D 263 16.82 -88.11 2.56
C PRO D 263 15.96 -87.99 3.81
N GLY D 264 15.90 -86.77 4.34
CA GLY D 264 15.04 -86.50 5.47
C GLY D 264 13.57 -86.37 5.08
N ARG D 265 12.69 -86.59 6.05
CA ARG D 265 11.26 -86.57 5.78
C ARG D 265 10.77 -85.20 5.34
N PHE D 266 11.39 -84.12 5.81
CA PHE D 266 10.92 -82.77 5.47
C PHE D 266 11.79 -82.08 4.41
N THR D 267 13.13 -82.08 4.57
CA THR D 267 13.97 -81.42 3.58
C THR D 267 13.98 -82.20 2.26
N LYS D 268 13.80 -83.52 2.34
CA LYS D 268 13.67 -84.39 1.17
C LYS D 268 14.85 -84.27 0.22
N GLU D 269 16.05 -84.01 0.75
CA GLU D 269 17.27 -83.94 -0.02
C GLU D 269 18.28 -84.94 0.51
N ALA D 270 18.73 -85.87 -0.35
CA ALA D 270 19.75 -86.83 0.04
C ALA D 270 21.02 -86.10 0.45
N GLY D 271 21.61 -86.52 1.55
CA GLY D 271 22.81 -85.88 2.02
C GLY D 271 22.61 -84.59 2.79
N THR D 272 21.37 -84.18 3.02
CA THR D 272 21.07 -82.98 3.78
C THR D 272 20.08 -83.34 4.88
N LEU D 273 20.33 -82.86 6.10
CA LEU D 273 19.35 -82.97 7.18
C LEU D 273 19.22 -81.63 7.89
N ALA D 274 17.98 -81.16 8.03
CA ALA D 274 17.73 -80.01 8.88
C ALA D 274 18.06 -80.38 10.32
N TYR D 275 18.36 -79.38 11.14
CA TYR D 275 18.66 -79.70 12.53
C TYR D 275 17.49 -80.37 13.21
N TYR D 276 16.27 -79.91 12.94
CA TYR D 276 15.12 -80.57 13.55
C TYR D 276 15.00 -82.00 13.07
N GLU D 277 15.49 -82.30 11.88
CA GLU D 277 15.52 -83.68 11.43
C GLU D 277 16.61 -84.46 12.14
N ILE D 278 17.70 -83.79 12.47
CA ILE D 278 18.76 -84.48 13.19
C ILE D 278 18.31 -84.87 14.60
N CYS D 279 17.51 -84.02 15.25
CA CYS D 279 17.01 -84.36 16.58
C CYS D 279 16.20 -85.66 16.58
N ASP D 280 15.38 -85.91 15.53
CA ASP D 280 14.72 -87.21 15.35
C ASP D 280 15.73 -88.31 15.04
N PHE D 281 16.72 -88.01 14.19
CA PHE D 281 17.74 -89.00 13.87
C PHE D 281 18.49 -89.44 15.11
N LEU D 282 18.71 -88.51 16.04
CA LEU D 282 19.49 -88.80 17.23
C LEU D 282 18.86 -89.86 18.13
N ARG D 283 17.56 -90.14 18.00
CA ARG D 283 16.93 -91.21 18.78
C ARG D 283 17.54 -92.56 18.48
N GLY D 284 18.28 -93.12 19.42
CA GLY D 284 18.91 -94.40 19.17
C GLY D 284 20.17 -94.31 18.35
N ALA D 285 20.67 -93.11 18.09
CA ALA D 285 21.98 -92.97 17.46
C ALA D 285 23.04 -92.76 18.53
N THR D 286 24.28 -93.09 18.20
CA THR D 286 25.42 -92.77 19.04
C THR D 286 26.08 -91.51 18.51
N VAL D 287 26.33 -90.55 19.41
CA VAL D 287 26.94 -89.28 19.05
C VAL D 287 28.40 -89.31 19.46
N HIS D 288 29.26 -88.85 18.56
CA HIS D 288 30.68 -88.71 18.81
C HIS D 288 31.09 -87.27 18.54
N ARG D 289 31.99 -86.76 19.37
CA ARG D 289 32.52 -85.42 19.19
C ARG D 289 33.93 -85.52 18.60
N ILE D 290 34.13 -84.94 17.42
CA ILE D 290 35.46 -84.99 16.82
C ILE D 290 36.37 -84.06 17.62
N LEU D 291 37.34 -84.64 18.31
CA LEU D 291 38.16 -83.90 19.28
C LEU D 291 38.83 -82.69 18.64
N GLY D 292 39.60 -82.91 17.58
CA GLY D 292 40.35 -81.79 17.04
C GLY D 292 39.54 -80.81 16.21
N GLN D 293 38.31 -81.16 15.85
CA GLN D 293 37.49 -80.27 15.05
C GLN D 293 36.41 -79.57 15.88
N GLN D 294 36.16 -80.07 17.09
CA GLN D 294 35.25 -79.42 18.04
C GLN D 294 33.81 -79.36 17.50
N VAL D 295 33.42 -80.44 16.80
CA VAL D 295 32.09 -80.57 16.21
C VAL D 295 31.63 -82.01 16.33
N PRO D 296 30.33 -82.22 16.47
CA PRO D 296 29.81 -83.58 16.61
C PRO D 296 29.50 -84.24 15.27
N TYR D 297 29.44 -85.58 15.31
CA TYR D 297 28.78 -86.37 14.27
C TYR D 297 27.95 -87.45 14.96
N ALA D 298 26.97 -87.99 14.23
CA ALA D 298 26.10 -89.03 14.75
C ALA D 298 25.97 -90.18 13.77
N THR D 299 25.83 -91.40 14.31
CA THR D 299 25.65 -92.60 13.51
C THR D 299 24.51 -93.44 14.05
N LYS D 300 23.72 -94.00 13.14
CA LYS D 300 22.64 -94.91 13.51
C LYS D 300 22.42 -95.83 12.32
N GLY D 301 22.63 -97.13 12.54
CA GLY D 301 22.64 -98.04 11.41
C GLY D 301 23.73 -97.64 10.44
N ASN D 302 23.38 -97.57 9.16
CA ASN D 302 24.35 -97.23 8.13
C ASN D 302 24.43 -95.73 7.83
N GLN D 303 23.84 -94.89 8.67
CA GLN D 303 23.75 -93.45 8.44
C GLN D 303 24.74 -92.69 9.30
N TRP D 304 25.41 -91.72 8.70
CA TRP D 304 26.46 -90.92 9.35
C TRP D 304 26.19 -89.46 9.01
N VAL D 305 26.12 -88.60 10.03
CA VAL D 305 25.77 -87.19 9.84
C VAL D 305 26.75 -86.30 10.60
N GLY D 306 27.36 -85.36 9.88
CA GLY D 306 28.17 -84.31 10.50
C GLY D 306 27.36 -83.03 10.58
N TYR D 307 27.31 -82.45 11.77
CA TYR D 307 26.41 -81.34 12.04
C TYR D 307 26.98 -80.47 13.17
N ASP D 308 26.33 -79.34 13.39
CA ASP D 308 26.58 -78.51 14.56
C ASP D 308 25.47 -78.69 15.58
N ASP D 309 25.85 -78.65 16.86
CA ASP D 309 24.91 -78.69 17.97
C ASP D 309 25.16 -77.49 18.89
N GLN D 310 24.41 -77.43 19.99
CA GLN D 310 24.49 -76.27 20.87
C GLN D 310 25.87 -76.10 21.48
N GLU D 311 26.62 -77.18 21.65
CA GLU D 311 27.94 -77.08 22.24
C GLU D 311 28.97 -76.60 21.22
N SER D 312 29.01 -77.23 20.05
CA SER D 312 30.00 -76.83 19.04
C SER D 312 29.74 -75.42 18.55
N VAL D 313 28.48 -75.01 18.55
CA VAL D 313 28.11 -73.64 18.20
C VAL D 313 28.72 -72.63 19.16
N LYS D 314 28.66 -72.91 20.46
CA LYS D 314 29.25 -71.99 21.43
C LYS D 314 30.76 -71.89 21.24
N SER D 315 31.42 -73.03 20.96
CA SER D 315 32.85 -73.02 20.66
C SER D 315 33.14 -72.18 19.42
N LYS D 316 32.27 -72.27 18.40
CA LYS D 316 32.47 -71.47 17.21
C LYS D 316 32.30 -69.98 17.49
N VAL D 317 31.29 -69.62 18.29
CA VAL D 317 31.10 -68.23 18.67
C VAL D 317 32.28 -67.73 19.50
N GLN D 318 32.80 -68.57 20.38
CA GLN D 318 33.99 -68.21 21.14
C GLN D 318 35.14 -67.93 20.19
N TYR D 319 35.32 -68.78 19.18
CA TYR D 319 36.38 -68.58 18.20
C TYR D 319 36.21 -67.22 17.51
N LEU D 320 34.98 -66.90 17.09
CA LEU D 320 34.75 -65.66 16.35
C LEU D 320 34.88 -64.43 17.24
N LYS D 321 34.50 -64.54 18.52
CA LYS D 321 34.68 -63.41 19.42
C LYS D 321 36.16 -63.15 19.69
N ASP D 322 36.95 -64.22 19.96
CA ASP D 322 38.38 -64.01 20.14
C ASP D 322 39.04 -63.40 18.91
N ARG D 323 38.54 -63.74 17.72
CA ARG D 323 39.03 -63.11 16.49
C ARG D 323 38.51 -61.71 16.30
N GLN D 324 37.57 -61.26 17.13
CA GLN D 324 36.97 -59.94 16.96
C GLN D 324 36.38 -59.79 15.57
N LEU D 325 35.71 -60.83 15.11
CA LEU D 325 34.94 -60.79 13.89
C LEU D 325 33.69 -59.94 14.10
N ALA D 326 33.02 -59.62 13.00
CA ALA D 326 31.79 -58.84 13.10
C ALA D 326 30.65 -59.63 13.75
N GLY D 327 30.69 -60.93 13.71
CA GLY D 327 29.63 -61.70 14.32
C GLY D 327 29.45 -63.01 13.60
N ALA D 328 28.28 -63.60 13.80
CA ALA D 328 27.96 -64.92 13.28
C ALA D 328 26.86 -64.82 12.24
N MET D 329 26.97 -65.66 11.20
CA MET D 329 25.95 -65.79 10.17
C MET D 329 25.36 -67.19 10.26
N VAL D 330 24.04 -67.28 10.22
CA VAL D 330 23.33 -68.53 10.37
C VAL D 330 22.72 -68.94 9.04
N TRP D 331 23.03 -70.15 8.59
CA TRP D 331 22.31 -70.77 7.48
C TRP D 331 21.69 -72.06 8.03
N ALA D 332 20.37 -72.09 8.14
CA ALA D 332 19.40 -71.06 7.86
C ALA D 332 18.28 -71.17 8.89
N LEU D 333 17.51 -70.08 9.10
CA LEU D 333 16.50 -70.10 10.15
C LEU D 333 15.50 -71.23 9.94
N ASP D 334 15.16 -71.51 8.69
CA ASP D 334 14.17 -72.53 8.37
C ASP D 334 14.71 -73.95 8.54
N LEU D 335 16.01 -74.10 8.80
CA LEU D 335 16.59 -75.42 9.06
C LEU D 335 16.86 -75.64 10.54
N ASP D 336 16.91 -74.59 11.33
CA ASP D 336 16.85 -74.72 12.77
C ASP D 336 15.48 -75.25 13.18
N ASP D 337 15.35 -75.67 14.44
CA ASP D 337 14.06 -76.13 14.96
C ASP D 337 13.18 -74.91 15.25
N PHE D 338 12.65 -74.32 14.18
CA PHE D 338 11.84 -73.12 14.33
C PHE D 338 10.51 -73.42 14.99
N GLN D 339 10.05 -74.67 14.92
CA GLN D 339 8.84 -75.08 15.62
C GLN D 339 9.09 -75.25 17.11
N GLY D 340 10.27 -75.71 17.49
CA GLY D 340 10.59 -75.96 18.88
C GLY D 340 9.99 -77.22 19.42
N SER D 341 9.38 -78.03 18.56
CA SER D 341 8.68 -79.25 18.95
C SER D 341 9.41 -80.50 18.49
N PHE D 342 10.37 -80.36 17.58
CA PHE D 342 11.08 -81.48 16.99
C PHE D 342 12.27 -81.90 17.82
N CYS D 343 12.96 -80.92 18.39
CA CYS D 343 14.24 -81.11 19.03
C CYS D 343 14.11 -81.34 20.54
N GLY D 344 12.91 -81.66 21.02
CA GLY D 344 12.64 -81.72 22.44
C GLY D 344 12.66 -80.33 23.06
N GLN D 345 12.23 -80.22 24.31
CA GLN D 345 12.13 -78.94 25.02
C GLN D 345 11.08 -78.03 24.42
N ASP D 346 10.84 -76.91 25.07
CA ASP D 346 9.80 -76.02 24.61
C ASP D 346 10.30 -74.99 23.63
N LEU D 347 11.61 -74.91 23.41
CA LEU D 347 12.17 -73.70 22.83
C LEU D 347 12.47 -73.88 21.34
N ARG D 348 12.06 -72.87 20.58
CA ARG D 348 12.28 -72.68 19.16
C ARG D 348 13.71 -72.19 18.91
N PHE D 349 14.20 -72.45 17.71
CA PHE D 349 15.50 -71.98 17.26
C PHE D 349 16.62 -72.30 18.26
N PRO D 350 16.79 -73.57 18.65
CA PRO D 350 17.78 -73.88 19.68
C PRO D 350 19.21 -73.57 19.26
N LEU D 351 19.55 -73.75 17.98
CA LEU D 351 20.92 -73.44 17.56
C LEU D 351 21.15 -71.96 17.47
N THR D 352 20.29 -71.23 16.75
CA THR D 352 20.59 -69.81 16.59
C THR D 352 20.45 -69.07 17.92
N ASN D 353 19.56 -69.54 18.80
CA ASN D 353 19.52 -68.96 20.14
C ASN D 353 20.80 -69.23 20.91
N ALA D 354 21.37 -70.43 20.76
CA ALA D 354 22.67 -70.72 21.37
C ALA D 354 23.74 -69.78 20.84
N ILE D 355 23.67 -69.41 19.56
CA ILE D 355 24.59 -68.42 19.02
C ILE D 355 24.33 -67.07 19.68
N LYS D 356 23.08 -66.61 19.65
CA LYS D 356 22.73 -65.33 20.25
C LYS D 356 23.19 -65.24 21.70
N ASP D 357 22.95 -66.31 22.46
CA ASP D 357 23.33 -66.32 23.87
C ASP D 357 24.84 -66.27 24.06
N ALA D 358 25.59 -67.04 23.26
CA ALA D 358 27.04 -67.01 23.37
C ALA D 358 27.60 -65.67 22.92
N LEU D 359 27.00 -65.04 21.92
CA LEU D 359 27.46 -63.71 21.53
C LEU D 359 27.19 -62.68 22.62
N ALA D 360 26.13 -62.87 23.40
CA ALA D 360 25.76 -61.90 24.43
C ALA D 360 26.51 -62.12 25.73
N ALA D 361 26.90 -63.36 26.01
CA ALA D 361 27.65 -63.70 27.21
C ALA D 361 29.04 -63.06 27.21
N THR D 362 29.53 -62.74 28.40
CA THR D 362 30.85 -62.11 28.57
C THR D 362 31.95 -63.16 28.49
N TYR E 1 -47.47 -52.81 10.03
CA TYR E 1 -47.42 -51.99 8.82
C TYR E 1 -46.02 -52.00 8.18
N LYS E 2 -45.98 -51.92 6.86
CA LYS E 2 -44.71 -51.73 6.16
C LYS E 2 -44.35 -50.24 6.11
N LEU E 3 -43.10 -49.93 6.43
CA LEU E 3 -42.54 -48.61 6.12
C LEU E 3 -41.46 -48.84 5.07
N VAL E 4 -41.77 -48.51 3.82
CA VAL E 4 -40.88 -48.79 2.69
C VAL E 4 -40.17 -47.49 2.34
N CYS E 5 -38.84 -47.48 2.46
CA CYS E 5 -38.04 -46.25 2.33
C CYS E 5 -37.02 -46.37 1.20
N TYR E 6 -37.06 -45.41 0.28
CA TYR E 6 -36.10 -45.36 -0.82
C TYR E 6 -34.82 -44.64 -0.43
N TYR E 7 -33.71 -45.15 -0.95
CA TYR E 7 -32.42 -44.47 -0.96
C TYR E 7 -31.98 -44.34 -2.42
N THR E 8 -31.51 -43.14 -2.78
CA THR E 8 -31.12 -42.86 -4.15
C THR E 8 -29.61 -42.80 -4.25
N SER E 9 -29.07 -43.55 -5.22
CA SER E 9 -27.62 -43.66 -5.30
C SER E 9 -26.98 -42.33 -5.65
N TRP E 10 -27.67 -41.46 -6.40
CA TRP E 10 -27.11 -40.20 -6.85
C TRP E 10 -27.05 -39.14 -5.76
N SER E 11 -27.62 -39.41 -4.59
CA SER E 11 -27.52 -38.49 -3.48
C SER E 11 -26.16 -38.51 -2.81
N GLN E 12 -25.18 -39.23 -3.38
CA GLN E 12 -23.86 -39.27 -2.78
C GLN E 12 -23.01 -38.12 -3.24
N TYR E 13 -23.41 -37.47 -4.33
CA TYR E 13 -22.67 -36.40 -4.95
C TYR E 13 -23.07 -35.00 -4.46
N ARG E 14 -24.01 -34.90 -3.53
CA ARG E 14 -24.45 -33.60 -3.03
C ARG E 14 -23.37 -32.96 -2.16
N GLU E 15 -23.39 -31.62 -2.11
CA GLU E 15 -22.35 -30.87 -1.43
C GLU E 15 -22.38 -31.11 0.07
N GLY E 16 -21.20 -31.07 0.70
CA GLY E 16 -21.12 -31.01 2.15
C GLY E 16 -22.01 -32.00 2.85
N ASP E 17 -22.78 -31.50 3.82
CA ASP E 17 -23.71 -32.33 4.58
C ASP E 17 -24.87 -32.83 3.74
N GLY E 18 -25.00 -32.38 2.48
CA GLY E 18 -26.00 -32.95 1.61
C GLY E 18 -25.64 -34.32 1.09
N SER E 19 -24.36 -34.69 1.12
CA SER E 19 -23.93 -36.00 0.66
C SER E 19 -24.47 -37.09 1.57
N CYS E 20 -25.10 -38.09 0.95
CA CYS E 20 -25.75 -39.18 1.66
C CYS E 20 -25.27 -40.53 1.14
N PHE E 21 -24.70 -41.34 2.03
CA PHE E 21 -24.33 -42.70 1.74
C PHE E 21 -25.16 -43.65 2.60
N PRO E 22 -25.40 -44.89 2.15
CA PRO E 22 -26.31 -45.78 2.89
C PRO E 22 -25.89 -46.05 4.33
N ASP E 23 -24.60 -45.93 4.66
CA ASP E 23 -24.15 -46.16 6.03
C ASP E 23 -24.61 -45.06 6.98
N ALA E 24 -25.21 -43.99 6.47
CA ALA E 24 -25.78 -42.94 7.29
C ALA E 24 -27.22 -43.21 7.68
N LEU E 25 -27.78 -44.37 7.34
CA LEU E 25 -29.20 -44.67 7.50
C LEU E 25 -29.44 -45.45 8.79
N ASP E 26 -30.58 -45.19 9.44
CA ASP E 26 -30.95 -45.91 10.65
C ASP E 26 -31.49 -47.29 10.28
N ARG E 27 -30.82 -48.36 10.75
CA ARG E 27 -31.21 -49.72 10.40
C ARG E 27 -32.62 -50.05 10.88
N PHE E 28 -33.07 -49.39 11.95
CA PHE E 28 -34.33 -49.72 12.57
C PHE E 28 -35.40 -48.69 12.25
N LEU E 29 -35.12 -47.79 11.32
CA LEU E 29 -36.11 -46.80 10.97
C LEU E 29 -37.17 -47.42 10.08
N CYS E 30 -36.76 -48.14 9.05
CA CYS E 30 -37.69 -48.65 8.06
C CYS E 30 -37.70 -50.17 8.07
N THR E 31 -38.81 -50.74 7.58
CA THR E 31 -38.90 -52.19 7.43
C THR E 31 -38.27 -52.67 6.14
N HIS E 32 -38.35 -51.86 5.08
CA HIS E 32 -37.77 -52.17 3.78
C HIS E 32 -37.01 -50.95 3.32
N ILE E 33 -35.79 -51.13 2.83
CA ILE E 33 -35.05 -50.06 2.17
C ILE E 33 -34.81 -50.48 0.73
N ILE E 34 -35.17 -49.61 -0.22
CA ILE E 34 -35.06 -49.91 -1.64
C ILE E 34 -34.00 -48.99 -2.22
N TYR E 35 -32.97 -49.59 -2.81
CA TYR E 35 -31.90 -48.85 -3.46
C TYR E 35 -32.30 -48.54 -4.91
N SER E 36 -32.22 -47.26 -5.28
CA SER E 36 -32.61 -46.77 -6.60
C SER E 36 -31.39 -46.13 -7.24
N PHE E 37 -31.06 -46.52 -8.47
CA PHE E 37 -31.66 -47.52 -9.34
C PHE E 37 -30.58 -48.40 -9.96
N ALA E 38 -30.95 -49.63 -10.30
CA ALA E 38 -30.11 -50.51 -11.09
C ALA E 38 -30.41 -50.32 -12.58
N ASN E 39 -29.46 -50.73 -13.40
CA ASN E 39 -29.56 -50.66 -14.85
C ASN E 39 -30.00 -52.01 -15.40
N ILE E 40 -30.30 -52.04 -16.69
CA ILE E 40 -30.40 -53.30 -17.43
C ILE E 40 -29.50 -53.15 -18.65
N SER E 41 -28.38 -53.87 -18.65
CA SER E 41 -27.35 -53.73 -19.67
C SER E 41 -27.17 -55.06 -20.36
N ASN E 42 -27.26 -55.06 -21.68
CA ASN E 42 -27.17 -56.28 -22.46
C ASN E 42 -28.17 -57.30 -21.94
N ASP E 43 -29.41 -56.84 -21.72
CA ASP E 43 -30.52 -57.64 -21.24
C ASP E 43 -30.24 -58.34 -19.90
N HIS E 44 -29.17 -57.96 -19.21
CA HIS E 44 -28.90 -58.42 -17.86
C HIS E 44 -29.14 -57.26 -16.90
N ILE E 45 -29.71 -57.56 -15.72
CA ILE E 45 -29.66 -56.58 -14.63
C ILE E 45 -28.22 -56.29 -14.27
N ASP E 46 -27.93 -55.03 -13.99
CA ASP E 46 -26.56 -54.62 -13.78
C ASP E 46 -26.54 -53.34 -12.97
N THR E 47 -25.34 -52.99 -12.51
CA THR E 47 -25.12 -51.78 -11.75
C THR E 47 -25.31 -50.54 -12.63
N TRP E 48 -25.53 -49.40 -11.96
CA TRP E 48 -25.70 -48.09 -12.61
C TRP E 48 -24.53 -47.17 -12.31
N GLU E 49 -24.30 -46.81 -11.06
CA GLU E 49 -23.21 -45.90 -10.72
C GLU E 49 -21.89 -46.68 -10.66
N TRP E 50 -20.80 -46.00 -10.31
CA TRP E 50 -19.54 -46.73 -10.27
C TRP E 50 -19.34 -47.44 -8.94
N ASN E 51 -19.69 -46.80 -7.82
CA ASN E 51 -19.52 -47.42 -6.53
C ASN E 51 -20.74 -48.24 -6.11
N ASP E 52 -21.68 -48.51 -7.03
CA ASP E 52 -22.88 -49.24 -6.68
C ASP E 52 -22.59 -50.48 -5.83
N VAL E 53 -21.62 -51.29 -6.25
CA VAL E 53 -21.38 -52.53 -5.54
C VAL E 53 -20.94 -52.25 -4.10
N THR E 54 -20.08 -51.24 -3.93
CA THR E 54 -19.63 -50.93 -2.58
C THR E 54 -20.75 -50.30 -1.75
N LEU E 55 -21.63 -49.54 -2.40
CA LEU E 55 -22.78 -48.98 -1.68
C LEU E 55 -23.83 -50.04 -1.35
N TYR E 56 -24.07 -50.99 -2.27
CA TYR E 56 -24.88 -52.16 -1.92
C TYR E 56 -24.37 -52.78 -0.62
N GLY E 57 -23.05 -52.95 -0.54
CA GLY E 57 -22.42 -53.48 0.65
C GLY E 57 -22.72 -52.64 1.89
N MET E 58 -22.59 -51.31 1.77
CA MET E 58 -22.93 -50.45 2.91
C MET E 58 -24.35 -50.67 3.37
N LEU E 59 -25.27 -50.77 2.42
CA LEU E 59 -26.68 -50.91 2.76
C LEU E 59 -26.95 -52.25 3.44
N ASN E 60 -26.47 -53.34 2.85
CA ASN E 60 -26.85 -54.64 3.38
C ASN E 60 -26.11 -54.99 4.66
N THR E 61 -24.98 -54.36 4.95
CA THR E 61 -24.43 -54.56 6.28
C THR E 61 -25.32 -53.92 7.36
N LEU E 62 -26.28 -53.07 6.97
CA LEU E 62 -27.24 -52.54 7.93
C LEU E 62 -28.11 -53.65 8.50
N LYS E 63 -28.33 -54.72 7.71
CA LYS E 63 -29.15 -55.84 8.14
C LYS E 63 -28.48 -56.72 9.19
N ASN E 64 -27.17 -56.56 9.42
CA ASN E 64 -26.47 -57.43 10.38
C ASN E 64 -27.04 -57.30 11.78
N ARG E 65 -27.32 -56.07 12.22
CA ARG E 65 -27.86 -55.83 13.54
C ARG E 65 -29.39 -55.83 13.59
N ASN E 66 -30.03 -55.71 12.43
CA ASN E 66 -31.49 -55.74 12.31
C ASN E 66 -31.87 -56.81 11.30
N PRO E 67 -31.96 -58.06 11.72
CA PRO E 67 -32.25 -59.13 10.76
C PRO E 67 -33.55 -58.93 9.99
N ASN E 68 -34.54 -58.27 10.59
CA ASN E 68 -35.82 -58.09 9.93
C ASN E 68 -35.78 -57.04 8.81
N LEU E 69 -34.74 -56.20 8.77
CA LEU E 69 -34.67 -55.22 7.70
C LEU E 69 -34.56 -55.95 6.37
N LYS E 70 -35.49 -55.66 5.48
CA LYS E 70 -35.55 -56.25 4.16
C LYS E 70 -35.09 -55.18 3.17
N THR E 71 -34.30 -55.57 2.18
CA THR E 71 -33.78 -54.62 1.22
C THR E 71 -34.13 -55.08 -0.18
N LEU E 72 -34.46 -54.13 -1.04
CA LEU E 72 -34.72 -54.43 -2.43
C LEU E 72 -33.86 -53.54 -3.31
N LEU E 73 -33.58 -54.01 -4.52
CA LEU E 73 -32.91 -53.20 -5.53
C LEU E 73 -33.94 -52.80 -6.58
N SER E 74 -33.96 -51.53 -6.94
CA SER E 74 -34.95 -50.99 -7.87
C SER E 74 -34.37 -50.93 -9.29
N VAL E 75 -35.11 -51.45 -10.27
CA VAL E 75 -34.67 -51.49 -11.66
C VAL E 75 -35.43 -50.43 -12.43
N GLY E 76 -34.69 -49.49 -13.00
CA GLY E 76 -35.31 -48.55 -13.91
C GLY E 76 -35.00 -47.10 -13.56
N GLY E 77 -36.04 -46.34 -13.24
CA GLY E 77 -35.89 -44.92 -12.97
C GLY E 77 -36.11 -44.08 -14.19
N TRP E 78 -36.02 -42.76 -13.96
CA TRP E 78 -36.34 -41.77 -14.99
C TRP E 78 -35.33 -41.81 -16.13
N ASN E 79 -34.04 -41.89 -15.80
CA ASN E 79 -32.99 -41.88 -16.80
C ASN E 79 -32.80 -43.21 -17.52
N PHE E 80 -33.53 -44.26 -17.14
CA PHE E 80 -33.45 -45.49 -17.91
C PHE E 80 -34.05 -45.30 -19.30
N GLY E 81 -35.20 -44.65 -19.38
CA GLY E 81 -35.93 -44.42 -20.62
C GLY E 81 -36.89 -45.55 -20.96
N SER E 82 -38.20 -45.24 -20.98
CA SER E 82 -39.21 -46.28 -21.16
C SER E 82 -39.00 -47.06 -22.44
N GLN E 83 -38.51 -46.39 -23.49
CA GLN E 83 -38.28 -47.08 -24.75
C GLN E 83 -37.36 -48.27 -24.56
N ARG E 84 -36.24 -48.07 -23.86
CA ARG E 84 -35.33 -49.18 -23.65
C ARG E 84 -35.96 -50.26 -22.77
N PHE E 85 -36.65 -49.85 -21.70
CA PHE E 85 -37.32 -50.86 -20.88
C PHE E 85 -38.38 -51.59 -21.68
N SER E 86 -39.04 -50.89 -22.61
CA SER E 86 -40.06 -51.54 -23.43
C SER E 86 -39.45 -52.62 -24.31
N LYS E 87 -38.37 -52.31 -25.03
CA LYS E 87 -37.75 -53.30 -25.91
C LYS E 87 -37.36 -54.56 -25.14
N ILE E 88 -36.91 -54.44 -23.89
CA ILE E 88 -36.54 -55.62 -23.11
C ILE E 88 -37.77 -56.42 -22.70
N ALA E 89 -38.82 -55.75 -22.25
CA ALA E 89 -40.00 -56.48 -21.83
C ALA E 89 -40.75 -57.07 -23.03
N SER E 90 -40.61 -56.46 -24.21
CA SER E 90 -41.33 -56.90 -25.40
C SER E 90 -40.68 -58.10 -26.10
N ASN E 91 -39.36 -58.23 -26.06
CA ASN E 91 -38.66 -59.32 -26.73
C ASN E 91 -38.64 -60.54 -25.82
N THR E 92 -39.19 -61.65 -26.31
CA THR E 92 -39.35 -62.84 -25.46
C THR E 92 -38.01 -63.36 -24.98
N GLN E 93 -36.96 -63.29 -25.82
CA GLN E 93 -35.64 -63.69 -25.37
C GLN E 93 -35.09 -62.71 -24.33
N SER E 94 -35.25 -61.42 -24.58
CA SER E 94 -34.73 -60.40 -23.67
C SER E 94 -35.33 -60.54 -22.27
N ARG E 95 -36.63 -60.82 -22.19
CA ARG E 95 -37.24 -61.03 -20.88
C ARG E 95 -36.55 -62.18 -20.15
N ARG E 96 -36.34 -63.29 -20.85
CA ARG E 96 -35.78 -64.46 -20.20
C ARG E 96 -34.39 -64.19 -19.65
N THR E 97 -33.48 -63.70 -20.49
CA THR E 97 -32.12 -63.45 -19.99
C THR E 97 -32.15 -62.44 -18.84
N PHE E 98 -33.01 -61.41 -18.92
CA PHE E 98 -33.15 -60.46 -17.82
C PHE E 98 -33.72 -61.12 -16.57
N ILE E 99 -34.88 -61.77 -16.69
CA ILE E 99 -35.51 -62.37 -15.52
C ILE E 99 -34.60 -63.43 -14.91
N LYS E 100 -33.91 -64.20 -15.75
CA LYS E 100 -33.00 -65.22 -15.22
C LYS E 100 -31.75 -64.62 -14.61
N SER E 101 -31.42 -63.38 -14.96
CA SER E 101 -30.22 -62.75 -14.43
C SER E 101 -30.45 -62.12 -13.07
N VAL E 102 -31.69 -61.77 -12.74
CA VAL E 102 -31.99 -61.00 -11.54
C VAL E 102 -31.74 -61.76 -10.25
N PRO E 103 -32.28 -62.96 -10.05
CA PRO E 103 -32.13 -63.64 -8.76
C PRO E 103 -30.67 -63.82 -8.38
N PRO E 104 -29.79 -64.34 -9.28
CA PRO E 104 -28.37 -64.41 -8.90
C PRO E 104 -27.74 -63.05 -8.61
N PHE E 105 -28.08 -62.02 -9.40
CA PHE E 105 -27.51 -60.70 -9.14
C PHE E 105 -27.88 -60.21 -7.75
N LEU E 106 -29.15 -60.32 -7.39
CA LEU E 106 -29.60 -59.82 -6.09
C LEU E 106 -28.86 -60.52 -4.97
N ARG E 107 -28.75 -61.85 -5.05
CA ARG E 107 -28.18 -62.63 -3.96
C ARG E 107 -26.69 -62.38 -3.81
N THR E 108 -25.95 -62.25 -4.93
CA THR E 108 -24.52 -61.98 -4.81
C THR E 108 -24.25 -60.70 -4.03
N HIS E 109 -25.13 -59.69 -4.19
CA HIS E 109 -25.03 -58.41 -3.50
C HIS E 109 -25.94 -58.31 -2.27
N GLY E 110 -26.59 -59.40 -1.88
CA GLY E 110 -27.27 -59.45 -0.61
C GLY E 110 -28.62 -58.77 -0.50
N PHE E 111 -29.33 -58.59 -1.62
CA PHE E 111 -30.67 -58.01 -1.57
C PHE E 111 -31.73 -59.08 -1.34
N ASP E 112 -32.83 -58.65 -0.72
CA ASP E 112 -33.96 -59.55 -0.48
C ASP E 112 -34.98 -59.57 -1.61
N GLY E 113 -34.90 -58.66 -2.58
CA GLY E 113 -35.90 -58.68 -3.64
C GLY E 113 -35.68 -57.58 -4.67
N LEU E 114 -36.56 -57.61 -5.67
CA LEU E 114 -36.53 -56.68 -6.78
C LEU E 114 -37.72 -55.74 -6.69
N ASP E 115 -37.51 -54.48 -7.05
CA ASP E 115 -38.55 -53.46 -7.09
C ASP E 115 -38.56 -52.89 -8.50
N LEU E 116 -39.64 -53.15 -9.24
CA LEU E 116 -39.74 -52.64 -10.61
C LEU E 116 -40.12 -51.17 -10.65
N ALA E 117 -39.28 -50.38 -11.35
CA ALA E 117 -39.47 -48.94 -11.47
C ALA E 117 -39.44 -48.57 -12.96
N TRP E 118 -40.35 -49.17 -13.72
CA TRP E 118 -40.58 -48.76 -15.10
C TRP E 118 -41.39 -47.46 -15.04
N LEU E 119 -40.73 -46.33 -15.23
CA LEU E 119 -41.33 -44.99 -15.09
C LEU E 119 -41.24 -44.29 -16.44
N TYR E 120 -42.21 -44.56 -17.33
CA TYR E 120 -43.46 -45.28 -17.13
C TYR E 120 -43.82 -46.09 -18.37
N PRO E 121 -44.53 -47.20 -18.20
CA PRO E 121 -44.99 -47.97 -19.36
C PRO E 121 -45.92 -47.12 -20.21
N GLY E 122 -46.02 -47.49 -21.49
CA GLY E 122 -46.90 -46.79 -22.40
C GLY E 122 -48.26 -47.47 -22.53
N ARG E 123 -49.14 -46.82 -23.28
CA ARG E 123 -50.42 -47.47 -23.55
C ARG E 123 -50.23 -48.77 -24.30
N ARG E 124 -49.16 -48.89 -25.07
CA ARG E 124 -48.89 -50.07 -25.87
C ARG E 124 -48.14 -51.15 -25.10
N ASP E 125 -47.60 -50.81 -23.93
CA ASP E 125 -46.78 -51.74 -23.14
C ASP E 125 -47.50 -52.26 -21.90
N LYS E 126 -48.83 -52.13 -21.83
CA LYS E 126 -49.52 -52.51 -20.59
C LYS E 126 -49.44 -54.00 -20.34
N GLN E 127 -49.77 -54.80 -21.36
CA GLN E 127 -49.71 -56.24 -21.19
C GLN E 127 -48.27 -56.71 -21.04
N HIS E 128 -47.33 -56.09 -21.76
CA HIS E 128 -45.93 -56.47 -21.58
C HIS E 128 -45.53 -56.34 -20.14
N PHE E 129 -45.96 -55.24 -19.49
CA PHE E 129 -45.68 -55.04 -18.08
C PHE E 129 -46.33 -56.13 -17.25
N THR E 130 -47.54 -56.54 -17.62
CA THR E 130 -48.24 -57.58 -16.86
C THR E 130 -47.53 -58.92 -16.99
N THR E 131 -47.19 -59.33 -18.20
CA THR E 131 -46.50 -60.61 -18.34
C THR E 131 -45.11 -60.54 -17.70
N LEU E 132 -44.44 -59.39 -17.78
CA LEU E 132 -43.15 -59.20 -17.13
C LEU E 132 -43.24 -59.44 -15.63
N ILE E 133 -44.22 -58.81 -14.98
CA ILE E 133 -44.42 -59.00 -13.55
C ILE E 133 -44.71 -60.47 -13.26
N LYS E 134 -45.60 -61.07 -14.05
CA LYS E 134 -46.04 -62.44 -13.84
C LYS E 134 -44.87 -63.42 -13.92
N GLU E 135 -44.07 -63.30 -14.99
CA GLU E 135 -42.91 -64.16 -15.18
C GLU E 135 -41.80 -63.88 -14.16
N MET E 136 -41.65 -62.63 -13.74
CA MET E 136 -40.67 -62.34 -12.68
C MET E 136 -41.01 -63.08 -11.40
N LYS E 137 -42.23 -62.88 -10.89
CA LYS E 137 -42.67 -63.63 -9.72
C LYS E 137 -42.61 -65.13 -9.98
N ALA E 138 -42.87 -65.55 -11.23
CA ALA E 138 -42.75 -66.95 -11.58
C ALA E 138 -41.35 -67.48 -11.31
N GLU E 139 -40.33 -66.77 -11.79
CA GLU E 139 -38.97 -67.23 -11.60
C GLU E 139 -38.57 -67.16 -10.13
N PHE E 140 -39.02 -66.12 -9.41
CA PHE E 140 -38.71 -66.04 -8.00
C PHE E 140 -39.24 -67.24 -7.23
N ILE E 141 -40.43 -67.72 -7.59
CA ILE E 141 -41.02 -68.88 -6.92
C ILE E 141 -40.31 -70.17 -7.30
N LYS E 142 -40.03 -70.37 -8.60
CA LYS E 142 -39.33 -71.58 -9.03
C LYS E 142 -37.96 -71.68 -8.39
N GLU E 143 -37.26 -70.54 -8.31
CA GLU E 143 -35.90 -70.44 -7.82
C GLU E 143 -35.78 -70.75 -6.33
N ALA E 144 -36.87 -70.64 -5.57
CA ALA E 144 -36.84 -70.86 -4.13
C ALA E 144 -36.59 -72.32 -3.76
N GLN E 145 -35.64 -72.55 -2.84
CA GLN E 145 -35.27 -73.85 -2.29
C GLN E 145 -35.23 -73.73 -0.78
N PRO E 146 -35.29 -74.84 -0.05
CA PRO E 146 -35.01 -74.79 1.39
C PRO E 146 -33.65 -74.19 1.64
N GLY E 147 -33.63 -73.13 2.46
CA GLY E 147 -32.44 -72.36 2.70
C GLY E 147 -32.31 -71.12 1.85
N LYS E 148 -33.02 -71.05 0.73
CA LYS E 148 -33.17 -69.81 -0.01
C LYS E 148 -34.56 -69.24 0.25
N LYS E 149 -34.63 -68.07 0.87
CA LYS E 149 -35.90 -67.38 0.99
C LYS E 149 -36.34 -66.88 -0.37
N GLN E 150 -37.61 -67.04 -0.68
CA GLN E 150 -38.11 -66.50 -1.94
C GLN E 150 -37.93 -64.99 -1.98
N LEU E 151 -37.47 -64.49 -3.13
CA LEU E 151 -37.22 -63.07 -3.35
C LEU E 151 -38.52 -62.27 -3.43
N LEU E 152 -38.52 -61.06 -2.89
CA LEU E 152 -39.68 -60.16 -2.95
C LEU E 152 -39.76 -59.47 -4.30
N LEU E 153 -40.97 -59.22 -4.77
CA LEU E 153 -41.19 -58.48 -6.00
C LEU E 153 -42.16 -57.35 -5.73
N SER E 154 -41.70 -56.12 -5.85
CA SER E 154 -42.55 -54.95 -5.74
C SER E 154 -42.39 -54.08 -6.98
N ALA E 155 -43.26 -53.06 -7.08
CA ALA E 155 -43.19 -52.10 -8.17
C ALA E 155 -43.61 -50.73 -7.69
N ALA E 156 -42.92 -49.71 -8.21
CA ALA E 156 -43.30 -48.31 -8.03
C ALA E 156 -44.26 -47.91 -9.14
N LEU E 157 -45.50 -47.55 -8.76
CA LEU E 157 -46.52 -47.18 -9.72
C LEU E 157 -46.87 -45.70 -9.61
N SER E 158 -47.24 -45.13 -10.75
CA SER E 158 -47.74 -43.77 -10.81
C SER E 158 -49.03 -43.65 -10.02
N ALA E 159 -49.21 -42.50 -9.38
CA ALA E 159 -50.51 -42.18 -8.81
C ALA E 159 -51.41 -41.43 -9.78
N GLY E 160 -50.90 -41.10 -10.96
CA GLY E 160 -51.64 -40.29 -11.93
C GLY E 160 -52.68 -41.13 -12.63
N LYS E 161 -53.93 -40.65 -12.63
CA LYS E 161 -55.01 -41.41 -13.24
C LYS E 161 -54.72 -41.78 -14.69
N VAL E 162 -54.20 -40.83 -15.47
CA VAL E 162 -54.05 -41.09 -16.90
C VAL E 162 -53.08 -42.26 -17.15
N THR E 163 -51.90 -42.23 -16.53
CA THR E 163 -50.93 -43.29 -16.77
C THR E 163 -51.42 -44.63 -16.21
N ILE E 164 -52.07 -44.63 -15.03
CA ILE E 164 -52.65 -45.87 -14.49
C ILE E 164 -53.58 -46.49 -15.52
N ASP E 165 -54.45 -45.67 -16.10
CA ASP E 165 -55.41 -46.19 -17.07
C ASP E 165 -54.71 -46.75 -18.30
N SER E 166 -53.62 -46.10 -18.73
CA SER E 166 -52.94 -46.52 -19.95
C SER E 166 -51.98 -47.68 -19.70
N SER E 167 -51.33 -47.71 -18.55
CA SER E 167 -50.14 -48.52 -18.39
C SER E 167 -50.28 -49.70 -17.46
N TYR E 168 -51.22 -49.71 -16.53
CA TYR E 168 -51.29 -50.79 -15.57
C TYR E 168 -52.58 -51.59 -15.68
N ASP E 169 -52.42 -52.90 -15.56
CA ASP E 169 -53.51 -53.84 -15.39
C ASP E 169 -53.54 -54.15 -13.89
N ILE E 170 -54.10 -53.22 -13.12
CA ILE E 170 -53.99 -53.27 -11.66
C ILE E 170 -54.45 -54.62 -11.13
N ALA E 171 -55.64 -55.06 -11.55
CA ALA E 171 -56.21 -56.29 -11.00
C ALA E 171 -55.29 -57.47 -11.19
N LYS E 172 -54.76 -57.64 -12.41
CA LYS E 172 -53.93 -58.81 -12.75
C LYS E 172 -52.55 -58.70 -12.12
N ILE E 173 -51.94 -57.53 -12.24
CA ILE E 173 -50.60 -57.30 -11.71
C ILE E 173 -50.56 -57.45 -10.20
N SER E 174 -51.61 -57.00 -9.52
CA SER E 174 -51.60 -57.02 -8.06
C SER E 174 -51.48 -58.42 -7.49
N GLN E 175 -51.97 -59.43 -8.21
CA GLN E 175 -51.91 -60.77 -7.67
C GLN E 175 -50.47 -61.30 -7.65
N HIS E 176 -49.59 -60.72 -8.45
CA HIS E 176 -48.21 -61.19 -8.50
C HIS E 176 -47.26 -60.36 -7.64
N LEU E 177 -47.47 -59.06 -7.53
CA LEU E 177 -46.62 -58.22 -6.70
C LEU E 177 -46.86 -58.46 -5.21
N ASP E 178 -45.78 -58.40 -4.43
CA ASP E 178 -45.90 -58.52 -2.97
C ASP E 178 -46.42 -57.24 -2.33
N PHE E 179 -46.01 -56.09 -2.84
CA PHE E 179 -46.59 -54.83 -2.42
C PHE E 179 -46.42 -53.83 -3.54
N ILE E 180 -47.23 -52.78 -3.50
CA ILE E 180 -47.21 -51.73 -4.49
C ILE E 180 -46.94 -50.41 -3.79
N SER E 181 -45.88 -49.72 -4.20
CA SER E 181 -45.64 -48.36 -3.76
C SER E 181 -46.36 -47.44 -4.74
N ILE E 182 -47.40 -46.79 -4.28
CA ILE E 182 -48.12 -45.82 -5.09
C ILE E 182 -47.49 -44.45 -4.86
N MET E 183 -47.03 -43.84 -5.96
CA MET E 183 -46.28 -42.58 -5.89
C MET E 183 -47.26 -41.40 -5.83
N THR E 184 -47.93 -41.31 -4.67
CA THR E 184 -48.93 -40.29 -4.38
C THR E 184 -48.26 -38.97 -3.99
N TYR E 185 -47.41 -38.50 -4.89
CA TYR E 185 -46.79 -37.19 -4.74
C TYR E 185 -46.45 -36.70 -6.13
N ASP E 186 -45.87 -35.51 -6.20
CA ASP E 186 -45.48 -34.91 -7.47
C ASP E 186 -46.69 -34.76 -8.38
N PHE E 187 -47.87 -34.50 -7.78
CA PHE E 187 -49.09 -34.25 -8.53
C PHE E 187 -49.09 -32.90 -9.19
N HIS E 188 -48.31 -31.94 -8.68
CA HIS E 188 -48.31 -30.57 -9.16
C HIS E 188 -46.89 -30.08 -9.34
N GLY E 189 -46.64 -29.39 -10.46
CA GLY E 189 -45.34 -28.81 -10.69
C GLY E 189 -45.50 -27.54 -11.47
N ALA E 190 -44.38 -26.85 -11.70
CA ALA E 190 -44.45 -25.54 -12.32
C ALA E 190 -45.04 -25.63 -13.72
N TRP E 191 -45.05 -26.82 -14.33
CA TRP E 191 -45.62 -26.95 -15.66
C TRP E 191 -47.09 -26.56 -15.74
N ARG E 192 -47.77 -26.45 -14.60
CA ARG E 192 -49.17 -26.07 -14.61
C ARG E 192 -49.39 -24.56 -14.61
N GLY E 193 -48.34 -23.77 -14.38
CA GLY E 193 -48.43 -22.32 -14.40
C GLY E 193 -49.02 -21.64 -13.18
N THR E 194 -49.36 -22.40 -12.13
CA THR E 194 -49.84 -21.83 -10.88
C THR E 194 -49.22 -22.60 -9.72
N THR E 195 -49.24 -21.99 -8.54
CA THR E 195 -48.88 -22.76 -7.36
C THR E 195 -49.94 -23.82 -7.09
N GLY E 196 -49.49 -24.94 -6.55
CA GLY E 196 -50.36 -26.02 -6.14
C GLY E 196 -49.56 -27.01 -5.30
N HIS E 197 -50.20 -27.59 -4.28
CA HIS E 197 -49.49 -28.56 -3.47
C HIS E 197 -49.31 -29.87 -4.24
N HIS E 198 -48.10 -30.41 -4.23
CA HIS E 198 -47.81 -31.58 -5.04
C HIS E 198 -48.17 -32.89 -4.36
N SER E 199 -48.39 -32.89 -3.04
CA SER E 199 -48.81 -34.10 -2.34
C SER E 199 -49.91 -33.79 -1.33
N PRO E 200 -51.05 -33.26 -1.78
CA PRO E 200 -52.19 -33.04 -0.86
C PRO E 200 -52.87 -34.34 -0.46
N LEU E 201 -53.34 -34.39 0.78
CA LEU E 201 -54.03 -35.60 1.23
C LEU E 201 -55.38 -35.78 0.54
N PHE E 202 -56.23 -34.75 0.57
CA PHE E 202 -57.53 -34.75 -0.12
C PHE E 202 -57.61 -33.65 -1.16
N ARG E 203 -58.64 -33.74 -2.02
CA ARG E 203 -58.83 -32.71 -3.06
C ARG E 203 -58.87 -31.31 -2.48
N GLY E 204 -59.47 -31.16 -1.30
CA GLY E 204 -59.70 -29.86 -0.72
C GLY E 204 -60.79 -29.09 -1.44
N GLN E 205 -60.67 -27.77 -1.39
CA GLN E 205 -61.65 -26.88 -1.99
C GLN E 205 -61.85 -27.20 -3.47
N GLU E 206 -63.11 -27.34 -3.85
CA GLU E 206 -63.49 -27.77 -5.19
C GLU E 206 -63.07 -26.77 -6.27
N ASP E 207 -62.96 -25.46 -5.93
CA ASP E 207 -62.49 -24.47 -6.91
C ASP E 207 -60.99 -24.54 -7.11
N ALA E 208 -60.23 -24.70 -6.02
CA ALA E 208 -58.77 -24.62 -6.09
C ALA E 208 -58.18 -25.69 -6.98
N SER E 209 -58.57 -26.95 -6.78
CA SER E 209 -58.01 -28.07 -7.54
C SER E 209 -58.24 -27.88 -9.04
N PRO E 210 -57.23 -28.14 -9.87
CA PRO E 210 -57.46 -28.14 -11.32
C PRO E 210 -58.33 -29.31 -11.75
N ASP E 211 -57.92 -30.52 -11.36
CA ASP E 211 -58.62 -31.74 -11.66
C ASP E 211 -58.97 -32.46 -10.36
N ARG E 212 -59.98 -33.33 -10.44
CA ARG E 212 -60.42 -34.07 -9.27
C ARG E 212 -59.43 -35.17 -8.87
N PHE E 213 -58.38 -35.42 -9.66
CA PHE E 213 -57.55 -36.61 -9.54
C PHE E 213 -56.19 -36.41 -8.87
N SER E 214 -55.63 -35.20 -8.89
CA SER E 214 -54.25 -34.97 -8.45
C SER E 214 -54.18 -34.82 -6.93
N ASN E 215 -54.52 -35.90 -6.23
CA ASN E 215 -54.36 -35.92 -4.79
C ASN E 215 -54.25 -37.37 -4.34
N THR E 216 -53.62 -37.57 -3.19
CA THR E 216 -53.33 -38.94 -2.76
C THR E 216 -54.62 -39.72 -2.52
N ASP E 217 -55.64 -39.10 -1.96
CA ASP E 217 -56.86 -39.83 -1.66
C ASP E 217 -57.49 -40.41 -2.92
N TYR E 218 -57.58 -39.65 -4.00
CA TYR E 218 -58.16 -40.23 -5.21
C TYR E 218 -57.30 -41.38 -5.72
N ALA E 219 -55.98 -41.22 -5.72
CA ALA E 219 -55.13 -42.28 -6.23
C ALA E 219 -55.31 -43.55 -5.40
N VAL E 220 -55.26 -43.43 -4.08
CA VAL E 220 -55.40 -44.58 -3.21
C VAL E 220 -56.73 -45.29 -3.49
N GLY E 221 -57.83 -44.55 -3.39
CA GLY E 221 -59.13 -45.14 -3.63
C GLY E 221 -59.32 -45.66 -5.04
N TYR E 222 -58.61 -45.09 -6.00
CA TYR E 222 -58.75 -45.56 -7.38
C TYR E 222 -58.11 -46.93 -7.53
N MET E 223 -56.87 -47.07 -7.05
CA MET E 223 -56.21 -48.36 -7.17
C MET E 223 -56.98 -49.42 -6.40
N LEU E 224 -57.54 -49.06 -5.25
CA LEU E 224 -58.41 -50.00 -4.56
C LEU E 224 -59.57 -50.42 -5.44
N ARG E 225 -60.23 -49.44 -6.08
CA ARG E 225 -61.37 -49.76 -6.94
C ARG E 225 -60.94 -50.61 -8.13
N LEU E 226 -59.71 -50.40 -8.61
CA LEU E 226 -59.17 -51.18 -9.73
C LEU E 226 -58.65 -52.57 -9.32
N GLY E 227 -58.68 -52.92 -8.05
CA GLY E 227 -58.35 -54.27 -7.61
C GLY E 227 -57.04 -54.48 -6.88
N ALA E 228 -56.36 -53.42 -6.48
CA ALA E 228 -55.22 -53.60 -5.61
C ALA E 228 -55.72 -53.95 -4.21
N PRO E 229 -55.25 -55.04 -3.63
CA PRO E 229 -55.62 -55.33 -2.24
C PRO E 229 -55.00 -54.31 -1.31
N ALA E 230 -55.80 -53.84 -0.35
CA ALA E 230 -55.29 -52.87 0.62
C ALA E 230 -54.07 -53.43 1.35
N SER E 231 -54.07 -54.74 1.63
CA SER E 231 -52.92 -55.38 2.25
C SER E 231 -51.66 -55.32 1.37
N LYS E 232 -51.79 -54.88 0.12
CA LYS E 232 -50.68 -54.72 -0.79
C LYS E 232 -50.39 -53.26 -1.18
N LEU E 233 -51.24 -52.31 -0.78
CA LEU E 233 -51.02 -50.89 -1.09
C LEU E 233 -50.11 -50.26 -0.05
N VAL E 234 -49.07 -49.60 -0.53
CA VAL E 234 -48.19 -48.80 0.29
C VAL E 234 -48.27 -47.37 -0.23
N MET E 235 -48.68 -46.44 0.64
CA MET E 235 -48.97 -45.07 0.22
C MET E 235 -47.71 -44.20 0.24
N GLY E 236 -47.39 -43.59 -0.89
CA GLY E 236 -46.21 -42.75 -0.98
C GLY E 236 -46.38 -41.45 -0.22
N ILE E 237 -45.39 -41.14 0.62
CA ILE E 237 -45.35 -39.86 1.33
C ILE E 237 -44.01 -39.22 0.98
N PRO E 238 -44.00 -38.04 0.39
CA PRO E 238 -42.73 -37.42 -0.01
C PRO E 238 -42.07 -36.67 1.13
N THR E 239 -40.75 -36.69 1.13
CA THR E 239 -39.98 -35.85 2.05
C THR E 239 -39.33 -34.68 1.33
N PHE E 240 -39.95 -34.21 0.25
CA PHE E 240 -39.42 -33.12 -0.54
C PHE E 240 -40.56 -32.19 -0.90
N GLY E 241 -40.21 -30.98 -1.33
CA GLY E 241 -41.25 -30.07 -1.78
C GLY E 241 -41.14 -29.69 -3.25
N ARG E 242 -42.26 -29.29 -3.85
CA ARG E 242 -42.27 -28.63 -5.14
C ARG E 242 -42.29 -27.13 -4.91
N SER E 243 -41.42 -26.40 -5.61
CA SER E 243 -41.27 -24.96 -5.45
C SER E 243 -41.65 -24.22 -6.72
N PHE E 244 -42.05 -22.96 -6.57
CA PHE E 244 -42.43 -22.11 -7.69
C PHE E 244 -41.82 -20.72 -7.50
N THR E 245 -41.56 -20.03 -8.60
CA THR E 245 -41.27 -18.60 -8.55
C THR E 245 -42.54 -17.82 -8.88
N LEU E 246 -43.00 -17.03 -7.91
CA LEU E 246 -44.23 -16.29 -8.09
C LEU E 246 -44.07 -15.19 -9.14
N ALA E 247 -45.14 -14.93 -9.89
CA ALA E 247 -45.16 -13.87 -10.90
C ALA E 247 -45.86 -12.60 -10.44
N SER E 248 -46.55 -12.63 -9.30
CA SER E 248 -47.25 -11.46 -8.79
C SER E 248 -47.05 -11.41 -7.28
N SER E 249 -47.78 -10.52 -6.62
CA SER E 249 -47.75 -10.40 -5.16
C SER E 249 -48.60 -11.44 -4.47
N GLU E 250 -49.29 -12.30 -5.23
CA GLU E 250 -50.12 -13.35 -4.66
C GLU E 250 -49.28 -14.51 -4.16
N THR E 251 -49.59 -14.98 -2.95
CA THR E 251 -48.92 -16.10 -2.33
C THR E 251 -49.87 -17.27 -2.08
N GLY E 252 -51.14 -17.16 -2.44
CA GLY E 252 -52.09 -18.23 -2.21
C GLY E 252 -51.94 -19.38 -3.20
N VAL E 253 -52.73 -20.42 -2.97
CA VAL E 253 -52.81 -21.52 -3.92
C VAL E 253 -53.43 -21.04 -5.22
N GLY E 254 -52.83 -21.45 -6.33
CA GLY E 254 -53.27 -21.04 -7.64
C GLY E 254 -52.68 -19.74 -8.13
N ALA E 255 -51.81 -19.10 -7.35
CA ALA E 255 -51.21 -17.84 -7.77
C ALA E 255 -50.40 -18.04 -9.05
N PRO E 256 -50.32 -17.03 -9.92
CA PRO E 256 -49.54 -17.17 -11.15
C PRO E 256 -48.07 -17.31 -10.84
N ILE E 257 -47.39 -18.17 -11.60
CA ILE E 257 -45.96 -18.37 -11.40
C ILE E 257 -45.22 -18.10 -12.70
N SER E 258 -43.94 -17.75 -12.57
CA SER E 258 -43.06 -17.54 -13.70
C SER E 258 -42.16 -18.73 -14.00
N GLY E 259 -42.17 -19.73 -13.13
CA GLY E 259 -41.37 -20.92 -13.34
C GLY E 259 -41.10 -21.63 -12.03
N PRO E 260 -40.29 -22.68 -12.08
CA PRO E 260 -39.98 -23.43 -10.86
C PRO E 260 -39.31 -22.54 -9.82
N GLY E 261 -39.32 -22.98 -8.58
CA GLY E 261 -38.61 -22.27 -7.54
C GLY E 261 -37.09 -22.40 -7.69
N ILE E 262 -36.39 -21.49 -7.01
CA ILE E 262 -34.92 -21.41 -7.08
C ILE E 262 -34.32 -22.73 -6.59
N PRO E 263 -33.28 -23.27 -7.23
CA PRO E 263 -32.64 -24.51 -6.74
C PRO E 263 -32.05 -24.36 -5.34
N GLY E 264 -32.02 -25.47 -4.59
CA GLY E 264 -31.39 -25.50 -3.27
C GLY E 264 -29.88 -25.64 -3.27
N ARG E 265 -29.24 -25.27 -2.17
CA ARG E 265 -27.77 -25.33 -2.09
C ARG E 265 -27.24 -26.74 -2.28
N PHE E 266 -27.97 -27.75 -1.81
CA PHE E 266 -27.53 -29.15 -1.86
C PHE E 266 -28.20 -29.97 -2.94
N THR E 267 -29.53 -29.92 -3.05
CA THR E 267 -30.23 -30.73 -4.05
C THR E 267 -29.96 -30.23 -5.46
N LYS E 268 -29.76 -28.92 -5.62
CA LYS E 268 -29.37 -28.30 -6.90
C LYS E 268 -30.32 -28.66 -8.05
N GLU E 269 -31.59 -28.89 -7.75
CA GLU E 269 -32.58 -29.17 -8.78
C GLU E 269 -33.68 -28.12 -8.68
N ALA E 270 -33.85 -27.33 -9.74
CA ALA E 270 -34.88 -26.31 -9.77
C ALA E 270 -36.26 -26.94 -9.65
N GLY E 271 -37.10 -26.35 -8.80
CA GLY E 271 -38.44 -26.84 -8.51
C GLY E 271 -38.50 -27.95 -7.48
N THR E 272 -37.37 -28.33 -6.89
CA THR E 272 -37.31 -29.36 -5.88
C THR E 272 -36.55 -28.83 -4.67
N LEU E 273 -37.06 -29.08 -3.47
CA LEU E 273 -36.30 -28.81 -2.25
C LEU E 273 -36.42 -30.00 -1.33
N ALA E 274 -35.27 -30.50 -0.83
CA ALA E 274 -35.23 -31.51 0.22
C ALA E 274 -35.83 -30.94 1.49
N TYR E 275 -36.30 -31.83 2.37
CA TYR E 275 -36.89 -31.32 3.61
C TYR E 275 -35.88 -30.52 4.42
N TYR E 276 -34.62 -30.98 4.46
CA TYR E 276 -33.62 -30.25 5.23
C TYR E 276 -33.35 -28.87 4.63
N GLU E 277 -33.53 -28.72 3.32
CA GLU E 277 -33.42 -27.39 2.72
C GLU E 277 -34.62 -26.54 3.06
N ILE E 278 -35.78 -27.16 3.23
CA ILE E 278 -36.99 -26.42 3.57
C ILE E 278 -36.86 -25.82 4.96
N CYS E 279 -36.24 -26.54 5.90
CA CYS E 279 -36.05 -25.97 7.23
C CYS E 279 -35.23 -24.68 7.18
N ASP E 280 -34.18 -24.65 6.33
CA ASP E 280 -33.44 -23.41 6.07
C ASP E 280 -34.33 -22.40 5.35
N PHE E 281 -35.14 -22.87 4.41
CA PHE E 281 -36.07 -21.97 3.73
C PHE E 281 -37.07 -21.37 4.69
N LEU E 282 -37.52 -22.16 5.67
CA LEU E 282 -38.55 -21.68 6.58
C LEU E 282 -38.10 -20.50 7.43
N ARG E 283 -36.80 -20.27 7.59
CA ARG E 283 -36.31 -19.12 8.35
C ARG E 283 -36.79 -17.82 7.71
N GLY E 284 -37.71 -17.13 8.39
CA GLY E 284 -38.23 -15.92 7.81
C GLY E 284 -39.30 -16.14 6.77
N ALA E 285 -39.78 -17.36 6.62
CA ALA E 285 -40.95 -17.58 5.78
C ALA E 285 -42.22 -17.58 6.63
N THR E 286 -43.33 -17.29 5.98
CA THR E 286 -44.65 -17.49 6.58
C THR E 286 -45.18 -18.82 6.07
N VAL E 287 -45.67 -19.65 6.99
CA VAL E 287 -46.20 -20.98 6.69
C VAL E 287 -47.71 -20.94 6.66
N HIS E 288 -48.30 -21.61 5.67
CA HIS E 288 -49.74 -21.75 5.58
C HIS E 288 -50.12 -23.21 5.47
N ARG E 289 -51.19 -23.59 6.16
CA ARG E 289 -51.72 -24.93 6.10
C ARG E 289 -52.97 -24.92 5.24
N ILE E 290 -52.93 -25.65 4.13
CA ILE E 290 -54.09 -25.73 3.24
C ILE E 290 -55.17 -26.55 3.95
N LEU E 291 -56.26 -25.87 4.31
CA LEU E 291 -57.27 -26.48 5.17
C LEU E 291 -57.81 -27.78 4.61
N GLY E 292 -58.34 -27.75 3.39
CA GLY E 292 -58.98 -28.96 2.89
C GLY E 292 -58.05 -30.05 2.41
N GLN E 293 -56.77 -29.75 2.21
CA GLN E 293 -55.79 -30.73 1.79
C GLN E 293 -54.92 -31.21 2.95
N GLN E 294 -54.95 -30.52 4.08
CA GLN E 294 -54.29 -30.97 5.31
C GLN E 294 -52.78 -31.09 5.11
N VAL E 295 -52.23 -30.15 4.35
CA VAL E 295 -50.79 -30.09 4.07
C VAL E 295 -50.35 -28.63 4.06
N PRO E 296 -49.11 -28.38 4.47
CA PRO E 296 -48.61 -27.01 4.51
C PRO E 296 -47.99 -26.57 3.19
N TYR E 297 -47.90 -25.24 3.04
CA TYR E 297 -47.01 -24.62 2.06
C TYR E 297 -46.32 -23.44 2.72
N ALA E 298 -45.20 -23.02 2.14
CA ALA E 298 -44.42 -21.91 2.65
C ALA E 298 -44.12 -20.89 1.56
N THR E 299 -44.06 -19.62 1.97
CA THR E 299 -43.67 -18.54 1.07
C THR E 299 -42.63 -17.65 1.74
N LYS E 300 -41.65 -17.23 0.97
CA LYS E 300 -40.64 -16.28 1.43
C LYS E 300 -40.17 -15.50 0.22
N GLY E 301 -40.45 -14.20 0.21
CA GLY E 301 -40.23 -13.43 -1.00
C GLY E 301 -41.06 -13.98 -2.14
N ASN E 302 -40.41 -14.19 -3.28
CA ASN E 302 -41.07 -14.66 -4.50
C ASN E 302 -41.08 -16.19 -4.63
N GLN E 303 -40.76 -16.91 -3.55
CA GLN E 303 -40.67 -18.36 -3.55
C GLN E 303 -41.86 -18.99 -2.84
N TRP E 304 -42.40 -20.06 -3.44
CA TRP E 304 -43.58 -20.76 -2.93
C TRP E 304 -43.27 -22.24 -2.96
N VAL E 305 -43.40 -22.91 -1.82
CA VAL E 305 -43.10 -24.32 -1.69
C VAL E 305 -44.23 -25.04 -0.98
N GLY E 306 -44.78 -26.06 -1.64
CA GLY E 306 -45.73 -26.97 -1.02
C GLY E 306 -44.98 -28.22 -0.63
N TYR E 307 -45.15 -28.63 0.62
CA TYR E 307 -44.33 -29.70 1.17
C TYR E 307 -45.11 -30.43 2.27
N ASP E 308 -44.55 -31.54 2.73
CA ASP E 308 -45.04 -32.23 3.92
C ASP E 308 -44.13 -31.96 5.11
N ASP E 309 -44.76 -31.82 6.28
CA ASP E 309 -44.00 -31.73 7.53
C ASP E 309 -44.53 -32.76 8.52
N GLN E 310 -44.02 -32.73 9.76
CA GLN E 310 -44.31 -33.77 10.72
C GLN E 310 -45.81 -33.90 11.01
N GLU E 311 -46.57 -32.81 10.92
CA GLU E 311 -48.00 -32.85 11.21
C GLU E 311 -48.79 -33.43 10.04
N SER E 312 -48.55 -32.92 8.83
CA SER E 312 -49.26 -33.41 7.65
C SER E 312 -48.95 -34.88 7.41
N VAL E 313 -47.73 -35.28 7.76
CA VAL E 313 -47.31 -36.69 7.68
C VAL E 313 -48.16 -37.58 8.58
N LYS E 314 -48.42 -37.15 9.81
CA LYS E 314 -49.23 -37.96 10.72
C LYS E 314 -50.65 -38.10 10.20
N SER E 315 -51.20 -37.01 9.65
CA SER E 315 -52.53 -37.08 9.06
C SER E 315 -52.57 -38.10 7.93
N LYS E 316 -51.53 -38.13 7.10
CA LYS E 316 -51.51 -39.08 6.00
C LYS E 316 -51.43 -40.52 6.52
N VAL E 317 -50.62 -40.76 7.56
CA VAL E 317 -50.54 -42.09 8.15
C VAL E 317 -51.89 -42.49 8.76
N GLN E 318 -52.58 -41.53 9.37
CA GLN E 318 -53.95 -41.74 9.85
C GLN E 318 -54.85 -42.18 8.71
N TYR E 319 -54.74 -41.51 7.56
CA TYR E 319 -55.55 -41.86 6.39
C TYR E 319 -55.31 -43.30 5.97
N LEU E 320 -54.03 -43.70 5.87
CA LEU E 320 -53.72 -45.05 5.39
C LEU E 320 -54.05 -46.12 6.42
N LYS E 321 -53.91 -45.81 7.71
CA LYS E 321 -54.30 -46.81 8.70
C LYS E 321 -55.82 -47.01 8.72
N ASP E 322 -56.60 -45.92 8.64
CA ASP E 322 -58.05 -46.10 8.53
C ASP E 322 -58.40 -46.89 7.29
N ARG E 323 -57.64 -46.70 6.22
CA ARG E 323 -57.80 -47.45 5.00
C ARG E 323 -57.26 -48.87 5.10
N GLN E 324 -56.60 -49.22 6.21
CA GLN E 324 -56.03 -50.56 6.37
C GLN E 324 -55.11 -50.90 5.20
N LEU E 325 -54.32 -49.90 4.79
CA LEU E 325 -53.30 -50.09 3.77
C LEU E 325 -52.13 -50.90 4.35
N ALA E 326 -51.26 -51.36 3.46
CA ALA E 326 -50.11 -52.14 3.93
C ALA E 326 -49.12 -51.27 4.70
N GLY E 327 -49.08 -49.97 4.44
CA GLY E 327 -48.19 -49.09 5.13
C GLY E 327 -47.81 -47.93 4.23
N ALA E 328 -46.75 -47.23 4.64
CA ALA E 328 -46.33 -46.01 3.97
C ALA E 328 -44.98 -46.20 3.31
N MET E 329 -44.81 -45.56 2.16
CA MET E 329 -43.54 -45.52 1.45
C MET E 329 -43.02 -44.10 1.47
N VAL E 330 -41.74 -43.95 1.78
CA VAL E 330 -41.11 -42.64 1.90
C VAL E 330 -40.19 -42.46 0.69
N TRP E 331 -40.39 -41.35 -0.03
CA TRP E 331 -39.44 -40.90 -1.04
C TRP E 331 -38.95 -39.52 -0.61
N ALA E 332 -37.69 -39.45 -0.23
CA ALA E 332 -36.73 -40.53 -0.14
C ALA E 332 -35.88 -40.26 1.08
N LEU E 333 -35.20 -41.29 1.59
CA LEU E 333 -34.43 -41.13 2.82
C LEU E 333 -33.38 -40.04 2.67
N ASP E 334 -32.80 -39.90 1.50
CA ASP E 334 -31.77 -38.89 1.28
C ASP E 334 -32.35 -37.49 1.22
N LEU E 335 -33.69 -37.36 1.22
CA LEU E 335 -34.37 -36.07 1.24
C LEU E 335 -34.97 -35.72 2.60
N ASP E 336 -35.15 -36.68 3.50
CA ASP E 336 -35.38 -36.35 4.89
C ASP E 336 -34.11 -35.74 5.49
N ASP E 337 -34.22 -35.15 6.68
CA ASP E 337 -33.05 -34.56 7.35
C ASP E 337 -32.25 -35.68 8.00
N PHE E 338 -31.49 -36.40 7.17
CA PHE E 338 -30.71 -37.52 7.66
C PHE E 338 -29.55 -37.10 8.55
N GLN E 339 -29.08 -35.86 8.43
CA GLN E 339 -28.06 -35.36 9.34
C GLN E 339 -28.63 -35.02 10.70
N GLY E 340 -29.87 -34.54 10.75
CA GLY E 340 -30.45 -34.11 12.00
C GLY E 340 -29.99 -32.75 12.45
N SER E 341 -29.26 -32.02 11.61
CA SER E 341 -28.73 -30.72 11.99
C SER E 341 -29.37 -29.54 11.28
N PHE E 342 -30.03 -29.76 10.14
CA PHE E 342 -30.57 -28.62 9.39
C PHE E 342 -31.90 -28.17 9.94
N CYS E 343 -32.73 -29.12 10.36
CA CYS E 343 -34.11 -28.86 10.71
C CYS E 343 -34.29 -28.46 12.16
N GLY E 344 -33.22 -28.04 12.84
CA GLY E 344 -33.29 -27.82 14.27
C GLY E 344 -33.42 -29.12 15.02
N GLN E 345 -33.27 -29.07 16.34
CA GLN E 345 -33.32 -30.26 17.19
C GLN E 345 -32.14 -31.19 16.92
N ASP E 346 -32.03 -32.24 17.71
CA ASP E 346 -30.87 -33.10 17.61
C ASP E 346 -31.10 -34.29 16.68
N LEU E 347 -32.35 -34.51 16.22
CA LEU E 347 -32.71 -35.84 15.70
C LEU E 347 -32.70 -35.88 14.18
N ARG E 348 -32.15 -36.97 13.66
CA ARG E 348 -32.10 -37.37 12.27
C ARG E 348 -33.45 -37.91 11.82
N PHE E 349 -33.69 -37.85 10.51
CA PHE E 349 -34.89 -38.39 9.89
C PHE E 349 -36.20 -37.93 10.55
N PRO E 350 -36.41 -36.62 10.67
CA PRO E 350 -37.59 -36.15 11.41
C PRO E 350 -38.91 -36.55 10.78
N LEU E 351 -38.99 -36.61 9.45
CA LEU E 351 -40.27 -37.00 8.83
C LEU E 351 -40.52 -38.49 8.92
N THR E 352 -39.56 -39.33 8.51
CA THR E 352 -39.85 -40.76 8.48
C THR E 352 -39.97 -41.33 9.89
N ASN E 353 -39.27 -40.76 10.87
CA ASN E 353 -39.54 -41.15 12.26
C ASN E 353 -40.95 -40.76 12.66
N ALA E 354 -41.42 -39.60 12.21
CA ALA E 354 -42.81 -39.23 12.45
C ALA E 354 -43.75 -40.25 11.83
N ILE E 355 -43.41 -40.76 10.64
CA ILE E 355 -44.22 -41.80 10.03
C ILE E 355 -44.14 -43.08 10.86
N LYS E 356 -42.91 -43.52 11.16
CA LYS E 356 -42.70 -44.72 11.97
C LYS E 356 -43.45 -44.67 13.29
N ASP E 357 -43.37 -43.54 14.00
CA ASP E 357 -44.06 -43.44 15.28
C ASP E 357 -45.56 -43.51 15.09
N ALA E 358 -46.08 -42.81 14.09
CA ALA E 358 -47.51 -42.82 13.82
C ALA E 358 -47.99 -44.18 13.35
N LEU E 359 -47.15 -44.90 12.61
CA LEU E 359 -47.58 -46.23 12.23
C LEU E 359 -47.70 -47.14 13.45
N ALA E 360 -46.81 -46.96 14.43
CA ALA E 360 -46.82 -47.79 15.63
C ALA E 360 -47.78 -47.29 16.68
N ALA E 361 -48.09 -45.99 16.67
CA ALA E 361 -49.08 -45.45 17.59
C ALA E 361 -50.44 -46.07 17.28
N THR E 362 -51.27 -46.20 18.32
CA THR E 362 -52.59 -46.79 18.17
C THR E 362 -53.59 -45.76 17.64
N TYR F 1 -15.62 28.41 77.27
CA TYR F 1 -16.59 29.09 76.42
C TYR F 1 -16.32 28.77 74.96
N LYS F 2 -17.38 28.66 74.17
CA LYS F 2 -17.22 28.53 72.73
C LYS F 2 -17.03 29.90 72.09
N LEU F 3 -16.07 30.02 71.18
CA LEU F 3 -16.00 31.18 70.29
C LEU F 3 -16.27 30.68 68.87
N VAL F 4 -17.48 30.93 68.39
CA VAL F 4 -17.95 30.39 67.12
C VAL F 4 -17.85 31.49 66.07
N CYS F 5 -17.05 31.27 65.03
CA CYS F 5 -16.74 32.29 64.05
C CYS F 5 -17.18 31.84 62.66
N TYR F 6 -17.98 32.65 62.00
CA TYR F 6 -18.38 32.35 60.64
C TYR F 6 -17.34 32.86 59.65
N TYR F 7 -17.14 32.09 58.59
CA TYR F 7 -16.42 32.55 57.40
C TYR F 7 -17.39 32.45 56.25
N THR F 8 -17.44 33.47 55.41
CA THR F 8 -18.37 33.51 54.29
C THR F 8 -17.61 33.30 52.99
N SER F 9 -18.12 32.39 52.15
CA SER F 9 -17.41 31.98 50.94
C SER F 9 -17.25 33.14 49.97
N TRP F 10 -18.24 34.01 49.93
CA TRP F 10 -18.25 35.10 48.97
C TRP F 10 -17.28 36.22 49.34
N SER F 11 -16.64 36.14 50.50
CA SER F 11 -15.70 37.20 50.85
C SER F 11 -14.40 37.13 50.09
N GLN F 12 -14.32 36.24 49.12
CA GLN F 12 -13.12 36.13 48.31
C GLN F 12 -13.16 37.06 47.11
N TYR F 13 -14.33 37.54 46.73
CA TYR F 13 -14.47 38.34 45.54
C TYR F 13 -14.34 39.83 45.82
N ARG F 14 -14.08 40.22 47.07
CA ARG F 14 -13.84 41.62 47.38
C ARG F 14 -12.49 42.05 46.84
N GLU F 15 -12.38 43.31 46.44
CA GLU F 15 -11.16 43.75 45.77
C GLU F 15 -9.99 43.84 46.74
N GLY F 16 -8.79 43.60 46.20
CA GLY F 16 -7.56 43.86 46.93
C GLY F 16 -7.52 43.22 48.29
N ASP F 17 -7.15 44.00 49.30
CA ASP F 17 -7.03 43.45 50.64
C ASP F 17 -8.38 43.04 51.21
N GLY F 18 -9.48 43.32 50.51
CA GLY F 18 -10.78 42.84 50.95
C GLY F 18 -11.01 41.36 50.69
N SER F 19 -10.26 40.77 49.77
CA SER F 19 -10.40 39.34 49.47
C SER F 19 -9.97 38.47 50.63
N CYS F 20 -10.84 37.54 51.01
CA CYS F 20 -10.62 36.70 52.18
C CYS F 20 -10.79 35.24 51.80
N PHE F 21 -9.73 34.47 51.98
CA PHE F 21 -9.75 33.03 51.83
C PHE F 21 -9.49 32.37 53.16
N PRO F 22 -10.00 31.16 53.39
CA PRO F 22 -9.92 30.59 54.75
C PRO F 22 -8.51 30.46 55.27
N ASP F 23 -7.51 30.34 54.39
CA ASP F 23 -6.13 30.19 54.83
C ASP F 23 -5.58 31.45 55.49
N ALA F 24 -6.31 32.57 55.46
CA ALA F 24 -5.93 33.80 56.15
C ALA F 24 -6.46 33.86 57.58
N LEU F 25 -7.09 32.80 58.07
CA LEU F 25 -7.71 32.80 59.38
C LEU F 25 -6.75 32.22 60.42
N ASP F 26 -6.74 32.81 61.60
CA ASP F 26 -5.89 32.34 62.69
C ASP F 26 -6.53 31.09 63.28
N ARG F 27 -5.81 29.95 63.20
CA ARG F 27 -6.34 28.67 63.66
C ARG F 27 -6.61 28.65 65.15
N PHE F 28 -5.92 29.49 65.92
CA PHE F 28 -6.04 29.49 67.37
C PHE F 28 -6.91 30.63 67.86
N LEU F 29 -7.62 31.29 66.95
CA LEU F 29 -8.47 32.41 67.33
C LEU F 29 -9.78 31.92 67.95
N CYS F 30 -10.49 31.04 67.27
CA CYS F 30 -11.82 30.63 67.67
C CYS F 30 -11.82 29.16 68.04
N THR F 31 -12.85 28.74 68.77
CA THR F 31 -12.99 27.33 69.05
C THR F 31 -13.69 26.60 67.91
N HIS F 32 -14.59 27.26 67.21
CA HIS F 32 -15.32 26.69 66.10
C HIS F 32 -15.28 27.69 64.96
N ILE F 33 -15.04 27.20 63.74
CA ILE F 33 -15.19 27.98 62.53
C ILE F 33 -16.31 27.35 61.70
N ILE F 34 -17.27 28.16 61.28
CA ILE F 34 -18.39 27.67 60.50
C ILE F 34 -18.28 28.28 59.09
N TYR F 35 -18.22 27.41 58.09
CA TYR F 35 -18.19 27.82 56.69
C TYR F 35 -19.61 28.06 56.18
N SER F 36 -19.85 29.24 55.56
CA SER F 36 -21.18 29.63 55.05
C SER F 36 -21.12 29.94 53.56
N PHE F 37 -22.04 29.37 52.77
CA PHE F 37 -23.12 28.44 53.04
C PHE F 37 -23.08 27.33 51.97
N ALA F 38 -23.53 26.13 52.32
CA ALA F 38 -23.75 25.06 51.35
C ALA F 38 -25.18 25.06 50.79
N ASN F 39 -25.31 24.46 49.63
CA ASN F 39 -26.59 24.37 48.95
C ASN F 39 -27.30 23.09 49.39
N ILE F 40 -28.53 22.94 48.93
CA ILE F 40 -29.18 21.64 48.89
C ILE F 40 -29.67 21.48 47.46
N SER F 41 -29.01 20.62 46.70
CA SER F 41 -29.25 20.47 45.27
C SER F 41 -29.72 19.05 45.05
N ASN F 42 -30.90 18.91 44.46
CA ASN F 42 -31.52 17.62 44.23
C ASN F 42 -31.60 16.82 45.54
N ASP F 43 -32.07 17.50 46.59
CA ASP F 43 -32.26 17.01 47.96
C ASP F 43 -31.00 16.49 48.62
N HIS F 44 -29.83 16.72 48.03
CA HIS F 44 -28.58 16.39 48.69
C HIS F 44 -27.93 17.70 49.14
N ILE F 45 -27.32 17.69 50.32
CA ILE F 45 -26.40 18.76 50.65
C ILE F 45 -25.32 18.76 49.59
N ASP F 46 -24.95 19.96 49.16
CA ASP F 46 -24.06 20.05 48.02
C ASP F 46 -23.31 21.37 48.05
N THR F 47 -22.29 21.45 47.21
CA THR F 47 -21.52 22.66 47.14
C THR F 47 -22.32 23.83 46.58
N TRP F 48 -21.89 25.05 46.92
CA TRP F 48 -22.49 26.29 46.45
C TRP F 48 -21.58 27.06 45.50
N GLU F 49 -20.42 27.49 45.96
CA GLU F 49 -19.51 28.20 45.09
C GLU F 49 -18.75 27.18 44.25
N TRP F 50 -17.85 27.65 43.37
CA TRP F 50 -17.09 26.72 42.53
C TRP F 50 -15.84 26.22 43.25
N ASN F 51 -15.15 27.11 43.96
CA ASN F 51 -13.95 26.71 44.68
C ASN F 51 -14.26 26.23 46.11
N ASP F 52 -15.52 25.95 46.42
CA ASP F 52 -15.85 25.48 47.77
C ASP F 52 -14.96 24.31 48.16
N VAL F 53 -14.79 23.35 47.26
CA VAL F 53 -14.04 22.16 47.65
C VAL F 53 -12.59 22.52 47.99
N THR F 54 -11.96 23.36 47.17
CA THR F 54 -10.57 23.73 47.48
C THR F 54 -10.52 24.63 48.70
N LEU F 55 -11.56 25.46 48.91
CA LEU F 55 -11.65 26.31 50.11
C LEU F 55 -11.97 25.50 51.36
N TYR F 56 -12.83 24.47 51.25
CA TYR F 56 -13.03 23.53 52.34
C TYR F 56 -11.69 23.01 52.82
N GLY F 57 -10.85 22.59 51.87
CA GLY F 57 -9.54 22.11 52.22
C GLY F 57 -8.73 23.13 52.98
N MET F 58 -8.71 24.37 52.48
CA MET F 58 -8.00 25.44 53.19
C MET F 58 -8.48 25.55 54.62
N LEU F 59 -9.80 25.47 54.83
CA LEU F 59 -10.33 25.62 56.17
C LEU F 59 -9.86 24.46 57.06
N ASN F 60 -10.07 23.23 56.60
CA ASN F 60 -9.85 22.06 57.46
C ASN F 60 -8.39 21.68 57.62
N THR F 61 -7.49 22.13 56.74
CA THR F 61 -6.08 21.95 57.05
C THR F 61 -5.64 22.79 58.25
N LEU F 62 -6.44 23.81 58.63
CA LEU F 62 -6.10 24.56 59.84
C LEU F 62 -6.13 23.65 61.06
N LYS F 63 -6.95 22.60 61.02
CA LYS F 63 -7.05 21.66 62.13
C LYS F 63 -5.82 20.77 62.26
N ASN F 64 -4.94 20.75 61.26
CA ASN F 64 -3.76 19.88 61.35
C ASN F 64 -2.91 20.23 62.55
N ARG F 65 -2.67 21.52 62.77
CA ARG F 65 -1.84 21.95 63.89
C ARG F 65 -2.65 22.32 65.13
N ASN F 66 -3.97 22.43 65.02
CA ASN F 66 -4.84 22.67 66.17
C ASN F 66 -5.96 21.64 66.22
N PRO F 67 -5.69 20.45 66.78
CA PRO F 67 -6.71 19.39 66.77
C PRO F 67 -8.02 19.79 67.42
N ASN F 68 -7.98 20.71 68.39
CA ASN F 68 -9.20 21.11 69.08
C ASN F 68 -10.08 22.02 68.25
N LEU F 69 -9.54 22.61 67.17
CA LEU F 69 -10.36 23.44 66.31
C LEU F 69 -11.43 22.57 65.65
N LYS F 70 -12.69 22.98 65.79
CA LYS F 70 -13.83 22.29 65.19
C LYS F 70 -14.37 23.14 64.05
N THR F 71 -14.79 22.49 62.97
CA THR F 71 -15.31 23.19 61.79
C THR F 71 -16.68 22.64 61.46
N LEU F 72 -17.61 23.52 61.08
CA LEU F 72 -18.92 23.09 60.66
C LEU F 72 -19.27 23.71 59.31
N LEU F 73 -20.12 23.02 58.55
CA LEU F 73 -20.62 23.54 57.30
C LEU F 73 -22.05 24.03 57.53
N SER F 74 -22.33 25.27 57.10
CA SER F 74 -23.62 25.91 57.31
C SER F 74 -24.45 25.80 56.04
N VAL F 75 -25.68 25.28 56.17
CA VAL F 75 -26.58 25.00 55.06
C VAL F 75 -27.70 26.04 55.05
N GLY F 76 -27.81 26.77 53.94
CA GLY F 76 -28.92 27.67 53.75
C GLY F 76 -28.47 29.06 53.36
N GLY F 77 -28.76 30.02 54.22
CA GLY F 77 -28.42 31.39 53.92
C GLY F 77 -29.55 32.13 53.22
N TRP F 78 -29.28 33.41 52.99
CA TRP F 78 -30.29 34.31 52.46
C TRP F 78 -30.66 33.96 51.02
N ASN F 79 -29.67 33.68 50.17
CA ASN F 79 -29.94 33.38 48.78
C ASN F 79 -30.47 31.97 48.54
N PHE F 80 -30.54 31.15 49.58
CA PHE F 80 -31.15 29.84 49.39
C PHE F 80 -32.65 29.98 49.14
N GLY F 81 -33.33 30.78 49.96
CA GLY F 81 -34.78 30.98 49.85
C GLY F 81 -35.61 29.98 50.63
N SER F 82 -36.39 30.47 51.60
CA SER F 82 -37.16 29.59 52.49
C SER F 82 -38.10 28.68 51.72
N GLN F 83 -38.60 29.13 50.56
CA GLN F 83 -39.51 28.29 49.79
C GLN F 83 -38.85 26.95 49.49
N ARG F 84 -37.62 26.98 48.96
CA ARG F 84 -36.97 25.73 48.60
C ARG F 84 -36.66 24.90 49.84
N PHE F 85 -36.16 25.54 50.91
CA PHE F 85 -35.85 24.81 52.12
C PHE F 85 -37.10 24.20 52.74
N SER F 86 -38.23 24.91 52.64
CA SER F 86 -39.48 24.36 53.15
C SER F 86 -39.86 23.10 52.41
N LYS F 87 -39.82 23.16 51.08
CA LYS F 87 -40.13 21.98 50.28
C LYS F 87 -39.26 20.79 50.69
N ILE F 88 -37.99 21.06 51.03
CA ILE F 88 -37.11 19.99 51.46
C ILE F 88 -37.48 19.51 52.85
N ALA F 89 -37.70 20.43 53.78
CA ALA F 89 -37.98 20.01 55.14
C ALA F 89 -39.38 19.42 55.28
N SER F 90 -40.33 19.83 54.43
CA SER F 90 -41.71 19.38 54.58
C SER F 90 -41.94 17.98 54.04
N ASN F 91 -41.18 17.57 53.02
CA ASN F 91 -41.33 16.25 52.39
C ASN F 91 -40.53 15.19 53.13
N THR F 92 -41.21 14.09 53.50
CA THR F 92 -40.57 13.02 54.26
C THR F 92 -39.44 12.34 53.47
N GLN F 93 -39.59 12.20 52.15
CA GLN F 93 -38.49 11.66 51.35
C GLN F 93 -37.32 12.64 51.26
N SER F 94 -37.63 13.91 50.98
CA SER F 94 -36.60 14.93 50.85
C SER F 94 -35.76 15.04 52.11
N ARG F 95 -36.39 14.92 53.28
CA ARG F 95 -35.63 14.96 54.53
C ARG F 95 -34.64 13.83 54.61
N ARG F 96 -35.08 12.60 54.31
CA ARG F 96 -34.17 11.47 54.42
C ARG F 96 -32.96 11.65 53.52
N THR F 97 -33.19 11.89 52.23
CA THR F 97 -32.03 12.04 51.34
C THR F 97 -31.11 13.15 51.83
N PHE F 98 -31.66 14.29 52.28
CA PHE F 98 -30.82 15.35 52.81
C PHE F 98 -30.08 14.88 54.06
N ILE F 99 -30.82 14.38 55.06
CA ILE F 99 -30.21 13.95 56.31
C ILE F 99 -29.18 12.84 56.08
N LYS F 100 -29.46 11.91 55.16
CA LYS F 100 -28.50 10.85 54.92
C LYS F 100 -27.33 11.32 54.06
N SER F 101 -27.45 12.45 53.38
CA SER F 101 -26.35 12.95 52.56
C SER F 101 -25.35 13.75 53.36
N VAL F 102 -25.78 14.33 54.47
CA VAL F 102 -24.95 15.27 55.23
C VAL F 102 -23.74 14.56 55.84
N PRO F 103 -23.88 13.47 56.61
CA PRO F 103 -22.71 12.88 57.27
C PRO F 103 -21.63 12.46 56.27
N PRO F 104 -21.95 11.72 55.19
CA PRO F 104 -20.88 11.43 54.23
C PRO F 104 -20.30 12.69 53.60
N PHE F 105 -21.14 13.65 53.23
CA PHE F 105 -20.63 14.89 52.66
C PHE F 105 -19.75 15.63 53.65
N LEU F 106 -20.18 15.72 54.90
CA LEU F 106 -19.35 16.40 55.89
C LEU F 106 -18.01 15.70 56.02
N ARG F 107 -18.03 14.38 56.12
CA ARG F 107 -16.79 13.66 56.39
C ARG F 107 -15.83 13.69 55.20
N THR F 108 -16.33 13.55 53.96
CA THR F 108 -15.42 13.57 52.80
C THR F 108 -14.63 14.87 52.75
N HIS F 109 -15.26 15.99 53.12
CA HIS F 109 -14.60 17.28 53.10
C HIS F 109 -14.12 17.72 54.47
N GLY F 110 -14.19 16.85 55.47
CA GLY F 110 -13.50 17.09 56.73
C GLY F 110 -14.14 18.04 57.71
N PHE F 111 -15.45 18.23 57.66
CA PHE F 111 -16.16 19.03 58.64
C PHE F 111 -16.55 18.21 59.87
N ASP F 112 -16.57 18.86 61.02
CA ASP F 112 -16.94 18.17 62.24
C ASP F 112 -18.43 18.20 62.53
N GLY F 113 -19.21 19.00 61.82
CA GLY F 113 -20.63 19.05 62.10
C GLY F 113 -21.36 19.96 61.14
N LEU F 114 -22.69 20.02 61.30
CA LEU F 114 -23.58 20.80 60.45
C LEU F 114 -24.18 21.96 61.23
N ASP F 115 -24.33 23.10 60.55
CA ASP F 115 -24.97 24.27 61.14
C ASP F 115 -26.14 24.64 60.24
N LEU F 116 -27.35 24.43 60.75
CA LEU F 116 -28.54 24.77 60.00
C LEU F 116 -28.74 26.28 60.02
N ALA F 117 -28.86 26.87 58.83
CA ALA F 117 -29.04 28.31 58.68
C ALA F 117 -30.24 28.57 57.77
N TRP F 118 -31.40 28.05 58.19
CA TRP F 118 -32.65 28.36 57.50
C TRP F 118 -33.02 29.80 57.87
N LEU F 119 -32.87 30.71 56.91
CA LEU F 119 -33.09 32.15 57.15
C LEU F 119 -34.23 32.63 56.26
N TYR F 120 -35.47 32.40 56.71
CA TYR F 120 -35.88 31.91 58.01
C TYR F 120 -37.09 31.02 57.78
N PRO F 121 -37.30 30.02 58.64
CA PRO F 121 -38.52 29.21 58.49
C PRO F 121 -39.76 30.08 58.60
N GLY F 122 -40.88 29.59 58.04
CA GLY F 122 -42.13 30.32 58.08
C GLY F 122 -42.95 29.92 59.28
N ARG F 123 -44.10 30.60 59.44
CA ARG F 123 -45.01 30.24 60.52
C ARG F 123 -45.51 28.81 60.34
N ARG F 124 -45.50 28.32 59.10
CA ARG F 124 -45.97 26.97 58.82
C ARG F 124 -44.89 25.91 58.96
N ASP F 125 -43.63 26.33 59.03
CA ASP F 125 -42.51 25.40 59.08
C ASP F 125 -41.93 25.26 60.47
N LYS F 126 -42.66 25.70 61.50
CA LYS F 126 -42.11 25.64 62.85
C LYS F 126 -41.92 24.18 63.26
N GLN F 127 -42.94 23.35 63.05
CA GLN F 127 -42.84 21.94 63.35
C GLN F 127 -41.93 21.23 62.36
N HIS F 128 -42.03 21.58 61.07
CA HIS F 128 -41.15 21.00 60.07
C HIS F 128 -39.70 21.24 60.42
N PHE F 129 -39.40 22.45 60.90
CA PHE F 129 -38.07 22.75 61.36
C PHE F 129 -37.67 21.85 62.51
N THR F 130 -38.60 21.59 63.44
CA THR F 130 -38.28 20.78 64.61
C THR F 130 -38.01 19.34 64.23
N THR F 131 -38.87 18.77 63.39
CA THR F 131 -38.64 17.38 62.98
C THR F 131 -37.34 17.25 62.19
N LEU F 132 -37.00 18.25 61.37
CA LEU F 132 -35.70 18.24 60.71
C LEU F 132 -34.57 18.22 61.75
N ILE F 133 -34.67 19.11 62.75
CA ILE F 133 -33.65 19.20 63.78
C ILE F 133 -33.53 17.89 64.53
N LYS F 134 -34.68 17.30 64.92
CA LYS F 134 -34.65 16.06 65.68
C LYS F 134 -34.03 14.90 64.88
N GLU F 135 -34.50 14.72 63.64
CA GLU F 135 -34.03 13.63 62.79
C GLU F 135 -32.57 13.76 62.40
N MET F 136 -32.08 14.99 62.24
CA MET F 136 -30.66 15.18 61.97
C MET F 136 -29.81 14.65 63.11
N LYS F 137 -30.08 15.13 64.34
CA LYS F 137 -29.32 14.65 65.48
C LYS F 137 -29.47 13.14 65.61
N ALA F 138 -30.65 12.62 65.26
CA ALA F 138 -30.86 11.18 65.31
C ALA F 138 -29.85 10.46 64.45
N GLU F 139 -29.73 10.86 63.18
CA GLU F 139 -28.84 10.16 62.26
C GLU F 139 -27.38 10.33 62.69
N PHE F 140 -27.03 11.52 63.20
CA PHE F 140 -25.67 11.75 63.69
C PHE F 140 -25.32 10.80 64.83
N ILE F 141 -26.29 10.53 65.70
CA ILE F 141 -26.08 9.56 66.78
C ILE F 141 -26.03 8.16 66.24
N LYS F 142 -26.96 7.82 65.33
CA LYS F 142 -26.99 6.47 64.77
C LYS F 142 -25.70 6.17 64.05
N GLU F 143 -25.18 7.15 63.31
CA GLU F 143 -23.99 6.95 62.48
C GLU F 143 -22.72 6.76 63.31
N ALA F 144 -22.68 7.21 64.56
CA ALA F 144 -21.45 7.16 65.33
C ALA F 144 -21.03 5.71 65.58
N GLN F 145 -19.76 5.41 65.30
CA GLN F 145 -19.12 4.13 65.54
C GLN F 145 -17.85 4.41 66.32
N PRO F 146 -17.25 3.39 66.94
CA PRO F 146 -15.89 3.59 67.47
C PRO F 146 -14.94 4.03 66.37
N GLY F 147 -14.34 5.21 66.57
CA GLY F 147 -13.51 5.82 65.56
C GLY F 147 -14.19 6.87 64.72
N LYS F 148 -15.53 6.92 64.68
CA LYS F 148 -16.24 8.04 64.07
C LYS F 148 -16.80 8.94 65.18
N LYS F 149 -16.25 10.16 65.30
CA LYS F 149 -16.80 11.09 66.28
C LYS F 149 -18.20 11.54 65.85
N GLN F 150 -19.10 11.60 66.82
CA GLN F 150 -20.45 12.06 66.50
C GLN F 150 -20.40 13.46 65.94
N LEU F 151 -21.15 13.69 64.87
CA LEU F 151 -21.18 14.99 64.22
C LEU F 151 -21.94 16.01 65.08
N LEU F 152 -21.45 17.25 65.07
CA LEU F 152 -22.08 18.36 65.78
C LEU F 152 -23.25 18.89 64.96
N LEU F 153 -24.32 19.29 65.64
CA LEU F 153 -25.47 19.92 65.01
C LEU F 153 -25.80 21.21 65.73
N SER F 154 -25.63 22.34 65.03
CA SER F 154 -25.96 23.67 65.55
C SER F 154 -26.91 24.39 64.60
N ALA F 155 -27.46 25.51 65.04
CA ALA F 155 -28.33 26.29 64.18
C ALA F 155 -28.18 27.77 64.48
N ALA F 156 -28.18 28.58 63.42
CA ALA F 156 -28.24 30.03 63.53
C ALA F 156 -29.70 30.49 63.55
N LEU F 157 -30.11 31.10 64.66
CA LEU F 157 -31.49 31.55 64.84
C LEU F 157 -31.57 33.07 64.85
N SER F 158 -32.69 33.59 64.38
CA SER F 158 -32.94 35.02 64.44
C SER F 158 -33.01 35.48 65.89
N ALA F 159 -32.54 36.69 66.16
CA ALA F 159 -32.79 37.29 67.47
C ALA F 159 -34.08 38.08 67.52
N GLY F 160 -34.81 38.15 66.40
CA GLY F 160 -36.03 38.94 66.34
C GLY F 160 -37.19 38.25 67.00
N LYS F 161 -37.85 38.97 67.91
CA LYS F 161 -38.99 38.36 68.60
C LYS F 161 -40.03 37.86 67.61
N VAL F 162 -40.33 38.63 66.55
CA VAL F 162 -41.39 38.24 65.63
C VAL F 162 -41.09 36.89 64.99
N THR F 163 -39.88 36.73 64.42
CA THR F 163 -39.58 35.45 63.81
C THR F 163 -39.44 34.35 64.87
N ILE F 164 -38.83 34.65 66.03
CA ILE F 164 -38.72 33.63 67.09
C ILE F 164 -40.11 33.11 67.44
N ASP F 165 -41.06 34.01 67.61
CA ASP F 165 -42.41 33.58 67.99
C ASP F 165 -43.05 32.73 66.90
N SER F 166 -42.85 33.07 65.63
CA SER F 166 -43.53 32.38 64.55
C SER F 166 -42.85 31.09 64.14
N SER F 167 -41.52 31.05 64.17
CA SER F 167 -40.79 30.03 63.44
C SER F 167 -40.09 28.99 64.30
N TYR F 168 -39.79 29.28 65.56
CA TYR F 168 -39.00 28.35 66.37
C TYR F 168 -39.78 27.78 67.55
N ASP F 169 -39.58 26.48 67.77
CA ASP F 169 -40.01 25.80 68.99
C ASP F 169 -38.77 25.65 69.86
N ILE F 170 -38.40 26.76 70.52
CA ILE F 170 -37.10 26.83 71.19
C ILE F 170 -36.91 25.65 72.14
N ALA F 171 -37.89 25.41 73.01
CA ALA F 171 -37.75 24.38 74.04
C ALA F 171 -37.45 23.01 73.43
N LYS F 172 -38.22 22.62 72.42
CA LYS F 172 -38.06 21.28 71.86
C LYS F 172 -36.80 21.20 71.01
N ILE F 173 -36.55 22.24 70.20
CA ILE F 173 -35.38 22.28 69.33
C ILE F 173 -34.08 22.32 70.14
N SER F 174 -34.08 23.01 71.29
CA SER F 174 -32.85 23.14 72.07
C SER F 174 -32.31 21.80 72.51
N GLN F 175 -33.19 20.83 72.74
CA GLN F 175 -32.74 19.56 73.26
C GLN F 175 -31.93 18.76 72.23
N HIS F 176 -32.10 19.06 70.94
CA HIS F 176 -31.40 18.32 69.88
C HIS F 176 -30.16 19.05 69.38
N LEU F 177 -30.18 20.38 69.36
CA LEU F 177 -29.00 21.14 68.95
C LEU F 177 -27.91 21.13 70.02
N ASP F 178 -26.65 21.05 69.57
CA ASP F 178 -25.55 21.13 70.54
C ASP F 178 -25.34 22.55 71.03
N PHE F 179 -25.48 23.52 70.14
CA PHE F 179 -25.48 24.91 70.57
C PHE F 179 -26.27 25.71 69.54
N ILE F 180 -26.74 26.87 69.96
CA ILE F 180 -27.53 27.79 69.14
C ILE F 180 -26.81 29.12 69.03
N SER F 181 -26.57 29.55 67.80
CA SER F 181 -26.08 30.89 67.51
C SER F 181 -27.29 31.81 67.38
N ILE F 182 -27.46 32.71 68.35
CA ILE F 182 -28.50 33.73 68.31
C ILE F 182 -27.93 34.95 67.62
N MET F 183 -28.56 35.32 66.50
CA MET F 183 -28.08 36.41 65.65
C MET F 183 -28.56 37.75 66.21
N THR F 184 -27.98 38.10 67.38
CA THR F 184 -28.30 39.33 68.10
C THR F 184 -27.62 40.54 67.47
N TYR F 185 -27.91 40.75 66.19
CA TYR F 185 -27.48 41.93 65.48
C TYR F 185 -28.50 42.17 64.38
N ASP F 186 -28.26 43.24 63.60
CA ASP F 186 -29.15 43.63 62.52
C ASP F 186 -30.56 43.95 63.05
N PHE F 187 -30.63 44.51 64.27
CA PHE F 187 -31.88 44.94 64.88
C PHE F 187 -32.43 46.20 64.25
N HIS F 188 -31.57 47.00 63.64
CA HIS F 188 -31.98 48.28 63.09
C HIS F 188 -31.37 48.44 61.72
N GLY F 189 -32.15 48.95 60.78
CA GLY F 189 -31.58 49.20 59.48
C GLY F 189 -32.23 50.41 58.86
N ALA F 190 -31.73 50.79 57.68
CA ALA F 190 -32.21 52.00 57.07
C ALA F 190 -33.69 51.92 56.78
N TRP F 191 -34.24 50.71 56.72
CA TRP F 191 -35.66 50.56 56.41
C TRP F 191 -36.58 51.24 57.41
N ARG F 192 -36.08 51.59 58.60
CA ARG F 192 -36.93 52.22 59.59
C ARG F 192 -37.02 53.73 59.44
N GLY F 193 -36.20 54.33 58.58
CA GLY F 193 -36.22 55.75 58.34
C GLY F 193 -35.55 56.59 59.41
N THR F 194 -34.93 55.96 60.40
CA THR F 194 -34.23 56.69 61.44
C THR F 194 -32.89 56.03 61.70
N THR F 195 -31.97 56.79 62.28
CA THR F 195 -30.74 56.17 62.74
C THR F 195 -31.02 55.24 63.91
N GLY F 196 -30.23 54.18 64.00
CA GLY F 196 -30.32 53.30 65.13
C GLY F 196 -29.16 52.33 65.15
N HIS F 197 -28.68 51.99 66.35
CA HIS F 197 -27.63 51.00 66.43
C HIS F 197 -28.21 49.61 66.20
N HIS F 198 -27.58 48.84 65.34
CA HIS F 198 -28.16 47.57 64.96
C HIS F 198 -27.83 46.44 65.92
N SER F 199 -26.86 46.62 66.81
CA SER F 199 -26.52 45.59 67.80
C SER F 199 -26.31 46.22 69.17
N PRO F 200 -27.34 46.85 69.73
CA PRO F 200 -27.23 47.39 71.09
C PRO F 200 -27.23 46.29 72.13
N LEU F 201 -26.48 46.49 73.21
CA LEU F 201 -26.45 45.48 74.27
C LEU F 201 -27.75 45.48 75.07
N PHE F 202 -28.18 46.65 75.56
CA PHE F 202 -29.45 46.82 76.26
C PHE F 202 -30.37 47.79 75.51
N ARG F 203 -31.64 47.79 75.91
CA ARG F 203 -32.62 48.70 75.29
C ARG F 203 -32.18 50.16 75.40
N GLY F 204 -31.57 50.54 76.52
CA GLY F 204 -31.21 51.92 76.72
C GLY F 204 -32.40 52.83 76.98
N GLN F 205 -32.26 54.09 76.59
CA GLN F 205 -33.30 55.07 76.84
C GLN F 205 -34.64 54.63 76.26
N GLU F 206 -35.67 54.71 77.10
CA GLU F 206 -37.00 54.22 76.77
C GLU F 206 -37.61 54.94 75.59
N ASP F 207 -37.25 56.22 75.37
CA ASP F 207 -37.79 56.97 74.24
C ASP F 207 -37.11 56.61 72.94
N ALA F 208 -35.78 56.47 72.99
CA ALA F 208 -35.03 56.25 71.76
C ALA F 208 -35.49 54.97 71.07
N SER F 209 -35.54 53.87 71.81
CA SER F 209 -35.88 52.58 71.21
C SER F 209 -37.26 52.64 70.56
N PRO F 210 -37.40 52.14 69.34
CA PRO F 210 -38.74 52.01 68.76
C PRO F 210 -39.56 50.96 69.48
N ASP F 211 -39.01 49.76 69.62
CA ASP F 211 -39.66 48.66 70.32
C ASP F 211 -38.78 48.15 71.46
N ARG F 212 -39.43 47.46 72.40
CA ARG F 212 -38.72 46.90 73.55
C ARG F 212 -37.83 45.71 73.18
N PHE F 213 -37.88 45.23 71.93
CA PHE F 213 -37.31 43.94 71.54
C PHE F 213 -36.01 44.02 70.76
N SER F 214 -35.72 45.12 70.05
CA SER F 214 -34.59 45.12 69.12
C SER F 214 -33.26 45.38 69.82
N ASN F 215 -32.91 44.49 70.74
CA ASN F 215 -31.61 44.58 71.38
C ASN F 215 -31.25 43.21 71.93
N THR F 216 -29.94 42.99 72.06
CA THR F 216 -29.44 41.66 72.40
C THR F 216 -29.94 41.19 73.76
N ASP F 217 -30.03 42.08 74.75
CA ASP F 217 -30.46 41.65 76.08
C ASP F 217 -31.87 41.06 76.05
N TYR F 218 -32.81 41.70 75.35
CA TYR F 218 -34.13 41.08 75.27
C TYR F 218 -34.06 39.74 74.56
N ALA F 219 -33.30 39.66 73.47
CA ALA F 219 -33.23 38.42 72.70
C ALA F 219 -32.64 37.28 73.54
N VAL F 220 -31.50 37.54 74.19
CA VAL F 220 -30.89 36.51 75.02
C VAL F 220 -31.88 36.03 76.07
N GLY F 221 -32.44 36.97 76.84
CA GLY F 221 -33.37 36.59 77.88
C GLY F 221 -34.63 35.93 77.36
N TYR F 222 -35.00 36.22 76.10
CA TYR F 222 -36.23 35.63 75.57
C TYR F 222 -36.04 34.15 75.28
N MET F 223 -34.96 33.82 74.58
CA MET F 223 -34.70 32.42 74.26
C MET F 223 -34.47 31.63 75.54
N LEU F 224 -33.77 32.24 76.50
CA LEU F 224 -33.65 31.59 77.81
C LEU F 224 -35.02 31.31 78.39
N ARG F 225 -35.91 32.30 78.33
CA ARG F 225 -37.24 32.12 78.88
C ARG F 225 -38.04 31.08 78.12
N LEU F 226 -37.83 30.96 76.81
CA LEU F 226 -38.54 29.98 76.01
C LEU F 226 -37.94 28.58 76.14
N GLY F 227 -36.91 28.41 76.96
CA GLY F 227 -36.37 27.10 77.26
C GLY F 227 -35.04 26.75 76.66
N ALA F 228 -34.34 27.70 76.06
CA ALA F 228 -32.98 27.45 75.63
C ALA F 228 -32.05 27.37 76.84
N PRO F 229 -31.28 26.31 76.98
CA PRO F 229 -30.28 26.24 78.06
C PRO F 229 -29.19 27.28 77.83
N ALA F 230 -28.77 27.95 78.90
CA ALA F 230 -27.69 28.92 78.77
C ALA F 230 -26.42 28.27 78.20
N SER F 231 -26.15 27.03 78.61
CA SER F 231 -25.01 26.26 78.12
C SER F 231 -25.08 25.96 76.61
N LYS F 232 -26.21 26.24 75.97
CA LYS F 232 -26.37 26.02 74.55
C LYS F 232 -26.52 27.33 73.78
N LEU F 233 -26.57 28.47 74.48
CA LEU F 233 -26.65 29.77 73.84
C LEU F 233 -25.27 30.31 73.53
N VAL F 234 -25.08 30.70 72.28
CA VAL F 234 -23.89 31.41 71.84
C VAL F 234 -24.37 32.75 71.29
N MET F 235 -23.91 33.84 71.89
CA MET F 235 -24.49 35.15 71.64
C MET F 235 -23.82 35.79 70.43
N GLY F 236 -24.63 36.19 69.45
CA GLY F 236 -24.07 36.78 68.23
C GLY F 236 -23.51 38.18 68.49
N ILE F 237 -22.28 38.42 68.04
CA ILE F 237 -21.65 39.73 68.07
C ILE F 237 -21.17 40.11 66.68
N PRO F 238 -21.55 41.26 66.14
CA PRO F 238 -21.15 41.60 64.77
C PRO F 238 -19.78 42.26 64.71
N THR F 239 -19.08 41.98 63.62
CA THR F 239 -17.88 42.71 63.25
C THR F 239 -18.17 43.63 62.08
N PHE F 240 -19.41 44.07 61.96
CA PHE F 240 -19.82 44.93 60.87
C PHE F 240 -20.75 46.00 61.42
N GLY F 241 -20.91 47.09 60.66
CA GLY F 241 -21.83 48.12 61.07
C GLY F 241 -22.98 48.34 60.12
N ARG F 242 -24.09 48.89 60.63
CA ARG F 242 -25.16 49.41 59.78
C ARG F 242 -24.95 50.90 59.58
N SER F 243 -25.00 51.35 58.33
CA SER F 243 -24.75 52.74 57.96
C SER F 243 -25.99 53.39 57.38
N PHE F 244 -26.06 54.71 57.52
CA PHE F 244 -27.19 55.49 57.05
C PHE F 244 -26.70 56.76 56.37
N THR F 245 -27.49 57.26 55.43
CA THR F 245 -27.33 58.60 54.90
C THR F 245 -28.32 59.50 55.63
N LEU F 246 -27.79 60.48 56.35
CA LEU F 246 -28.60 61.39 57.13
C LEU F 246 -29.47 62.25 56.22
N ALA F 247 -30.66 62.60 56.70
CA ALA F 247 -31.58 63.45 55.95
C ALA F 247 -31.57 64.91 56.41
N SER F 248 -30.94 65.23 57.53
CA SER F 248 -30.90 66.57 58.07
C SER F 248 -29.49 66.79 58.61
N SER F 249 -29.31 67.90 59.33
CA SER F 249 -28.04 68.12 60.00
C SER F 249 -27.93 67.38 61.33
N GLU F 250 -28.99 66.71 61.79
CA GLU F 250 -28.95 65.98 63.05
C GLU F 250 -28.21 64.66 62.89
N THR F 251 -27.31 64.37 63.84
CA THR F 251 -26.50 63.16 63.84
C THR F 251 -26.76 62.25 65.04
N GLY F 252 -27.68 62.59 65.93
CA GLY F 252 -27.94 61.76 67.07
C GLY F 252 -28.68 60.48 66.70
N VAL F 253 -28.91 59.65 67.72
CA VAL F 253 -29.77 58.50 67.54
C VAL F 253 -31.20 58.95 67.26
N GLY F 254 -31.82 58.32 66.28
CA GLY F 254 -33.17 58.68 65.87
C GLY F 254 -33.27 59.77 64.83
N ALA F 255 -32.15 60.34 64.37
CA ALA F 255 -32.20 61.37 63.35
C ALA F 255 -32.79 60.82 62.06
N PRO F 256 -33.52 61.64 61.30
CA PRO F 256 -34.09 61.17 60.04
C PRO F 256 -33.00 60.90 59.01
N ILE F 257 -33.23 59.87 58.21
CA ILE F 257 -32.30 59.45 57.17
C ILE F 257 -33.01 59.46 55.82
N SER F 258 -32.20 59.57 54.76
CA SER F 258 -32.67 59.47 53.38
C SER F 258 -32.47 58.08 52.78
N GLY F 259 -31.77 57.20 53.47
CA GLY F 259 -31.54 55.86 53.00
C GLY F 259 -30.30 55.29 53.64
N PRO F 260 -29.88 54.09 53.21
CA PRO F 260 -28.67 53.47 53.77
C PRO F 260 -27.42 54.32 53.56
N GLY F 261 -26.39 54.02 54.34
CA GLY F 261 -25.13 54.71 54.19
C GLY F 261 -24.43 54.36 52.89
N ILE F 262 -23.47 55.20 52.51
CA ILE F 262 -22.73 54.98 51.27
C ILE F 262 -22.04 53.63 51.31
N PRO F 263 -22.07 52.83 50.24
CA PRO F 263 -21.38 51.54 50.25
C PRO F 263 -19.89 51.72 50.47
N GLY F 264 -19.29 50.78 51.17
CA GLY F 264 -17.85 50.78 51.34
C GLY F 264 -17.10 50.31 50.11
N ARG F 265 -15.83 50.70 50.03
CA ARG F 265 -15.01 50.35 48.88
C ARG F 265 -14.82 48.85 48.73
N PHE F 266 -14.82 48.10 49.85
CA PHE F 266 -14.58 46.66 49.80
C PHE F 266 -15.83 45.80 49.90
N THR F 267 -16.72 46.07 50.84
CA THR F 267 -17.94 45.25 50.90
C THR F 267 -18.90 45.60 49.76
N LYS F 268 -18.89 46.85 49.30
CA LYS F 268 -19.71 47.29 48.15
C LYS F 268 -21.19 46.94 48.34
N GLU F 269 -21.64 46.95 49.59
CA GLU F 269 -23.04 46.72 49.92
C GLU F 269 -23.51 47.96 50.66
N ALA F 270 -24.53 48.63 50.10
CA ALA F 270 -25.07 49.82 50.75
C ALA F 270 -25.62 49.49 52.14
N GLY F 271 -25.31 50.36 53.11
CA GLY F 271 -25.74 50.16 54.48
C GLY F 271 -24.91 49.19 55.29
N THR F 272 -23.84 48.64 54.73
CA THR F 272 -22.99 47.71 55.45
C THR F 272 -21.55 48.22 55.38
N LEU F 273 -20.86 48.20 56.52
CA LEU F 273 -19.42 48.48 56.53
C LEU F 273 -18.71 47.42 57.34
N ALA F 274 -17.67 46.83 56.77
CA ALA F 274 -16.79 45.97 57.53
C ALA F 274 -16.08 46.79 58.59
N TYR F 275 -15.64 46.13 59.66
CA TYR F 275 -14.94 46.87 60.71
C TYR F 275 -13.69 47.54 60.16
N TYR F 276 -12.95 46.84 59.31
CA TYR F 276 -11.77 47.47 58.71
C TYR F 276 -12.17 48.62 57.81
N GLU F 277 -13.39 48.60 57.25
CA GLU F 277 -13.86 49.74 56.51
C GLU F 277 -14.24 50.87 57.44
N ILE F 278 -14.73 50.53 58.64
CA ILE F 278 -15.07 51.56 59.61
C ILE F 278 -13.81 52.26 60.11
N CYS F 279 -12.72 51.53 60.29
CA CYS F 279 -11.48 52.17 60.70
C CYS F 279 -11.04 53.25 59.71
N ASP F 280 -11.24 52.99 58.41
CA ASP F 280 -11.01 54.05 57.41
C ASP F 280 -12.02 55.17 57.57
N PHE F 281 -13.28 54.82 57.83
CA PHE F 281 -14.32 55.83 58.02
C PHE F 281 -14.04 56.70 59.24
N LEU F 282 -13.54 56.11 60.32
CA LEU F 282 -13.35 56.88 61.55
C LEU F 282 -12.37 58.03 61.40
N ARG F 283 -11.51 58.03 60.37
CA ARG F 283 -10.60 59.13 60.10
C ARG F 283 -11.37 60.40 59.81
N GLY F 284 -11.35 61.36 60.75
CA GLY F 284 -12.11 62.58 60.59
C GLY F 284 -13.58 62.45 60.94
N ALA F 285 -14.00 61.33 61.51
CA ALA F 285 -15.34 61.22 62.07
C ALA F 285 -15.29 61.52 63.56
N THR F 286 -16.45 61.93 64.09
CA THR F 286 -16.63 62.04 65.53
C THR F 286 -17.34 60.78 66.01
N VAL F 287 -16.82 60.18 67.08
CA VAL F 287 -17.40 58.96 67.65
C VAL F 287 -18.24 59.32 68.85
N HIS F 288 -19.41 58.71 68.95
CA HIS F 288 -20.31 58.86 70.08
C HIS F 288 -20.62 57.48 70.65
N ARG F 289 -20.68 57.39 71.97
CA ARG F 289 -21.06 56.17 72.63
C ARG F 289 -22.49 56.30 73.14
N ILE F 290 -23.37 55.42 72.68
CA ILE F 290 -24.75 55.43 73.13
C ILE F 290 -24.78 54.91 74.57
N LEU F 291 -25.04 55.81 75.51
CA LEU F 291 -24.88 55.52 76.94
C LEU F 291 -25.69 54.30 77.36
N GLY F 292 -27.01 54.33 77.10
CA GLY F 292 -27.82 53.23 77.60
C GLY F 292 -27.71 51.94 76.83
N GLN F 293 -27.11 51.97 75.65
CA GLN F 293 -26.95 50.77 74.85
C GLN F 293 -25.53 50.22 74.88
N GLN F 294 -24.56 50.99 75.38
CA GLN F 294 -23.19 50.54 75.60
C GLN F 294 -22.51 50.09 74.29
N VAL F 295 -22.82 50.82 73.22
CA VAL F 295 -22.25 50.56 71.88
C VAL F 295 -21.99 51.90 71.21
N PRO F 296 -20.97 51.95 70.36
CA PRO F 296 -20.63 53.22 69.70
C PRO F 296 -21.39 53.45 68.41
N TYR F 297 -21.43 54.72 67.99
CA TYR F 297 -21.73 55.04 66.60
C TYR F 297 -20.79 56.14 66.14
N ALA F 298 -20.65 56.27 64.83
CA ALA F 298 -19.78 57.28 64.24
C ALA F 298 -20.54 58.03 63.15
N THR F 299 -20.21 59.32 63.03
CA THR F 299 -20.77 60.19 62.00
C THR F 299 -19.65 60.98 61.33
N LYS F 300 -19.78 61.12 60.02
CA LYS F 300 -18.85 61.91 59.23
C LYS F 300 -19.64 62.43 58.04
N GLY F 301 -19.77 63.75 57.95
CA GLY F 301 -20.65 64.33 56.96
C GLY F 301 -22.07 63.85 57.15
N ASN F 302 -22.68 63.40 56.05
CA ASN F 302 -24.07 62.94 56.05
C ASN F 302 -24.18 61.44 56.32
N GLN F 303 -23.09 60.82 56.78
CA GLN F 303 -23.00 59.39 57.03
C GLN F 303 -23.05 59.10 58.52
N TRP F 304 -23.78 58.04 58.88
CA TRP F 304 -23.97 57.62 60.26
C TRP F 304 -23.79 56.10 60.30
N VAL F 305 -22.93 55.63 61.19
CA VAL F 305 -22.62 54.20 61.28
C VAL F 305 -22.69 53.76 62.73
N GLY F 306 -23.53 52.76 63.00
CA GLY F 306 -23.54 52.07 64.29
C GLY F 306 -22.80 50.75 64.16
N TYR F 307 -21.88 50.52 65.09
CA TYR F 307 -20.98 49.39 64.98
C TYR F 307 -20.50 48.94 66.36
N ASP F 308 -19.83 47.80 66.40
CA ASP F 308 -19.15 47.35 67.62
C ASP F 308 -17.66 47.62 67.52
N ASP F 309 -17.07 47.99 68.66
CA ASP F 309 -15.63 48.17 68.78
C ASP F 309 -15.12 47.30 69.93
N GLN F 310 -13.82 47.44 70.18
CA GLN F 310 -13.13 46.58 71.15
C GLN F 310 -13.75 46.71 72.53
N GLU F 311 -14.29 47.89 72.89
CA GLU F 311 -14.89 48.10 74.20
C GLU F 311 -16.28 47.51 74.29
N SER F 312 -17.16 47.84 73.33
CA SER F 312 -18.52 47.31 73.37
C SER F 312 -18.49 45.79 73.26
N VAL F 313 -17.50 45.29 72.54
CA VAL F 313 -17.30 43.85 72.45
C VAL F 313 -17.01 43.24 73.82
N LYS F 314 -16.15 43.90 74.61
CA LYS F 314 -15.87 43.40 75.95
C LYS F 314 -17.12 43.45 76.81
N SER F 315 -17.92 44.52 76.69
CA SER F 315 -19.18 44.60 77.44
C SER F 315 -20.09 43.43 77.13
N LYS F 316 -20.17 43.06 75.85
CA LYS F 316 -21.03 41.95 75.47
C LYS F 316 -20.53 40.64 76.04
N VAL F 317 -19.20 40.43 76.03
CA VAL F 317 -18.67 39.20 76.63
C VAL F 317 -18.94 39.17 78.13
N GLN F 318 -18.78 40.31 78.81
CA GLN F 318 -19.12 40.40 80.22
C GLN F 318 -20.58 40.05 80.44
N TYR F 319 -21.46 40.58 79.60
CA TYR F 319 -22.88 40.26 79.71
C TYR F 319 -23.10 38.77 79.55
N LEU F 320 -22.50 38.17 78.52
CA LEU F 320 -22.77 36.75 78.25
C LEU F 320 -22.13 35.86 79.30
N LYS F 321 -20.97 36.24 79.83
CA LYS F 321 -20.40 35.46 80.93
C LYS F 321 -21.27 35.59 82.18
N ASP F 322 -21.71 36.80 82.51
CA ASP F 322 -22.59 36.94 83.66
C ASP F 322 -23.84 36.11 83.51
N ARG F 323 -24.32 35.97 82.28
CA ARG F 323 -25.43 35.09 81.96
C ARG F 323 -25.06 33.61 81.91
N GLN F 324 -23.76 33.28 82.04
CA GLN F 324 -23.29 31.91 81.94
C GLN F 324 -23.76 31.27 80.64
N LEU F 325 -23.68 32.05 79.57
CA LEU F 325 -23.96 31.55 78.23
C LEU F 325 -22.83 30.62 77.76
N ALA F 326 -23.10 29.91 76.66
CA ALA F 326 -22.09 29.02 76.12
C ALA F 326 -20.88 29.76 75.55
N GLY F 327 -21.05 31.00 75.12
CA GLY F 327 -19.96 31.79 74.56
C GLY F 327 -20.50 32.75 73.52
N ALA F 328 -19.60 33.27 72.69
CA ALA F 328 -19.95 34.29 71.72
C ALA F 328 -19.80 33.76 70.29
N MET F 329 -20.70 34.23 69.42
CA MET F 329 -20.65 33.94 67.99
C MET F 329 -20.35 35.22 67.23
N VAL F 330 -19.40 35.15 66.30
CA VAL F 330 -18.91 36.31 65.58
C VAL F 330 -19.43 36.22 64.16
N TRP F 331 -20.12 37.26 63.71
CA TRP F 331 -20.40 37.40 62.29
C TRP F 331 -19.72 38.67 61.82
N ALA F 332 -18.66 38.53 61.04
CA ALA F 332 -18.00 37.31 60.60
C ALA F 332 -16.48 37.57 60.48
N LEU F 333 -15.68 36.51 60.43
CA LEU F 333 -14.23 36.69 60.43
C LEU F 333 -13.77 37.56 59.26
N ASP F 334 -14.42 37.42 58.10
CA ASP F 334 -14.00 38.19 56.95
C ASP F 334 -14.40 39.66 57.03
N LEU F 335 -15.16 40.06 58.07
CA LEU F 335 -15.53 41.45 58.27
C LEU F 335 -14.74 42.11 59.40
N ASP F 336 -14.11 41.33 60.28
CA ASP F 336 -13.09 41.87 61.16
C ASP F 336 -11.87 42.26 60.31
N ASP F 337 -10.95 43.03 60.89
CA ASP F 337 -9.72 43.42 60.18
C ASP F 337 -8.75 42.25 60.19
N PHE F 338 -9.04 41.26 59.33
CA PHE F 338 -8.24 40.05 59.26
C PHE F 338 -6.85 40.32 58.69
N GLN F 339 -6.69 41.39 57.93
CA GLN F 339 -5.36 41.77 57.45
C GLN F 339 -4.54 42.41 58.56
N GLY F 340 -5.18 43.14 59.48
CA GLY F 340 -4.50 43.83 60.55
C GLY F 340 -3.80 45.12 60.15
N SER F 341 -3.98 45.57 58.90
CA SER F 341 -3.27 46.73 58.36
C SER F 341 -4.17 47.94 58.13
N PHE F 342 -5.48 47.75 58.21
CA PHE F 342 -6.47 48.77 57.89
C PHE F 342 -6.77 49.65 59.08
N CYS F 343 -6.84 49.02 60.25
CA CYS F 343 -7.36 49.58 61.48
C CYS F 343 -6.29 50.19 62.37
N GLY F 344 -5.09 50.43 61.84
CA GLY F 344 -3.97 50.78 62.69
C GLY F 344 -3.53 49.55 63.47
N GLN F 345 -2.38 49.66 64.15
CA GLN F 345 -1.75 48.58 64.92
C GLN F 345 -1.27 47.45 64.01
N ASP F 346 -0.55 46.50 64.59
CA ASP F 346 0.04 45.43 63.81
C ASP F 346 -0.80 44.17 63.75
N LEU F 347 -1.88 44.07 64.53
CA LEU F 347 -2.49 42.78 64.79
C LEU F 347 -3.74 42.55 63.95
N ARG F 348 -3.86 41.33 63.46
CA ARG F 348 -5.04 40.87 62.73
C ARG F 348 -6.17 40.58 63.72
N PHE F 349 -7.39 40.58 63.19
CA PHE F 349 -8.60 40.24 63.95
C PHE F 349 -8.74 41.01 65.27
N PRO F 350 -8.72 42.34 65.23
CA PRO F 350 -8.79 43.10 66.48
C PRO F 350 -10.09 42.92 67.25
N LEU F 351 -11.22 42.75 66.57
CA LEU F 351 -12.47 42.61 67.31
C LEU F 351 -12.60 41.22 67.95
N THR F 352 -12.41 40.15 67.17
CA THR F 352 -12.61 38.82 67.71
C THR F 352 -11.52 38.44 68.71
N ASN F 353 -10.31 38.98 68.57
CA ASN F 353 -9.30 38.81 69.62
C ASN F 353 -9.74 39.49 70.91
N ALA F 354 -10.40 40.64 70.83
CA ALA F 354 -10.99 41.22 72.03
C ALA F 354 -12.02 40.30 72.65
N ILE F 355 -12.80 39.60 71.80
CA ILE F 355 -13.74 38.61 72.30
C ILE F 355 -13.00 37.43 72.93
N LYS F 356 -12.06 36.84 72.18
CA LYS F 356 -11.27 35.74 72.72
C LYS F 356 -10.63 36.11 74.05
N ASP F 357 -10.02 37.30 74.10
CA ASP F 357 -9.35 37.76 75.33
C ASP F 357 -10.34 38.04 76.45
N ALA F 358 -11.49 38.64 76.13
CA ALA F 358 -12.49 38.90 77.16
C ALA F 358 -13.08 37.60 77.70
N LEU F 359 -13.20 36.59 76.84
CA LEU F 359 -13.68 35.30 77.30
C LEU F 359 -12.69 34.63 78.25
N ALA F 360 -11.39 34.86 78.03
CA ALA F 360 -10.35 34.22 78.83
C ALA F 360 -10.07 34.93 80.15
N ALA F 361 -10.37 36.23 80.23
CA ALA F 361 -10.19 36.96 81.47
C ALA F 361 -11.09 36.36 82.56
N THR F 362 -10.65 36.47 83.80
CA THR F 362 -11.41 35.92 84.93
C THR F 362 -12.56 36.86 85.30
N SER G 2 5.82 46.90 29.03
CA SER G 2 4.82 47.76 28.45
C SER G 2 5.00 47.85 26.94
N VAL G 3 3.90 47.89 26.21
CA VAL G 3 3.91 47.98 24.75
C VAL G 3 2.84 48.97 24.33
N GLU G 4 3.18 49.89 23.41
CA GLU G 4 2.22 50.88 22.94
C GLU G 4 2.43 51.22 21.48
N GLU G 5 1.36 51.15 20.70
CA GLU G 5 1.38 51.46 19.28
C GLU G 5 1.10 52.94 19.03
N SER G 6 1.68 53.44 17.95
CA SER G 6 1.56 54.83 17.56
C SER G 6 1.67 54.93 16.04
N GLY G 7 1.11 56.00 15.50
CA GLY G 7 1.15 56.20 14.06
C GLY G 7 -0.11 55.83 13.33
N GLY G 8 -1.15 55.40 14.04
CA GLY G 8 -2.43 55.15 13.40
C GLY G 8 -3.06 56.45 12.94
N ASP G 9 -3.61 56.42 11.73
CA ASP G 9 -4.10 57.64 11.14
C ASP G 9 -5.16 57.32 10.10
N LEU G 10 -5.67 58.39 9.47
CA LEU G 10 -6.50 58.30 8.28
C LEU G 10 -5.60 58.35 7.05
N VAL G 11 -5.88 57.50 6.06
CA VAL G 11 -5.11 57.49 4.82
C VAL G 11 -6.00 57.23 3.63
N LYS G 12 -5.64 57.86 2.52
CA LYS G 12 -6.33 57.63 1.25
C LYS G 12 -6.07 56.20 0.78
N PRO G 13 -7.02 55.60 0.07
CA PRO G 13 -6.76 54.29 -0.54
C PRO G 13 -5.58 54.37 -1.50
N GLY G 14 -4.85 53.26 -1.59
CA GLY G 14 -3.62 53.20 -2.35
C GLY G 14 -2.39 53.79 -1.68
N ALA G 15 -2.58 54.61 -0.63
CA ALA G 15 -1.44 55.17 0.09
C ALA G 15 -0.76 54.10 0.95
N SER G 16 0.22 54.53 1.72
CA SER G 16 0.93 53.63 2.61
C SER G 16 1.14 54.35 3.94
N LEU G 17 1.35 53.55 4.99
CA LEU G 17 1.44 54.08 6.35
C LEU G 17 2.34 53.18 7.18
N THR G 18 3.08 53.79 8.11
CA THR G 18 4.01 53.08 8.98
C THR G 18 3.59 53.26 10.44
N LEU G 19 3.28 52.15 11.09
CA LEU G 19 2.96 52.11 12.51
C LEU G 19 4.22 51.74 13.30
N THR G 20 4.24 52.14 14.58
CA THR G 20 5.43 51.97 15.41
C THR G 20 5.03 51.37 16.75
N CYS G 21 5.68 50.31 17.14
CA CYS G 21 5.52 49.71 18.46
C CYS G 21 6.73 50.09 19.33
N THR G 22 6.46 50.58 20.54
CA THR G 22 7.51 51.04 21.43
C THR G 22 7.46 50.24 22.72
N ALA G 23 8.65 49.87 23.23
CA ALA G 23 8.81 49.01 24.39
C ALA G 23 9.19 49.84 25.63
N SER G 24 8.94 49.28 26.81
CA SER G 24 9.33 49.92 28.07
C SER G 24 9.65 48.86 29.11
N GLY G 25 10.91 48.83 29.59
CA GLY G 25 11.35 47.90 30.63
C GLY G 25 11.13 46.44 30.31
N PHE G 26 11.95 45.89 29.40
CA PHE G 26 11.67 44.62 28.75
C PHE G 26 12.48 43.42 29.28
N THR G 27 12.98 43.49 30.52
CA THR G 27 13.64 42.34 31.17
C THR G 27 14.90 41.85 30.43
N ILE G 28 15.58 42.75 29.71
CA ILE G 28 16.87 42.51 29.04
C ILE G 28 16.91 41.10 28.43
N SER G 29 15.81 40.66 27.84
CA SER G 29 15.76 39.44 27.04
C SER G 29 15.70 39.78 25.57
N SER G 30 16.49 39.08 24.77
CA SER G 30 16.39 39.24 23.33
C SER G 30 15.58 38.12 22.69
N ASP G 31 15.79 36.89 23.14
CA ASP G 31 15.03 35.74 22.66
C ASP G 31 13.51 35.92 22.74
N TYR G 32 12.90 36.75 21.87
CA TYR G 32 11.43 36.81 21.83
C TYR G 32 11.02 37.33 20.46
N TYR G 33 9.73 37.26 20.20
CA TYR G 33 9.17 37.79 18.95
C TYR G 33 8.30 39.00 19.25
N MET G 34 8.32 39.96 18.35
CA MET G 34 7.41 41.09 18.40
C MET G 34 6.44 40.93 17.25
N CYS G 35 5.14 41.05 17.51
CA CYS G 35 4.14 40.71 16.50
C CYS G 35 3.07 41.77 16.36
N TRP G 36 2.39 41.76 15.21
CA TRP G 36 1.29 42.67 14.89
C TRP G 36 0.04 41.85 14.61
N VAL G 37 -1.06 42.20 15.30
CA VAL G 37 -2.37 41.56 15.10
C VAL G 37 -3.40 42.66 14.87
N ARG G 38 -4.18 42.54 13.80
CA ARG G 38 -5.18 43.54 13.43
C ARG G 38 -6.60 43.00 13.62
N GLN G 39 -7.52 43.91 13.92
CA GLN G 39 -8.92 43.58 14.18
C GLN G 39 -9.80 44.64 13.55
N ALA G 40 -10.49 44.28 12.47
CA ALA G 40 -11.41 45.20 11.81
C ALA G 40 -12.64 45.41 12.67
N PRO G 41 -13.37 46.51 12.48
CA PRO G 41 -14.46 46.82 13.41
C PRO G 41 -15.45 45.67 13.50
N GLY G 42 -15.62 45.17 14.72
CA GLY G 42 -16.58 44.12 14.98
C GLY G 42 -16.27 42.77 14.37
N LYS G 43 -15.02 42.52 13.98
CA LYS G 43 -14.65 41.24 13.39
C LYS G 43 -13.46 40.69 14.17
N GLY G 44 -13.07 39.46 13.85
CA GLY G 44 -12.13 38.73 14.68
C GLY G 44 -10.71 39.27 14.62
N LEU G 45 -9.84 38.64 15.43
CA LEU G 45 -8.41 38.95 15.45
C LEU G 45 -7.75 38.32 14.24
N GLU G 46 -6.82 39.06 13.63
CA GLU G 46 -6.16 38.62 12.41
C GLU G 46 -4.65 38.80 12.60
N TRP G 47 -3.91 37.69 12.65
CA TRP G 47 -2.47 37.77 12.80
C TRP G 47 -1.86 38.32 11.52
N ILE G 48 -0.85 39.18 11.67
CA ILE G 48 -0.17 39.83 10.54
C ILE G 48 1.26 39.32 10.39
N GLY G 49 2.08 39.51 11.40
CA GLY G 49 3.46 39.09 11.29
C GLY G 49 4.21 39.23 12.59
N CYS G 50 5.41 38.68 12.60
CA CYS G 50 6.31 38.73 13.74
C CYS G 50 7.72 38.96 13.25
N ILE G 51 8.54 39.57 14.10
CA ILE G 51 9.98 39.69 13.85
C ILE G 51 10.69 39.26 15.12
N TYR G 52 11.72 38.43 14.97
CA TYR G 52 12.51 37.95 16.11
C TYR G 52 13.43 39.06 16.57
N ILE G 53 13.21 39.54 17.80
CA ILE G 53 13.97 40.69 18.28
C ILE G 53 15.40 40.33 18.62
N GLY G 54 15.74 39.04 18.70
CA GLY G 54 17.10 38.70 19.03
C GLY G 54 18.02 38.96 17.87
N SER G 55 17.58 38.57 16.67
CA SER G 55 18.27 38.89 15.42
C SER G 55 17.24 39.59 14.53
N GLY G 56 17.27 40.91 14.41
CA GLY G 56 16.22 41.50 13.61
C GLY G 56 16.41 41.19 12.13
N THR G 57 16.35 39.90 11.81
CA THR G 57 16.59 39.38 10.48
C THR G 57 15.49 38.41 10.14
N ASP G 58 15.00 37.68 11.14
CA ASP G 58 14.01 36.63 10.93
C ASP G 58 12.61 37.24 11.03
N THR G 59 11.89 37.22 9.92
CA THR G 59 10.55 37.78 9.82
C THR G 59 9.60 36.71 9.34
N TYR G 60 8.38 36.73 9.89
CA TYR G 60 7.33 35.79 9.52
C TYR G 60 6.06 36.59 9.29
N TYR G 61 5.46 36.45 8.13
CA TYR G 61 4.26 37.21 7.82
C TYR G 61 3.17 36.23 7.44
N ALA G 62 1.93 36.66 7.62
CA ALA G 62 0.80 35.85 7.21
C ALA G 62 0.75 35.75 5.70
N SER G 63 0.11 34.68 5.23
CA SER G 63 0.06 34.43 3.80
C SER G 63 -0.58 35.58 3.05
N TRP G 64 -1.66 36.14 3.62
CA TRP G 64 -2.43 37.16 2.90
C TRP G 64 -1.74 38.52 2.82
N ALA G 65 -0.71 38.76 3.65
CA ALA G 65 0.04 40.00 3.56
C ALA G 65 0.63 40.15 2.16
N LYS G 66 1.09 39.05 1.57
CA LYS G 66 1.52 39.05 0.16
C LYS G 66 2.50 40.19 -0.12
N GLY G 67 3.34 40.49 0.87
CA GLY G 67 4.41 41.44 0.66
C GLY G 67 4.01 42.89 0.79
N ARG G 68 2.76 43.18 1.13
CA ARG G 68 2.37 44.55 1.44
C ARG G 68 2.92 45.01 2.80
N PHE G 69 3.05 44.09 3.74
CA PHE G 69 3.39 44.42 5.13
C PHE G 69 4.86 44.10 5.42
N THR G 70 5.54 45.03 6.09
CA THR G 70 6.96 44.91 6.42
C THR G 70 7.19 45.25 7.88
N ILE G 71 7.74 44.32 8.64
CA ILE G 71 8.09 44.55 10.03
C ILE G 71 9.60 44.70 10.14
N SER G 72 10.04 45.73 10.86
CA SER G 72 11.47 45.99 10.96
C SER G 72 11.82 46.35 12.40
N LYS G 73 13.01 45.97 12.83
CA LYS G 73 13.53 46.43 14.11
C LYS G 73 14.29 47.72 13.85
N THR G 74 13.89 48.82 14.51
CA THR G 74 14.50 50.12 14.29
C THR G 74 15.28 50.65 15.48
N SER G 75 14.97 50.17 16.67
CA SER G 75 15.70 50.49 17.89
C SER G 75 15.75 49.23 18.75
N SER G 76 16.47 49.30 19.87
CA SER G 76 16.33 48.26 20.88
C SER G 76 14.92 48.22 21.47
N THR G 77 14.17 49.32 21.30
CA THR G 77 12.86 49.52 21.92
C THR G 77 11.74 49.82 20.92
N THR G 78 12.00 49.72 19.60
CA THR G 78 10.97 50.02 18.61
C THR G 78 10.96 49.00 17.48
N VAL G 79 9.75 48.64 17.02
CA VAL G 79 9.57 47.92 15.77
C VAL G 79 8.48 48.62 14.99
N THR G 80 8.58 48.58 13.66
CA THR G 80 7.69 49.35 12.79
C THR G 80 6.97 48.43 11.81
N LEU G 81 5.65 48.52 11.76
CA LEU G 81 4.87 47.82 10.75
C LEU G 81 4.59 48.80 9.61
N GLN G 82 5.05 48.44 8.43
CA GLN G 82 5.00 49.32 7.25
C GLN G 82 4.02 48.73 6.25
N MET G 83 2.93 49.44 6.02
CA MET G 83 1.82 48.91 5.23
C MET G 83 1.75 49.66 3.91
N THR G 84 1.53 48.95 2.81
CA THR G 84 1.46 49.58 1.50
C THR G 84 0.15 49.19 0.80
N SER G 85 -0.26 50.03 -0.16
CA SER G 85 -1.45 49.77 -0.98
C SER G 85 -2.68 49.52 -0.11
N LEU G 86 -2.91 50.44 0.83
CA LEU G 86 -4.01 50.28 1.78
C LEU G 86 -5.36 50.44 1.09
N THR G 87 -6.30 49.60 1.49
CA THR G 87 -7.66 49.64 0.96
C THR G 87 -8.63 49.65 2.14
N ALA G 88 -9.92 49.80 1.83
CA ALA G 88 -10.93 49.82 2.88
C ALA G 88 -10.85 48.57 3.75
N ALA G 89 -10.50 47.43 3.17
CA ALA G 89 -10.44 46.20 3.95
C ALA G 89 -9.31 46.19 4.96
N ASP G 90 -8.41 47.17 4.93
CA ASP G 90 -7.38 47.26 5.96
C ASP G 90 -7.80 48.13 7.13
N THR G 91 -8.97 48.74 7.05
CA THR G 91 -9.49 49.51 8.17
C THR G 91 -9.62 48.59 9.37
N ALA G 92 -8.84 48.87 10.42
CA ALA G 92 -8.81 48.02 11.61
C ALA G 92 -8.07 48.74 12.74
N THR G 93 -8.28 48.22 13.94
CA THR G 93 -7.39 48.51 15.05
C THR G 93 -6.20 47.58 14.94
N TYR G 94 -5.00 48.13 15.17
CA TYR G 94 -3.75 47.40 14.96
C TYR G 94 -3.03 47.25 16.30
N PHE G 95 -2.88 45.99 16.75
CA PHE G 95 -2.26 45.66 18.01
C PHE G 95 -0.79 45.30 17.86
N CYS G 96 -0.05 45.54 18.93
CA CYS G 96 1.34 45.13 19.05
C CYS G 96 1.46 44.18 20.23
N ALA G 97 2.13 43.04 20.04
CA ALA G 97 2.24 42.05 21.12
C ALA G 97 3.65 41.47 21.15
N ARG G 98 3.93 40.68 22.20
CA ARG G 98 5.28 40.15 22.44
C ARG G 98 5.20 38.73 22.97
N ASP G 99 6.24 37.93 22.68
CA ASP G 99 6.43 36.57 23.18
C ASP G 99 7.33 36.56 24.40
N LYS G 100 7.32 35.41 25.05
CA LYS G 100 8.36 35.07 26.00
C LYS G 100 9.35 34.11 25.35
N GLY G 101 9.31 34.00 24.03
CA GLY G 101 10.22 33.12 23.31
C GLY G 101 9.64 31.74 23.12
N TRP G 102 10.39 30.89 22.42
CA TRP G 102 9.99 29.49 22.30
C TRP G 102 10.42 28.68 23.52
N SER G 103 9.53 27.80 23.94
CA SER G 103 9.66 26.91 25.08
C SER G 103 9.05 25.58 24.70
N ASN G 104 9.75 24.47 24.93
CA ASN G 104 9.07 23.19 24.69
C ASN G 104 7.90 22.99 25.64
N ALA G 105 7.96 23.61 26.82
CA ALA G 105 6.90 23.42 27.80
C ALA G 105 5.72 24.34 27.52
N TRP G 106 5.99 25.57 27.09
CA TRP G 106 4.99 26.63 27.10
C TRP G 106 4.62 27.13 25.72
N GLY G 107 5.58 27.27 24.83
CA GLY G 107 5.29 27.61 23.46
C GLY G 107 5.23 29.10 23.23
N PHE G 108 4.55 29.48 22.15
CA PHE G 108 4.38 30.88 21.81
C PHE G 108 3.05 31.37 22.37
N TYR G 109 3.10 32.44 23.15
CA TYR G 109 1.89 33.06 23.66
C TYR G 109 2.13 34.56 23.76
N PHE G 110 1.08 35.34 23.57
CA PHE G 110 1.18 36.80 23.67
C PHE G 110 0.73 37.20 25.07
N GLN G 111 1.69 37.46 25.96
CA GLN G 111 1.24 37.90 27.29
C GLN G 111 1.09 39.40 27.34
N LEU G 112 1.97 40.13 26.66
CA LEU G 112 1.98 41.60 26.61
C LEU G 112 1.28 42.08 25.36
N TRP G 113 0.27 42.93 25.52
CA TRP G 113 -0.41 43.53 24.38
C TRP G 113 -0.39 45.05 24.53
N GLY G 114 -0.56 45.75 23.41
CA GLY G 114 -0.67 47.19 23.43
C GLY G 114 -2.12 47.63 23.38
N PRO G 115 -2.39 48.91 23.67
CA PRO G 115 -3.76 49.41 23.62
C PRO G 115 -4.35 49.43 22.22
N GLY G 116 -3.51 49.35 21.19
CA GLY G 116 -3.96 49.45 19.82
C GLY G 116 -3.76 50.85 19.25
N THR G 117 -3.77 50.91 17.92
CA THR G 117 -3.80 52.19 17.23
C THR G 117 -4.70 52.05 16.01
N LEU G 118 -5.46 53.10 15.71
CA LEU G 118 -6.51 53.06 14.71
C LEU G 118 -6.00 53.47 13.34
N VAL G 119 -6.22 52.61 12.35
CA VAL G 119 -5.92 52.90 10.96
C VAL G 119 -7.23 52.97 10.19
N THR G 120 -7.57 54.18 9.73
CA THR G 120 -8.80 54.43 9.00
C THR G 120 -8.45 54.70 7.54
N VAL G 121 -8.99 53.88 6.63
CA VAL G 121 -8.72 54.03 5.21
C VAL G 121 -9.97 54.57 4.55
N SER G 122 -9.92 55.84 4.11
CA SER G 122 -11.09 56.51 3.55
C SER G 122 -10.65 57.65 2.65
N SER G 123 -11.35 57.82 1.55
CA SER G 123 -11.11 58.98 0.70
C SER G 123 -11.56 60.28 1.36
N GLY G 124 -12.28 60.21 2.47
CA GLY G 124 -12.73 61.41 3.16
C GLY G 124 -11.58 62.13 3.82
N GLN G 125 -11.89 63.36 4.26
CA GLN G 125 -10.95 64.29 4.85
C GLN G 125 -11.16 64.38 6.35
N PRO G 126 -10.14 64.83 7.10
CA PRO G 126 -10.31 64.97 8.56
C PRO G 126 -11.41 65.98 8.85
N LYS G 127 -12.38 65.56 9.67
CA LYS G 127 -13.54 66.39 9.99
C LYS G 127 -13.68 66.47 11.51
N ALA G 128 -13.85 67.70 12.02
CA ALA G 128 -13.96 67.88 13.46
C ALA G 128 -15.38 67.58 13.92
N PRO G 129 -15.54 67.09 15.14
CA PRO G 129 -16.88 66.77 15.65
C PRO G 129 -17.65 68.03 16.03
N SER G 130 -18.97 67.95 15.93
CA SER G 130 -19.85 69.06 16.26
C SER G 130 -20.57 68.72 17.56
N VAL G 131 -20.11 69.31 18.65
CA VAL G 131 -20.66 69.02 19.97
C VAL G 131 -21.91 69.85 20.20
N PHE G 132 -22.98 69.19 20.62
CA PHE G 132 -24.25 69.81 20.93
C PHE G 132 -24.70 69.33 22.31
N PRO G 133 -25.21 70.21 23.15
CA PRO G 133 -25.65 69.77 24.48
C PRO G 133 -26.95 68.99 24.39
N LEU G 134 -27.20 68.23 25.46
CA LEU G 134 -28.45 67.50 25.65
C LEU G 134 -29.01 67.88 27.00
N ALA G 135 -30.31 68.20 27.04
CA ALA G 135 -30.98 68.58 28.28
C ALA G 135 -32.48 68.38 28.09
N PRO G 136 -33.24 68.29 29.18
CA PRO G 136 -34.71 68.21 29.06
C PRO G 136 -35.36 69.58 28.87
N CYS G 137 -36.08 69.73 27.77
CA CYS G 137 -36.66 71.01 27.38
C CYS G 137 -38.08 71.20 27.92
N CYS G 138 -38.66 70.18 28.51
CA CYS G 138 -40.08 70.17 28.83
C CYS G 138 -40.35 71.07 30.06
N GLY G 139 -41.58 71.00 30.56
CA GLY G 139 -41.95 71.71 31.77
C GLY G 139 -41.90 70.81 32.99
N ASP G 140 -41.18 69.70 32.91
CA ASP G 140 -41.06 68.78 34.04
C ASP G 140 -40.31 69.44 35.19
N THR G 141 -40.67 69.05 36.41
CA THR G 141 -40.11 69.70 37.59
C THR G 141 -38.59 69.52 37.62
N PRO G 142 -37.84 70.55 38.05
CA PRO G 142 -36.37 70.45 38.09
C PRO G 142 -35.88 69.55 39.20
N SER G 143 -35.75 68.25 38.92
CA SER G 143 -35.34 67.29 39.95
C SER G 143 -33.95 67.62 40.48
N SER G 144 -33.73 67.28 41.75
CA SER G 144 -32.47 67.65 42.39
C SER G 144 -31.29 67.00 41.68
N THR G 145 -31.51 65.82 41.12
CA THR G 145 -30.52 65.13 40.30
C THR G 145 -31.15 64.84 38.95
N VAL G 146 -30.51 65.32 37.89
CA VAL G 146 -31.00 65.21 36.52
C VAL G 146 -29.83 64.81 35.66
N THR G 147 -30.08 63.96 34.67
CA THR G 147 -29.06 63.51 33.73
C THR G 147 -28.91 64.50 32.58
N LEU G 148 -27.69 64.98 32.38
CA LEU G 148 -27.35 65.88 31.30
C LEU G 148 -26.25 65.24 30.48
N GLY G 149 -26.20 65.58 29.19
CA GLY G 149 -25.19 65.04 28.31
C GLY G 149 -24.89 66.02 27.21
N CYS G 150 -23.82 65.75 26.47
CA CYS G 150 -23.53 66.51 25.27
C CYS G 150 -23.20 65.52 24.16
N LEU G 151 -23.70 65.82 22.95
CA LEU G 151 -23.66 64.90 21.82
C LEU G 151 -22.55 65.33 20.87
N VAL G 152 -21.63 64.41 20.60
CA VAL G 152 -20.53 64.64 19.66
C VAL G 152 -20.92 64.02 18.33
N LYS G 153 -21.05 64.85 17.28
CA LYS G 153 -21.67 64.39 16.04
C LYS G 153 -20.82 64.73 14.81
N GLY G 154 -20.68 63.75 13.92
CA GLY G 154 -20.03 63.94 12.63
C GLY G 154 -18.54 64.22 12.64
N TYR G 155 -17.72 63.19 12.87
CA TYR G 155 -16.28 63.35 12.87
C TYR G 155 -15.60 62.17 12.20
N LEU G 156 -14.37 62.40 11.77
CA LEU G 156 -13.52 61.45 11.07
C LEU G 156 -12.07 61.88 11.18
N PRO G 157 -11.14 60.97 11.50
CA PRO G 157 -11.36 59.57 11.85
C PRO G 157 -11.47 59.40 13.34
N GLU G 158 -11.76 58.17 13.76
CA GLU G 158 -11.68 57.80 15.15
C GLU G 158 -10.28 58.06 15.69
N PRO G 159 -10.14 58.31 17.00
CA PRO G 159 -11.16 58.34 18.06
C PRO G 159 -11.48 59.75 18.54
N VAL G 160 -12.38 59.90 19.51
CA VAL G 160 -12.50 61.12 20.29
C VAL G 160 -12.46 60.75 21.77
N THR G 161 -12.00 61.70 22.59
CA THR G 161 -11.96 61.53 24.03
C THR G 161 -12.86 62.59 24.68
N VAL G 162 -13.90 62.13 25.37
CA VAL G 162 -14.88 62.99 26.05
C VAL G 162 -14.67 62.88 27.55
N THR G 163 -14.51 64.02 28.20
CA THR G 163 -14.42 64.10 29.66
C THR G 163 -15.45 65.08 30.17
N TRP G 164 -15.70 65.04 31.48
CA TRP G 164 -16.65 65.94 32.13
C TRP G 164 -15.96 66.69 33.26
N ASN G 165 -16.18 68.00 33.32
CA ASN G 165 -15.54 68.88 34.30
C ASN G 165 -14.01 68.70 34.31
N SER G 166 -13.44 68.66 33.11
CA SER G 166 -11.99 68.61 32.92
C SER G 166 -11.37 67.43 33.65
N GLY G 167 -12.09 66.31 33.68
CA GLY G 167 -11.61 65.11 34.32
C GLY G 167 -11.95 65.00 35.78
N THR G 168 -12.51 66.04 36.38
CA THR G 168 -12.87 65.97 37.79
C THR G 168 -14.21 65.30 38.01
N LEU G 169 -15.05 65.18 36.98
CA LEU G 169 -16.34 64.51 37.08
C LEU G 169 -16.26 63.20 36.30
N THR G 170 -16.32 62.08 37.02
CA THR G 170 -16.18 60.77 36.40
C THR G 170 -17.30 59.88 36.89
N ASN G 171 -17.70 60.08 38.14
CA ASN G 171 -18.74 59.28 38.77
C ASN G 171 -20.08 59.50 38.05
N GLY G 172 -20.68 58.41 37.59
CA GLY G 172 -21.97 58.48 36.95
C GLY G 172 -21.95 58.78 35.47
N VAL G 173 -20.78 58.76 34.84
CA VAL G 173 -20.66 59.06 33.41
C VAL G 173 -20.79 57.79 32.60
N ARG G 174 -21.61 57.84 31.56
CA ARG G 174 -21.67 56.80 30.53
C ARG G 174 -21.35 57.44 29.19
N THR G 175 -20.25 57.01 28.58
CA THR G 175 -19.91 57.43 27.23
C THR G 175 -20.22 56.24 26.32
N PHE G 176 -21.06 56.46 25.33
CA PHE G 176 -21.51 55.34 24.51
C PHE G 176 -20.52 55.02 23.40
N PRO G 177 -20.54 53.80 22.88
CA PRO G 177 -19.73 53.49 21.68
C PRO G 177 -20.14 54.36 20.50
N SER G 178 -19.14 54.78 19.74
CA SER G 178 -19.40 55.58 18.55
C SER G 178 -20.03 54.72 17.46
N VAL G 179 -20.76 55.38 16.55
CA VAL G 179 -21.40 54.71 15.42
C VAL G 179 -20.94 55.38 14.13
N ARG G 180 -20.67 54.58 13.10
CA ARG G 180 -20.28 55.12 11.80
C ARG G 180 -21.52 55.20 10.90
N GLN G 181 -21.85 56.43 10.49
CA GLN G 181 -22.97 56.68 9.59
C GLN G 181 -22.73 56.08 8.20
N SER G 182 -23.78 56.12 7.39
CA SER G 182 -23.63 55.79 5.97
C SER G 182 -22.67 56.75 5.29
N SER G 183 -22.56 57.98 5.83
CA SER G 183 -21.66 59.01 5.36
C SER G 183 -20.19 58.72 5.64
N GLY G 184 -19.89 57.63 6.34
CA GLY G 184 -18.53 57.36 6.74
C GLY G 184 -18.06 58.15 7.93
N LEU G 185 -18.85 59.11 8.40
CA LEU G 185 -18.55 59.87 9.60
C LEU G 185 -18.99 59.12 10.84
N TYR G 186 -18.39 59.50 11.97
CA TYR G 186 -18.66 58.89 13.26
C TYR G 186 -19.43 59.86 14.15
N SER G 187 -20.04 59.32 15.18
CA SER G 187 -20.83 60.13 16.09
C SER G 187 -21.12 59.32 17.34
N LEU G 188 -20.89 59.90 18.52
CA LEU G 188 -21.18 59.23 19.79
C LEU G 188 -21.76 60.24 20.77
N SER G 189 -22.42 59.72 21.81
CA SER G 189 -23.02 60.52 22.84
C SER G 189 -22.46 60.15 24.21
N SER G 190 -22.31 61.15 25.08
CA SER G 190 -21.85 60.93 26.44
C SER G 190 -22.77 61.70 27.39
N VAL G 191 -23.30 61.03 28.42
CA VAL G 191 -24.22 61.65 29.36
C VAL G 191 -23.73 61.43 30.78
N VAL G 192 -24.19 62.29 31.69
CA VAL G 192 -23.77 62.25 33.09
C VAL G 192 -24.94 62.65 33.97
N SER G 193 -24.98 62.07 35.17
CA SER G 193 -26.01 62.38 36.17
C SER G 193 -25.36 63.15 37.31
N VAL G 194 -25.83 64.39 37.53
CA VAL G 194 -25.31 65.29 38.56
C VAL G 194 -26.47 65.74 39.43
N THR G 195 -26.13 66.21 40.63
CA THR G 195 -27.08 66.87 41.52
C THR G 195 -27.10 68.37 41.22
N SER G 196 -27.96 69.10 41.94
CA SER G 196 -28.05 70.55 41.73
C SER G 196 -26.80 71.30 42.19
N SER G 197 -25.96 70.69 43.03
CA SER G 197 -24.72 71.31 43.51
C SER G 197 -23.57 71.21 42.52
N SER G 198 -23.58 70.20 41.65
CA SER G 198 -22.54 70.00 40.65
C SER G 198 -22.66 70.96 39.46
N GLN G 199 -23.52 72.00 39.57
CA GLN G 199 -23.69 73.02 38.54
C GLN G 199 -22.61 74.09 38.64
N PRO G 200 -22.08 74.55 37.49
CA PRO G 200 -22.40 74.11 36.13
C PRO G 200 -21.61 72.89 35.74
N VAL G 201 -22.11 72.07 34.81
CA VAL G 201 -21.44 70.86 34.37
C VAL G 201 -20.86 71.12 32.98
N THR G 202 -19.59 70.76 32.78
CA THR G 202 -18.88 71.07 31.55
C THR G 202 -18.25 69.81 30.99
N CYS G 203 -18.36 69.62 29.68
CA CYS G 203 -17.83 68.43 29.00
C CYS G 203 -16.70 68.84 28.06
N ASN G 204 -15.58 68.14 28.16
CA ASN G 204 -14.42 68.42 27.32
C ASN G 204 -14.29 67.32 26.27
N VAL G 205 -14.38 67.71 25.00
CA VAL G 205 -14.26 66.80 23.88
C VAL G 205 -13.01 67.14 23.09
N ALA G 206 -12.16 66.14 22.85
CA ALA G 206 -10.90 66.30 22.13
C ALA G 206 -10.86 65.36 20.94
N HIS G 207 -10.29 65.85 19.84
CA HIS G 207 -10.16 65.08 18.60
C HIS G 207 -8.78 65.33 18.04
N PRO G 208 -7.79 64.50 18.41
CA PRO G 208 -6.40 64.80 18.03
C PRO G 208 -6.19 64.86 16.52
N ALA G 209 -7.02 64.15 15.75
CA ALA G 209 -6.86 64.09 14.30
C ALA G 209 -6.99 65.46 13.65
N THR G 210 -7.85 66.31 14.20
CA THR G 210 -8.02 67.68 13.73
C THR G 210 -7.49 68.71 14.74
N ASN G 211 -6.83 68.24 15.82
CA ASN G 211 -6.40 69.09 16.92
C ASN G 211 -7.55 69.89 17.53
N THR G 212 -8.75 69.33 17.48
CA THR G 212 -9.93 69.96 18.02
C THR G 212 -9.97 69.83 19.54
N LYS G 213 -10.23 70.94 20.22
CA LYS G 213 -10.61 70.91 21.63
C LYS G 213 -11.80 71.83 21.84
N VAL G 214 -12.90 71.25 22.31
CA VAL G 214 -14.13 72.00 22.55
C VAL G 214 -14.60 71.68 23.96
N ASP G 215 -14.97 72.72 24.70
CA ASP G 215 -15.65 72.57 25.98
C ASP G 215 -17.08 73.06 25.78
N LYS G 216 -18.02 72.41 26.45
CA LYS G 216 -19.41 72.79 26.32
C LYS G 216 -20.05 72.72 27.69
N THR G 217 -20.68 73.81 28.10
CA THR G 217 -21.34 73.91 29.41
C THR G 217 -22.83 73.74 29.21
N VAL G 218 -23.40 72.78 29.94
CA VAL G 218 -24.79 72.36 29.74
C VAL G 218 -25.65 72.94 30.85
N ALA G 219 -26.64 73.73 30.46
CA ALA G 219 -27.63 74.21 31.39
C ALA G 219 -28.65 73.12 31.68
N PRO G 220 -29.18 73.04 32.90
CA PRO G 220 -30.08 71.94 33.24
C PRO G 220 -31.34 71.86 32.38
N SER G 221 -31.70 72.92 31.66
CA SER G 221 -32.82 72.89 30.74
C SER G 221 -32.49 73.80 29.56
N THR G 222 -33.30 73.72 28.51
CA THR G 222 -33.23 74.73 27.46
C THR G 222 -33.96 76.00 27.92
N CYS G 223 -34.05 76.99 27.04
CA CYS G 223 -34.65 78.27 27.44
C CYS G 223 -35.66 78.73 26.39
N ASP H 1 -0.76 24.61 7.08
CA ASP H 1 -1.43 25.72 7.74
C ASP H 1 -2.39 25.27 8.83
N PRO H 2 -2.12 25.67 10.08
CA PRO H 2 -3.07 25.39 11.18
C PRO H 2 -4.19 26.42 11.18
N VAL H 3 -5.42 25.94 11.02
CA VAL H 3 -6.61 26.78 10.87
C VAL H 3 -7.57 26.45 11.99
N LEU H 4 -7.84 27.42 12.87
CA LEU H 4 -8.61 27.14 14.07
C LEU H 4 -10.05 27.61 13.92
N THR H 5 -10.99 26.68 14.09
CA THR H 5 -12.43 26.96 14.10
C THR H 5 -12.94 26.88 15.52
N GLN H 6 -13.84 27.79 15.87
CA GLN H 6 -14.32 27.93 17.23
C GLN H 6 -15.85 27.86 17.25
N THR H 7 -16.39 27.08 18.18
CA THR H 7 -17.83 26.98 18.33
C THR H 7 -18.16 26.96 19.82
N PRO H 8 -19.34 27.46 20.20
CA PRO H 8 -20.42 28.04 19.39
C PRO H 8 -20.07 29.48 19.01
N ALA H 9 -20.82 30.14 18.12
CA ALA H 9 -20.48 31.52 17.79
C ALA H 9 -20.67 32.42 18.99
N SER H 10 -21.78 32.27 19.70
CA SER H 10 -22.01 32.96 20.95
C SER H 10 -22.86 32.07 21.84
N VAL H 11 -22.90 32.40 23.12
CA VAL H 11 -23.67 31.62 24.07
C VAL H 11 -24.05 32.49 25.27
N GLU H 12 -25.31 32.32 25.70
CA GLU H 12 -25.83 32.93 26.91
C GLU H 12 -25.61 31.98 28.08
N VAL H 13 -25.17 32.53 29.22
CA VAL H 13 -24.99 31.74 30.43
C VAL H 13 -25.36 32.54 31.68
N PRO H 14 -26.10 31.95 32.62
CA PRO H 14 -26.50 32.69 33.82
C PRO H 14 -25.34 32.91 34.78
N VAL H 15 -25.50 33.93 35.62
CA VAL H 15 -24.48 34.27 36.59
C VAL H 15 -24.22 33.09 37.51
N GLY H 16 -22.94 32.80 37.74
CA GLY H 16 -22.59 31.68 38.57
C GLY H 16 -22.66 30.33 37.88
N GLY H 17 -22.94 30.30 36.57
CA GLY H 17 -23.03 29.05 35.85
C GLY H 17 -21.67 28.49 35.47
N THR H 18 -21.68 27.68 34.41
CA THR H 18 -20.45 27.14 33.86
C THR H 18 -20.59 27.11 32.34
N VAL H 19 -19.50 27.47 31.63
CA VAL H 19 -19.52 27.53 30.18
C VAL H 19 -18.43 26.61 29.66
N THR H 20 -18.60 26.14 28.43
CA THR H 20 -17.53 25.45 27.71
C THR H 20 -17.49 25.90 26.26
N ILE H 21 -16.36 26.49 25.85
CA ILE H 21 -16.09 26.92 24.48
C ILE H 21 -15.29 25.84 23.78
N ASN H 22 -15.54 25.68 22.49
CA ASN H 22 -14.88 24.64 21.71
C ASN H 22 -14.04 25.30 20.63
N CYS H 23 -12.81 24.81 20.46
CA CYS H 23 -11.84 25.28 19.48
C CYS H 23 -11.19 24.07 18.85
N GLN H 24 -11.13 23.99 17.53
CA GLN H 24 -10.49 22.84 16.91
C GLN H 24 -9.56 23.29 15.78
N ALA H 25 -8.49 22.51 15.61
CA ALA H 25 -7.39 22.83 14.71
C ALA H 25 -7.43 21.91 13.50
N SER H 26 -7.10 22.45 12.31
CA SER H 26 -7.10 21.61 11.12
C SER H 26 -5.91 20.67 11.09
N GLN H 27 -4.86 20.99 11.84
CA GLN H 27 -3.67 20.17 11.98
C GLN H 27 -3.40 20.00 13.46
N SER H 28 -2.81 18.87 13.82
CA SER H 28 -2.39 18.71 15.21
C SER H 28 -1.41 19.82 15.56
N ILE H 29 -1.65 20.45 16.71
CA ILE H 29 -0.74 21.43 17.27
C ILE H 29 -0.35 21.04 18.69
N GLY H 30 -0.52 19.77 19.03
CA GLY H 30 -0.06 19.28 20.32
C GLY H 30 -0.79 19.94 21.47
N LYS H 31 -0.02 20.37 22.46
CA LYS H 31 -0.55 21.08 23.61
C LYS H 31 -0.48 22.59 23.45
N TYR H 32 -0.06 23.08 22.29
CA TYR H 32 0.20 24.50 22.12
C TYR H 32 -1.04 25.24 21.62
N LEU H 33 -1.99 25.42 22.54
CA LEU H 33 -3.17 26.22 22.25
C LEU H 33 -3.30 27.29 23.33
N ASN H 34 -3.66 28.51 22.93
CA ASN H 34 -3.76 29.65 23.81
C ASN H 34 -5.19 30.16 23.84
N TRP H 35 -5.61 30.67 25.00
CA TRP H 35 -6.95 31.23 25.18
C TRP H 35 -6.83 32.68 25.59
N TYR H 36 -7.61 33.54 24.95
CA TYR H 36 -7.62 34.97 25.24
C TYR H 36 -9.04 35.44 25.55
N GLN H 37 -9.13 36.38 26.49
CA GLN H 37 -10.35 37.11 26.76
C GLN H 37 -10.16 38.52 26.24
N GLN H 38 -11.11 39.00 25.44
CA GLN H 38 -11.06 40.36 24.90
C GLN H 38 -12.37 41.07 25.17
N LYS H 39 -12.34 42.05 26.08
CA LYS H 39 -13.49 42.90 26.36
C LYS H 39 -13.65 44.02 25.33
N PRO H 40 -14.87 44.53 25.13
CA PRO H 40 -15.09 45.60 24.14
C PRO H 40 -14.16 46.78 24.34
N GLY H 41 -13.48 47.16 23.26
CA GLY H 41 -12.60 48.30 23.30
C GLY H 41 -11.26 48.06 23.94
N GLN H 42 -10.87 46.82 24.18
CA GLN H 42 -9.62 46.48 24.83
C GLN H 42 -8.78 45.50 24.02
N PRO H 43 -7.48 45.42 24.30
CA PRO H 43 -6.67 44.34 23.73
C PRO H 43 -7.02 43.02 24.40
N PRO H 44 -6.75 41.89 23.75
CA PRO H 44 -7.01 40.61 24.41
C PRO H 44 -6.13 40.47 25.63
N LYS H 45 -6.61 39.68 26.59
CA LYS H 45 -5.87 39.38 27.79
C LYS H 45 -5.61 37.88 27.78
N LEU H 46 -4.37 37.48 27.98
CA LEU H 46 -4.07 36.06 27.92
C LEU H 46 -4.70 35.35 29.11
N LEU H 47 -5.48 34.30 28.86
CA LEU H 47 -6.04 33.51 29.94
C LEU H 47 -5.26 32.23 30.18
N ILE H 48 -4.95 31.51 29.10
CA ILE H 48 -4.32 30.19 29.21
C ILE H 48 -3.30 30.04 28.09
N TYR H 49 -2.05 29.80 28.47
CA TYR H 49 -0.98 29.53 27.51
C TYR H 49 -0.60 28.07 27.67
N SER H 50 -0.13 27.46 26.57
CA SER H 50 -0.09 25.99 26.50
C SER H 50 -1.52 25.47 26.71
N SER H 51 -1.75 24.17 26.62
CA SER H 51 -3.13 23.70 26.56
C SER H 51 -3.94 24.14 27.77
N SER H 52 -3.30 24.33 28.94
CA SER H 52 -4.04 24.47 30.19
C SER H 52 -3.38 25.33 31.25
N SER H 53 -2.19 25.89 31.02
CA SER H 53 -1.51 26.68 32.05
C SER H 53 -2.14 28.07 32.18
N LEU H 54 -2.32 28.51 33.43
CA LEU H 54 -2.98 29.78 33.71
C LEU H 54 -2.01 30.95 33.58
N ALA H 55 -2.46 31.99 32.89
CA ALA H 55 -1.68 33.21 32.87
C ALA H 55 -1.65 33.82 34.25
N SER H 56 -0.62 34.62 34.49
CA SER H 56 -0.40 35.18 35.81
C SER H 56 -1.61 35.98 36.24
N GLY H 57 -2.09 35.71 37.46
CA GLY H 57 -3.16 36.52 38.01
C GLY H 57 -4.53 36.29 37.40
N VAL H 58 -4.69 35.25 36.63
CA VAL H 58 -5.99 34.83 36.13
C VAL H 58 -6.56 33.78 37.07
N SER H 59 -7.88 33.85 37.30
CA SER H 59 -8.49 32.93 38.24
C SER H 59 -8.49 31.52 37.71
N SER H 60 -8.55 30.57 38.65
CA SER H 60 -8.71 29.17 38.29
C SER H 60 -10.08 28.86 37.72
N ARG H 61 -11.01 29.83 37.71
CA ARG H 61 -12.29 29.64 37.04
C ARG H 61 -12.10 29.24 35.58
N PHE H 62 -10.97 29.63 34.99
CA PHE H 62 -10.69 29.38 33.58
C PHE H 62 -9.79 28.16 33.52
N LYS H 63 -10.35 27.06 33.01
CA LYS H 63 -9.69 25.77 32.94
C LYS H 63 -9.52 25.41 31.48
N GLY H 64 -8.28 25.15 31.08
CA GLY H 64 -7.99 24.72 29.72
C GLY H 64 -7.88 23.22 29.69
N SER H 65 -8.31 22.62 28.58
CA SER H 65 -8.11 21.19 28.36
C SER H 65 -8.12 20.94 26.87
N GLY H 66 -7.67 19.75 26.49
CA GLY H 66 -7.60 19.35 25.11
C GLY H 66 -6.16 19.14 24.65
N PHE H 67 -6.03 18.36 23.59
CA PHE H 67 -4.73 18.09 22.98
C PHE H 67 -4.96 17.71 21.54
N GLY H 68 -3.98 18.03 20.71
CA GLY H 68 -4.03 17.63 19.32
C GLY H 68 -4.82 18.60 18.46
N THR H 69 -6.04 18.23 18.08
CA THR H 69 -6.82 19.08 17.21
C THR H 69 -8.04 19.69 17.89
N GLN H 70 -8.42 19.25 19.08
CA GLN H 70 -9.56 19.87 19.75
C GLN H 70 -9.26 20.25 21.18
N PHE H 71 -9.71 21.44 21.54
CA PHE H 71 -9.43 22.04 22.84
C PHE H 71 -10.71 22.61 23.42
N THR H 72 -10.62 23.02 24.68
CA THR H 72 -11.78 23.44 25.45
C THR H 72 -11.37 24.39 26.55
N LEU H 73 -12.04 25.55 26.59
CA LEU H 73 -11.97 26.46 27.72
C LEU H 73 -13.26 26.35 28.50
N THR H 74 -13.16 26.10 29.81
CA THR H 74 -14.34 26.01 30.67
C THR H 74 -14.32 27.15 31.69
N ILE H 75 -15.28 28.06 31.56
CA ILE H 75 -15.44 29.17 32.50
C ILE H 75 -16.46 28.74 33.54
N SER H 76 -16.00 28.57 34.77
CA SER H 76 -16.82 28.11 35.88
C SER H 76 -17.10 29.24 36.84
N GLY H 77 -18.20 29.11 37.58
CA GLY H 77 -18.62 30.14 38.50
C GLY H 77 -18.66 31.46 37.77
N VAL H 78 -19.38 31.47 36.64
CA VAL H 78 -19.36 32.55 35.66
C VAL H 78 -19.64 33.85 36.36
N GLN H 79 -18.64 34.72 36.35
CA GLN H 79 -18.75 36.03 36.96
C GLN H 79 -19.50 36.96 36.03
N CYS H 80 -20.15 37.97 36.60
CA CYS H 80 -20.89 38.92 35.78
C CYS H 80 -19.97 39.73 34.87
N ALA H 81 -18.74 39.97 35.31
CA ALA H 81 -17.73 40.67 34.53
C ALA H 81 -16.99 39.78 33.55
N ASP H 82 -17.57 38.64 33.16
CA ASP H 82 -16.96 37.76 32.17
C ASP H 82 -17.47 38.00 30.76
N ALA H 83 -18.28 39.04 30.55
CA ALA H 83 -18.83 39.32 29.23
C ALA H 83 -17.72 39.81 28.31
N ALA H 84 -17.40 39.01 27.30
CA ALA H 84 -16.36 39.35 26.34
C ALA H 84 -16.43 38.36 25.20
N THR H 85 -15.54 38.51 24.23
CA THR H 85 -15.31 37.52 23.19
C THR H 85 -14.02 36.78 23.53
N TYR H 86 -14.07 35.45 23.41
CA TYR H 86 -12.95 34.60 23.79
C TYR H 86 -12.37 33.99 22.53
N TYR H 87 -11.07 34.17 22.34
CA TYR H 87 -10.36 33.65 21.18
C TYR H 87 -9.41 32.53 21.59
N CYS H 88 -9.25 31.55 20.72
CA CYS H 88 -8.20 30.58 20.89
C CYS H 88 -7.15 30.83 19.83
N GLN H 89 -5.89 30.53 20.16
CA GLN H 89 -4.77 30.78 19.26
C GLN H 89 -3.77 29.65 19.38
N GLN H 90 -3.28 29.19 18.24
CA GLN H 90 -2.23 28.18 18.21
C GLN H 90 -0.90 28.78 18.65
N GLY H 91 -0.19 28.08 19.51
CA GLY H 91 1.11 28.56 19.95
C GLY H 91 2.28 27.73 19.48
N TYR H 92 2.19 27.10 18.31
CA TYR H 92 3.25 26.20 17.84
C TYR H 92 4.27 26.89 16.94
N SER H 93 3.84 27.52 15.84
CA SER H 93 4.76 28.17 14.90
C SER H 93 4.19 29.44 14.32
N TYR H 94 5.08 30.17 13.63
CA TYR H 94 4.75 31.35 12.86
C TYR H 94 5.05 31.11 11.39
N VAL H 95 5.29 29.86 10.98
CA VAL H 95 5.75 29.50 9.65
C VAL H 95 4.57 29.04 8.79
N ASP H 96 4.54 29.49 7.51
CA ASP H 96 3.44 29.18 6.58
C ASP H 96 2.09 29.32 7.23
N LEU H 97 1.88 30.39 7.97
CA LEU H 97 0.67 30.52 8.74
C LEU H 97 -0.21 31.53 8.00
N GLU H 98 -1.54 31.31 7.98
CA GLU H 98 -2.42 32.39 7.53
C GLU H 98 -2.95 33.24 8.67
N ASN H 99 -3.46 32.60 9.71
CA ASN H 99 -3.95 33.34 10.87
C ASN H 99 -3.99 32.37 12.02
N GLY H 100 -3.27 32.67 13.09
CA GLY H 100 -3.17 31.74 14.19
C GLY H 100 -4.39 31.64 15.10
N PHE H 101 -5.34 32.57 14.98
CA PHE H 101 -6.45 32.75 15.88
C PHE H 101 -7.72 32.09 15.37
N GLY H 102 -8.65 31.86 16.28
CA GLY H 102 -9.95 31.34 15.94
C GLY H 102 -10.96 32.44 15.65
N GLY H 103 -12.17 31.99 15.28
CA GLY H 103 -13.26 32.90 15.02
C GLY H 103 -13.76 33.63 16.24
N GLY H 104 -13.48 33.11 17.43
CA GLY H 104 -13.97 33.80 18.63
C GLY H 104 -15.34 33.31 19.05
N THR H 105 -15.58 33.37 20.36
CA THR H 105 -16.88 32.99 20.91
C THR H 105 -17.33 34.14 21.83
N GLU H 106 -18.58 34.56 21.71
CA GLU H 106 -19.07 35.68 22.50
C GLU H 106 -19.84 35.20 23.71
N LEU H 107 -19.51 35.76 24.88
CA LEU H 107 -20.28 35.50 26.09
C LEU H 107 -21.34 36.57 26.35
N GLU H 108 -22.58 36.11 26.45
CA GLU H 108 -23.72 36.86 26.95
C GLU H 108 -23.97 36.36 28.36
N ILE H 109 -23.97 37.26 29.33
CA ILE H 109 -24.20 36.88 30.72
C ILE H 109 -25.61 37.29 31.13
N LEU H 110 -26.37 36.34 31.71
CA LEU H 110 -27.78 36.57 32.06
C LEU H 110 -27.88 36.87 33.56
N GLY H 111 -27.88 38.16 33.88
CA GLY H 111 -28.08 38.63 35.23
C GLY H 111 -29.55 38.85 35.56
N ASP H 112 -29.77 39.43 36.73
CA ASP H 112 -31.13 39.69 37.20
C ASP H 112 -31.84 40.70 36.32
N PRO H 113 -33.13 40.50 36.05
CA PRO H 113 -33.83 41.40 35.13
C PRO H 113 -34.05 42.76 35.77
N VAL H 114 -33.77 43.81 35.00
CA VAL H 114 -33.97 45.20 35.43
C VAL H 114 -34.62 45.95 34.27
N ALA H 115 -35.71 46.75 34.59
CA ALA H 115 -36.38 47.54 33.56
C ALA H 115 -35.68 48.87 33.35
N PRO H 116 -35.71 49.41 32.13
CA PRO H 116 -34.95 50.64 31.85
C PRO H 116 -35.71 51.88 32.30
N THR H 117 -34.93 52.87 32.69
CA THR H 117 -35.41 54.23 32.87
C THR H 117 -34.98 55.00 31.62
N VAL H 118 -35.97 55.55 30.90
CA VAL H 118 -35.73 56.14 29.58
C VAL H 118 -35.66 57.66 29.68
N LEU H 119 -34.71 58.26 28.97
CA LEU H 119 -34.59 59.71 28.88
C LEU H 119 -34.49 60.14 27.43
N ILE H 120 -35.05 61.32 27.14
CA ILE H 120 -35.07 61.90 25.81
C ILE H 120 -34.53 63.32 25.88
N PHE H 121 -33.77 63.71 24.86
CA PHE H 121 -33.10 65.01 24.84
C PHE H 121 -33.40 65.72 23.53
N PRO H 122 -34.16 66.82 23.55
CA PRO H 122 -34.46 67.56 22.34
C PRO H 122 -33.18 68.12 21.74
N PRO H 123 -33.20 68.46 20.44
CA PRO H 123 -31.99 69.02 19.83
C PRO H 123 -31.64 70.35 20.45
N ALA H 124 -30.35 70.62 20.59
CA ALA H 124 -29.93 71.94 21.02
C ALA H 124 -30.45 72.99 20.04
N ALA H 125 -30.59 74.23 20.52
CA ALA H 125 -31.19 75.27 19.69
C ALA H 125 -30.40 75.50 18.40
N ASP H 126 -29.08 75.43 18.49
CA ASP H 126 -28.21 75.66 17.35
C ASP H 126 -28.09 74.46 16.43
N GLN H 127 -28.71 73.33 16.77
CA GLN H 127 -28.63 72.15 15.91
C GLN H 127 -29.54 72.28 14.69
N VAL H 128 -30.65 73.02 14.80
CA VAL H 128 -31.56 73.20 13.69
C VAL H 128 -30.95 74.07 12.60
N ALA H 129 -30.06 75.00 12.98
CA ALA H 129 -29.45 75.91 12.02
C ALA H 129 -28.50 75.21 11.04
N THR H 130 -28.04 74.00 11.35
CA THR H 130 -27.13 73.27 10.48
C THR H 130 -27.84 72.56 9.35
N GLY H 131 -29.18 72.45 9.40
CA GLY H 131 -29.95 71.80 8.37
C GLY H 131 -30.28 70.35 8.65
N THR H 132 -29.75 69.75 9.72
CA THR H 132 -30.03 68.37 10.08
C THR H 132 -30.07 68.26 11.61
N VAL H 133 -31.15 67.70 12.14
CA VAL H 133 -31.30 67.57 13.58
C VAL H 133 -31.07 66.12 14.00
N THR H 134 -30.69 65.96 15.26
CA THR H 134 -30.48 64.64 15.84
C THR H 134 -31.01 64.69 17.27
N ILE H 135 -31.99 63.83 17.54
CA ILE H 135 -32.63 63.71 18.84
C ILE H 135 -32.10 62.46 19.53
N VAL H 136 -31.56 62.62 20.73
CA VAL H 136 -30.92 61.55 21.47
C VAL H 136 -31.87 61.02 22.53
N CYS H 137 -31.99 59.70 22.60
CA CYS H 137 -32.78 58.98 23.59
C CYS H 137 -31.87 58.00 24.30
N VAL H 138 -31.96 57.95 25.63
CA VAL H 138 -31.06 57.14 26.44
C VAL H 138 -31.88 56.26 27.36
N ALA H 139 -31.58 54.96 27.39
CA ALA H 139 -32.21 54.02 28.32
C ALA H 139 -31.14 53.39 29.18
N ASN H 140 -31.31 53.48 30.50
CA ASN H 140 -30.23 53.15 31.43
C ASN H 140 -30.49 51.89 32.24
N LYS H 141 -29.40 51.17 32.54
CA LYS H 141 -29.36 50.15 33.58
C LYS H 141 -30.49 49.13 33.43
N TYR H 142 -30.40 48.38 32.34
CA TYR H 142 -31.46 47.45 32.00
C TYR H 142 -30.90 46.09 31.62
N PHE H 143 -31.76 45.07 31.75
CA PHE H 143 -31.49 43.73 31.26
C PHE H 143 -32.81 42.98 31.25
N PRO H 144 -33.11 42.20 30.20
CA PRO H 144 -32.26 41.93 29.03
C PRO H 144 -32.31 43.05 28.01
N ASP H 145 -31.75 42.81 26.83
CA ASP H 145 -31.72 43.80 25.75
C ASP H 145 -33.12 44.29 25.43
N VAL H 146 -33.17 45.44 24.79
CA VAL H 146 -34.42 46.07 24.40
C VAL H 146 -34.40 46.35 22.92
N THR H 147 -35.59 46.58 22.39
CA THR H 147 -35.79 47.05 21.03
C THR H 147 -36.44 48.42 21.11
N VAL H 148 -35.94 49.35 20.31
CA VAL H 148 -36.36 50.75 20.35
C VAL H 148 -37.09 51.08 19.06
N THR H 149 -38.20 51.80 19.19
CA THR H 149 -38.95 52.33 18.06
C THR H 149 -39.09 53.83 18.23
N TRP H 150 -38.90 54.57 17.15
CA TRP H 150 -39.05 56.01 17.14
C TRP H 150 -40.35 56.38 16.44
N GLU H 151 -41.09 57.31 17.03
CA GLU H 151 -42.35 57.77 16.44
C GLU H 151 -42.32 59.28 16.27
N VAL H 152 -42.78 59.73 15.10
CA VAL H 152 -42.95 61.14 14.80
C VAL H 152 -44.44 61.36 14.54
N ASP H 153 -45.08 62.12 15.43
CA ASP H 153 -46.54 62.28 15.45
C ASP H 153 -47.23 60.92 15.51
N GLY H 154 -46.75 60.07 16.41
CA GLY H 154 -47.25 58.72 16.57
C GLY H 154 -46.98 57.78 15.42
N THR H 155 -46.22 58.22 14.40
CA THR H 155 -45.93 57.42 13.22
C THR H 155 -44.54 56.82 13.37
N THR H 156 -44.46 55.50 13.41
CA THR H 156 -43.17 54.87 13.69
C THR H 156 -42.20 55.15 12.56
N GLN H 157 -40.99 55.58 12.93
CA GLN H 157 -39.99 55.92 11.93
C GLN H 157 -39.41 54.67 11.29
N THR H 158 -39.42 54.63 9.97
CA THR H 158 -38.91 53.49 9.20
C THR H 158 -37.42 53.57 8.93
N THR H 159 -36.84 54.79 8.92
CA THR H 159 -35.43 55.01 8.61
C THR H 159 -34.89 56.12 9.50
N GLY H 160 -33.57 56.27 9.52
CA GLY H 160 -32.92 57.33 10.27
C GLY H 160 -32.64 57.03 11.73
N ILE H 161 -32.92 55.81 12.21
CA ILE H 161 -32.68 55.42 13.59
C ILE H 161 -31.27 54.87 13.72
N GLU H 162 -30.62 55.13 14.85
CA GLU H 162 -29.23 54.74 15.04
C GLU H 162 -28.98 54.44 16.51
N ASN H 163 -28.54 53.22 16.80
CA ASN H 163 -28.43 52.74 18.18
C ASN H 163 -26.99 52.44 18.54
N SER H 164 -26.68 52.67 19.81
CA SER H 164 -25.38 52.42 20.40
C SER H 164 -25.63 51.88 21.80
N LYS H 165 -24.89 50.83 22.18
CA LYS H 165 -25.14 50.12 23.43
C LYS H 165 -23.85 49.88 24.17
N THR H 166 -23.82 50.23 25.46
CA THR H 166 -22.61 49.98 26.24
C THR H 166 -22.46 48.49 26.47
N PRO H 167 -21.23 48.03 26.74
CA PRO H 167 -21.03 46.63 27.14
C PRO H 167 -21.72 46.34 28.46
N GLN H 168 -21.87 45.05 28.78
CA GLN H 168 -22.54 44.70 30.03
C GLN H 168 -21.72 45.19 31.22
N ASN H 169 -22.40 45.74 32.22
CA ASN H 169 -21.67 46.28 33.35
C ASN H 169 -21.07 45.18 34.19
N SER H 170 -19.79 45.33 34.51
CA SER H 170 -19.02 44.31 35.22
C SER H 170 -19.61 43.93 36.56
N ALA H 171 -20.43 44.79 37.17
CA ALA H 171 -21.01 44.56 38.48
C ALA H 171 -22.41 43.97 38.45
N ASP H 172 -23.28 44.46 37.57
CA ASP H 172 -24.70 44.09 37.62
C ASP H 172 -25.24 43.56 36.30
N CYS H 173 -24.40 43.39 35.30
CA CYS H 173 -24.75 42.75 34.02
C CYS H 173 -25.74 43.57 33.19
N THR H 174 -25.91 44.86 33.46
CA THR H 174 -26.96 45.63 32.77
C THR H 174 -26.37 46.49 31.67
N TYR H 175 -27.21 46.78 30.68
CA TYR H 175 -26.84 47.56 29.51
C TYR H 175 -27.23 49.03 29.68
N ASN H 176 -26.72 49.86 28.78
CA ASN H 176 -27.14 51.25 28.62
C ASN H 176 -27.12 51.53 27.13
N LEU H 177 -28.18 52.12 26.61
CA LEU H 177 -28.34 52.29 25.17
C LEU H 177 -28.68 53.73 24.84
N SER H 178 -28.06 54.28 23.79
CA SER H 178 -28.41 55.62 23.30
C SER H 178 -28.87 55.48 21.85
N SER H 179 -30.10 55.92 21.58
CA SER H 179 -30.70 55.81 20.26
C SER H 179 -30.95 57.21 19.72
N THR H 180 -30.50 57.47 18.49
CA THR H 180 -30.60 58.80 17.89
C THR H 180 -31.44 58.74 16.62
N LEU H 181 -32.41 59.65 16.51
CA LEU H 181 -33.20 59.83 15.30
C LEU H 181 -32.66 61.05 14.58
N THR H 182 -32.21 60.87 13.34
CA THR H 182 -31.62 61.94 12.54
C THR H 182 -32.60 62.36 11.44
N LEU H 183 -32.88 63.65 11.37
CA LEU H 183 -33.82 64.17 10.39
C LEU H 183 -33.29 65.47 9.80
N THR H 184 -33.79 65.81 8.62
CA THR H 184 -33.50 67.12 8.07
C THR H 184 -34.30 68.18 8.83
N SER H 185 -33.79 69.42 8.81
CA SER H 185 -34.48 70.51 9.51
C SER H 185 -35.89 70.69 8.97
N THR H 186 -36.11 70.42 7.68
CA THR H 186 -37.46 70.49 7.11
C THR H 186 -38.36 69.42 7.70
N GLN H 187 -37.83 68.20 7.86
CA GLN H 187 -38.61 67.14 8.49
C GLN H 187 -38.94 67.49 9.94
N TYR H 188 -37.94 67.99 10.69
CA TYR H 188 -38.17 68.30 12.10
C TYR H 188 -39.20 69.40 12.27
N ASN H 189 -39.12 70.44 11.45
CA ASN H 189 -39.98 71.61 11.58
C ASN H 189 -41.32 71.46 10.85
N SER H 190 -41.61 70.27 10.31
CA SER H 190 -42.90 69.97 9.70
C SER H 190 -43.75 69.01 10.53
N HIS H 191 -43.23 68.54 11.66
CA HIS H 191 -43.97 67.65 12.56
C HIS H 191 -43.84 68.18 13.97
N LYS H 192 -44.69 67.69 14.88
CA LYS H 192 -44.85 68.32 16.18
C LYS H 192 -44.44 67.44 17.36
N GLU H 193 -44.83 66.16 17.38
CA GLU H 193 -44.56 65.27 18.51
C GLU H 193 -43.51 64.23 18.14
N TYR H 194 -42.53 64.03 19.02
CA TYR H 194 -41.50 63.01 18.87
C TYR H 194 -41.50 62.08 20.07
N THR H 195 -41.43 60.77 19.80
CA THR H 195 -41.64 59.75 20.80
C THR H 195 -40.50 58.74 20.73
N CYS H 196 -39.94 58.41 21.89
CA CYS H 196 -38.97 57.33 22.05
C CYS H 196 -39.64 56.21 22.84
N LYS H 197 -39.71 55.01 22.26
CA LYS H 197 -40.41 53.88 22.86
C LYS H 197 -39.43 52.74 23.01
N VAL H 198 -39.06 52.42 24.25
CA VAL H 198 -38.15 51.33 24.56
C VAL H 198 -39.00 50.17 25.04
N THR H 199 -38.85 49.02 24.40
CA THR H 199 -39.67 47.84 24.70
C THR H 199 -38.80 46.73 25.26
N GLN H 200 -39.18 46.23 26.43
CA GLN H 200 -38.52 45.09 27.05
C GLN H 200 -39.49 43.92 27.00
N GLY H 201 -39.44 43.17 25.89
CA GLY H 201 -40.36 42.06 25.68
C GLY H 201 -41.77 42.53 25.41
N THR H 202 -42.47 42.94 26.48
CA THR H 202 -43.82 43.45 26.36
C THR H 202 -43.96 44.77 27.10
N THR H 203 -43.21 44.94 28.18
CA THR H 203 -43.18 46.21 28.90
C THR H 203 -42.49 47.29 28.06
N SER H 204 -43.13 48.46 27.95
CA SER H 204 -42.59 49.58 27.21
C SER H 204 -42.57 50.81 28.09
N VAL H 205 -41.48 51.58 28.00
CA VAL H 205 -41.35 52.84 28.72
C VAL H 205 -41.17 53.93 27.67
N VAL H 206 -41.86 55.06 27.87
CA VAL H 206 -41.92 56.12 26.86
C VAL H 206 -41.52 57.46 27.47
N GLN H 207 -40.96 58.30 26.63
CA GLN H 207 -40.60 59.68 26.98
C GLN H 207 -40.76 60.51 25.72
N SER H 208 -41.53 61.60 25.81
CA SER H 208 -41.88 62.39 24.65
C SER H 208 -41.63 63.87 24.90
N PHE H 209 -41.52 64.61 23.80
CA PHE H 209 -41.40 66.05 23.82
C PHE H 209 -42.07 66.63 22.59
N ASN H 210 -42.39 67.92 22.65
CA ASN H 210 -43.00 68.62 21.54
C ASN H 210 -42.09 69.75 21.10
N ARG H 211 -42.05 69.98 19.79
CA ARG H 211 -41.10 70.94 19.21
C ARG H 211 -41.26 72.32 19.82
N GLY H 212 -42.49 72.78 20.00
CA GLY H 212 -42.79 74.06 20.58
C GLY H 212 -42.80 74.10 22.09
N ASP H 213 -42.77 72.93 22.72
CA ASP H 213 -42.72 72.89 24.18
C ASP H 213 -41.41 73.45 24.74
N CYS H 214 -40.34 73.47 23.94
CA CYS H 214 -39.05 73.93 24.43
C CYS H 214 -39.00 75.47 24.49
N SER I 2 54.99 -3.40 -22.54
CA SER I 2 54.38 -4.63 -23.03
C SER I 2 53.06 -4.92 -22.32
N VAL I 3 52.12 -5.50 -23.05
CA VAL I 3 50.84 -5.93 -22.50
C VAL I 3 50.49 -7.28 -23.11
N GLU I 4 50.05 -8.22 -22.27
CA GLU I 4 49.71 -9.56 -22.73
C GLU I 4 48.51 -10.08 -21.95
N GLU I 5 47.49 -10.53 -22.67
CA GLU I 5 46.28 -11.09 -22.09
C GLU I 5 46.41 -12.59 -21.89
N SER I 6 45.68 -13.12 -20.90
CA SER I 6 45.72 -14.55 -20.60
C SER I 6 44.40 -15.00 -20.01
N GLY I 7 44.14 -16.30 -20.08
CA GLY I 7 42.95 -16.88 -19.50
C GLY I 7 41.82 -17.13 -20.46
N GLY I 8 42.00 -16.81 -21.73
CA GLY I 8 40.98 -17.10 -22.72
C GLY I 8 40.83 -18.60 -22.90
N ASP I 9 39.59 -19.06 -22.96
CA ASP I 9 39.32 -20.48 -22.88
C ASP I 9 38.01 -20.80 -23.59
N LEU I 10 37.67 -22.08 -23.55
CA LEU I 10 36.35 -22.58 -23.91
C LEU I 10 35.51 -22.60 -22.64
N VAL I 11 34.26 -22.15 -22.73
CA VAL I 11 33.37 -22.13 -21.57
C VAL I 11 31.97 -22.53 -21.97
N LYS I 12 31.27 -23.20 -21.05
CA LYS I 12 29.86 -23.46 -21.27
C LYS I 12 29.07 -22.16 -21.22
N PRO I 13 27.98 -22.06 -21.98
CA PRO I 13 27.10 -20.91 -21.84
C PRO I 13 26.52 -20.83 -20.43
N GLY I 14 26.27 -19.61 -19.99
CA GLY I 14 25.88 -19.34 -18.62
C GLY I 14 27.02 -19.34 -17.63
N ALA I 15 28.17 -19.90 -17.97
CA ALA I 15 29.31 -19.89 -17.07
C ALA I 15 29.88 -18.49 -16.98
N SER I 16 30.98 -18.39 -16.24
CA SER I 16 31.72 -17.14 -16.11
C SER I 16 33.21 -17.45 -16.23
N LEU I 17 33.99 -16.43 -16.57
CA LEU I 17 35.41 -16.60 -16.81
C LEU I 17 36.15 -15.32 -16.49
N THR I 18 37.38 -15.44 -15.97
CA THR I 18 38.17 -14.29 -15.57
C THR I 18 39.45 -14.24 -16.40
N LEU I 19 39.63 -13.16 -17.17
CA LEU I 19 40.83 -12.89 -17.96
C LEU I 19 41.76 -11.95 -17.21
N THR I 20 43.04 -11.99 -17.59
CA THR I 20 44.07 -11.24 -16.88
C THR I 20 44.94 -10.51 -17.89
N CYS I 21 45.13 -9.21 -17.68
CA CYS I 21 46.08 -8.41 -18.45
C CYS I 21 47.30 -8.14 -17.58
N THR I 22 48.50 -8.38 -18.14
CA THR I 22 49.77 -8.24 -17.43
C THR I 22 50.69 -7.23 -18.11
N ALA I 23 51.36 -6.39 -17.31
CA ALA I 23 52.19 -5.28 -17.75
C ALA I 23 53.68 -5.61 -17.63
N SER I 24 54.50 -4.88 -18.39
CA SER I 24 55.96 -5.04 -18.33
C SER I 24 56.64 -3.71 -18.65
N GLY I 25 57.38 -3.16 -17.69
CA GLY I 25 58.11 -1.91 -17.89
C GLY I 25 57.26 -0.72 -18.30
N PHE I 26 56.49 -0.19 -17.35
CA PHE I 26 55.43 0.78 -17.63
C PHE I 26 55.78 2.22 -17.24
N THR I 27 57.07 2.57 -17.15
CA THR I 27 57.54 3.94 -16.89
C THR I 27 57.04 4.48 -15.54
N ILE I 28 56.75 3.58 -14.60
CA ILE I 28 56.40 3.87 -13.20
C ILE I 28 55.53 5.12 -13.06
N SER I 29 54.61 5.32 -13.99
CA SER I 29 53.56 6.33 -13.92
C SER I 29 52.23 5.66 -13.60
N SER I 30 51.43 6.30 -12.75
CA SER I 30 50.11 5.76 -12.45
C SER I 30 49.00 6.37 -13.31
N ASP I 31 49.02 7.68 -13.53
CA ASP I 31 48.02 8.36 -14.36
C ASP I 31 47.78 7.74 -15.74
N TYR I 32 47.11 6.59 -15.81
CA TYR I 32 46.71 6.06 -17.12
C TYR I 32 45.54 5.12 -16.93
N TYR I 33 44.90 4.76 -18.03
CA TYR I 33 43.78 3.83 -17.99
C TYR I 33 44.14 2.51 -18.65
N MET I 34 43.65 1.41 -18.10
CA MET I 34 43.79 0.09 -18.69
C MET I 34 42.41 -0.35 -19.16
N CYS I 35 42.31 -0.81 -20.41
CA CYS I 35 41.00 -1.05 -20.99
C CYS I 35 40.95 -2.42 -21.66
N TRP I 36 39.74 -2.91 -21.86
CA TRP I 36 39.49 -4.17 -22.53
C TRP I 36 38.63 -3.90 -23.76
N VAL I 37 39.09 -4.38 -24.91
CA VAL I 37 38.36 -4.25 -26.17
C VAL I 37 38.22 -5.64 -26.75
N ARG I 38 37.01 -6.00 -27.16
CA ARG I 38 36.72 -7.32 -27.70
C ARG I 38 36.39 -7.23 -29.18
N GLN I 39 36.69 -8.31 -29.92
CA GLN I 39 36.45 -8.36 -31.36
C GLN I 39 35.91 -9.75 -31.71
N ALA I 40 34.63 -9.81 -32.07
CA ALA I 40 34.01 -11.08 -32.46
C ALA I 40 34.48 -11.50 -33.85
N PRO I 41 34.35 -12.79 -34.19
CA PRO I 41 34.92 -13.26 -35.46
C PRO I 41 34.37 -12.47 -36.64
N GLY I 42 35.29 -11.84 -37.37
CA GLY I 42 34.94 -11.11 -38.57
C GLY I 42 34.13 -9.86 -38.33
N LYS I 43 34.09 -9.34 -37.12
CA LYS I 43 33.31 -8.15 -36.84
C LYS I 43 34.20 -7.11 -36.17
N GLY I 44 33.65 -5.92 -35.98
CA GLY I 44 34.43 -4.76 -35.60
C GLY I 44 34.94 -4.82 -34.17
N LEU I 45 35.66 -3.75 -33.81
CA LEU I 45 36.14 -3.56 -32.45
C LEU I 45 34.99 -3.11 -31.57
N GLU I 46 34.93 -3.63 -30.36
CA GLU I 46 33.88 -3.34 -29.38
C GLU I 46 34.54 -2.98 -28.05
N TRP I 47 34.41 -1.74 -27.64
CA TRP I 47 34.98 -1.34 -26.36
C TRP I 47 34.18 -1.93 -25.22
N ILE I 48 34.89 -2.38 -24.19
CA ILE I 48 34.28 -3.03 -23.03
C ILE I 48 34.33 -2.11 -21.81
N GLY I 49 35.52 -1.76 -21.35
CA GLY I 49 35.63 -0.95 -20.15
C GLY I 49 37.06 -0.54 -19.89
N CYS I 50 37.21 0.35 -18.91
CA CYS I 50 38.51 0.87 -18.51
C CYS I 50 38.57 0.95 -16.99
N ILE I 51 39.78 0.94 -16.47
CA ILE I 51 39.99 1.19 -15.04
C ILE I 51 41.13 2.17 -14.89
N TYR I 52 40.93 3.18 -14.06
CA TYR I 52 41.96 4.19 -13.82
C TYR I 52 43.00 3.61 -12.88
N ILE I 53 44.24 3.52 -13.34
CA ILE I 53 45.27 2.85 -12.55
C ILE I 53 45.75 3.71 -11.38
N GLY I 54 45.70 5.03 -11.49
CA GLY I 54 46.21 5.84 -10.39
C GLY I 54 45.38 5.74 -9.13
N SER I 55 44.13 5.32 -9.25
CA SER I 55 43.25 5.15 -8.10
C SER I 55 42.80 3.72 -7.91
N GLY I 56 42.70 2.95 -8.99
CA GLY I 56 42.27 1.57 -8.95
C GLY I 56 40.87 1.45 -8.41
N THR I 57 40.17 2.57 -8.35
CA THR I 57 38.82 2.61 -7.81
C THR I 57 37.83 3.24 -8.78
N ASP I 58 38.30 3.94 -9.80
CA ASP I 58 37.42 4.55 -10.81
C ASP I 58 37.28 3.59 -11.97
N THR I 59 36.05 3.14 -12.25
CA THR I 59 35.81 2.22 -13.35
C THR I 59 34.76 2.79 -14.31
N TYR I 60 34.96 2.54 -15.60
CA TYR I 60 34.10 3.00 -16.68
C TYR I 60 33.81 1.82 -17.60
N TYR I 61 32.54 1.53 -17.82
CA TYR I 61 32.15 0.38 -18.63
C TYR I 61 31.23 0.81 -19.74
N ALA I 62 31.18 -0.01 -20.80
CA ALA I 62 30.25 0.23 -21.89
C ALA I 62 28.82 -0.02 -21.43
N SER I 63 27.88 0.62 -22.12
CA SER I 63 26.48 0.57 -21.73
C SER I 63 25.94 -0.86 -21.76
N TRP I 64 26.30 -1.62 -22.80
CA TRP I 64 25.78 -2.97 -22.96
C TRP I 64 26.41 -3.97 -22.01
N ALA I 65 27.54 -3.61 -21.37
CA ALA I 65 28.17 -4.49 -20.40
C ALA I 65 27.21 -4.86 -19.29
N LYS I 66 26.37 -3.90 -18.88
CA LYS I 66 25.22 -4.16 -18.02
C LYS I 66 25.61 -4.98 -16.80
N GLY I 67 26.82 -4.78 -16.28
CA GLY I 67 27.19 -5.35 -15.02
C GLY I 67 27.63 -6.79 -15.05
N ARG I 68 27.65 -7.41 -16.22
CA ARG I 68 28.26 -8.73 -16.35
C ARG I 68 29.78 -8.64 -16.26
N PHE I 69 30.35 -7.52 -16.70
CA PHE I 69 31.79 -7.34 -16.78
C PHE I 69 32.28 -6.49 -15.62
N THR I 70 33.35 -6.96 -14.97
CA THR I 70 33.94 -6.29 -13.82
C THR I 70 35.44 -6.21 -14.02
N ILE I 71 36.00 -5.00 -14.02
CA ILE I 71 37.44 -4.81 -14.16
C ILE I 71 38.03 -4.43 -12.81
N SER I 72 39.13 -5.08 -12.44
CA SER I 72 39.75 -4.89 -11.13
C SER I 72 41.26 -4.75 -11.30
N LYS I 73 41.87 -3.88 -10.51
CA LYS I 73 43.33 -3.83 -10.44
C LYS I 73 43.75 -4.77 -9.33
N THR I 74 44.56 -5.79 -9.67
CA THR I 74 44.91 -6.80 -8.70
C THR I 74 46.37 -6.77 -8.28
N SER I 75 47.26 -6.23 -9.10
CA SER I 75 48.66 -6.04 -8.77
C SER I 75 49.14 -4.72 -9.34
N SER I 76 50.38 -4.37 -9.01
CA SER I 76 51.02 -3.26 -9.71
C SER I 76 51.19 -3.56 -11.20
N THR I 77 51.11 -4.84 -11.57
CA THR I 77 51.38 -5.30 -12.93
C THR I 77 50.21 -6.09 -13.53
N THR I 78 49.06 -6.17 -12.85
CA THR I 78 47.94 -6.94 -13.40
C THR I 78 46.60 -6.25 -13.19
N VAL I 79 45.73 -6.34 -14.20
CA VAL I 79 44.31 -6.03 -14.05
C VAL I 79 43.53 -7.20 -14.64
N THR I 80 42.32 -7.44 -14.11
CA THR I 80 41.54 -8.63 -14.47
C THR I 80 40.20 -8.19 -15.02
N LEU I 81 39.80 -8.78 -16.15
CA LEU I 81 38.45 -8.67 -16.68
C LEU I 81 37.66 -9.90 -16.26
N GLN I 82 36.59 -9.68 -15.51
CA GLN I 82 35.78 -10.74 -14.93
C GLN I 82 34.44 -10.75 -15.64
N MET I 83 34.13 -11.83 -16.34
CA MET I 83 32.95 -11.92 -17.19
C MET I 83 31.99 -12.93 -16.59
N THR I 84 30.70 -12.60 -16.55
CA THR I 84 29.69 -13.50 -16.00
C THR I 84 28.56 -13.67 -17.01
N SER I 85 27.80 -14.75 -16.84
CA SER I 85 26.61 -15.03 -17.66
C SER I 85 26.93 -14.95 -19.15
N LEU I 86 27.97 -15.67 -19.54
CA LEU I 86 28.46 -15.69 -20.92
C LEU I 86 27.48 -16.40 -21.85
N THR I 87 27.40 -15.93 -23.09
CA THR I 87 26.57 -16.56 -24.13
C THR I 87 27.41 -16.75 -25.39
N ALA I 88 26.79 -17.34 -26.40
CA ALA I 88 27.47 -17.50 -27.69
C ALA I 88 27.91 -16.16 -28.25
N ALA I 89 27.14 -15.09 -28.01
CA ALA I 89 27.48 -13.78 -28.53
C ALA I 89 28.74 -13.18 -27.90
N ASP I 90 29.27 -13.77 -26.85
CA ASP I 90 30.52 -13.29 -26.28
C ASP I 90 31.74 -13.98 -26.87
N THR I 91 31.55 -14.95 -27.76
CA THR I 91 32.68 -15.55 -28.45
C THR I 91 33.40 -14.45 -29.23
N ALA I 92 34.64 -14.14 -28.84
CA ALA I 92 35.41 -13.03 -29.41
C ALA I 92 36.87 -13.15 -28.96
N THR I 93 37.74 -12.38 -29.61
CA THR I 93 39.08 -12.12 -29.10
C THR I 93 39.01 -10.96 -28.12
N TYR I 94 39.73 -11.06 -27.02
CA TYR I 94 39.67 -10.05 -25.96
C TYR I 94 41.04 -9.40 -25.83
N PHE I 95 41.12 -8.13 -26.21
CA PHE I 95 42.33 -7.32 -26.20
C PHE I 95 42.42 -6.47 -24.95
N CYS I 96 43.65 -6.17 -24.58
CA CYS I 96 43.97 -5.26 -23.50
C CYS I 96 44.77 -4.09 -24.07
N ALA I 97 44.42 -2.87 -23.66
CA ALA I 97 45.10 -1.68 -24.15
C ALA I 97 45.31 -0.71 -23.00
N ARG I 98 46.09 0.35 -23.25
CA ARG I 98 46.47 1.32 -22.22
C ARG I 98 46.51 2.73 -22.80
N ASP I 99 46.29 3.74 -21.94
CA ASP I 99 46.37 5.16 -22.24
C ASP I 99 47.74 5.69 -21.89
N LYS I 100 48.01 6.90 -22.38
CA LYS I 100 49.10 7.68 -21.87
C LYS I 100 48.57 8.72 -20.90
N GLY I 101 47.34 8.52 -20.43
CA GLY I 101 46.70 9.44 -19.52
C GLY I 101 45.85 10.45 -20.28
N TRP I 102 45.13 11.28 -19.52
CA TRP I 102 44.40 12.36 -20.17
C TRP I 102 45.33 13.54 -20.47
N SER I 103 45.15 14.08 -21.67
CA SER I 103 45.94 15.18 -22.19
C SER I 103 45.00 16.13 -22.90
N ASN I 104 45.03 17.42 -22.55
CA ASN I 104 44.23 18.36 -23.32
C ASN I 104 44.72 18.49 -24.75
N ALA I 105 46.02 18.27 -24.97
CA ALA I 105 46.58 18.39 -26.32
C ALA I 105 46.35 17.11 -27.11
N TRP I 106 46.44 15.96 -26.47
CA TRP I 106 46.50 14.68 -27.15
C TRP I 106 45.30 13.79 -26.87
N GLY I 107 44.82 13.77 -25.64
CA GLY I 107 43.61 13.04 -25.32
C GLY I 107 43.88 11.59 -24.95
N PHE I 108 42.85 10.77 -25.14
CA PHE I 108 42.91 9.34 -24.87
C PHE I 108 43.21 8.60 -26.16
N TYR I 109 44.24 7.75 -26.13
CA TYR I 109 44.60 6.90 -27.26
C TYR I 109 45.20 5.62 -26.72
N PHE I 110 45.00 4.52 -27.44
CA PHE I 110 45.57 3.22 -27.05
C PHE I 110 46.83 2.99 -27.87
N GLN I 111 47.98 3.28 -27.29
CA GLN I 111 49.22 3.01 -28.02
C GLN I 111 49.68 1.57 -27.85
N LEU I 112 49.48 1.02 -26.66
CA LEU I 112 49.86 -0.35 -26.33
C LEU I 112 48.65 -1.25 -26.49
N TRP I 113 48.81 -2.32 -27.26
CA TRP I 113 47.76 -3.32 -27.41
C TRP I 113 48.39 -4.68 -27.09
N GLY I 114 47.57 -5.62 -26.63
CA GLY I 114 48.05 -6.95 -26.38
C GLY I 114 47.73 -7.85 -27.57
N PRO I 115 48.38 -9.01 -27.68
CA PRO I 115 48.09 -9.88 -28.83
C PRO I 115 46.68 -10.42 -28.83
N GLY I 116 45.98 -10.37 -27.71
CA GLY I 116 44.64 -10.89 -27.59
C GLY I 116 44.63 -12.29 -26.98
N THR I 117 43.47 -12.66 -26.43
CA THR I 117 43.22 -14.02 -25.97
C THR I 117 41.78 -14.39 -26.32
N LEU I 118 41.59 -15.64 -26.77
CA LEU I 118 40.32 -16.10 -27.32
C LEU I 118 39.40 -16.69 -26.27
N VAL I 119 38.17 -16.20 -26.22
CA VAL I 119 37.12 -16.78 -25.40
C VAL I 119 36.11 -17.41 -26.35
N THR I 120 36.00 -18.72 -26.32
CA THR I 120 35.05 -19.47 -27.13
C THR I 120 33.94 -19.98 -26.21
N VAL I 121 32.71 -19.59 -26.47
CA VAL I 121 31.58 -20.00 -25.65
C VAL I 121 30.75 -20.99 -26.45
N SER I 122 30.77 -22.25 -26.03
CA SER I 122 30.12 -23.33 -26.77
C SER I 122 29.84 -24.48 -25.83
N SER I 123 28.68 -25.14 -26.03
CA SER I 123 28.37 -26.33 -25.24
C SER I 123 29.26 -27.51 -25.62
N GLY I 124 30.06 -27.39 -26.68
CA GLY I 124 30.94 -28.46 -27.08
C GLY I 124 32.07 -28.68 -26.10
N GLN I 125 32.77 -29.78 -26.30
CA GLN I 125 33.82 -30.23 -25.41
C GLN I 125 35.17 -29.99 -26.06
N PRO I 126 36.25 -29.91 -25.28
CA PRO I 126 37.57 -29.75 -25.91
C PRO I 126 37.88 -30.96 -26.78
N LYS I 127 38.16 -30.69 -28.06
CA LYS I 127 38.37 -31.74 -29.04
C LYS I 127 39.70 -31.51 -29.75
N ALA I 128 40.53 -32.57 -29.82
CA ALA I 128 41.85 -32.49 -30.44
C ALA I 128 41.74 -32.60 -31.96
N PRO I 129 42.65 -31.96 -32.68
CA PRO I 129 42.57 -31.97 -34.15
C PRO I 129 42.98 -33.31 -34.73
N SER I 130 42.42 -33.62 -35.90
CA SER I 130 42.71 -34.86 -36.63
C SER I 130 43.56 -34.48 -37.84
N VAL I 131 44.87 -34.66 -37.71
CA VAL I 131 45.83 -34.27 -38.74
C VAL I 131 45.94 -35.37 -39.79
N PHE I 132 45.85 -34.97 -41.07
CA PHE I 132 45.96 -35.86 -42.22
C PHE I 132 46.96 -35.27 -43.20
N PRO I 133 47.83 -36.09 -43.80
CA PRO I 133 48.78 -35.57 -44.79
C PRO I 133 48.09 -35.29 -46.12
N LEU I 134 48.73 -34.41 -46.90
CA LEU I 134 48.30 -34.09 -48.26
C LEU I 134 49.46 -34.26 -49.23
N ALA I 135 49.19 -34.86 -50.38
CA ALA I 135 50.20 -35.10 -51.41
C ALA I 135 49.49 -35.32 -52.74
N PRO I 136 50.21 -35.16 -53.86
CA PRO I 136 49.63 -35.49 -55.17
C PRO I 136 49.65 -36.98 -55.41
N CYS I 137 48.47 -37.56 -55.72
CA CYS I 137 48.33 -39.01 -55.80
C CYS I 137 48.56 -39.59 -57.19
N CYS I 138 48.70 -38.74 -58.20
CA CYS I 138 48.73 -39.22 -59.58
C CYS I 138 50.10 -39.84 -59.89
N GLY I 139 50.36 -40.17 -61.15
CA GLY I 139 51.65 -40.68 -61.54
C GLY I 139 52.58 -39.64 -62.11
N ASP I 140 52.32 -38.37 -61.80
CA ASP I 140 53.13 -37.27 -62.33
C ASP I 140 54.58 -37.37 -61.87
N THR I 141 55.48 -36.85 -62.70
CA THR I 141 56.91 -36.96 -62.44
C THR I 141 57.26 -36.27 -61.12
N PRO I 142 58.17 -36.85 -60.32
CA PRO I 142 58.54 -36.24 -59.04
C PRO I 142 59.41 -34.99 -59.18
N SER I 143 58.79 -33.81 -59.30
CA SER I 143 59.54 -32.57 -59.51
C SER I 143 60.51 -32.31 -58.37
N SER I 144 61.61 -31.63 -58.69
CA SER I 144 62.65 -31.38 -57.69
C SER I 144 62.12 -30.58 -56.52
N THR I 145 61.15 -29.71 -56.78
CA THR I 145 60.44 -28.95 -55.75
C THR I 145 58.96 -29.22 -55.93
N VAL I 146 58.32 -29.72 -54.87
CA VAL I 146 56.91 -30.08 -54.89
C VAL I 146 56.28 -29.59 -53.60
N THR I 147 55.04 -29.09 -53.70
CA THR I 147 54.33 -28.61 -52.52
C THR I 147 53.64 -29.76 -51.82
N LEU I 148 53.92 -29.90 -50.53
CA LEU I 148 53.29 -30.88 -49.66
C LEU I 148 52.62 -30.14 -48.51
N GLY I 149 51.57 -30.75 -47.96
CA GLY I 149 50.88 -30.15 -46.83
C GLY I 149 50.28 -31.20 -45.94
N CYS I 150 49.86 -30.77 -44.76
CA CYS I 150 49.14 -31.62 -43.84
C CYS I 150 47.90 -30.85 -43.38
N LEU I 151 46.77 -31.56 -43.31
CA LEU I 151 45.47 -30.95 -43.07
C LEU I 151 45.07 -31.17 -41.62
N VAL I 152 44.81 -30.07 -40.92
CA VAL I 152 44.32 -30.11 -39.54
C VAL I 152 42.82 -29.91 -39.57
N LYS I 153 42.05 -30.91 -39.12
CA LYS I 153 40.62 -30.90 -39.32
C LYS I 153 39.90 -31.30 -38.03
N GLY I 154 38.80 -30.61 -37.73
CA GLY I 154 37.96 -30.96 -36.61
C GLY I 154 38.58 -30.78 -35.23
N TYR I 155 38.70 -29.54 -34.78
CA TYR I 155 39.20 -29.25 -33.44
C TYR I 155 38.40 -28.11 -32.84
N LEU I 156 38.44 -28.04 -31.52
CA LEU I 156 37.75 -27.00 -30.77
C LEU I 156 38.40 -26.97 -29.40
N PRO I 157 38.71 -25.78 -28.85
CA PRO I 157 38.55 -24.46 -29.44
C PRO I 157 39.79 -23.99 -30.16
N GLU I 158 39.67 -22.83 -30.79
CA GLU I 158 40.83 -22.15 -31.30
C GLU I 158 41.81 -21.84 -30.17
N PRO I 159 43.11 -21.77 -30.45
CA PRO I 159 43.79 -21.95 -31.73
C PRO I 159 44.58 -23.25 -31.78
N VAL I 160 45.27 -23.47 -32.90
CA VAL I 160 46.36 -24.44 -32.99
C VAL I 160 47.56 -23.69 -33.54
N THR I 161 48.76 -24.17 -33.19
CA THR I 161 50.02 -23.60 -33.69
C THR I 161 50.73 -24.67 -34.49
N VAL I 162 50.90 -24.42 -35.79
CA VAL I 162 51.50 -25.36 -36.73
C VAL I 162 52.89 -24.87 -37.13
N THR I 163 53.88 -25.72 -36.95
CA THR I 163 55.24 -25.46 -37.39
C THR I 163 55.72 -26.63 -38.25
N TRP I 164 56.79 -26.40 -39.01
CA TRP I 164 57.34 -27.42 -39.88
C TRP I 164 58.78 -27.71 -39.49
N ASN I 165 59.10 -28.99 -39.37
CA ASN I 165 60.43 -29.46 -38.93
C ASN I 165 60.85 -28.78 -37.62
N SER I 166 59.90 -28.73 -36.67
CA SER I 166 60.15 -28.22 -35.31
C SER I 166 60.72 -26.81 -35.34
N GLY I 167 60.24 -25.98 -36.26
CA GLY I 167 60.67 -24.61 -36.37
C GLY I 167 61.87 -24.37 -37.26
N THR I 168 62.52 -25.42 -37.77
CA THR I 168 63.68 -25.20 -38.63
C THR I 168 63.30 -24.90 -40.08
N LEU I 169 62.07 -25.25 -40.48
CA LEU I 169 61.58 -24.96 -41.83
C LEU I 169 60.49 -23.90 -41.73
N THR I 170 60.75 -22.73 -42.28
CA THR I 170 59.82 -21.60 -42.24
C THR I 170 59.63 -20.95 -43.60
N ASN I 171 60.67 -20.90 -44.42
CA ASN I 171 60.58 -20.30 -45.74
C ASN I 171 59.64 -21.11 -46.63
N GLY I 172 58.66 -20.44 -47.22
CA GLY I 172 57.77 -21.07 -48.17
C GLY I 172 56.56 -21.74 -47.59
N VAL I 173 56.25 -21.51 -46.30
CA VAL I 173 55.09 -22.10 -45.65
C VAL I 173 53.91 -21.15 -45.81
N ARG I 174 52.76 -21.70 -46.18
CA ARG I 174 51.50 -20.96 -46.16
C ARG I 174 50.51 -21.69 -45.26
N THR I 175 50.14 -21.05 -44.16
CA THR I 175 49.12 -21.57 -43.26
C THR I 175 47.88 -20.73 -43.46
N PHE I 176 46.78 -21.37 -43.84
CA PHE I 176 45.57 -20.69 -44.23
C PHE I 176 44.70 -20.36 -43.01
N PRO I 177 43.85 -19.34 -43.13
CA PRO I 177 42.92 -19.04 -42.04
C PRO I 177 42.00 -20.22 -41.77
N SER I 178 41.75 -20.49 -40.51
CA SER I 178 40.84 -21.57 -40.16
C SER I 178 39.41 -21.17 -40.52
N VAL I 179 38.58 -22.18 -40.77
CA VAL I 179 37.17 -21.98 -41.11
C VAL I 179 36.34 -22.75 -40.10
N ARG I 180 35.22 -22.15 -39.69
CA ARG I 180 34.32 -22.81 -38.76
C ARG I 180 33.26 -23.56 -39.55
N GLN I 181 33.25 -24.88 -39.41
CA GLN I 181 32.24 -25.72 -40.04
C GLN I 181 30.88 -25.42 -39.42
N SER I 182 29.85 -25.95 -40.08
CA SER I 182 28.52 -25.85 -39.49
C SER I 182 28.44 -26.60 -38.16
N SER I 183 29.28 -27.62 -37.97
CA SER I 183 29.35 -28.43 -36.75
C SER I 183 29.92 -27.67 -35.55
N GLY I 184 30.36 -26.42 -35.75
CA GLY I 184 31.02 -25.64 -34.72
C GLY I 184 32.48 -25.94 -34.51
N LEU I 185 33.00 -26.99 -35.13
CA LEU I 185 34.42 -27.32 -35.05
C LEU I 185 35.21 -26.50 -36.06
N TYR I 186 36.50 -26.39 -35.83
CA TYR I 186 37.40 -25.62 -36.68
C TYR I 186 38.28 -26.57 -37.48
N SER I 187 38.85 -26.03 -38.55
CA SER I 187 39.67 -26.81 -39.47
C SER I 187 40.48 -25.88 -40.36
N LEU I 188 41.78 -26.16 -40.52
CA LEU I 188 42.64 -25.32 -41.36
C LEU I 188 43.56 -26.21 -42.18
N SER I 189 44.12 -25.62 -43.23
CA SER I 189 45.07 -26.29 -44.11
C SER I 189 46.38 -25.54 -44.10
N SER I 190 47.50 -26.27 -44.07
CA SER I 190 48.82 -25.64 -44.12
C SER I 190 49.74 -26.41 -45.07
N VAL I 191 50.38 -25.69 -45.99
CA VAL I 191 51.23 -26.28 -47.00
C VAL I 191 52.61 -25.64 -46.96
N VAL I 192 53.58 -26.36 -47.53
CA VAL I 192 54.98 -25.92 -47.59
C VAL I 192 55.59 -26.41 -48.90
N SER I 193 56.52 -25.62 -49.44
CA SER I 193 57.25 -25.95 -50.66
C SER I 193 58.70 -26.25 -50.33
N VAL I 194 59.12 -27.49 -50.60
CA VAL I 194 60.47 -27.96 -50.29
C VAL I 194 61.11 -28.52 -51.56
N THR I 195 62.44 -28.62 -51.54
CA THR I 195 63.17 -29.34 -52.56
C THR I 195 63.34 -30.80 -52.12
N SER I 196 63.95 -31.64 -52.98
CA SER I 196 64.14 -33.05 -52.61
C SER I 196 65.19 -33.21 -51.50
N SER I 197 66.01 -32.20 -51.25
CA SER I 197 67.03 -32.27 -50.20
C SER I 197 66.43 -32.05 -48.82
N SER I 198 65.33 -31.31 -48.73
CA SER I 198 64.65 -31.06 -47.47
C SER I 198 63.84 -32.27 -46.98
N GLN I 199 64.06 -33.47 -47.58
CA GLN I 199 63.41 -34.73 -47.19
C GLN I 199 64.15 -35.37 -46.01
N PRO I 200 63.40 -35.91 -45.02
CA PRO I 200 61.93 -35.93 -44.91
C PRO I 200 61.33 -34.63 -44.32
N VAL I 201 60.07 -34.29 -44.64
CA VAL I 201 59.43 -33.07 -44.17
C VAL I 201 58.40 -33.43 -43.10
N THR I 202 58.44 -32.72 -41.97
CA THR I 202 57.59 -33.01 -40.82
C THR I 202 56.87 -31.76 -40.33
N CYS I 203 55.57 -31.90 -40.01
CA CYS I 203 54.76 -30.78 -39.55
C CYS I 203 54.33 -31.01 -38.11
N ASN I 204 54.51 -30.01 -37.25
CA ASN I 204 54.19 -30.09 -35.83
C ASN I 204 52.95 -29.27 -35.53
N VAL I 205 51.92 -29.93 -34.99
CA VAL I 205 50.66 -29.30 -34.62
C VAL I 205 50.51 -29.35 -33.11
N ALA I 206 50.20 -28.21 -32.50
CA ALA I 206 50.01 -28.10 -31.06
C ALA I 206 48.61 -27.56 -30.79
N HIS I 207 47.95 -28.09 -29.75
CA HIS I 207 46.59 -27.68 -29.40
C HIS I 207 46.54 -27.51 -27.90
N PRO I 208 46.74 -26.29 -27.39
CA PRO I 208 46.88 -26.10 -25.94
C PRO I 208 45.64 -26.49 -25.14
N ALA I 209 44.45 -26.36 -25.74
CA ALA I 209 43.21 -26.66 -25.02
C ALA I 209 43.11 -28.13 -24.61
N THR I 210 43.63 -29.03 -25.42
CA THR I 210 43.64 -30.45 -25.09
C THR I 210 45.04 -30.95 -24.79
N ASN I 211 46.04 -30.06 -24.71
CA ASN I 211 47.44 -30.45 -24.55
C ASN I 211 47.87 -31.45 -25.62
N THR I 212 47.23 -31.37 -26.78
CA THR I 212 47.55 -32.24 -27.89
C THR I 212 48.79 -31.73 -28.61
N LYS I 213 49.72 -32.64 -28.87
CA LYS I 213 50.86 -32.39 -29.75
C LYS I 213 50.98 -33.60 -30.67
N VAL I 214 50.90 -33.35 -31.97
CA VAL I 214 50.97 -34.40 -32.97
C VAL I 214 52.07 -34.02 -33.95
N ASP I 215 52.91 -34.98 -34.29
CA ASP I 215 53.89 -34.81 -35.35
C ASP I 215 53.53 -35.72 -36.51
N LYS I 216 53.70 -35.21 -37.73
CA LYS I 216 53.33 -35.93 -38.94
C LYS I 216 54.34 -35.64 -40.04
N THR I 217 54.90 -36.70 -40.63
CA THR I 217 55.84 -36.59 -41.74
C THR I 217 55.15 -37.02 -43.02
N VAL I 218 55.26 -36.18 -44.05
CA VAL I 218 54.53 -36.34 -45.30
C VAL I 218 55.48 -36.89 -46.37
N ALA I 219 55.09 -38.02 -46.99
CA ALA I 219 55.85 -38.61 -48.08
C ALA I 219 55.61 -37.86 -49.38
N PRO I 220 56.64 -37.76 -50.24
CA PRO I 220 56.52 -36.93 -51.46
C PRO I 220 55.40 -37.35 -52.41
N SER I 221 54.84 -38.55 -52.27
CA SER I 221 53.70 -38.97 -53.09
C SER I 221 52.77 -39.77 -52.20
N THR I 222 51.53 -39.94 -52.67
CA THR I 222 50.59 -40.82 -51.99
C THR I 222 50.91 -42.27 -52.32
N CYS I 223 50.04 -43.16 -51.87
CA CYS I 223 50.30 -44.58 -51.91
C CYS I 223 49.12 -45.42 -52.42
N ASP J 1 26.60 10.01 -25.52
CA ASP J 1 27.28 8.96 -26.26
C ASP J 1 27.71 9.38 -27.65
N PRO J 2 29.03 9.41 -27.89
CA PRO J 2 29.58 9.65 -29.25
C PRO J 2 29.61 8.36 -30.04
N VAL J 3 28.93 8.35 -31.19
CA VAL J 3 28.79 7.15 -32.01
C VAL J 3 29.41 7.41 -33.38
N LEU J 4 30.41 6.62 -33.75
CA LEU J 4 31.18 6.86 -34.97
C LEU J 4 30.72 5.90 -36.07
N THR J 5 30.32 6.47 -37.20
CA THR J 5 30.00 5.73 -38.42
C THR J 5 31.08 6.01 -39.44
N GLN J 6 31.50 4.99 -40.16
CA GLN J 6 32.65 5.08 -41.05
C GLN J 6 32.25 4.67 -42.46
N THR J 7 32.64 5.46 -43.45
CA THR J 7 32.36 5.13 -44.84
C THR J 7 33.55 5.48 -45.71
N PRO J 8 33.78 4.75 -46.80
CA PRO J 8 33.00 3.60 -47.28
C PRO J 8 33.31 2.35 -46.49
N ALA J 9 32.50 1.31 -46.68
CA ALA J 9 32.73 0.05 -45.98
C ALA J 9 34.02 -0.61 -46.44
N SER J 10 34.24 -0.65 -47.76
CA SER J 10 35.49 -1.15 -48.29
C SER J 10 35.82 -0.35 -49.54
N VAL J 11 37.09 -0.38 -49.92
CA VAL J 11 37.53 0.41 -51.06
C VAL J 11 38.76 -0.24 -51.67
N GLU J 12 38.79 -0.28 -53.00
CA GLU J 12 39.94 -0.72 -53.76
C GLU J 12 40.81 0.47 -54.13
N VAL J 13 42.13 0.30 -53.98
CA VAL J 13 43.05 1.35 -54.40
C VAL J 13 44.31 0.76 -55.03
N PRO J 14 44.76 1.30 -56.16
CA PRO J 14 45.97 0.78 -56.79
C PRO J 14 47.21 1.17 -55.99
N VAL J 15 48.25 0.35 -56.17
CA VAL J 15 49.50 0.56 -55.43
C VAL J 15 50.05 1.94 -55.75
N GLY J 16 50.52 2.63 -54.73
CA GLY J 16 51.08 3.94 -54.88
C GLY J 16 50.07 5.05 -55.02
N GLY J 17 48.78 4.76 -54.95
CA GLY J 17 47.74 5.75 -55.09
C GLY J 17 47.50 6.53 -53.82
N THR J 18 46.28 7.03 -53.67
CA THR J 18 45.88 7.74 -52.47
C THR J 18 44.45 7.36 -52.12
N VAL J 19 44.19 7.17 -50.83
CA VAL J 19 42.87 6.81 -50.32
C VAL J 19 42.46 7.88 -49.34
N THR J 20 41.15 8.00 -49.14
CA THR J 20 40.58 8.80 -48.08
C THR J 20 39.44 8.03 -47.43
N ILE J 21 39.55 7.81 -46.13
CA ILE J 21 38.50 7.20 -45.32
C ILE J 21 37.75 8.30 -44.60
N ASN J 22 36.46 8.09 -44.37
CA ASN J 22 35.59 9.08 -43.74
C ASN J 22 35.10 8.52 -42.41
N CYS J 23 35.16 9.32 -41.35
CA CYS J 23 34.68 8.90 -40.04
C CYS J 23 33.85 10.04 -39.46
N GLN J 24 32.64 9.75 -39.01
CA GLN J 24 31.83 10.83 -38.47
C GLN J 24 31.15 10.44 -37.17
N ALA J 25 31.08 11.42 -36.27
CA ALA J 25 30.63 11.26 -34.90
C ALA J 25 29.27 11.91 -34.71
N SER J 26 28.42 11.24 -33.90
CA SER J 26 27.07 11.75 -33.64
C SER J 26 27.08 12.97 -32.74
N GLN J 27 28.16 13.19 -32.00
CA GLN J 27 28.37 14.38 -31.21
C GLN J 27 29.70 14.99 -31.59
N SER J 28 29.83 16.29 -31.39
CA SER J 28 31.15 16.88 -31.52
C SER J 28 32.06 16.19 -30.52
N ILE J 29 33.24 15.81 -30.98
CA ILE J 29 34.28 15.26 -30.12
C ILE J 29 35.55 16.08 -30.23
N GLY J 30 35.43 17.30 -30.71
CA GLY J 30 36.57 18.19 -30.79
C GLY J 30 37.63 17.67 -31.74
N LYS J 31 38.87 17.71 -31.28
CA LYS J 31 40.00 17.19 -32.04
C LYS J 31 40.35 15.78 -31.61
N TYR J 32 39.56 15.18 -30.72
CA TYR J 32 39.93 13.91 -30.11
C TYR J 32 39.37 12.73 -30.91
N LEU J 33 40.03 12.47 -32.04
CA LEU J 33 39.73 11.31 -32.87
C LEU J 33 41.02 10.54 -33.12
N ASN J 34 40.94 9.22 -33.03
CA ASN J 34 42.07 8.33 -33.16
C ASN J 34 41.83 7.40 -34.34
N TRP J 35 42.91 7.04 -35.03
CA TRP J 35 42.87 6.13 -36.16
C TRP J 35 43.76 4.94 -35.88
N TYR J 36 43.24 3.74 -36.17
CA TYR J 36 43.98 2.50 -35.97
C TYR J 36 44.02 1.69 -37.25
N GLN J 37 45.14 1.00 -37.44
CA GLN J 37 45.31 0.02 -38.49
C GLN J 37 45.32 -1.36 -37.85
N GLN J 38 44.49 -2.28 -38.36
CA GLN J 38 44.44 -3.64 -37.85
C GLN J 38 44.57 -4.62 -39.01
N LYS J 39 45.72 -5.30 -39.07
CA LYS J 39 45.90 -6.38 -40.04
C LYS J 39 45.26 -7.66 -39.53
N PRO J 40 44.89 -8.56 -40.44
CA PRO J 40 44.23 -9.81 -40.02
C PRO J 40 45.03 -10.57 -38.98
N GLY J 41 44.34 -10.95 -37.90
CA GLY J 41 44.92 -11.76 -36.85
C GLY J 41 45.80 -11.03 -35.85
N GLN J 42 45.79 -9.71 -35.84
CA GLN J 42 46.64 -8.90 -34.99
C GLN J 42 45.83 -7.89 -34.19
N PRO J 43 46.41 -7.34 -33.12
CA PRO J 43 45.77 -6.19 -32.45
C PRO J 43 45.89 -4.95 -33.31
N PRO J 44 45.04 -3.96 -33.08
CA PRO J 44 45.17 -2.69 -33.82
C PRO J 44 46.48 -2.00 -33.53
N LYS J 45 46.94 -1.20 -34.50
CA LYS J 45 48.13 -0.37 -34.33
C LYS J 45 47.72 1.10 -34.41
N LEU J 46 48.13 1.90 -33.44
CA LEU J 46 47.71 3.29 -33.47
C LEU J 46 48.47 4.01 -34.58
N LEU J 47 47.74 4.69 -35.45
CA LEU J 47 48.33 5.51 -36.51
C LEU J 47 48.33 6.99 -36.16
N ILE J 48 47.19 7.51 -35.70
CA ILE J 48 47.02 8.95 -35.49
C ILE J 48 46.23 9.16 -34.21
N TYR J 49 46.80 9.86 -33.25
CA TYR J 49 46.11 10.24 -32.02
C TYR J 49 45.88 11.73 -32.05
N SER J 50 44.79 12.18 -31.39
CA SER J 50 44.23 13.51 -31.63
C SER J 50 43.91 13.62 -33.13
N SER J 51 43.31 14.70 -33.61
CA SER J 51 42.79 14.63 -34.97
C SER J 51 43.85 14.28 -36.01
N SER J 52 45.13 14.61 -35.75
CA SER J 52 46.14 14.59 -36.81
C SER J 52 47.56 14.27 -36.38
N SER J 53 47.82 14.02 -35.11
CA SER J 53 49.20 13.76 -34.66
C SER J 53 49.61 12.32 -35.00
N LEU J 54 50.84 12.14 -35.49
CA LEU J 54 51.37 10.82 -35.85
C LEU J 54 51.97 10.10 -34.64
N ALA J 55 51.60 8.84 -34.46
CA ALA J 55 52.23 8.01 -33.45
C ALA J 55 53.68 7.72 -33.84
N SER J 56 54.47 7.33 -32.84
CA SER J 56 55.88 7.09 -33.06
C SER J 56 56.08 6.01 -34.14
N GLY J 57 56.95 6.28 -35.09
CA GLY J 57 57.29 5.27 -36.07
C GLY J 57 56.23 4.99 -37.12
N VAL J 58 55.21 5.82 -37.20
CA VAL J 58 54.22 5.74 -38.28
C VAL J 58 54.65 6.69 -39.38
N SER J 59 54.47 6.28 -40.64
CA SER J 59 54.91 7.11 -41.75
C SER J 59 54.02 8.34 -41.94
N SER J 60 54.61 9.37 -42.55
CA SER J 60 53.82 10.54 -42.96
C SER J 60 52.89 10.23 -44.10
N ARG J 61 52.94 9.02 -44.65
CA ARG J 61 51.92 8.60 -45.60
C ARG J 61 50.52 8.73 -45.00
N PHE J 62 50.44 8.65 -43.66
CA PHE J 62 49.18 8.71 -42.94
C PHE J 62 48.99 10.12 -42.42
N LYS J 63 47.98 10.80 -42.96
CA LYS J 63 47.66 12.17 -42.60
C LYS J 63 46.26 12.16 -42.00
N GLY J 64 46.14 12.64 -40.76
CA GLY J 64 44.85 12.79 -40.11
C GLY J 64 44.36 14.22 -40.27
N SER J 65 43.04 14.36 -40.40
CA SER J 65 42.44 15.69 -40.48
C SER J 65 40.99 15.59 -40.02
N GLY J 66 40.39 16.74 -39.80
CA GLY J 66 39.02 16.78 -39.35
C GLY J 66 38.89 17.36 -37.94
N PHE J 67 37.69 17.85 -37.64
CA PHE J 67 37.39 18.38 -36.32
C PHE J 67 35.90 18.30 -36.08
N GLY J 68 35.53 18.09 -34.83
CA GLY J 68 34.13 18.10 -34.46
C GLY J 68 33.44 16.78 -34.73
N THR J 69 32.65 16.74 -35.81
CA THR J 69 31.89 15.54 -36.12
C THR J 69 32.35 14.83 -37.38
N GLN J 70 33.22 15.41 -38.20
CA GLN J 70 33.65 14.69 -39.38
C GLN J 70 35.16 14.71 -39.54
N PHE J 71 35.72 13.53 -39.83
CA PHE J 71 37.16 13.30 -39.84
C PHE J 71 37.56 12.53 -41.09
N THR J 72 38.87 12.43 -41.29
CA THR J 72 39.42 11.88 -42.51
C THR J 72 40.84 11.40 -42.31
N LEU J 73 41.08 10.15 -42.69
CA LEU J 73 42.43 9.61 -42.82
C LEU J 73 42.76 9.52 -44.31
N THR J 74 43.91 10.08 -44.69
CA THR J 74 44.37 10.03 -46.07
C THR J 74 45.67 9.25 -46.13
N ILE J 75 45.63 8.09 -46.80
CA ILE J 75 46.81 7.23 -47.00
C ILE J 75 47.42 7.53 -48.35
N SER J 76 48.64 8.06 -48.35
CA SER J 76 49.31 8.47 -49.57
C SER J 76 50.41 7.49 -49.92
N GLY J 77 50.74 7.45 -51.22
CA GLY J 77 51.74 6.53 -51.74
C GLY J 77 51.42 5.13 -51.26
N VAL J 78 50.18 4.68 -51.52
CA VAL J 78 49.63 3.46 -50.92
C VAL J 78 50.62 2.34 -51.14
N GLN J 79 51.18 1.87 -50.04
CA GLN J 79 52.15 0.79 -50.05
C GLN J 79 51.41 -0.53 -50.20
N CYS J 80 52.09 -1.52 -50.75
CA CYS J 80 51.43 -2.80 -50.95
C CYS J 80 51.08 -3.47 -49.62
N ALA J 81 51.87 -3.20 -48.58
CA ALA J 81 51.65 -3.72 -47.25
C ALA J 81 50.67 -2.90 -46.39
N ASP J 82 49.86 -2.05 -47.01
CA ASP J 82 48.86 -1.28 -46.28
C ASP J 82 47.49 -1.92 -46.25
N ALA J 83 47.36 -3.11 -46.81
CA ALA J 83 46.06 -3.77 -46.84
C ALA J 83 45.69 -4.19 -45.43
N ALA J 84 44.63 -3.61 -44.90
CA ALA J 84 44.19 -3.90 -43.55
C ALA J 84 42.81 -3.30 -43.36
N THR J 85 42.29 -3.44 -42.15
CA THR J 85 41.07 -2.76 -41.75
C THR J 85 41.47 -1.58 -40.87
N TYR J 86 40.88 -0.42 -41.15
CA TYR J 86 41.22 0.81 -40.45
C TYR J 86 40.03 1.26 -39.62
N TYR J 87 40.25 1.46 -38.33
CA TYR J 87 39.22 1.90 -37.39
C TYR J 87 39.50 3.32 -36.90
N CYS J 88 38.43 4.09 -36.67
CA CYS J 88 38.53 5.36 -35.98
C CYS J 88 37.88 5.22 -34.61
N GLN J 89 38.38 6.00 -33.64
CA GLN J 89 37.89 5.91 -32.28
C GLN J 89 37.89 7.28 -31.63
N GLN J 90 36.81 7.62 -30.92
CA GLN J 90 36.78 8.88 -30.18
C GLN J 90 37.73 8.79 -28.99
N GLY J 91 38.54 9.83 -28.80
CA GLY J 91 39.45 9.84 -27.68
C GLY J 91 39.08 10.87 -26.64
N TYR J 92 37.79 11.12 -26.45
CA TYR J 92 37.37 12.21 -25.57
C TYR J 92 37.12 11.77 -24.14
N SER J 93 36.20 10.81 -23.92
CA SER J 93 36.00 10.36 -22.56
C SER J 93 35.56 8.90 -22.56
N TYR J 94 35.43 8.37 -21.34
CA TYR J 94 34.98 7.02 -21.07
C TYR J 94 33.64 6.98 -20.36
N VAL J 95 32.92 8.08 -20.31
CA VAL J 95 31.69 8.17 -19.54
C VAL J 95 30.49 8.06 -20.48
N ASP J 96 29.47 7.32 -20.06
CA ASP J 96 28.23 7.11 -20.83
C ASP J 96 28.52 6.76 -22.27
N LEU J 97 29.45 5.82 -22.46
CA LEU J 97 29.83 5.31 -23.77
C LEU J 97 29.13 4.01 -24.06
N GLU J 98 28.77 3.81 -25.32
CA GLU J 98 28.43 2.44 -25.70
C GLU J 98 29.64 1.76 -26.33
N ASN J 99 30.26 2.42 -27.29
CA ASN J 99 31.45 1.89 -27.96
C ASN J 99 32.13 3.05 -28.66
N GLY J 100 33.38 3.32 -28.31
CA GLY J 100 34.06 4.46 -28.90
C GLY J 100 34.52 4.29 -30.34
N PHE J 101 34.47 3.08 -30.88
CA PHE J 101 35.08 2.79 -32.17
C PHE J 101 34.06 2.84 -33.30
N GLY J 102 34.58 2.99 -34.51
CA GLY J 102 33.77 2.94 -35.70
C GLY J 102 33.65 1.53 -36.24
N GLY J 103 32.88 1.40 -37.32
CA GLY J 103 32.72 0.11 -37.95
C GLY J 103 33.96 -0.38 -38.67
N GLY J 104 34.87 0.52 -39.04
CA GLY J 104 36.06 0.11 -39.74
C GLY J 104 35.87 0.08 -41.24
N THR J 105 36.95 0.39 -41.96
CA THR J 105 36.96 0.42 -43.42
C THR J 105 38.09 -0.49 -43.89
N GLU J 106 37.81 -1.33 -44.89
CA GLU J 106 38.80 -2.28 -45.38
C GLU J 106 39.47 -1.77 -46.65
N LEU J 107 40.80 -1.87 -46.67
CA LEU J 107 41.58 -1.60 -47.87
C LEU J 107 41.82 -2.86 -48.69
N GLU J 108 41.40 -2.82 -49.93
CA GLU J 108 41.78 -3.80 -50.93
C GLU J 108 42.84 -3.11 -51.79
N ILE J 109 44.04 -3.65 -51.79
CA ILE J 109 45.13 -3.01 -52.53
C ILE J 109 45.33 -3.76 -53.84
N LEU J 110 45.37 -2.99 -54.94
CA LEU J 110 45.39 -3.52 -56.30
C LEU J 110 46.83 -3.54 -56.78
N GLY J 111 47.50 -4.68 -56.59
CA GLY J 111 48.83 -4.91 -57.10
C GLY J 111 48.80 -5.45 -58.51
N ASP J 112 49.97 -5.84 -58.99
CA ASP J 112 50.06 -6.33 -60.36
C ASP J 112 49.30 -7.65 -60.51
N PRO J 113 48.58 -7.83 -61.61
CA PRO J 113 47.80 -9.06 -61.78
C PRO J 113 48.73 -10.24 -62.04
N VAL J 114 48.45 -11.36 -61.36
CA VAL J 114 49.20 -12.59 -61.48
C VAL J 114 48.21 -13.73 -61.60
N ALA J 115 48.46 -14.65 -62.53
CA ALA J 115 47.55 -15.77 -62.65
C ALA J 115 47.91 -16.85 -61.62
N PRO J 116 46.91 -17.58 -61.13
CA PRO J 116 47.17 -18.56 -60.06
C PRO J 116 47.74 -19.87 -60.59
N THR J 117 48.57 -20.48 -59.75
CA THR J 117 49.04 -21.85 -59.94
C THR J 117 48.22 -22.76 -59.03
N VAL J 118 47.50 -23.70 -59.63
CA VAL J 118 46.53 -24.53 -58.92
C VAL J 118 47.13 -25.90 -58.61
N LEU J 119 46.88 -26.37 -57.39
CA LEU J 119 47.25 -27.71 -56.94
C LEU J 119 46.04 -28.39 -56.33
N ILE J 120 45.98 -29.71 -56.48
CA ILE J 120 44.89 -30.52 -55.94
C ILE J 120 45.50 -31.63 -55.08
N PHE J 121 44.83 -31.96 -53.99
CA PHE J 121 45.32 -32.95 -53.03
C PHE J 121 44.23 -33.99 -52.75
N PRO J 122 44.38 -35.21 -53.27
CA PRO J 122 43.40 -36.27 -52.98
C PRO J 122 43.43 -36.63 -51.51
N PRO J 123 42.36 -37.23 -50.99
CA PRO J 123 42.33 -37.56 -49.56
C PRO J 123 43.37 -38.60 -49.19
N ALA J 124 43.97 -38.41 -48.01
CA ALA J 124 44.86 -39.42 -47.47
C ALA J 124 44.10 -40.74 -47.31
N ALA J 125 44.86 -41.85 -47.30
CA ALA J 125 44.23 -43.17 -47.28
C ALA J 125 43.37 -43.36 -46.03
N ASP J 126 43.83 -42.87 -44.88
CA ASP J 126 43.10 -43.04 -43.62
C ASP J 126 41.96 -42.05 -43.43
N GLN J 127 41.79 -41.08 -44.35
CA GLN J 127 40.68 -40.15 -44.25
C GLN J 127 39.36 -40.77 -44.70
N VAL J 128 39.39 -41.73 -45.63
CA VAL J 128 38.18 -42.40 -46.07
C VAL J 128 37.60 -43.27 -44.97
N ALA J 129 38.47 -43.81 -44.09
CA ALA J 129 38.04 -44.73 -43.05
C ALA J 129 37.15 -44.07 -42.00
N THR J 130 37.16 -42.74 -41.91
CA THR J 130 36.35 -42.02 -40.93
C THR J 130 34.90 -41.84 -41.36
N GLY J 131 34.57 -42.12 -42.62
CA GLY J 131 33.22 -41.94 -43.11
C GLY J 131 32.95 -40.62 -43.77
N THR J 132 33.91 -39.71 -43.77
CA THR J 132 33.78 -38.39 -44.40
C THR J 132 35.12 -38.01 -45.02
N VAL J 133 35.09 -37.61 -46.29
CA VAL J 133 36.28 -37.21 -47.02
C VAL J 133 36.27 -35.70 -47.21
N THR J 134 37.46 -35.14 -47.37
CA THR J 134 37.63 -33.72 -47.64
C THR J 134 38.79 -33.59 -48.62
N ILE J 135 38.50 -33.02 -49.78
CA ILE J 135 39.49 -32.84 -50.84
C ILE J 135 39.95 -31.39 -50.83
N VAL J 136 41.26 -31.19 -50.72
CA VAL J 136 41.85 -29.87 -50.59
C VAL J 136 42.40 -29.44 -51.95
N CYS J 137 42.05 -28.24 -52.38
CA CYS J 137 42.55 -27.64 -53.60
C CYS J 137 43.16 -26.29 -53.22
N VAL J 138 44.35 -26.01 -53.74
CA VAL J 138 45.10 -24.82 -53.34
C VAL J 138 45.51 -24.06 -54.59
N ALA J 139 45.25 -22.75 -54.61
CA ALA J 139 45.72 -21.87 -55.67
C ALA J 139 46.61 -20.79 -55.05
N ASN J 140 47.83 -20.64 -55.58
CA ASN J 140 48.87 -19.85 -54.94
C ASN J 140 49.22 -18.59 -55.73
N LYS J 141 49.59 -17.54 -54.99
CA LYS J 141 50.26 -16.35 -55.51
C LYS J 141 49.48 -15.73 -56.67
N TYR J 142 48.29 -15.22 -56.36
CA TYR J 142 47.38 -14.73 -57.39
C TYR J 142 46.79 -13.39 -57.01
N PHE J 143 46.34 -12.66 -58.05
CA PHE J 143 45.57 -11.41 -57.96
C PHE J 143 44.95 -11.12 -59.30
N PRO J 144 43.69 -10.68 -59.37
CA PRO J 144 42.76 -10.41 -58.28
C PRO J 144 42.12 -11.68 -57.79
N ASP J 145 41.09 -11.57 -56.95
CA ASP J 145 40.39 -12.73 -56.42
C ASP J 145 39.87 -13.62 -57.55
N VAL J 146 39.62 -14.89 -57.21
CA VAL J 146 39.13 -15.89 -58.14
C VAL J 146 37.86 -16.51 -57.57
N THR J 147 37.13 -17.20 -58.44
CA THR J 147 35.97 -17.99 -58.06
C THR J 147 36.25 -19.46 -58.34
N VAL J 148 35.93 -20.32 -57.38
CA VAL J 148 36.24 -21.74 -57.45
C VAL J 148 34.95 -22.54 -57.56
N THR J 149 34.92 -23.47 -58.52
CA THR J 149 33.82 -24.41 -58.68
C THR J 149 34.36 -25.82 -58.65
N TRP J 150 33.66 -26.68 -57.94
CA TRP J 150 34.05 -28.07 -57.83
C TRP J 150 33.13 -28.91 -58.72
N GLU J 151 33.70 -29.87 -59.45
CA GLU J 151 32.91 -30.77 -60.27
C GLU J 151 33.18 -32.21 -59.89
N VAL J 152 32.11 -32.98 -59.79
CA VAL J 152 32.16 -34.42 -59.52
C VAL J 152 31.58 -35.10 -60.75
N ASP J 153 32.43 -35.83 -61.49
CA ASP J 153 32.07 -36.38 -62.81
C ASP J 153 31.59 -35.26 -63.75
N GLY J 154 32.36 -34.18 -63.79
CA GLY J 154 32.06 -33.02 -64.61
C GLY J 154 30.82 -32.25 -64.22
N THR J 155 30.14 -32.64 -63.14
CA THR J 155 28.91 -31.98 -62.70
C THR J 155 29.21 -31.09 -61.52
N THR J 156 28.97 -29.79 -61.67
CA THR J 156 29.37 -28.82 -60.66
C THR J 156 28.61 -29.03 -59.36
N GLN J 157 29.35 -29.03 -58.25
CA GLN J 157 28.79 -29.22 -56.92
C GLN J 157 28.09 -27.95 -56.42
N THR J 158 26.85 -28.12 -55.95
CA THR J 158 26.05 -27.04 -55.40
C THR J 158 26.24 -26.83 -53.91
N THR J 159 26.67 -27.85 -53.15
CA THR J 159 26.80 -27.76 -51.70
C THR J 159 28.07 -28.46 -51.23
N GLY J 160 28.42 -28.23 -49.96
CA GLY J 160 29.57 -28.86 -49.34
C GLY J 160 30.90 -28.20 -49.58
N ILE J 161 30.94 -27.05 -50.26
CA ILE J 161 32.17 -26.34 -50.60
C ILE J 161 32.55 -25.39 -49.47
N GLU J 162 33.85 -25.24 -49.23
CA GLU J 162 34.35 -24.43 -48.12
C GLU J 162 35.70 -23.81 -48.50
N ASN J 163 35.78 -22.48 -48.45
CA ASN J 163 36.93 -21.73 -48.94
C ASN J 163 37.59 -20.94 -47.82
N SER J 164 38.92 -20.79 -47.93
CA SER J 164 39.73 -19.99 -47.02
C SER J 164 40.77 -19.24 -47.84
N LYS J 165 40.99 -17.96 -47.52
CA LYS J 165 41.88 -17.10 -48.31
C LYS J 165 42.81 -16.34 -47.38
N THR J 166 44.11 -16.39 -47.69
CA THR J 166 45.11 -15.67 -46.90
C THR J 166 45.07 -14.17 -47.19
N PRO J 167 45.53 -13.35 -46.25
CA PRO J 167 45.64 -11.90 -46.50
C PRO J 167 46.61 -11.59 -47.64
N GLN J 168 46.51 -10.38 -48.16
CA GLN J 168 47.37 -9.97 -49.26
C GLN J 168 48.82 -9.95 -48.78
N ASN J 169 49.72 -10.42 -49.63
CA ASN J 169 51.13 -10.47 -49.25
C ASN J 169 51.70 -9.06 -49.21
N SER J 170 52.39 -8.73 -48.10
CA SER J 170 52.89 -7.38 -47.91
C SER J 170 53.86 -6.94 -49.00
N ALA J 171 54.45 -7.88 -49.73
CA ALA J 171 55.43 -7.56 -50.75
C ALA J 171 54.84 -7.41 -52.15
N ASP J 172 53.92 -8.30 -52.54
CA ASP J 172 53.44 -8.35 -53.92
C ASP J 172 51.92 -8.26 -54.05
N CYS J 173 51.20 -8.04 -52.94
CA CYS J 173 49.75 -7.82 -52.93
C CYS J 173 48.96 -9.05 -53.38
N THR J 174 49.56 -10.26 -53.31
CA THR J 174 48.96 -11.47 -53.86
C THR J 174 48.33 -12.36 -52.80
N TYR J 175 47.33 -13.11 -53.22
CA TYR J 175 46.55 -14.00 -52.37
C TYR J 175 47.06 -15.43 -52.46
N ASN J 176 46.56 -16.25 -51.55
CA ASN J 176 46.71 -17.69 -51.57
C ASN J 176 45.39 -18.23 -51.07
N LEU J 177 44.81 -19.20 -51.77
CA LEU J 177 43.49 -19.67 -51.39
C LEU J 177 43.48 -21.20 -51.27
N SER J 178 42.82 -21.71 -50.23
CA SER J 178 42.61 -23.15 -50.08
C SER J 178 41.11 -23.41 -50.02
N SER J 179 40.63 -24.22 -50.95
CA SER J 179 39.22 -24.56 -51.06
C SER J 179 39.05 -26.05 -50.85
N THR J 180 38.13 -26.43 -49.96
CA THR J 180 37.92 -27.82 -49.60
C THR J 180 36.50 -28.24 -49.95
N LEU J 181 36.37 -29.38 -50.66
CA LEU J 181 35.08 -30.01 -50.94
C LEU J 181 34.91 -31.22 -50.03
N THR J 182 33.84 -31.21 -49.23
CA THR J 182 33.59 -32.26 -48.25
C THR J 182 32.43 -33.14 -48.71
N LEU J 183 32.63 -34.45 -48.70
CA LEU J 183 31.62 -35.42 -49.10
C LEU J 183 31.65 -36.58 -48.13
N THR J 184 30.54 -37.33 -48.08
CA THR J 184 30.53 -38.59 -47.35
C THR J 184 31.31 -39.65 -48.14
N SER J 185 31.82 -40.65 -47.42
CA SER J 185 32.57 -41.71 -48.09
C SER J 185 31.72 -42.43 -49.13
N THR J 186 30.40 -42.51 -48.91
CA THR J 186 29.54 -43.11 -49.93
C THR J 186 29.50 -42.26 -51.20
N GLN J 187 29.44 -40.93 -51.04
CA GLN J 187 29.46 -40.04 -52.20
C GLN J 187 30.79 -40.12 -52.95
N TYR J 188 31.91 -40.13 -52.21
CA TYR J 188 33.23 -40.14 -52.84
C TYR J 188 33.48 -41.40 -53.64
N ASN J 189 33.14 -42.56 -53.08
CA ASN J 189 33.48 -43.84 -53.68
C ASN J 189 32.44 -44.32 -54.68
N SER J 190 31.46 -43.49 -55.03
CA SER J 190 30.50 -43.81 -56.07
C SER J 190 30.67 -42.95 -57.32
N HIS J 191 31.65 -42.04 -57.33
CA HIS J 191 31.95 -41.22 -58.50
C HIS J 191 33.46 -41.24 -58.75
N LYS J 192 33.85 -40.85 -59.98
CA LYS J 192 35.17 -41.19 -60.51
C LYS J 192 36.08 -40.00 -60.74
N GLU J 193 35.59 -38.90 -61.33
CA GLU J 193 36.44 -37.75 -61.63
C GLU J 193 36.05 -36.60 -60.73
N TYR J 194 37.06 -35.96 -60.12
CA TYR J 194 36.87 -34.79 -59.29
C TYR J 194 37.72 -33.66 -59.86
N THR J 195 37.11 -32.49 -60.01
CA THR J 195 37.71 -31.37 -60.72
C THR J 195 37.62 -30.13 -59.85
N CYS J 196 38.73 -29.41 -59.73
CA CYS J 196 38.80 -28.11 -59.08
C CYS J 196 39.00 -27.08 -60.18
N LYS J 197 38.08 -26.12 -60.28
CA LYS J 197 38.08 -25.14 -61.37
C LYS J 197 38.18 -23.76 -60.76
N VAL J 198 39.33 -23.12 -60.96
CA VAL J 198 39.59 -21.76 -60.48
C VAL J 198 39.47 -20.84 -61.68
N THR J 199 38.55 -19.87 -61.60
CA THR J 199 38.31 -18.96 -62.71
C THR J 199 38.71 -17.56 -62.28
N GLN J 200 39.57 -16.92 -63.05
CA GLN J 200 40.03 -15.55 -62.81
C GLN J 200 39.42 -14.67 -63.89
N GLY J 201 38.21 -14.20 -63.65
CA GLY J 201 37.50 -13.43 -64.65
C GLY J 201 37.06 -14.30 -65.81
N THR J 202 37.99 -14.60 -66.70
CA THR J 202 37.69 -15.46 -67.84
C THR J 202 38.70 -16.60 -67.95
N THR J 203 39.95 -16.35 -67.53
CA THR J 203 40.96 -17.40 -67.51
C THR J 203 40.61 -18.44 -66.44
N SER J 204 40.70 -19.71 -66.81
CA SER J 204 40.43 -20.82 -65.89
C SER J 204 41.62 -21.77 -65.89
N VAL J 205 42.01 -22.20 -64.69
CA VAL J 205 43.06 -23.19 -64.50
C VAL J 205 42.46 -24.36 -63.74
N VAL J 206 42.79 -25.58 -64.17
CA VAL J 206 42.14 -26.78 -63.64
C VAL J 206 43.18 -27.77 -63.16
N GLN J 207 42.81 -28.56 -62.15
CA GLN J 207 43.63 -29.65 -61.65
C GLN J 207 42.68 -30.76 -61.19
N SER J 208 42.90 -31.96 -61.69
CA SER J 208 41.99 -33.07 -61.45
C SER J 208 42.76 -34.30 -61.01
N PHE J 209 42.01 -35.22 -60.39
CA PHE J 209 42.51 -36.53 -60.01
C PHE J 209 41.34 -37.50 -60.07
N ASN J 210 41.65 -38.79 -60.17
CA ASN J 210 40.63 -39.84 -60.19
C ASN J 210 40.83 -40.78 -59.00
N ARG J 211 39.70 -41.25 -58.46
CA ARG J 211 39.72 -42.06 -57.24
C ARG J 211 40.65 -43.25 -57.38
N GLY J 212 40.65 -43.89 -58.55
CA GLY J 212 41.51 -45.02 -58.84
C GLY J 212 42.90 -44.65 -59.31
N ASP J 213 43.16 -43.38 -59.61
CA ASP J 213 44.52 -43.00 -59.99
C ASP J 213 45.49 -43.14 -58.82
N CYS J 214 45.00 -43.05 -57.59
CA CYS J 214 45.85 -43.08 -56.41
C CYS J 214 46.30 -44.48 -56.05
N SER K 2 8.33 53.79 -35.81
CA SER K 2 7.72 52.55 -35.38
C SER K 2 7.66 52.44 -33.85
N VAL K 3 6.57 51.88 -33.35
CA VAL K 3 6.34 51.65 -31.92
C VAL K 3 5.75 50.27 -31.71
N GLU K 4 6.29 49.53 -30.72
CA GLU K 4 5.81 48.19 -30.42
C GLU K 4 5.87 47.95 -28.91
N GLU K 5 4.73 47.55 -28.35
CA GLU K 5 4.62 47.23 -26.93
C GLU K 5 4.95 45.77 -26.71
N SER K 6 5.42 45.46 -25.50
CA SER K 6 5.78 44.09 -25.13
C SER K 6 5.59 43.93 -23.64
N GLY K 7 5.51 42.68 -23.21
CA GLY K 7 5.44 42.39 -21.79
C GLY K 7 4.05 42.14 -21.25
N GLY K 8 3.03 42.23 -22.10
CA GLY K 8 1.68 41.93 -21.64
C GLY K 8 1.53 40.45 -21.41
N ASP K 9 0.91 40.10 -20.29
CA ASP K 9 0.88 38.69 -19.89
C ASP K 9 -0.33 38.48 -18.97
N LEU K 10 -0.46 37.25 -18.48
CA LEU K 10 -1.44 36.93 -17.46
C LEU K 10 -0.80 37.20 -16.11
N VAL K 11 -1.54 37.83 -15.20
CA VAL K 11 -1.04 38.16 -13.87
C VAL K 11 -2.11 37.97 -12.82
N LYS K 12 -1.67 37.55 -11.63
CA LYS K 12 -2.55 37.45 -10.48
C LYS K 12 -3.01 38.82 -10.00
N PRO K 13 -4.20 38.89 -9.40
CA PRO K 13 -4.66 40.16 -8.83
C PRO K 13 -3.73 40.65 -7.74
N GLY K 14 -3.64 41.98 -7.61
CA GLY K 14 -2.73 42.60 -6.69
C GLY K 14 -1.27 42.62 -7.11
N ALA K 15 -0.89 41.78 -8.08
CA ALA K 15 0.49 41.72 -8.54
C ALA K 15 0.85 42.99 -9.32
N SER K 16 2.06 42.99 -9.86
CA SER K 16 2.53 44.11 -10.68
C SER K 16 3.22 43.57 -11.93
N LEU K 17 3.25 44.39 -12.97
CA LEU K 17 3.80 44.00 -14.27
C LEU K 17 4.31 45.23 -15.00
N THR K 18 5.37 45.03 -15.79
CA THR K 18 6.03 46.13 -16.50
C THR K 18 5.99 45.92 -18.02
N LEU K 19 5.36 46.86 -18.71
CA LEU K 19 5.34 46.90 -20.17
C LEU K 19 6.46 47.80 -20.69
N THR K 20 6.87 47.55 -21.93
CA THR K 20 7.98 48.28 -22.53
C THR K 20 7.60 48.70 -23.94
N CYS K 21 7.74 49.99 -24.23
CA CYS K 21 7.52 50.52 -25.56
C CYS K 21 8.86 50.80 -26.22
N THR K 22 9.06 50.27 -27.43
CA THR K 22 10.34 50.36 -28.13
C THR K 22 10.18 51.11 -29.45
N ALA K 23 11.12 52.00 -29.72
CA ALA K 23 11.08 52.89 -30.88
C ALA K 23 12.00 52.38 -31.98
N SER K 24 11.76 52.86 -33.20
CA SER K 24 12.61 52.51 -34.33
C SER K 24 12.62 53.67 -35.31
N GLY K 25 13.80 54.26 -35.56
CA GLY K 25 13.98 55.34 -36.52
C GLY K 25 13.14 56.58 -36.29
N PHE K 26 13.51 57.39 -35.29
CA PHE K 26 12.68 58.49 -34.79
C PHE K 26 13.17 59.90 -35.12
N THR K 27 14.02 60.07 -36.15
CA THR K 27 14.46 61.40 -36.61
C THR K 27 15.17 62.21 -35.52
N ILE K 28 15.78 61.53 -34.53
CA ILE K 28 16.61 62.12 -33.47
C ILE K 28 16.17 63.49 -32.93
N SER K 29 14.86 63.72 -32.87
CA SER K 29 14.29 64.85 -32.15
C SER K 29 13.70 64.33 -30.84
N SER K 30 14.01 64.97 -29.72
CA SER K 30 13.46 64.55 -28.44
C SER K 30 12.28 65.40 -27.99
N ASP K 31 11.90 66.43 -28.76
CA ASP K 31 10.75 67.28 -28.43
C ASP K 31 9.48 66.52 -28.77
N TYR K 32 9.21 65.47 -27.99
CA TYR K 32 7.95 64.74 -28.14
C TYR K 32 7.68 64.03 -26.81
N TYR K 33 6.44 63.56 -26.69
CA TYR K 33 5.97 62.81 -25.54
C TYR K 33 5.65 61.39 -25.97
N MET K 34 5.94 60.43 -25.09
CA MET K 34 5.59 59.04 -25.31
C MET K 34 4.49 58.69 -24.31
N CYS K 35 3.40 58.10 -24.79
CA CYS K 35 2.21 57.96 -23.95
C CYS K 35 1.65 56.56 -24.00
N TRP K 36 0.90 56.21 -22.96
CA TRP K 36 0.26 54.91 -22.88
C TRP K 36 -1.24 55.11 -22.81
N VAL K 37 -1.97 54.44 -23.69
CA VAL K 37 -3.43 54.48 -23.73
C VAL K 37 -3.90 53.03 -23.66
N ARG K 38 -4.83 52.76 -22.76
CA ARG K 38 -5.35 51.42 -22.57
C ARG K 38 -6.80 51.36 -23.02
N GLN K 39 -7.22 50.19 -23.49
CA GLN K 39 -8.56 49.96 -23.99
C GLN K 39 -9.07 48.64 -23.45
N ALA K 40 -10.06 48.72 -22.57
CA ALA K 40 -10.61 47.49 -22.01
C ALA K 40 -11.47 46.76 -23.05
N PRO K 41 -11.67 45.45 -22.89
CA PRO K 41 -12.40 44.71 -23.92
C PRO K 41 -13.78 45.30 -24.12
N GLY K 42 -14.06 45.68 -25.37
CA GLY K 42 -15.36 46.21 -25.73
C GLY K 42 -15.66 47.58 -25.17
N LYS K 43 -14.65 48.31 -24.73
CA LYS K 43 -14.84 49.65 -24.19
C LYS K 43 -13.89 50.62 -24.87
N GLY K 44 -14.07 51.90 -24.55
CA GLY K 44 -13.41 52.98 -25.25
C GLY K 44 -11.92 53.08 -24.93
N LEU K 45 -11.28 54.06 -25.56
CA LEU K 45 -9.89 54.37 -25.29
C LEU K 45 -9.77 55.13 -23.97
N GLU K 46 -8.75 54.82 -23.20
CA GLU K 46 -8.54 55.40 -21.87
C GLU K 46 -7.09 55.88 -21.76
N TRP K 47 -6.89 57.20 -21.65
CA TRP K 47 -5.54 57.71 -21.50
C TRP K 47 -4.98 57.38 -20.12
N ILE K 48 -3.70 57.03 -20.09
CA ILE K 48 -3.00 56.67 -18.85
C ILE K 48 -1.99 57.73 -18.46
N GLY K 49 -1.01 57.98 -19.32
CA GLY K 49 0.02 58.94 -18.98
C GLY K 49 0.93 59.19 -20.16
N CYS K 50 1.79 60.19 -19.97
CA CYS K 50 2.79 60.59 -20.95
C CYS K 50 4.09 60.93 -20.26
N ILE K 51 5.19 60.73 -20.97
CA ILE K 51 6.51 61.11 -20.48
C ILE K 51 7.23 61.88 -21.58
N TYR K 52 7.84 63.02 -21.23
CA TYR K 52 8.57 63.85 -22.18
C TYR K 52 9.94 63.25 -22.46
N ILE K 53 10.19 62.89 -23.73
CA ILE K 53 11.45 62.24 -24.13
C ILE K 53 12.60 63.23 -24.22
N GLY K 54 12.35 64.54 -24.05
CA GLY K 54 13.41 65.54 -23.97
C GLY K 54 13.96 65.75 -22.56
N SER K 55 13.22 65.29 -21.55
CA SER K 55 13.63 65.43 -20.15
C SER K 55 12.92 64.38 -19.29
N GLY K 56 13.45 63.15 -19.26
CA GLY K 56 12.86 62.03 -18.53
C GLY K 56 12.16 62.38 -17.22
N THR K 57 12.49 63.55 -16.69
CA THR K 57 11.88 64.03 -15.46
C THR K 57 10.41 64.39 -15.63
N ASP K 58 10.00 64.91 -16.80
CA ASP K 58 8.63 65.40 -16.95
C ASP K 58 7.67 64.26 -17.31
N THR K 59 6.80 63.90 -16.37
CA THR K 59 5.80 62.85 -16.54
C THR K 59 4.42 63.39 -16.17
N TYR K 60 3.41 62.96 -16.92
CA TYR K 60 2.03 63.38 -16.71
C TYR K 60 1.14 62.14 -16.69
N TYR K 61 0.30 62.01 -15.67
CA TYR K 61 -0.54 60.83 -15.51
C TYR K 61 -2.00 61.25 -15.40
N ALA K 62 -2.88 60.30 -15.69
CA ALA K 62 -4.30 60.52 -15.50
C ALA K 62 -4.62 60.57 -14.01
N SER K 63 -5.74 61.23 -13.70
CA SER K 63 -6.16 61.40 -12.31
C SER K 63 -6.37 60.05 -11.63
N TRP K 64 -6.95 59.09 -12.37
CA TRP K 64 -7.28 57.78 -11.81
C TRP K 64 -6.05 56.88 -11.64
N ALA K 65 -4.92 57.20 -12.27
CA ALA K 65 -3.72 56.38 -12.08
C ALA K 65 -3.32 56.31 -10.61
N LYS K 66 -3.43 57.42 -9.88
CA LYS K 66 -3.25 57.44 -8.42
C LYS K 66 -1.95 56.74 -7.99
N GLY K 67 -0.91 56.85 -8.81
CA GLY K 67 0.40 56.38 -8.40
C GLY K 67 0.65 54.90 -8.57
N ARG K 68 -0.33 54.13 -9.06
CA ARG K 68 -0.04 52.75 -9.43
C ARG K 68 0.81 52.67 -10.68
N PHE K 69 0.69 53.65 -11.56
CA PHE K 69 1.35 53.62 -12.86
C PHE K 69 2.56 54.56 -12.84
N THR K 70 3.70 54.04 -13.29
CA THR K 70 4.95 54.80 -13.36
C THR K 70 5.51 54.63 -14.76
N ILE K 71 5.69 55.73 -15.47
CA ILE K 71 6.29 55.72 -16.80
C ILE K 71 7.71 56.24 -16.66
N SER K 72 8.66 55.54 -17.27
CA SER K 72 10.07 55.86 -17.14
C SER K 72 10.77 55.70 -18.49
N LYS K 73 11.78 56.55 -18.72
CA LYS K 73 12.66 56.41 -19.87
C LYS K 73 13.82 55.50 -19.47
N THR K 74 14.01 54.40 -20.19
CA THR K 74 15.05 53.44 -19.83
C THR K 74 16.18 53.35 -20.86
N SER K 75 15.91 53.72 -22.11
CA SER K 75 16.92 53.80 -23.15
C SER K 75 16.59 54.98 -24.05
N SER K 76 17.47 55.26 -25.00
CA SER K 76 17.13 56.19 -26.07
C SER K 76 15.95 55.70 -26.89
N THR K 77 15.65 54.39 -26.82
CA THR K 77 14.66 53.76 -27.67
C THR K 77 13.56 53.03 -26.90
N THR K 78 13.54 53.10 -25.57
CA THR K 78 12.55 52.38 -24.79
C THR K 78 12.05 53.22 -23.64
N VAL K 79 10.74 53.13 -23.37
CA VAL K 79 10.13 53.65 -22.15
C VAL K 79 9.28 52.54 -21.56
N THR K 80 9.14 52.53 -20.24
CA THR K 80 8.50 51.42 -19.53
C THR K 80 7.35 51.93 -18.68
N LEU K 81 6.19 51.28 -18.84
CA LEU K 81 5.03 51.49 -17.99
C LEU K 81 4.99 50.40 -16.92
N GLN K 82 5.04 50.82 -15.66
CA GLN K 82 5.15 49.92 -14.52
C GLN K 82 3.85 49.97 -13.74
N MET K 83 3.10 48.88 -13.73
CA MET K 83 1.76 48.86 -13.15
C MET K 83 1.75 48.00 -11.89
N THR K 84 1.11 48.51 -10.82
CA THR K 84 1.09 47.80 -9.54
C THR K 84 -0.34 47.65 -9.05
N SER K 85 -0.53 46.68 -8.16
CA SER K 85 -1.82 46.39 -7.53
C SER K 85 -2.90 46.20 -8.58
N LEU K 86 -2.60 45.33 -9.55
CA LEU K 86 -3.49 45.09 -10.68
C LEU K 86 -4.76 44.40 -10.22
N THR K 87 -5.87 44.74 -10.88
CA THR K 87 -7.15 44.10 -10.61
C THR K 87 -7.74 43.64 -11.93
N ALA K 88 -8.86 42.91 -11.83
CA ALA K 88 -9.56 42.46 -13.02
C ALA K 88 -9.96 43.63 -13.91
N ALA K 89 -10.25 44.79 -13.32
CA ALA K 89 -10.64 45.95 -14.10
C ALA K 89 -9.50 46.51 -14.94
N ASP K 90 -8.26 46.08 -14.73
CA ASP K 90 -7.14 46.51 -15.55
C ASP K 90 -6.93 45.62 -16.76
N THR K 91 -7.68 44.52 -16.89
CA THR K 91 -7.59 43.71 -18.09
C THR K 91 -7.97 44.57 -19.27
N ALA K 92 -6.99 44.80 -20.15
CA ALA K 92 -7.13 45.68 -21.29
C ALA K 92 -5.96 45.45 -22.23
N THR K 93 -6.10 45.94 -23.46
CA THR K 93 -4.97 46.09 -24.36
C THR K 93 -4.31 47.43 -24.03
N TYR K 94 -2.97 47.44 -24.01
CA TYR K 94 -2.22 48.63 -23.62
C TYR K 94 -1.40 49.09 -24.82
N PHE K 95 -1.76 50.26 -25.36
CA PHE K 95 -1.12 50.85 -26.54
C PHE K 95 -0.04 51.85 -26.13
N CYS K 96 0.94 51.99 -27.01
CA CYS K 96 1.97 52.99 -26.86
C CYS K 96 1.90 53.91 -28.07
N ALA K 97 1.92 55.22 -27.84
CA ALA K 97 1.81 56.21 -28.91
C ALA K 97 2.79 57.35 -28.66
N ARG K 98 2.91 58.24 -29.64
CA ARG K 98 3.93 59.30 -29.57
C ARG K 98 3.39 60.60 -30.14
N ASP K 99 3.97 61.72 -29.69
CA ASP K 99 3.64 63.06 -30.20
C ASP K 99 4.64 63.48 -31.25
N LYS K 100 4.28 64.52 -31.98
CA LYS K 100 5.21 65.27 -32.79
C LYS K 100 5.63 66.53 -32.07
N GLY K 101 5.40 66.57 -30.75
CA GLY K 101 5.77 67.70 -29.93
C GLY K 101 4.65 68.70 -29.84
N TRP K 102 4.88 69.75 -29.03
CA TRP K 102 3.93 70.86 -29.00
C TRP K 102 4.18 71.83 -30.15
N SER K 103 3.07 72.26 -30.75
CA SER K 103 3.04 73.17 -31.88
C SER K 103 1.90 74.14 -31.62
N ASN K 104 2.16 75.45 -31.74
CA ASN K 104 1.03 76.37 -31.63
C ASN K 104 0.04 76.17 -32.78
N ALA K 105 0.51 75.66 -33.90
CA ALA K 105 -0.35 75.43 -35.05
C ALA K 105 -1.13 74.12 -34.94
N TRP K 106 -0.50 73.07 -34.41
CA TRP K 106 -1.01 71.71 -34.52
C TRP K 106 -1.37 71.05 -33.20
N GLY K 107 -0.59 71.27 -32.16
CA GLY K 107 -0.90 70.74 -30.85
C GLY K 107 -0.34 69.35 -30.67
N PHE K 108 -0.90 68.63 -29.70
CA PHE K 108 -0.50 67.26 -29.42
C PHE K 108 -1.44 66.33 -30.18
N TYR K 109 -0.86 65.40 -30.92
CA TYR K 109 -1.66 64.40 -31.62
C TYR K 109 -0.84 63.11 -31.67
N PHE K 110 -1.52 61.97 -31.65
CA PHE K 110 -0.87 60.66 -31.72
C PHE K 110 -0.94 60.15 -33.16
N GLN K 111 0.11 60.35 -33.93
CA GLN K 111 0.05 59.79 -35.27
C GLN K 111 0.63 58.40 -35.32
N LEU K 112 1.64 58.15 -34.53
CA LEU K 112 2.33 56.87 -34.53
C LEU K 112 1.76 56.07 -33.35
N TRP K 113 1.22 54.87 -33.61
CA TRP K 113 0.69 54.01 -32.56
C TRP K 113 1.34 52.62 -32.63
N GLY K 114 1.32 51.89 -31.52
CA GLY K 114 1.78 50.53 -31.52
C GLY K 114 0.62 49.56 -31.71
N PRO K 115 0.89 48.29 -32.02
CA PRO K 115 -0.21 47.32 -32.17
C PRO K 115 -0.90 47.01 -30.86
N GLY K 116 -0.30 47.33 -29.73
CA GLY K 116 -0.87 47.01 -28.45
C GLY K 116 -0.27 45.75 -27.85
N THR K 117 -0.45 45.60 -26.54
CA THR K 117 -0.11 44.35 -25.86
C THR K 117 -1.15 44.06 -24.79
N LEU K 118 -1.50 42.78 -24.65
CA LEU K 118 -2.60 42.36 -23.80
C LEU K 118 -2.14 42.08 -22.38
N VAL K 119 -2.79 42.71 -21.41
CA VAL K 119 -2.60 42.40 -20.01
C VAL K 119 -3.90 41.76 -19.52
N THR K 120 -3.84 40.47 -19.17
CA THR K 120 -5.00 39.74 -18.66
C THR K 120 -4.80 39.52 -17.17
N VAL K 121 -5.73 40.05 -16.37
CA VAL K 121 -5.65 39.97 -14.92
C VAL K 121 -6.73 39.01 -14.44
N SER K 122 -6.30 37.85 -13.95
CA SER K 122 -7.22 36.79 -13.54
C SER K 122 -6.51 35.89 -12.54
N SER K 123 -7.26 35.42 -11.54
CA SER K 123 -6.74 34.44 -10.61
C SER K 123 -6.54 33.07 -11.26
N GLY K 124 -7.04 32.88 -12.49
CA GLY K 124 -6.87 31.61 -13.18
C GLY K 124 -5.44 31.38 -13.61
N GLN K 125 -5.18 30.16 -14.09
CA GLN K 125 -3.84 29.73 -14.48
C GLN K 125 -3.70 29.66 -16.00
N PRO K 126 -2.48 29.69 -16.52
CA PRO K 126 -2.31 29.56 -17.98
C PRO K 126 -2.80 28.20 -18.45
N LYS K 127 -3.71 28.22 -19.41
CA LYS K 127 -4.38 27.03 -19.92
C LYS K 127 -4.23 27.00 -21.44
N ALA K 128 -3.81 25.85 -21.96
CA ALA K 128 -3.64 25.70 -23.39
C ALA K 128 -4.98 25.39 -24.06
N PRO K 129 -5.15 25.81 -25.31
CA PRO K 129 -6.42 25.56 -26.01
C PRO K 129 -6.53 24.10 -26.41
N SER K 130 -7.78 23.64 -26.53
CA SER K 130 -8.12 22.27 -26.91
C SER K 130 -8.66 22.28 -28.33
N VAL K 131 -7.82 21.89 -29.28
CA VAL K 131 -8.18 21.95 -30.70
C VAL K 131 -9.08 20.76 -31.04
N PHE K 132 -10.21 21.04 -31.66
CA PHE K 132 -11.15 20.01 -32.06
C PHE K 132 -11.52 20.23 -33.52
N PRO K 133 -11.54 19.18 -34.33
CA PRO K 133 -11.92 19.35 -35.74
C PRO K 133 -13.43 19.53 -35.92
N LEU K 134 -13.76 20.17 -37.04
CA LEU K 134 -15.14 20.38 -37.48
C LEU K 134 -15.26 19.89 -38.92
N ALA K 135 -16.34 19.17 -39.19
CA ALA K 135 -16.61 18.66 -40.53
C ALA K 135 -18.10 18.34 -40.63
N PRO K 136 -18.65 18.25 -41.84
CA PRO K 136 -20.04 17.80 -41.98
C PRO K 136 -20.11 16.28 -41.87
N CYS K 137 -20.90 15.80 -40.90
CA CYS K 137 -20.96 14.38 -40.59
C CYS K 137 -22.05 13.65 -41.37
N CYS K 138 -22.86 14.37 -42.13
CA CYS K 138 -24.05 13.81 -42.75
C CYS K 138 -23.64 12.94 -43.94
N GLY K 139 -24.63 12.49 -44.71
CA GLY K 139 -24.34 11.73 -45.91
C GLY K 139 -24.38 12.58 -47.16
N ASP K 140 -24.24 13.90 -47.02
CA ASP K 140 -24.30 14.80 -48.17
C ASP K 140 -23.17 14.51 -49.15
N THR K 141 -23.47 14.75 -50.43
CA THR K 141 -22.54 14.40 -51.50
C THR K 141 -21.22 15.16 -51.33
N PRO K 142 -20.07 14.53 -51.63
CA PRO K 142 -18.78 15.21 -51.45
C PRO K 142 -18.53 16.30 -52.48
N SER K 143 -19.01 17.50 -52.21
CA SER K 143 -18.88 18.62 -53.15
C SER K 143 -17.41 18.97 -53.38
N SER K 144 -17.14 19.49 -54.58
CA SER K 144 -15.77 19.82 -54.96
C SER K 144 -15.17 20.88 -54.05
N THR K 145 -15.99 21.80 -53.54
CA THR K 145 -15.54 22.83 -52.61
C THR K 145 -16.41 22.76 -51.36
N VAL K 146 -15.77 22.57 -50.21
CA VAL K 146 -16.45 22.39 -48.92
C VAL K 146 -15.69 23.20 -47.87
N THR K 147 -16.43 23.78 -46.93
CA THR K 147 -15.84 24.53 -45.83
C THR K 147 -15.46 23.59 -44.69
N LEU K 148 -14.20 23.65 -44.27
CA LEU K 148 -13.71 22.87 -43.14
C LEU K 148 -13.11 23.81 -42.10
N GLY K 149 -13.18 23.41 -40.85
CA GLY K 149 -12.59 24.21 -39.79
C GLY K 149 -12.18 23.34 -38.62
N CYS K 150 -11.41 23.95 -37.73
CA CYS K 150 -11.05 23.33 -36.47
C CYS K 150 -11.32 24.35 -35.37
N LEU K 151 -11.90 23.89 -34.26
CA LEU K 151 -12.39 24.77 -33.20
C LEU K 151 -11.40 24.80 -32.05
N VAL K 152 -10.98 26.00 -31.67
CA VAL K 152 -10.06 26.20 -30.56
C VAL K 152 -10.88 26.57 -29.33
N LYS K 153 -10.77 25.75 -28.28
CA LYS K 153 -11.68 25.85 -27.13
C LYS K 153 -10.90 25.75 -25.82
N GLY K 154 -11.27 26.62 -24.87
CA GLY K 154 -10.73 26.59 -23.53
C GLY K 154 -9.27 26.94 -23.39
N TYR K 155 -8.94 28.23 -23.51
CA TYR K 155 -7.58 28.71 -23.33
C TYR K 155 -7.57 30.02 -22.56
N LEU K 156 -6.43 30.31 -21.97
CA LEU K 156 -6.21 31.52 -21.19
C LEU K 156 -4.70 31.69 -21.08
N PRO K 157 -4.16 32.90 -21.25
CA PRO K 157 -4.82 34.15 -21.60
C PRO K 157 -4.82 34.35 -23.09
N GLU K 158 -5.45 35.43 -23.54
CA GLU K 158 -5.30 35.86 -24.92
C GLU K 158 -3.82 36.15 -25.23
N PRO K 159 -3.39 36.00 -26.49
CA PRO K 159 -4.13 35.55 -27.68
C PRO K 159 -3.76 34.15 -28.14
N VAL K 160 -4.37 33.71 -29.23
CA VAL K 160 -3.87 32.57 -29.99
C VAL K 160 -3.71 33.02 -31.43
N THR K 161 -2.80 32.36 -32.15
CA THR K 161 -2.58 32.62 -33.57
C THR K 161 -2.89 31.35 -34.34
N VAL K 162 -3.92 31.40 -35.18
CA VAL K 162 -4.38 30.26 -35.96
C VAL K 162 -3.96 30.48 -37.41
N THR K 163 -3.23 29.51 -37.96
CA THR K 163 -2.85 29.52 -39.37
C THR K 163 -3.26 28.21 -40.00
N TRP K 164 -3.32 28.20 -41.33
CA TRP K 164 -3.70 27.02 -42.09
C TRP K 164 -2.58 26.65 -43.04
N ASN K 165 -2.25 25.35 -43.06
CA ASN K 165 -1.17 24.81 -43.90
C ASN K 165 0.13 25.58 -43.69
N SER K 166 0.45 25.86 -42.42
CA SER K 166 1.71 26.48 -42.03
C SER K 166 1.95 27.82 -42.73
N GLY K 167 0.87 28.59 -42.93
CA GLY K 167 0.94 29.90 -43.54
C GLY K 167 0.79 29.91 -45.05
N THR K 168 0.77 28.74 -45.70
CA THR K 168 0.63 28.69 -47.15
C THR K 168 -0.81 28.78 -47.62
N LEU K 169 -1.78 28.53 -46.73
CA LEU K 169 -3.20 28.60 -47.06
C LEU K 169 -3.80 29.83 -46.38
N THR K 170 -4.22 30.80 -47.17
CA THR K 170 -4.77 32.02 -46.62
C THR K 170 -6.08 32.43 -47.28
N ASN K 171 -6.23 32.18 -48.59
CA ASN K 171 -7.44 32.58 -49.29
C ASN K 171 -8.63 31.78 -48.75
N GLY K 172 -9.67 32.49 -48.34
CA GLY K 172 -10.87 31.85 -47.86
C GLY K 172 -10.90 31.51 -46.39
N VAL K 173 -9.95 32.04 -45.59
CA VAL K 173 -9.92 31.77 -44.16
C VAL K 173 -10.73 32.84 -43.42
N ARG K 174 -11.61 32.40 -42.54
CA ARG K 174 -12.30 33.29 -41.60
C ARG K 174 -12.00 32.81 -40.20
N THR K 175 -11.31 33.64 -39.42
CA THR K 175 -11.07 33.38 -38.01
C THR K 175 -11.97 34.32 -37.22
N PHE K 176 -12.84 33.76 -36.39
CA PHE K 176 -13.84 34.57 -35.73
C PHE K 176 -13.28 35.24 -34.47
N PRO K 177 -13.88 36.37 -34.07
CA PRO K 177 -13.47 37.00 -32.81
C PRO K 177 -13.69 36.07 -31.64
N SER K 178 -12.74 36.07 -30.72
CA SER K 178 -12.83 35.24 -29.54
C SER K 178 -13.93 35.73 -28.61
N VAL K 179 -14.46 34.80 -27.83
CA VAL K 179 -15.49 35.09 -26.84
C VAL K 179 -15.01 34.56 -25.49
N ARG K 180 -15.30 35.30 -24.43
CA ARG K 180 -14.94 34.89 -23.08
C ARG K 180 -16.12 34.18 -22.43
N GLN K 181 -15.92 32.91 -22.07
CA GLN K 181 -16.96 32.15 -21.36
C GLN K 181 -17.19 32.73 -19.97
N SER K 182 -18.25 32.25 -19.32
CA SER K 182 -18.47 32.57 -17.91
C SER K 182 -17.35 32.02 -17.05
N SER K 183 -16.70 30.96 -17.51
CA SER K 183 -15.55 30.39 -16.83
C SER K 183 -14.31 31.27 -16.91
N GLY K 184 -14.38 32.40 -17.62
CA GLY K 184 -13.21 33.23 -17.81
C GLY K 184 -12.26 32.78 -18.89
N LEU K 185 -12.48 31.61 -19.48
CA LEU K 185 -11.66 31.13 -20.58
C LEU K 185 -12.14 31.72 -21.89
N TYR K 186 -11.27 31.68 -22.90
CA TYR K 186 -11.60 32.19 -24.21
C TYR K 186 -11.75 31.02 -25.18
N SER K 187 -12.44 31.28 -26.29
CA SER K 187 -12.70 30.25 -27.28
C SER K 187 -13.15 30.90 -28.58
N LEU K 188 -12.55 30.50 -29.70
CA LEU K 188 -12.88 31.04 -30.99
C LEU K 188 -12.93 29.91 -32.01
N SER K 189 -13.59 30.18 -33.14
CA SER K 189 -13.73 29.22 -34.21
C SER K 189 -13.06 29.78 -35.46
N SER K 190 -12.40 28.91 -36.23
CA SER K 190 -11.77 29.30 -37.47
C SER K 190 -12.11 28.30 -38.56
N VAL K 191 -12.62 28.79 -39.69
CA VAL K 191 -13.05 27.96 -40.80
C VAL K 191 -12.32 28.42 -42.06
N VAL K 192 -12.24 27.51 -43.03
CA VAL K 192 -11.55 27.77 -44.29
C VAL K 192 -12.29 27.02 -45.40
N SER K 193 -12.25 27.58 -46.61
CA SER K 193 -12.87 26.98 -47.78
C SER K 193 -11.76 26.49 -48.71
N VAL K 194 -11.72 25.18 -48.96
CA VAL K 194 -10.71 24.54 -49.78
C VAL K 194 -11.40 23.76 -50.90
N THR K 195 -10.63 23.47 -51.95
CA THR K 195 -11.07 22.56 -53.00
C THR K 195 -10.62 21.13 -52.70
N SER K 196 -11.03 20.18 -53.56
CA SER K 196 -10.63 18.78 -53.39
C SER K 196 -9.16 18.57 -53.67
N SER K 197 -8.50 19.48 -54.38
CA SER K 197 -7.08 19.35 -54.65
C SER K 197 -6.23 19.82 -53.45
N SER K 198 -6.76 20.71 -52.62
CA SER K 198 -6.06 21.21 -51.43
C SER K 198 -6.07 20.21 -50.28
N GLN K 199 -6.44 18.93 -50.54
CA GLN K 199 -6.44 17.89 -49.52
C GLN K 199 -5.03 17.32 -49.35
N PRO K 200 -4.58 17.09 -48.10
CA PRO K 200 -5.26 17.34 -46.82
C PRO K 200 -5.12 18.77 -46.32
N VAL K 201 -6.02 19.25 -45.48
CA VAL K 201 -5.98 20.60 -44.93
C VAL K 201 -5.55 20.52 -43.45
N THR K 202 -4.60 21.38 -43.07
CA THR K 202 -4.01 21.36 -41.73
C THR K 202 -4.06 22.75 -41.11
N CYS K 203 -4.44 22.81 -39.83
CA CYS K 203 -4.54 24.07 -39.10
C CYS K 203 -3.51 24.10 -37.98
N ASN K 204 -2.76 25.20 -37.92
CA ASN K 204 -1.69 25.39 -36.94
C ASN K 204 -2.18 26.38 -35.89
N VAL K 205 -2.22 25.94 -34.63
CA VAL K 205 -2.65 26.78 -33.51
C VAL K 205 -1.46 27.01 -32.59
N ALA K 206 -1.20 28.28 -32.26
CA ALA K 206 -0.08 28.65 -31.41
C ALA K 206 -0.58 29.42 -30.20
N HIS K 207 0.01 29.15 -29.04
CA HIS K 207 -0.37 29.82 -27.79
C HIS K 207 0.90 30.16 -27.03
N PRO K 208 1.48 31.34 -27.27
CA PRO K 208 2.80 31.65 -26.68
C PRO K 208 2.82 31.62 -25.17
N ALA K 209 1.71 31.95 -24.51
CA ALA K 209 1.68 31.99 -23.05
C ALA K 209 2.00 30.62 -22.45
N THR K 210 1.60 29.55 -23.12
CA THR K 210 1.91 28.19 -22.67
C THR K 210 2.94 27.50 -23.57
N ASN K 211 3.54 28.23 -24.51
CA ASN K 211 4.46 27.66 -25.51
C ASN K 211 3.80 26.51 -26.26
N THR K 212 2.49 26.58 -26.40
CA THR K 212 1.70 25.55 -27.09
C THR K 212 1.81 25.71 -28.60
N LYS K 213 2.09 24.60 -29.28
CA LYS K 213 1.94 24.52 -30.72
C LYS K 213 1.23 23.21 -31.04
N VAL K 214 0.09 23.31 -31.71
CA VAL K 214 -0.72 22.14 -32.08
C VAL K 214 -0.95 22.21 -33.58
N ASP K 215 -0.75 21.09 -34.26
CA ASP K 215 -1.15 20.94 -35.64
C ASP K 215 -2.28 19.93 -35.72
N LYS K 216 -3.23 20.19 -36.61
CA LYS K 216 -4.41 19.36 -36.76
C LYS K 216 -4.77 19.25 -38.23
N THR K 217 -4.91 18.02 -38.73
CA THR K 217 -5.28 17.78 -40.12
C THR K 217 -6.76 17.38 -40.17
N VAL K 218 -7.52 18.09 -40.99
CA VAL K 218 -8.97 17.96 -41.02
C VAL K 218 -9.37 17.15 -42.25
N ALA K 219 -10.12 16.06 -42.01
CA ALA K 219 -10.67 15.22 -43.07
C ALA K 219 -11.91 15.87 -43.69
N PRO K 220 -12.14 15.68 -45.00
CA PRO K 220 -13.24 16.38 -45.67
C PRO K 220 -14.62 16.08 -45.10
N SER K 221 -14.77 14.99 -44.34
CA SER K 221 -16.02 14.69 -43.66
C SER K 221 -15.66 13.99 -42.36
N THR K 222 -16.64 13.89 -41.47
CA THR K 222 -16.41 13.04 -40.31
C THR K 222 -16.57 11.59 -40.75
N CYS K 223 -16.44 10.70 -39.79
CA CYS K 223 -16.42 9.30 -40.10
C CYS K 223 -17.25 8.53 -39.08
N ASP L 1 -10.45 70.16 -15.91
CA ASP L 1 -10.44 68.88 -16.61
C ASP L 1 -11.29 68.97 -17.86
N PRO L 2 -10.67 68.80 -19.04
CA PRO L 2 -11.43 68.78 -20.30
C PRO L 2 -12.03 67.40 -20.54
N VAL L 3 -13.36 67.32 -20.61
CA VAL L 3 -14.10 66.07 -20.71
C VAL L 3 -14.92 66.06 -21.98
N LEU L 4 -14.61 65.12 -22.88
CA LEU L 4 -15.22 65.10 -24.21
C LEU L 4 -16.34 64.07 -24.24
N THR L 5 -17.54 64.53 -24.58
CA THR L 5 -18.70 63.68 -24.78
C THR L 5 -18.97 63.61 -26.27
N GLN L 6 -19.27 62.40 -26.74
CA GLN L 6 -19.39 62.15 -28.17
C GLN L 6 -20.78 61.60 -28.45
N THR L 7 -21.45 62.18 -29.45
CA THR L 7 -22.80 61.76 -29.85
C THR L 7 -22.91 61.77 -31.37
N PRO L 8 -23.72 60.88 -31.94
CA PRO L 8 -24.50 59.84 -31.27
C PRO L 8 -23.61 58.67 -30.87
N ALA L 9 -24.08 57.73 -30.05
CA ALA L 9 -23.26 56.61 -29.69
C ALA L 9 -22.91 55.79 -30.93
N SER L 10 -23.90 55.57 -31.79
CA SER L 10 -23.68 54.91 -33.06
C SER L 10 -24.62 55.52 -34.09
N VAL L 11 -24.35 55.24 -35.35
CA VAL L 11 -25.13 55.81 -36.44
C VAL L 11 -25.09 54.88 -37.64
N GLU L 12 -26.25 54.71 -38.28
CA GLU L 12 -26.34 53.99 -39.55
C GLU L 12 -26.20 54.96 -40.70
N VAL L 13 -25.37 54.59 -41.68
CA VAL L 13 -25.23 55.40 -42.89
C VAL L 13 -25.04 54.50 -44.11
N PRO L 14 -25.78 54.72 -45.18
CA PRO L 14 -25.65 53.87 -46.38
C PRO L 14 -24.36 54.15 -47.12
N VAL L 15 -23.96 53.18 -47.96
CA VAL L 15 -22.75 53.35 -48.75
C VAL L 15 -22.90 54.53 -49.68
N GLY L 16 -21.86 55.35 -49.75
CA GLY L 16 -21.85 56.56 -50.56
C GLY L 16 -22.56 57.75 -49.96
N GLY L 17 -23.10 57.64 -48.74
CA GLY L 17 -23.78 58.73 -48.10
C GLY L 17 -22.80 59.70 -47.48
N THR L 18 -23.26 60.43 -46.45
CA THR L 18 -22.43 61.35 -45.68
C THR L 18 -22.85 61.29 -44.21
N VAL L 19 -21.88 61.36 -43.30
CA VAL L 19 -22.13 61.26 -41.87
C VAL L 19 -21.61 62.52 -41.20
N THR L 20 -22.16 62.81 -40.02
CA THR L 20 -21.58 63.82 -39.14
C THR L 20 -21.58 63.31 -37.69
N ILE L 21 -20.38 63.22 -37.11
CA ILE L 21 -20.18 62.82 -35.73
C ILE L 21 -20.01 64.09 -34.90
N ASN L 22 -20.52 64.08 -33.68
CA ASN L 22 -20.51 65.24 -32.81
C ASN L 22 -19.66 64.94 -31.59
N CYS L 23 -18.77 65.87 -31.25
CA CYS L 23 -17.87 65.76 -30.10
C CYS L 23 -17.90 67.10 -29.38
N GLN L 24 -18.12 67.09 -28.06
CA GLN L 24 -18.13 68.34 -27.33
C GLN L 24 -17.34 68.22 -26.03
N ALA L 25 -16.68 69.32 -25.69
CA ALA L 25 -15.73 69.41 -24.59
C ALA L 25 -16.33 70.22 -23.47
N SER L 26 -16.02 69.82 -22.23
CA SER L 26 -16.56 70.56 -21.09
C SER L 26 -15.92 71.93 -20.95
N GLN L 27 -14.76 72.14 -21.55
CA GLN L 27 -14.06 73.42 -21.55
C GLN L 27 -13.68 73.77 -22.97
N SER L 28 -13.50 75.07 -23.22
CA SER L 28 -12.92 75.44 -24.50
C SER L 28 -11.54 74.79 -24.62
N ILE L 29 -11.28 74.17 -25.78
CA ILE L 29 -9.96 73.63 -26.09
C ILE L 29 -9.50 74.23 -27.41
N GLY L 30 -10.10 75.33 -27.81
CA GLY L 30 -9.65 76.03 -29.00
C GLY L 30 -9.83 75.17 -30.23
N LYS L 31 -8.80 75.11 -31.06
CA LYS L 31 -8.79 74.28 -32.26
C LYS L 31 -8.16 72.92 -32.02
N TYR L 32 -7.76 72.62 -30.79
CA TYR L 32 -6.96 71.44 -30.51
C TYR L 32 -7.89 70.29 -30.19
N LEU L 33 -8.49 69.74 -31.25
CA LEU L 33 -9.30 68.53 -31.20
C LEU L 33 -8.80 67.57 -32.27
N ASN L 34 -8.72 66.28 -31.92
CA ASN L 34 -8.21 65.24 -32.80
C ASN L 34 -9.28 64.19 -33.04
N TRP L 35 -9.26 63.60 -34.24
CA TRP L 35 -10.19 62.54 -34.62
C TRP L 35 -9.39 61.28 -34.97
N TYR L 36 -9.84 60.15 -34.44
CA TYR L 36 -9.22 58.86 -34.73
C TYR L 36 -10.25 57.88 -35.25
N GLN L 37 -9.81 57.03 -36.17
CA GLN L 37 -10.56 55.88 -36.63
C GLN L 37 -9.92 54.61 -36.10
N GLN L 38 -10.71 53.74 -35.48
CA GLN L 38 -10.22 52.48 -34.94
C GLN L 38 -11.02 51.33 -35.50
N LYS L 39 -10.41 50.58 -36.38
CA LYS L 39 -11.11 49.40 -36.85
C LYS L 39 -10.99 48.29 -35.80
N PRO L 40 -11.96 47.40 -35.73
CA PRO L 40 -11.93 46.35 -34.69
C PRO L 40 -10.61 45.59 -34.66
N GLY L 41 -10.02 45.50 -33.47
CA GLY L 41 -8.78 44.77 -33.29
C GLY L 41 -7.54 45.48 -33.75
N GLN L 42 -7.61 46.76 -34.03
CA GLN L 42 -6.48 47.52 -34.49
C GLN L 42 -6.21 48.72 -33.59
N PRO L 43 -5.00 49.28 -33.61
CA PRO L 43 -4.78 50.54 -32.92
C PRO L 43 -5.50 51.66 -33.63
N PRO L 44 -5.77 52.77 -32.94
CA PRO L 44 -6.39 53.90 -33.62
C PRO L 44 -5.50 54.45 -34.72
N LYS L 45 -6.13 55.03 -35.72
CA LYS L 45 -5.44 55.70 -36.81
C LYS L 45 -5.84 57.17 -36.76
N LEU L 46 -4.85 58.05 -36.75
CA LEU L 46 -5.17 59.47 -36.69
C LEU L 46 -5.76 59.88 -38.03
N LEU L 47 -6.90 60.57 -37.98
CA LEU L 47 -7.54 61.14 -39.16
C LEU L 47 -7.31 62.64 -39.25
N ILE L 48 -7.51 63.36 -38.16
CA ILE L 48 -7.47 64.82 -38.18
C ILE L 48 -6.81 65.32 -36.89
N TYR L 49 -5.73 66.08 -37.03
CA TYR L 49 -5.10 66.77 -35.93
C TYR L 49 -5.38 68.25 -36.10
N SER L 50 -5.45 68.96 -34.96
CA SER L 50 -6.05 70.29 -34.89
C SER L 50 -7.49 70.14 -35.38
N SER L 51 -8.32 71.18 -35.34
CA SER L 51 -9.73 70.93 -35.62
C SER L 51 -9.97 70.32 -37.00
N SER L 52 -9.04 70.55 -37.95
CA SER L 52 -9.35 70.22 -39.34
C SER L 52 -8.17 69.81 -40.22
N SER L 53 -6.94 69.68 -39.70
CA SER L 53 -5.84 69.25 -40.56
C SER L 53 -5.92 67.76 -40.82
N LEU L 54 -5.71 67.36 -42.08
CA LEU L 54 -5.75 65.95 -42.43
C LEU L 54 -4.41 65.32 -42.11
N ALA L 55 -4.44 64.16 -41.45
CA ALA L 55 -3.23 63.41 -41.24
C ALA L 55 -2.69 62.94 -42.59
N SER L 56 -1.39 62.61 -42.61
CA SER L 56 -0.77 62.26 -43.87
C SER L 56 -1.46 61.04 -44.44
N GLY L 57 -1.84 61.13 -45.72
CA GLY L 57 -2.43 60.00 -46.40
C GLY L 57 -3.85 59.67 -46.01
N VAL L 58 -4.50 60.51 -45.26
CA VAL L 58 -5.91 60.36 -44.96
C VAL L 58 -6.70 61.12 -46.01
N SER L 59 -7.81 60.54 -46.47
CA SER L 59 -8.57 61.12 -47.58
C SER L 59 -9.33 62.38 -47.16
N SER L 60 -9.60 63.23 -48.16
CA SER L 60 -10.43 64.42 -47.95
C SER L 60 -11.89 64.08 -47.66
N ARG L 61 -12.26 62.81 -47.73
CA ARG L 61 -13.58 62.41 -47.30
C ARG L 61 -13.85 62.80 -45.85
N PHE L 62 -12.79 62.93 -45.04
CA PHE L 62 -12.90 63.23 -43.63
C PHE L 62 -12.64 64.72 -43.43
N LYS L 63 -13.66 65.44 -42.99
CA LYS L 63 -13.64 66.88 -42.79
C LYS L 63 -13.76 67.15 -41.30
N GLY L 64 -12.78 67.84 -40.74
CA GLY L 64 -12.83 68.27 -39.35
C GLY L 64 -13.33 69.70 -39.29
N SER L 65 -14.12 70.00 -38.26
CA SER L 65 -14.56 71.36 -38.01
C SER L 65 -14.93 71.47 -36.53
N GLY L 66 -15.14 72.70 -36.11
CA GLY L 66 -15.47 73.04 -34.75
C GLY L 66 -14.38 73.87 -34.12
N PHE L 67 -14.78 74.61 -33.10
CA PHE L 67 -13.86 75.41 -32.31
C PHE L 67 -14.48 75.60 -30.94
N GLY L 68 -13.63 75.68 -29.93
CA GLY L 68 -14.12 75.95 -28.60
C GLY L 68 -14.56 74.68 -27.90
N THR L 69 -15.86 74.47 -27.79
CA THR L 69 -16.33 73.30 -27.07
C THR L 69 -17.06 72.29 -27.94
N GLN L 70 -17.40 72.61 -29.17
CA GLN L 70 -18.13 71.63 -29.97
C GLN L 70 -17.49 71.47 -31.33
N PHE L 71 -17.35 70.22 -31.74
CA PHE L 71 -16.65 69.85 -32.95
C PHE L 71 -17.46 68.84 -33.75
N THR L 72 -16.98 68.56 -34.95
CA THR L 72 -17.73 67.74 -35.90
C THR L 72 -16.79 67.10 -36.90
N LEU L 73 -16.91 65.78 -37.02
CA LEU L 73 -16.26 65.03 -38.09
C LEU L 73 -17.31 64.66 -39.13
N THR L 74 -17.06 65.00 -40.38
CA THR L 74 -17.99 64.71 -41.47
C THR L 74 -17.34 63.74 -42.46
N ILE L 75 -17.86 62.51 -42.51
CA ILE L 75 -17.38 61.50 -43.44
C ILE L 75 -18.25 61.56 -44.68
N SER L 76 -17.64 61.91 -45.80
CA SER L 76 -18.31 62.06 -47.09
C SER L 76 -17.93 60.89 -47.98
N GLY L 77 -18.80 60.64 -48.97
CA GLY L 77 -18.63 59.57 -49.91
C GLY L 77 -18.31 58.29 -49.17
N VAL L 78 -19.14 57.98 -48.17
CA VAL L 78 -18.89 56.94 -47.19
C VAL L 78 -18.54 55.64 -47.91
N GLN L 79 -17.30 55.22 -47.73
CA GLN L 79 -16.81 53.98 -48.30
C GLN L 79 -17.25 52.81 -47.41
N CYS L 80 -17.35 51.63 -48.00
CA CYS L 80 -17.81 50.48 -47.25
C CYS L 80 -16.80 50.08 -46.17
N ALA L 81 -15.51 50.33 -46.39
CA ALA L 81 -14.45 50.03 -45.44
C ALA L 81 -14.28 51.11 -44.39
N ASP L 82 -15.26 51.98 -44.21
CA ASP L 82 -15.21 53.03 -43.20
C ASP L 82 -15.89 52.65 -41.91
N ALA L 83 -16.38 51.41 -41.80
CA ALA L 83 -17.05 50.95 -40.58
C ALA L 83 -16.03 50.76 -39.47
N ALA L 84 -16.14 51.56 -38.42
CA ALA L 84 -15.22 51.50 -37.29
C ALA L 84 -15.83 52.34 -36.17
N THR L 85 -15.10 52.42 -35.06
CA THR L 85 -15.43 53.35 -33.99
C THR L 85 -14.51 54.54 -34.13
N TYR L 86 -15.08 55.75 -34.04
CA TYR L 86 -14.36 57.00 -34.22
C TYR L 86 -14.30 57.72 -32.89
N TYR L 87 -13.10 58.05 -32.45
CA TYR L 87 -12.89 58.74 -31.19
C TYR L 87 -12.41 60.16 -31.43
N CYS L 88 -12.82 61.08 -30.57
CA CYS L 88 -12.22 62.40 -30.60
C CYS L 88 -11.33 62.57 -29.37
N GLN L 89 -10.29 63.38 -29.52
CA GLN L 89 -9.33 63.56 -28.45
C GLN L 89 -8.89 65.01 -28.37
N GLN L 90 -8.86 65.57 -27.18
CA GLN L 90 -8.33 66.91 -27.02
C GLN L 90 -6.82 66.91 -27.20
N GLY L 91 -6.31 67.86 -27.98
CA GLY L 91 -4.88 67.94 -28.21
C GLY L 91 -4.25 69.14 -27.54
N TYR L 92 -4.84 69.59 -26.42
CA TYR L 92 -4.38 70.82 -25.80
C TYR L 92 -3.34 70.61 -24.71
N SER L 93 -3.66 69.85 -23.66
CA SER L 93 -2.65 69.68 -22.61
C SER L 93 -2.76 68.30 -21.99
N TYR L 94 -1.76 67.99 -21.15
CA TYR L 94 -1.72 66.76 -20.38
C TYR L 94 -1.82 67.02 -18.88
N VAL L 95 -2.17 68.23 -18.48
CA VAL L 95 -2.13 68.63 -17.08
C VAL L 95 -3.53 68.54 -16.49
N ASP L 96 -3.61 67.98 -15.28
CA ASP L 96 -4.88 67.75 -14.58
C ASP L 96 -5.91 67.09 -15.51
N LEU L 97 -5.48 66.03 -16.18
CA LEU L 97 -6.31 65.28 -17.10
C LEU L 97 -6.85 64.02 -16.43
N GLU L 98 -8.09 63.67 -16.72
CA GLU L 98 -8.52 62.31 -16.42
C GLU L 98 -8.41 61.42 -17.64
N ASN L 99 -8.90 61.88 -18.78
CA ASN L 99 -8.83 61.13 -20.04
C ASN L 99 -9.10 62.10 -21.17
N GLY L 100 -8.18 62.21 -22.11
CA GLY L 100 -8.37 63.11 -23.23
C GLY L 100 -9.33 62.64 -24.30
N PHE L 101 -9.74 61.37 -24.28
CA PHE L 101 -10.47 60.80 -25.40
C PHE L 101 -11.97 60.86 -25.16
N GLY L 102 -12.72 60.74 -26.26
CA GLY L 102 -14.17 60.72 -26.19
C GLY L 102 -14.71 59.32 -26.01
N GLY L 103 -16.05 59.26 -25.88
CA GLY L 103 -16.74 57.98 -25.71
C GLY L 103 -16.72 57.09 -26.94
N GLY L 104 -16.52 57.67 -28.11
CA GLY L 104 -16.52 56.94 -29.37
C GLY L 104 -17.89 56.89 -30.03
N THR L 105 -17.88 56.87 -31.36
CA THR L 105 -19.09 56.77 -32.16
C THR L 105 -18.92 55.60 -33.11
N GLU L 106 -19.92 54.74 -33.21
CA GLU L 106 -19.81 53.57 -34.06
C GLU L 106 -20.47 53.82 -35.41
N LEU L 107 -19.78 53.47 -36.48
CA LEU L 107 -20.37 53.49 -37.82
C LEU L 107 -20.94 52.12 -38.19
N GLU L 108 -22.24 52.09 -38.47
CA GLU L 108 -22.90 50.95 -39.08
C GLU L 108 -23.12 51.34 -40.53
N ILE L 109 -22.54 50.60 -41.46
CA ILE L 109 -22.63 50.92 -42.88
C ILE L 109 -23.66 50.00 -43.50
N LEU L 110 -24.61 50.59 -44.21
CA LEU L 110 -25.74 49.84 -44.77
C LEU L 110 -25.40 49.59 -46.23
N GLY L 111 -24.78 48.44 -46.50
CA GLY L 111 -24.49 48.02 -47.85
C GLY L 111 -25.65 47.27 -48.48
N ASP L 112 -25.40 46.71 -49.65
CA ASP L 112 -26.46 45.98 -50.33
C ASP L 112 -26.82 44.73 -49.55
N PRO L 113 -28.11 44.41 -49.43
CA PRO L 113 -28.53 43.24 -48.63
C PRO L 113 -28.17 41.93 -49.31
N VAL L 114 -27.66 40.99 -48.50
CA VAL L 114 -27.33 39.64 -48.95
C VAL L 114 -27.81 38.64 -47.91
N ALA L 115 -28.42 37.51 -48.38
CA ALA L 115 -28.89 36.46 -47.50
C ALA L 115 -27.76 35.48 -47.16
N PRO L 116 -27.78 34.91 -45.95
CA PRO L 116 -26.68 34.04 -45.53
C PRO L 116 -26.84 32.59 -45.97
N THR L 117 -25.69 31.95 -46.20
CA THR L 117 -25.61 30.51 -46.37
C THR L 117 -25.14 29.91 -45.05
N VAL L 118 -25.94 28.99 -44.50
CA VAL L 118 -25.73 28.46 -43.15
C VAL L 118 -25.03 27.11 -43.24
N LEU L 119 -24.07 26.89 -42.34
CA LEU L 119 -23.37 25.63 -42.21
C LEU L 119 -23.40 25.20 -40.74
N ILE L 120 -23.42 23.89 -40.51
CA ILE L 120 -23.42 23.33 -39.15
C ILE L 120 -22.32 22.28 -39.07
N PHE L 121 -21.68 22.19 -37.91
CA PHE L 121 -20.57 21.26 -37.70
C PHE L 121 -20.80 20.43 -36.44
N PRO L 122 -21.09 19.14 -36.58
CA PRO L 122 -21.30 18.28 -35.40
C PRO L 122 -20.02 18.15 -34.60
N PRO L 123 -20.12 17.78 -33.32
CA PRO L 123 -18.91 17.65 -32.48
C PRO L 123 -18.01 16.53 -32.96
N ALA L 124 -16.70 16.76 -32.86
CA ALA L 124 -15.73 15.72 -33.16
C ALA L 124 -15.94 14.51 -32.25
N ALA L 125 -15.51 13.35 -32.74
CA ALA L 125 -15.75 12.10 -32.02
C ALA L 125 -15.10 12.13 -30.64
N ASP L 126 -13.90 12.68 -30.53
CA ASP L 126 -13.17 12.76 -29.27
C ASP L 126 -13.64 13.91 -28.38
N GLN L 127 -14.53 14.76 -28.88
CA GLN L 127 -15.04 15.87 -28.09
C GLN L 127 -16.08 15.41 -27.07
N VAL L 128 -16.83 14.35 -27.39
CA VAL L 128 -17.84 13.86 -26.46
C VAL L 128 -17.19 13.25 -25.21
N ALA L 129 -15.98 12.72 -25.34
CA ALA L 129 -15.32 12.08 -24.21
C ALA L 129 -14.93 13.04 -23.10
N THR L 130 -14.89 14.34 -23.37
CA THR L 130 -14.48 15.31 -22.35
C THR L 130 -15.58 15.65 -21.36
N GLY L 131 -16.83 15.25 -21.64
CA GLY L 131 -17.95 15.51 -20.77
C GLY L 131 -18.75 16.76 -21.09
N THR L 132 -18.28 17.59 -22.03
CA THR L 132 -19.01 18.78 -22.45
C THR L 132 -18.77 18.97 -23.94
N VAL L 133 -19.85 19.06 -24.71
CA VAL L 133 -19.78 19.18 -26.16
C VAL L 133 -20.12 20.61 -26.57
N THR L 134 -19.66 20.97 -27.76
CA THR L 134 -19.95 22.27 -28.35
C THR L 134 -20.18 22.08 -29.84
N ILE L 135 -21.36 22.46 -30.32
CA ILE L 135 -21.72 22.37 -31.73
C ILE L 135 -21.62 23.76 -32.35
N VAL L 136 -20.85 23.87 -33.43
CA VAL L 136 -20.56 25.15 -34.06
C VAL L 136 -21.47 25.33 -35.27
N CYS L 137 -22.10 26.51 -35.35
CA CYS L 137 -22.93 26.90 -36.48
C CYS L 137 -22.36 28.19 -37.04
N VAL L 138 -22.21 28.25 -38.36
CA VAL L 138 -21.57 29.38 -39.03
C VAL L 138 -22.49 29.84 -40.16
N ALA L 139 -22.74 31.15 -40.21
CA ALA L 139 -23.49 31.77 -41.30
C ALA L 139 -22.60 32.79 -42.00
N ASN L 140 -22.49 32.70 -43.32
CA ASN L 140 -21.51 33.47 -44.08
C ASN L 140 -22.14 34.50 -45.01
N LYS L 141 -21.42 35.62 -45.17
CA LYS L 141 -21.62 36.61 -46.24
C LYS L 141 -23.06 37.11 -46.30
N TYR L 142 -23.44 37.85 -45.25
CA TYR L 142 -24.81 38.28 -45.08
C TYR L 142 -24.89 39.75 -44.71
N PHE L 143 -26.07 40.33 -44.96
CA PHE L 143 -26.46 41.66 -44.51
C PHE L 143 -27.96 41.86 -44.68
N PRO L 144 -28.68 42.49 -43.72
CA PRO L 144 -28.23 43.06 -42.43
C PRO L 144 -28.08 42.04 -41.31
N ASP L 145 -27.98 42.50 -40.06
CA ASP L 145 -27.81 41.60 -38.92
C ASP L 145 -28.93 40.57 -38.85
N VAL L 146 -28.63 39.46 -38.20
CA VAL L 146 -29.57 38.37 -38.04
C VAL L 146 -29.69 38.02 -36.56
N THR L 147 -30.73 37.27 -36.24
CA THR L 147 -30.92 36.70 -34.90
C THR L 147 -30.88 35.18 -35.02
N VAL L 148 -30.18 34.53 -34.11
CA VAL L 148 -29.93 33.09 -34.18
C VAL L 148 -30.72 32.41 -33.08
N THR L 149 -31.39 31.32 -33.42
CA THR L 149 -32.10 30.48 -32.47
C THR L 149 -31.63 29.04 -32.60
N TRP L 150 -31.39 28.39 -31.46
CA TRP L 150 -30.97 26.99 -31.43
C TRP L 150 -32.15 26.11 -31.00
N GLU L 151 -32.34 25.00 -31.70
CA GLU L 151 -33.36 24.02 -31.33
C GLU L 151 -32.74 22.64 -31.20
N VAL L 152 -33.07 21.96 -30.11
CA VAL L 152 -32.65 20.58 -29.85
C VAL L 152 -33.92 19.75 -29.78
N ASP L 153 -34.09 18.84 -30.75
CA ASP L 153 -35.35 18.10 -30.95
C ASP L 153 -36.52 19.06 -31.12
N GLY L 154 -36.30 20.09 -31.94
CA GLY L 154 -37.28 21.12 -32.20
C GLY L 154 -37.63 22.02 -31.04
N THR L 155 -36.99 21.85 -29.89
CA THR L 155 -37.28 22.63 -28.68
C THR L 155 -36.22 23.71 -28.51
N THR L 156 -36.66 24.97 -28.52
CA THR L 156 -35.73 26.10 -28.54
C THR L 156 -34.88 26.14 -27.28
N GLN L 157 -33.57 26.34 -27.48
CA GLN L 157 -32.63 26.43 -26.38
C GLN L 157 -32.79 27.77 -25.68
N THR L 158 -32.94 27.74 -24.36
CA THR L 158 -33.10 28.97 -23.57
C THR L 158 -31.78 29.57 -23.10
N THR L 159 -30.74 28.75 -22.92
CA THR L 159 -29.44 29.19 -22.41
C THR L 159 -28.35 28.42 -23.11
N GLY L 160 -27.10 28.84 -22.89
CA GLY L 160 -25.96 28.15 -23.42
C GLY L 160 -25.56 28.54 -24.84
N ILE L 161 -26.23 29.52 -25.43
CA ILE L 161 -25.90 29.97 -26.77
C ILE L 161 -24.85 31.07 -26.65
N GLU L 162 -23.92 31.10 -27.60
CA GLU L 162 -22.80 32.04 -27.53
C GLU L 162 -22.42 32.43 -28.95
N ASN L 163 -22.45 33.73 -29.24
CA ASN L 163 -22.33 34.25 -30.60
C ASN L 163 -21.11 35.13 -30.77
N SER L 164 -20.53 35.05 -31.96
CA SER L 164 -19.38 35.84 -32.37
C SER L 164 -19.57 36.25 -33.83
N LYS L 165 -19.29 37.51 -34.13
CA LYS L 165 -19.51 38.07 -35.46
C LYS L 165 -18.27 38.86 -35.87
N THR L 166 -17.79 38.62 -37.09
CA THR L 166 -16.65 39.36 -37.60
C THR L 166 -17.08 40.78 -37.97
N PRO L 167 -16.15 41.74 -37.98
CA PRO L 167 -16.48 43.10 -38.45
C PRO L 167 -16.94 43.07 -39.90
N GLN L 168 -17.55 44.17 -40.32
CA GLN L 168 -18.06 44.24 -41.68
C GLN L 168 -16.92 44.15 -42.69
N ASN L 169 -17.15 43.40 -43.77
CA ASN L 169 -16.10 43.21 -44.76
C ASN L 169 -15.83 44.50 -45.50
N SER L 170 -14.55 44.88 -45.58
CA SER L 170 -14.15 46.17 -46.16
C SER L 170 -14.56 46.33 -47.61
N ALA L 171 -14.88 45.24 -48.30
CA ALA L 171 -15.24 45.33 -49.70
C ALA L 171 -16.75 45.38 -49.95
N ASP L 172 -17.54 44.57 -49.25
CA ASP L 172 -18.95 44.45 -49.60
C ASP L 172 -19.90 44.67 -48.43
N CYS L 173 -19.39 45.08 -47.27
CA CYS L 173 -20.16 45.46 -46.08
C CYS L 173 -20.88 44.30 -45.39
N THR L 174 -20.47 43.05 -45.62
CA THR L 174 -21.19 41.89 -45.10
C THR L 174 -20.49 41.30 -43.89
N TYR L 175 -21.29 40.63 -43.05
CA TYR L 175 -20.85 40.00 -41.81
C TYR L 175 -20.60 38.51 -42.02
N ASN L 176 -19.97 37.90 -41.01
CA ASN L 176 -19.85 36.46 -40.88
C ASN L 176 -19.97 36.14 -39.41
N LEU L 177 -20.83 35.19 -39.04
CA LEU L 177 -21.12 34.95 -37.64
C LEU L 177 -21.00 33.47 -37.31
N SER L 178 -20.44 33.17 -36.13
CA SER L 178 -20.37 31.81 -35.61
C SER L 178 -21.10 31.76 -34.27
N SER L 179 -22.11 30.89 -34.18
CA SER L 179 -22.90 30.69 -32.98
C SER L 179 -22.69 29.26 -32.49
N THR L 180 -22.33 29.10 -31.22
CA THR L 180 -22.01 27.80 -30.65
C THR L 180 -22.97 27.47 -29.53
N LEU L 181 -23.52 26.25 -29.55
CA LEU L 181 -24.35 25.74 -28.47
C LEU L 181 -23.51 24.79 -27.64
N THR L 182 -23.37 25.09 -26.35
CA THR L 182 -22.57 24.30 -25.43
C THR L 182 -23.50 23.57 -24.48
N LEU L 183 -23.32 22.24 -24.40
CA LEU L 183 -24.11 21.37 -23.54
C LEU L 183 -23.19 20.31 -22.94
N THR L 184 -23.65 19.70 -21.85
CA THR L 184 -22.97 18.54 -21.29
C THR L 184 -23.19 17.31 -22.17
N SER L 185 -22.26 16.36 -22.08
CA SER L 185 -22.38 15.16 -22.89
C SER L 185 -23.66 14.40 -22.62
N THR L 186 -24.17 14.43 -21.38
CA THR L 186 -25.44 13.78 -21.07
C THR L 186 -26.59 14.48 -21.79
N GLN L 187 -26.59 15.80 -21.82
CA GLN L 187 -27.60 16.53 -22.59
C GLN L 187 -27.49 16.19 -24.07
N TYR L 188 -26.27 16.12 -24.60
CA TYR L 188 -26.08 15.82 -26.02
C TYR L 188 -26.59 14.42 -26.35
N ASN L 189 -26.26 13.45 -25.51
CA ASN L 189 -26.58 12.05 -25.77
C ASN L 189 -27.99 11.67 -25.29
N SER L 190 -28.79 12.64 -24.86
CA SER L 190 -30.17 12.40 -24.49
C SER L 190 -31.17 12.95 -25.49
N HIS L 191 -30.71 13.61 -26.54
CA HIS L 191 -31.55 14.13 -27.59
C HIS L 191 -30.97 13.74 -28.95
N LYS L 192 -31.78 13.86 -29.99
CA LYS L 192 -31.45 13.24 -31.27
C LYS L 192 -31.22 14.22 -32.41
N GLU L 193 -32.06 15.24 -32.57
CA GLU L 193 -31.94 16.20 -33.67
C GLU L 193 -31.48 17.56 -33.15
N TYR L 194 -30.51 18.16 -33.87
CA TYR L 194 -30.01 19.48 -33.55
C TYR L 194 -30.23 20.42 -34.74
N THR L 195 -30.73 21.61 -34.47
CA THR L 195 -31.14 22.55 -35.50
C THR L 195 -30.54 23.93 -35.21
N CYS L 196 -29.91 24.53 -36.23
CA CYS L 196 -29.46 25.92 -36.17
C CYS L 196 -30.33 26.75 -37.12
N LYS L 197 -30.99 27.78 -36.59
CA LYS L 197 -31.94 28.57 -37.35
C LYS L 197 -31.52 30.03 -37.33
N VAL L 198 -31.12 30.53 -38.48
CA VAL L 198 -30.68 31.92 -38.66
C VAL L 198 -31.80 32.67 -39.36
N THR L 199 -32.25 33.77 -38.75
CA THR L 199 -33.38 34.55 -39.27
C THR L 199 -32.92 35.95 -39.64
N GLN L 200 -33.19 36.35 -40.89
CA GLN L 200 -32.88 37.68 -41.40
C GLN L 200 -34.20 38.45 -41.57
N GLY L 201 -34.64 39.09 -40.48
CA GLY L 201 -35.93 39.74 -40.46
C GLY L 201 -37.04 38.72 -40.40
N THR L 202 -37.37 38.11 -41.55
CA THR L 202 -38.41 37.08 -41.59
C THR L 202 -37.91 35.83 -42.29
N THR L 203 -37.04 35.99 -43.28
CA THR L 203 -36.45 34.85 -43.97
C THR L 203 -35.53 34.07 -43.04
N SER L 204 -35.66 32.75 -43.04
CA SER L 204 -34.85 31.89 -42.19
C SER L 204 -34.19 30.81 -43.03
N VAL L 205 -32.93 30.51 -42.73
CA VAL L 205 -32.18 29.42 -43.35
C VAL L 205 -31.73 28.48 -42.25
N VAL L 206 -31.87 27.16 -42.48
CA VAL L 206 -31.66 26.14 -41.46
C VAL L 206 -30.67 25.09 -41.95
N GLN L 207 -29.98 24.49 -40.98
CA GLN L 207 -29.06 23.38 -41.20
C GLN L 207 -29.15 22.45 -40.00
N SER L 208 -29.37 21.16 -40.25
CA SER L 208 -29.61 20.20 -39.18
C SER L 208 -28.72 18.98 -39.34
N PHE L 209 -28.52 18.28 -38.22
CA PHE L 209 -27.83 17.01 -38.17
C PHE L 209 -28.41 16.19 -37.02
N ASN L 210 -28.20 14.88 -37.07
CA ASN L 210 -28.65 13.97 -36.02
C ASN L 210 -27.46 13.26 -35.39
N ARG L 211 -27.59 13.00 -34.08
CA ARG L 211 -26.48 12.45 -33.29
C ARG L 211 -25.96 11.15 -33.90
N GLY L 212 -26.86 10.26 -34.34
CA GLY L 212 -26.47 8.99 -34.91
C GLY L 212 -26.13 9.02 -36.39
N ASP L 213 -26.45 10.11 -37.08
CA ASP L 213 -26.12 10.21 -38.49
C ASP L 213 -24.61 10.24 -38.74
N CYS L 214 -23.83 10.63 -37.75
CA CYS L 214 -22.39 10.77 -37.93
C CYS L 214 -21.69 9.42 -37.89
N SER M 2 -0.62 -24.35 5.74
CA SER M 2 -0.83 -23.40 4.65
C SER M 2 0.50 -22.89 4.09
N VAL M 3 0.53 -22.60 2.79
CA VAL M 3 1.72 -22.13 2.10
C VAL M 3 1.36 -20.99 1.16
N GLU M 4 2.18 -19.92 1.15
CA GLU M 4 1.93 -18.81 0.24
C GLU M 4 3.22 -18.20 -0.29
N GLU M 5 3.28 -18.06 -1.61
CA GLU M 5 4.39 -17.42 -2.31
C GLU M 5 4.17 -15.92 -2.43
N SER M 6 5.28 -15.19 -2.47
CA SER M 6 5.29 -13.74 -2.57
C SER M 6 6.57 -13.29 -3.25
N GLY M 7 6.54 -12.08 -3.80
CA GLY M 7 7.71 -11.50 -4.44
C GLY M 7 7.72 -11.60 -5.95
N GLY M 8 6.69 -12.19 -6.55
CA GLY M 8 6.60 -12.20 -8.00
C GLY M 8 6.27 -10.83 -8.51
N ASP M 9 7.00 -10.38 -9.53
CA ASP M 9 6.83 -9.03 -10.04
C ASP M 9 7.35 -9.02 -11.48
N LEU M 10 7.39 -7.83 -12.08
CA LEU M 10 8.05 -7.60 -13.36
C LEU M 10 9.53 -7.29 -13.12
N VAL M 11 10.41 -7.92 -13.92
CA VAL M 11 11.86 -7.70 -13.81
C VAL M 11 12.48 -7.62 -15.20
N LYS M 12 13.51 -6.78 -15.30
CA LYS M 12 14.26 -6.65 -16.54
C LYS M 12 15.04 -7.93 -16.84
N PRO M 13 15.28 -8.23 -18.11
CA PRO M 13 16.18 -9.35 -18.43
C PRO M 13 17.57 -9.12 -17.85
N GLY M 14 18.21 -10.19 -17.43
CA GLY M 14 19.48 -10.12 -16.74
C GLY M 14 19.39 -9.73 -15.29
N ALA M 15 18.27 -9.16 -14.84
CA ALA M 15 18.10 -8.82 -13.45
C ALA M 15 17.93 -10.07 -12.60
N SER M 16 17.73 -9.87 -11.31
CA SER M 16 17.51 -10.97 -10.39
C SER M 16 16.36 -10.60 -9.49
N LEU M 17 15.70 -11.62 -8.93
CA LEU M 17 14.53 -11.41 -8.11
C LEU M 17 14.42 -12.56 -7.10
N THR M 18 13.93 -12.25 -5.90
CA THR M 18 13.83 -13.20 -4.81
C THR M 18 12.38 -13.38 -4.37
N LEU M 19 11.87 -14.60 -4.52
CA LEU M 19 10.54 -14.98 -4.07
C LEU M 19 10.65 -15.56 -2.68
N THR M 20 9.55 -15.53 -1.94
CA THR M 20 9.54 -15.96 -0.57
C THR M 20 8.34 -16.86 -0.33
N CYS M 21 8.59 -18.04 0.21
CA CYS M 21 7.52 -18.96 0.59
C CYS M 21 7.33 -18.92 2.10
N THR M 22 6.09 -18.72 2.54
CA THR M 22 5.77 -18.57 3.94
C THR M 22 4.77 -19.64 4.37
N ALA M 23 5.03 -20.21 5.53
CA ALA M 23 4.27 -21.33 6.09
C ALA M 23 3.32 -20.84 7.18
N SER M 24 2.31 -21.65 7.45
CA SER M 24 1.38 -21.30 8.51
C SER M 24 0.87 -22.56 9.20
N GLY M 25 1.17 -22.68 10.49
CA GLY M 25 0.70 -23.78 11.32
C GLY M 25 1.08 -25.15 10.79
N PHE M 26 2.36 -25.49 10.90
CA PHE M 26 2.94 -26.66 10.24
C PHE M 26 3.16 -27.84 11.19
N THR M 27 2.46 -27.86 12.33
CA THR M 27 2.53 -28.94 13.31
C THR M 27 3.94 -29.15 13.84
N ILE M 28 4.76 -28.08 13.77
CA ILE M 28 6.12 -27.96 14.30
C ILE M 28 6.87 -29.29 14.23
N SER M 29 6.65 -30.05 13.17
CA SER M 29 7.45 -31.22 12.86
C SER M 29 8.38 -30.89 11.70
N SER M 30 9.64 -31.30 11.82
CA SER M 30 10.53 -31.10 10.68
C SER M 30 10.55 -32.38 9.86
N ASP M 31 11.68 -32.68 9.23
CA ASP M 31 11.80 -33.81 8.31
C ASP M 31 10.75 -33.69 7.21
N TYR M 32 11.00 -32.69 6.38
CA TYR M 32 10.26 -32.52 5.15
C TYR M 32 11.13 -31.64 4.26
N TYR M 33 10.75 -31.56 3.00
CA TYR M 33 11.42 -30.69 2.04
C TYR M 33 10.45 -29.60 1.61
N MET M 34 10.98 -28.41 1.39
CA MET M 34 10.22 -27.30 0.85
C MET M 34 10.74 -27.15 -0.58
N CYS M 35 9.84 -27.10 -1.56
CA CYS M 35 10.26 -27.17 -2.96
C CYS M 35 9.62 -26.08 -3.78
N TRP M 36 10.23 -25.77 -4.92
CA TRP M 36 9.67 -24.80 -5.86
C TRP M 36 9.46 -25.46 -7.21
N VAL M 37 8.26 -25.30 -7.74
CA VAL M 37 7.87 -25.78 -9.07
C VAL M 37 7.32 -24.59 -9.83
N ARG M 38 7.82 -24.38 -11.04
CA ARG M 38 7.33 -23.27 -11.87
C ARG M 38 6.55 -23.80 -13.06
N GLN M 39 5.60 -23.01 -13.52
CA GLN M 39 4.74 -23.39 -14.62
C GLN M 39 4.59 -22.18 -15.53
N ALA M 40 5.23 -22.23 -16.68
CA ALA M 40 5.10 -21.15 -17.63
C ALA M 40 3.75 -21.23 -18.34
N PRO M 41 3.26 -20.13 -18.90
CA PRO M 41 1.88 -20.09 -19.40
C PRO M 41 1.60 -21.16 -20.43
N GLY M 42 0.60 -21.98 -20.13
CA GLY M 42 0.15 -23.01 -21.04
C GLY M 42 1.09 -24.17 -21.23
N LYS M 43 2.05 -24.37 -20.34
CA LYS M 43 2.95 -25.50 -20.43
C LYS M 43 2.95 -26.24 -19.09
N GLY M 44 3.63 -27.39 -19.08
CA GLY M 44 3.53 -28.31 -17.97
C GLY M 44 4.24 -27.82 -16.72
N LEU M 45 4.12 -28.62 -15.67
CA LEU M 45 4.85 -28.33 -14.45
C LEU M 45 6.31 -28.65 -14.64
N GLU M 46 7.17 -27.80 -14.10
CA GLU M 46 8.61 -27.95 -14.24
C GLU M 46 9.21 -27.78 -12.84
N TRP M 47 9.76 -28.85 -12.28
CA TRP M 47 10.36 -28.80 -10.95
C TRP M 47 11.67 -28.02 -11.00
N ILE M 48 11.94 -27.23 -9.94
CA ILE M 48 13.14 -26.41 -9.83
C ILE M 48 14.11 -26.94 -8.78
N GLY M 49 13.69 -26.99 -7.52
CA GLY M 49 14.62 -27.44 -6.49
C GLY M 49 13.89 -27.65 -5.18
N CYS M 50 14.62 -28.24 -4.24
CA CYS M 50 14.08 -28.53 -2.92
C CYS M 50 15.12 -28.22 -1.87
N ILE M 51 14.65 -27.84 -0.69
CA ILE M 51 15.53 -27.65 0.45
C ILE M 51 14.91 -28.41 1.62
N TYR M 52 15.75 -29.16 2.32
CA TYR M 52 15.31 -29.93 3.48
C TYR M 52 15.22 -29.01 4.68
N ILE M 53 13.99 -28.82 5.19
CA ILE M 53 13.77 -27.96 6.35
C ILE M 53 14.15 -28.74 7.61
N GLY M 54 15.19 -29.57 7.51
CA GLY M 54 15.69 -30.34 8.63
C GLY M 54 16.68 -29.62 9.51
N SER M 55 17.86 -30.22 9.68
CA SER M 55 18.90 -29.67 10.54
C SER M 55 20.19 -29.32 9.79
N GLY M 56 20.25 -29.61 8.48
CA GLY M 56 21.47 -29.37 7.75
C GLY M 56 21.29 -28.46 6.55
N THR M 57 20.04 -28.22 6.19
CA THR M 57 19.72 -27.37 5.03
C THR M 57 20.43 -27.91 3.79
N ASP M 58 20.08 -29.15 3.43
CA ASP M 58 20.60 -29.80 2.23
C ASP M 58 19.70 -29.42 1.06
N THR M 59 20.30 -28.94 -0.01
CA THR M 59 19.53 -28.43 -1.14
C THR M 59 19.79 -29.24 -2.39
N TYR M 60 18.72 -29.41 -3.17
CA TYR M 60 18.70 -30.20 -4.39
C TYR M 60 18.03 -29.38 -5.48
N TYR M 61 18.68 -29.28 -6.63
CA TYR M 61 18.18 -28.47 -7.74
C TYR M 61 18.05 -29.33 -8.98
N ALA M 62 17.23 -28.86 -9.91
CA ALA M 62 17.13 -29.52 -11.20
C ALA M 62 18.40 -29.29 -12.02
N SER M 63 18.66 -30.21 -12.94
CA SER M 63 19.89 -30.16 -13.73
C SER M 63 19.98 -28.85 -14.50
N TRP M 64 18.84 -28.37 -15.02
CA TRP M 64 18.79 -27.15 -15.81
C TRP M 64 18.89 -25.89 -14.97
N ALA M 65 18.69 -25.97 -13.66
CA ALA M 65 18.87 -24.79 -12.81
C ALA M 65 20.29 -24.26 -12.91
N LYS M 66 21.28 -25.16 -12.95
CA LYS M 66 22.68 -24.81 -13.22
C LYS M 66 23.17 -23.66 -12.35
N GLY M 67 22.68 -23.56 -11.12
CA GLY M 67 23.25 -22.59 -10.20
C GLY M 67 22.77 -21.15 -10.31
N ARG M 68 21.87 -20.84 -11.26
CA ARG M 68 21.22 -19.53 -11.27
C ARG M 68 20.24 -19.38 -10.13
N PHE M 69 19.63 -20.49 -9.71
CA PHE M 69 18.59 -20.50 -8.70
C PHE M 69 19.20 -20.93 -7.36
N THR M 70 18.86 -20.20 -6.32
CA THR M 70 19.36 -20.46 -4.97
C THR M 70 18.15 -20.54 -4.04
N ILE M 71 17.96 -21.69 -3.38
CA ILE M 71 16.90 -21.85 -2.40
C ILE M 71 17.52 -21.82 -1.02
N SER M 72 16.95 -20.99 -0.16
CA SER M 72 17.53 -20.74 1.15
C SER M 72 16.44 -20.74 2.21
N LYS M 73 16.76 -21.27 3.37
CA LYS M 73 15.90 -21.17 4.53
C LYS M 73 16.27 -19.90 5.28
N THR M 74 15.31 -18.99 5.47
CA THR M 74 15.58 -17.70 6.08
C THR M 74 14.89 -17.48 7.44
N SER M 75 13.80 -18.18 7.71
CA SER M 75 13.14 -18.14 9.01
C SER M 75 12.66 -19.54 9.34
N SER M 76 12.13 -19.69 10.55
CA SER M 76 11.40 -20.93 10.86
C SER M 76 10.19 -21.07 9.97
N THR M 77 9.74 -19.97 9.38
CA THR M 77 8.51 -19.93 8.63
C THR M 77 8.68 -19.44 7.21
N THR M 78 9.90 -19.19 6.75
CA THR M 78 10.10 -18.68 5.40
C THR M 78 11.28 -19.35 4.72
N VAL M 79 11.13 -19.63 3.44
CA VAL M 79 12.25 -19.99 2.56
C VAL M 79 12.15 -19.13 1.31
N THR M 80 13.30 -18.87 0.69
CA THR M 80 13.38 -17.91 -0.40
C THR M 80 13.96 -18.57 -1.64
N LEU M 81 13.30 -18.37 -2.78
CA LEU M 81 13.86 -18.76 -4.07
C LEU M 81 14.50 -17.53 -4.71
N GLN M 82 15.80 -17.59 -4.93
CA GLN M 82 16.60 -16.46 -5.41
C GLN M 82 17.07 -16.76 -6.82
N MET M 83 16.62 -15.96 -7.77
CA MET M 83 16.86 -16.20 -9.19
C MET M 83 17.78 -15.13 -9.73
N THR M 84 18.72 -15.51 -10.60
CA THR M 84 19.65 -14.54 -11.17
C THR M 84 19.62 -14.66 -12.68
N SER M 85 20.02 -13.58 -13.36
CA SER M 85 20.14 -13.54 -14.82
C SER M 85 18.85 -13.99 -15.49
N LEU M 86 17.74 -13.40 -15.06
CA LEU M 86 16.44 -13.80 -15.56
C LEU M 86 16.29 -13.43 -17.03
N THR M 87 15.60 -14.29 -17.78
CA THR M 87 15.31 -14.04 -19.19
C THR M 87 13.83 -14.25 -19.43
N ALA M 88 13.40 -13.93 -20.66
CA ALA M 88 12.00 -14.10 -21.02
C ALA M 88 11.53 -15.54 -20.82
N ALA M 89 12.43 -16.50 -21.01
CA ALA M 89 12.06 -17.90 -20.84
C ALA M 89 11.78 -18.27 -19.39
N ASP M 90 12.13 -17.42 -18.43
CA ASP M 90 11.79 -17.66 -17.04
C ASP M 90 10.44 -17.09 -16.66
N THR M 91 9.78 -16.37 -17.57
CA THR M 91 8.43 -15.87 -17.33
C THR M 91 7.54 -17.06 -17.05
N ALA M 92 7.03 -17.14 -15.82
CA ALA M 92 6.29 -18.31 -15.37
C ALA M 92 5.58 -17.99 -14.05
N THR M 93 4.63 -18.85 -13.69
CA THR M 93 4.09 -18.89 -12.34
C THR M 93 5.03 -19.72 -11.47
N TYR M 94 5.26 -19.27 -10.23
CA TYR M 94 6.21 -19.93 -9.34
C TYR M 94 5.48 -20.46 -8.11
N PHE M 95 5.43 -21.79 -7.97
CA PHE M 95 4.74 -22.48 -6.89
C PHE M 95 5.70 -22.88 -5.77
N CYS M 96 5.15 -22.93 -4.57
CA CYS M 96 5.84 -23.45 -3.40
C CYS M 96 5.04 -24.63 -2.87
N ALA M 97 5.71 -25.74 -2.58
CA ALA M 97 5.05 -26.94 -2.09
C ALA M 97 5.91 -27.59 -1.02
N ARG M 98 5.35 -28.59 -0.34
CA ARG M 98 6.04 -29.20 0.78
C ARG M 98 5.77 -30.71 0.84
N ASP M 99 6.70 -31.42 1.46
CA ASP M 99 6.69 -32.85 1.71
C ASP M 99 6.09 -33.18 3.05
N LYS M 100 5.84 -34.47 3.24
CA LYS M 100 5.65 -35.02 4.55
C LYS M 100 6.89 -35.79 4.98
N GLY M 101 8.01 -35.58 4.30
CA GLY M 101 9.23 -36.28 4.63
C GLY M 101 9.37 -37.55 3.83
N TRP M 102 10.51 -38.25 4.00
CA TRP M 102 10.62 -39.55 3.35
C TRP M 102 10.01 -40.66 4.19
N SER M 103 9.31 -41.55 3.49
CA SER M 103 8.64 -42.71 4.05
C SER M 103 8.87 -43.89 3.13
N ASN M 104 9.32 -45.02 3.67
CA ASN M 104 9.45 -46.21 2.82
C ASN M 104 8.10 -46.67 2.29
N ALA M 105 7.02 -46.31 2.96
CA ALA M 105 5.68 -46.70 2.54
C ALA M 105 5.11 -45.77 1.48
N TRP M 106 5.28 -44.46 1.64
CA TRP M 106 4.54 -43.46 0.87
C TRP M 106 5.43 -42.62 -0.04
N GLY M 107 6.61 -42.26 0.42
CA GLY M 107 7.55 -41.57 -0.42
C GLY M 107 7.34 -40.07 -0.34
N PHE M 108 7.82 -39.40 -1.39
CA PHE M 108 7.69 -37.96 -1.53
C PHE M 108 6.48 -37.62 -2.37
N TYR M 109 5.63 -36.75 -1.83
CA TYR M 109 4.45 -36.26 -2.52
C TYR M 109 4.22 -34.83 -2.03
N PHE M 110 3.73 -33.98 -2.91
CA PHE M 110 3.44 -32.59 -2.55
C PHE M 110 1.95 -32.47 -2.27
N GLN M 111 1.58 -32.51 -0.99
CA GLN M 111 0.16 -32.38 -0.69
C GLN M 111 -0.23 -30.91 -0.50
N LEU M 112 0.67 -30.11 0.05
CA LEU M 112 0.44 -28.69 0.28
C LEU M 112 1.04 -27.88 -0.86
N TRP M 113 0.22 -27.05 -1.50
CA TRP M 113 0.70 -26.14 -2.53
C TRP M 113 0.23 -24.72 -2.21
N GLY M 114 0.95 -23.74 -2.72
CA GLY M 114 0.55 -22.37 -2.60
C GLY M 114 -0.20 -21.92 -3.83
N PRO M 115 -0.87 -20.78 -3.76
CA PRO M 115 -1.60 -20.28 -4.93
C PRO M 115 -0.70 -19.88 -6.09
N GLY M 116 0.60 -19.72 -5.88
CA GLY M 116 1.52 -19.28 -6.91
C GLY M 116 1.82 -17.79 -6.82
N THR M 117 2.91 -17.39 -7.48
CA THR M 117 3.21 -15.98 -7.66
C THR M 117 3.80 -15.78 -9.05
N LEU M 118 3.41 -14.69 -9.70
CA LEU M 118 3.72 -14.49 -11.11
C LEU M 118 5.02 -13.71 -11.30
N VAL M 119 5.94 -14.27 -12.09
CA VAL M 119 7.16 -13.58 -12.49
C VAL M 119 7.09 -13.31 -13.99
N THR M 120 7.05 -12.04 -14.36
CA THR M 120 7.05 -11.62 -15.76
C THR M 120 8.40 -10.98 -16.06
N VAL M 121 9.12 -11.53 -17.03
CA VAL M 121 10.44 -11.02 -17.39
C VAL M 121 10.29 -10.33 -18.73
N SER M 122 10.40 -9.00 -18.72
CA SER M 122 10.14 -8.20 -19.92
C SER M 122 10.84 -6.86 -19.79
N SER M 123 11.38 -6.39 -20.92
CA SER M 123 11.98 -5.06 -20.95
C SER M 123 10.94 -3.96 -20.81
N GLY M 124 9.66 -4.29 -20.86
CA GLY M 124 8.62 -3.29 -20.74
C GLY M 124 8.52 -2.71 -19.35
N GLN M 125 7.72 -1.66 -19.24
CA GLN M 125 7.54 -0.89 -18.01
C GLN M 125 6.21 -1.22 -17.37
N PRO M 126 6.05 -0.97 -16.07
CA PRO M 126 4.75 -1.19 -15.43
C PRO M 126 3.69 -0.26 -16.01
N LYS M 127 2.59 -0.86 -16.46
CA LYS M 127 1.51 -0.14 -17.14
C LYS M 127 0.18 -0.50 -16.47
N ALA M 128 -0.60 0.53 -16.12
CA ALA M 128 -1.92 0.35 -15.52
C ALA M 128 -2.97 0.11 -16.59
N PRO M 129 -4.03 -0.63 -16.26
CA PRO M 129 -5.05 -0.95 -17.26
C PRO M 129 -5.95 0.25 -17.56
N SER M 130 -6.53 0.23 -18.76
CA SER M 130 -7.49 1.23 -19.21
C SER M 130 -8.86 0.57 -19.26
N VAL M 131 -9.68 0.80 -18.23
CA VAL M 131 -10.98 0.16 -18.11
C VAL M 131 -12.00 0.92 -18.95
N PHE M 132 -12.76 0.18 -19.75
CA PHE M 132 -13.78 0.78 -20.60
C PHE M 132 -15.09 0.03 -20.41
N PRO M 133 -16.21 0.75 -20.35
CA PRO M 133 -17.50 0.06 -20.17
C PRO M 133 -17.92 -0.69 -21.42
N LEU M 134 -18.80 -1.67 -21.20
CA LEU M 134 -19.46 -2.41 -22.27
C LEU M 134 -20.97 -2.41 -22.02
N ALA M 135 -21.73 -2.15 -23.08
CA ALA M 135 -23.18 -2.15 -23.02
C ALA M 135 -23.70 -2.32 -24.44
N PRO M 136 -24.95 -2.78 -24.61
CA PRO M 136 -25.53 -2.82 -25.96
C PRO M 136 -26.03 -1.43 -26.35
N CYS M 137 -25.53 -0.92 -27.48
CA CYS M 137 -25.79 0.45 -27.89
C CYS M 137 -27.03 0.59 -28.76
N CYS M 138 -27.65 -0.51 -29.16
CA CYS M 138 -28.69 -0.46 -30.16
C CYS M 138 -29.96 0.11 -29.53
N GLY M 139 -31.04 0.10 -30.28
CA GLY M 139 -32.32 0.58 -29.77
C GLY M 139 -33.18 -0.55 -29.26
N ASP M 140 -32.56 -1.69 -28.94
CA ASP M 140 -33.30 -2.83 -28.44
C ASP M 140 -33.95 -2.49 -27.10
N THR M 141 -35.11 -3.11 -26.86
CA THR M 141 -35.92 -2.76 -25.70
C THR M 141 -35.15 -3.01 -24.41
N PRO M 142 -35.31 -2.15 -23.40
CA PRO M 142 -34.57 -2.33 -22.15
C PRO M 142 -35.11 -3.51 -21.35
N SER M 143 -34.61 -4.72 -21.63
CA SER M 143 -35.08 -5.92 -20.96
C SER M 143 -34.79 -5.85 -19.47
N SER M 144 -35.62 -6.55 -18.68
CA SER M 144 -35.52 -6.48 -17.23
C SER M 144 -34.17 -6.97 -16.73
N THR M 145 -33.58 -7.95 -17.41
CA THR M 145 -32.25 -8.45 -17.08
C THR M 145 -31.37 -8.38 -18.33
N VAL M 146 -30.25 -7.67 -18.23
CA VAL M 146 -29.35 -7.47 -19.34
C VAL M 146 -27.92 -7.62 -18.83
N THR M 147 -27.07 -8.24 -19.64
CA THR M 147 -25.68 -8.42 -19.27
C THR M 147 -24.86 -7.19 -19.63
N LEU M 148 -24.15 -6.65 -18.65
CA LEU M 148 -23.23 -5.55 -18.81
C LEU M 148 -21.84 -5.96 -18.34
N GLY M 149 -20.81 -5.33 -18.93
CA GLY M 149 -19.45 -5.62 -18.56
C GLY M 149 -18.58 -4.40 -18.75
N CYS M 150 -17.36 -4.48 -18.22
CA CYS M 150 -16.35 -3.46 -18.44
C CYS M 150 -15.04 -4.16 -18.83
N LEU M 151 -14.34 -3.57 -19.80
CA LEU M 151 -13.18 -4.17 -20.44
C LEU M 151 -11.90 -3.55 -19.87
N VAL M 152 -11.03 -4.39 -19.32
CA VAL M 152 -9.73 -3.97 -18.80
C VAL M 152 -8.70 -4.27 -19.88
N LYS M 153 -8.04 -3.23 -20.38
CA LYS M 153 -7.22 -3.38 -21.59
C LYS M 153 -5.87 -2.70 -21.39
N GLY M 154 -4.81 -3.35 -21.88
CA GLY M 154 -3.47 -2.79 -21.89
C GLY M 154 -2.83 -2.60 -20.52
N TYR M 155 -2.43 -3.68 -19.88
CA TYR M 155 -1.74 -3.62 -18.60
C TYR M 155 -0.60 -4.62 -18.57
N LEU M 156 0.33 -4.37 -17.68
CA LEU M 156 1.53 -5.17 -17.48
C LEU M 156 2.08 -4.84 -16.10
N PRO M 157 2.44 -5.84 -15.28
CA PRO M 157 2.32 -7.28 -15.51
C PRO M 157 1.02 -7.82 -14.94
N GLU M 158 0.79 -9.10 -15.16
CA GLU M 158 -0.27 -9.80 -14.47
C GLU M 158 -0.06 -9.66 -12.95
N PRO M 159 -1.12 -9.75 -12.16
CA PRO M 159 -2.52 -9.97 -12.51
C PRO M 159 -3.34 -8.71 -12.34
N VAL M 160 -4.64 -8.81 -12.61
CA VAL M 160 -5.59 -7.81 -12.15
C VAL M 160 -6.68 -8.54 -11.39
N THR M 161 -7.32 -7.82 -10.47
CA THR M 161 -8.44 -8.34 -9.70
C THR M 161 -9.66 -7.50 -10.05
N VAL M 162 -10.67 -8.14 -10.64
CA VAL M 162 -11.90 -7.47 -11.06
C VAL M 162 -13.00 -7.92 -10.10
N THR M 163 -13.65 -6.95 -9.46
CA THR M 163 -14.81 -7.22 -8.64
C THR M 163 -15.93 -6.31 -9.08
N TRP M 164 -17.16 -6.68 -8.69
CA TRP M 164 -18.36 -5.94 -9.03
C TRP M 164 -19.10 -5.58 -7.75
N ASN M 165 -19.56 -4.33 -7.69
CA ASN M 165 -20.28 -3.81 -6.53
C ASN M 165 -19.49 -4.03 -5.24
N SER M 166 -18.20 -3.70 -5.30
CA SER M 166 -17.32 -3.74 -4.13
C SER M 166 -17.33 -5.12 -3.48
N GLY M 167 -17.42 -6.17 -4.31
CA GLY M 167 -17.38 -7.52 -3.83
C GLY M 167 -18.72 -8.06 -3.41
N THR M 168 -19.76 -7.23 -3.39
CA THR M 168 -21.08 -7.67 -2.94
C THR M 168 -21.89 -8.36 -4.03
N LEU M 169 -21.52 -8.22 -5.29
CA LEU M 169 -22.22 -8.85 -6.41
C LEU M 169 -21.34 -9.97 -6.97
N THR M 170 -21.80 -11.21 -6.86
CA THR M 170 -20.97 -12.30 -7.33
C THR M 170 -21.76 -13.24 -8.23
N ASN M 171 -23.04 -13.41 -7.96
CA ASN M 171 -23.86 -14.30 -8.77
C ASN M 171 -23.98 -13.76 -10.19
N GLY M 172 -23.64 -14.59 -11.17
CA GLY M 172 -23.77 -14.21 -12.56
C GLY M 172 -22.60 -13.47 -13.17
N VAL M 173 -21.46 -13.42 -12.49
CA VAL M 173 -20.26 -12.77 -13.00
C VAL M 173 -19.44 -13.80 -13.76
N ARG M 174 -18.97 -13.43 -14.96
CA ARG M 174 -17.97 -14.20 -15.69
C ARG M 174 -16.78 -13.31 -15.99
N THR M 175 -15.62 -13.65 -15.43
CA THR M 175 -14.36 -12.97 -15.70
C THR M 175 -13.53 -13.89 -16.58
N PHE M 176 -13.15 -13.39 -17.76
CA PHE M 176 -12.48 -14.22 -18.74
C PHE M 176 -10.98 -14.28 -18.48
N PRO M 177 -10.32 -15.35 -18.91
CA PRO M 177 -8.86 -15.42 -18.82
C PRO M 177 -8.21 -14.28 -19.60
N SER M 178 -7.17 -13.71 -19.01
CA SER M 178 -6.47 -12.65 -19.71
C SER M 178 -5.72 -13.24 -20.91
N VAL M 179 -5.51 -12.40 -21.90
CA VAL M 179 -4.79 -12.76 -23.11
C VAL M 179 -3.63 -11.78 -23.26
N ARG M 180 -2.49 -12.29 -23.69
CA ARG M 180 -1.33 -11.43 -23.91
C ARG M 180 -1.32 -11.00 -25.37
N GLN M 181 -1.43 -9.68 -25.60
CA GLN M 181 -1.35 -9.15 -26.96
C GLN M 181 0.05 -9.37 -27.52
N SER M 182 0.18 -9.16 -28.83
CA SER M 182 1.51 -9.22 -29.43
C SER M 182 2.40 -8.12 -28.85
N SER M 183 1.79 -7.04 -28.35
CA SER M 183 2.51 -5.95 -27.70
C SER M 183 3.13 -6.35 -26.37
N GLY M 184 2.87 -7.57 -25.90
CA GLY M 184 3.30 -8.00 -24.59
C GLY M 184 2.42 -7.53 -23.45
N LEU M 185 1.46 -6.65 -23.71
CA LEU M 185 0.48 -6.23 -22.72
C LEU M 185 -0.65 -7.23 -22.61
N TYR M 186 -1.34 -7.19 -21.48
CA TYR M 186 -2.44 -8.10 -21.21
C TYR M 186 -3.75 -7.33 -21.28
N SER M 187 -4.84 -8.07 -21.45
CA SER M 187 -6.16 -7.47 -21.56
C SER M 187 -7.21 -8.55 -21.35
N LEU M 188 -8.20 -8.29 -20.50
CA LEU M 188 -9.25 -9.26 -20.22
C LEU M 188 -10.59 -8.54 -20.14
N SER M 189 -11.67 -9.31 -20.31
CA SER M 189 -13.03 -8.78 -20.22
C SER M 189 -13.78 -9.49 -19.11
N SER M 190 -14.61 -8.74 -18.39
CA SER M 190 -15.41 -9.29 -17.32
C SER M 190 -16.84 -8.76 -17.46
N VAL M 191 -17.82 -9.67 -17.43
CA VAL M 191 -19.22 -9.31 -17.63
C VAL M 191 -20.05 -9.81 -16.46
N VAL M 192 -21.22 -9.18 -16.28
CA VAL M 192 -22.15 -9.54 -15.20
C VAL M 192 -23.57 -9.33 -15.70
N SER M 193 -24.49 -10.16 -15.20
CA SER M 193 -25.90 -10.06 -15.55
C SER M 193 -26.68 -9.53 -14.35
N VAL M 194 -27.31 -8.38 -14.52
CA VAL M 194 -28.07 -7.74 -13.45
C VAL M 194 -29.50 -7.47 -13.91
N THR M 195 -30.38 -7.27 -12.94
CA THR M 195 -31.75 -6.85 -13.19
C THR M 195 -31.84 -5.32 -13.16
N SER M 196 -33.04 -4.78 -13.41
CA SER M 196 -33.22 -3.34 -13.38
C SER M 196 -33.10 -2.77 -11.97
N SER M 197 -33.23 -3.61 -10.95
CA SER M 197 -33.14 -3.14 -9.56
C SER M 197 -31.69 -2.98 -9.10
N SER M 198 -30.75 -3.74 -9.68
CA SER M 198 -29.35 -3.64 -9.31
C SER M 198 -28.65 -2.42 -9.89
N GLN M 199 -29.42 -1.44 -10.44
CA GLN M 199 -28.85 -0.21 -10.98
C GLN M 199 -28.57 0.81 -9.87
N PRO M 200 -27.40 1.49 -9.90
CA PRO M 200 -26.31 1.37 -10.88
C PRO M 200 -25.33 0.25 -10.55
N VAL M 201 -24.65 -0.29 -11.55
CA VAL M 201 -23.69 -1.38 -11.37
C VAL M 201 -22.28 -0.82 -11.53
N THR M 202 -21.39 -1.19 -10.61
CA THR M 202 -20.02 -0.68 -10.58
C THR M 202 -19.03 -1.83 -10.51
N CYS M 203 -17.96 -1.74 -11.30
CA CYS M 203 -16.92 -2.76 -11.38
C CYS M 203 -15.61 -2.19 -10.85
N ASN M 204 -14.98 -2.91 -9.93
CA ASN M 204 -13.74 -2.46 -9.27
C ASN M 204 -12.56 -3.24 -9.83
N VAL M 205 -11.61 -2.53 -10.43
CA VAL M 205 -10.39 -3.12 -10.98
C VAL M 205 -9.20 -2.60 -10.20
N ALA M 206 -8.36 -3.51 -9.71
CA ALA M 206 -7.17 -3.18 -8.94
C ALA M 206 -5.97 -3.82 -9.63
N HIS M 207 -4.83 -3.12 -9.61
CA HIS M 207 -3.59 -3.57 -10.24
C HIS M 207 -2.49 -3.36 -9.23
N PRO M 208 -2.17 -4.39 -8.43
CA PRO M 208 -1.29 -4.17 -7.27
C PRO M 208 0.08 -3.61 -7.61
N ALA M 209 0.65 -3.93 -8.77
CA ALA M 209 1.98 -3.43 -9.10
C ALA M 209 1.99 -1.92 -9.28
N THR M 210 0.91 -1.33 -9.81
CA THR M 210 0.83 0.09 -10.05
C THR M 210 -0.02 0.81 -9.02
N ASN M 211 -0.43 0.09 -7.98
CA ASN M 211 -1.29 0.61 -6.92
C ASN M 211 -2.52 1.28 -7.53
N THR M 212 -2.93 0.81 -8.70
CA THR M 212 -4.09 1.33 -9.40
C THR M 212 -5.36 0.76 -8.79
N LYS M 213 -6.31 1.64 -8.50
CA LYS M 213 -7.67 1.25 -8.16
C LYS M 213 -8.60 2.15 -8.96
N VAL M 214 -9.43 1.54 -9.80
CA VAL M 214 -10.34 2.26 -10.66
C VAL M 214 -11.73 1.71 -10.43
N ASP M 215 -12.71 2.59 -10.27
CA ASP M 215 -14.11 2.21 -10.25
C ASP M 215 -14.79 2.78 -11.48
N LYS M 216 -15.72 2.01 -12.04
CA LYS M 216 -16.43 2.37 -13.24
C LYS M 216 -17.88 1.96 -13.07
N THR M 217 -18.79 2.90 -13.27
CA THR M 217 -20.22 2.62 -13.18
C THR M 217 -20.78 2.56 -14.60
N VAL M 218 -21.48 1.47 -14.89
CA VAL M 218 -21.94 1.17 -16.25
C VAL M 218 -23.44 1.44 -16.34
N ALA M 219 -23.84 2.31 -17.30
CA ALA M 219 -25.24 2.54 -17.60
C ALA M 219 -25.78 1.37 -18.41
N PRO M 220 -27.06 1.01 -18.23
CA PRO M 220 -27.58 -0.20 -18.89
C PRO M 220 -27.49 -0.18 -20.41
N SER M 221 -27.31 0.99 -21.03
CA SER M 221 -27.11 1.12 -22.46
C SER M 221 -26.14 2.27 -22.70
N THR M 222 -25.64 2.38 -23.93
CA THR M 222 -24.87 3.57 -24.25
C THR M 222 -25.83 4.75 -24.47
N CYS M 223 -25.26 5.91 -24.75
CA CYS M 223 -26.07 7.11 -24.84
C CYS M 223 -25.65 7.98 -26.01
N ASP N 1 18.78 -40.01 -14.19
CA ASP N 1 17.59 -39.16 -14.22
C ASP N 1 16.36 -39.94 -14.70
N PRO N 2 15.35 -40.04 -13.83
CA PRO N 2 14.06 -40.64 -14.22
C PRO N 2 13.17 -39.63 -14.93
N VAL N 3 12.81 -39.91 -16.18
CA VAL N 3 12.09 -38.99 -17.05
C VAL N 3 10.74 -39.60 -17.41
N LEU N 4 9.66 -38.92 -17.04
CA LEU N 4 8.32 -39.46 -17.18
C LEU N 4 7.66 -38.91 -18.43
N THR N 5 7.26 -39.81 -19.32
CA THR N 5 6.45 -39.46 -20.49
C THR N 5 5.03 -39.90 -20.22
N GLN N 6 4.10 -39.04 -20.58
CA GLN N 6 2.70 -39.22 -20.24
C GLN N 6 1.91 -39.24 -21.55
N THR N 7 1.02 -40.21 -21.69
CA THR N 7 0.15 -40.34 -22.86
C THR N 7 -1.24 -40.76 -22.40
N PRO N 8 -2.28 -40.33 -23.13
CA PRO N 8 -2.31 -39.50 -24.33
C PRO N 8 -2.11 -38.01 -24.03
N ALA N 9 -1.96 -37.19 -25.07
CA ALA N 9 -1.81 -35.75 -24.86
C ALA N 9 -3.09 -35.13 -24.29
N SER N 10 -4.23 -35.48 -24.86
CA SER N 10 -5.53 -35.08 -24.35
C SER N 10 -6.55 -36.16 -24.69
N VAL N 11 -7.71 -36.10 -24.06
CA VAL N 11 -8.76 -37.07 -24.35
C VAL N 11 -10.11 -36.48 -24.01
N GLU N 12 -11.08 -36.71 -24.89
CA GLU N 12 -12.49 -36.41 -24.64
C GLU N 12 -13.16 -37.62 -24.02
N VAL N 13 -13.95 -37.39 -22.98
CA VAL N 13 -14.67 -38.50 -22.37
C VAL N 13 -16.05 -38.04 -21.93
N PRO N 14 -17.10 -38.82 -22.20
CA PRO N 14 -18.45 -38.39 -21.84
C PRO N 14 -18.69 -38.44 -20.34
N VAL N 15 -19.66 -37.64 -19.89
CA VAL N 15 -19.98 -37.60 -18.48
C VAL N 15 -20.41 -38.99 -18.03
N GLY N 16 -19.89 -39.42 -16.88
CA GLY N 16 -20.20 -40.74 -16.37
C GLY N 16 -19.41 -41.87 -16.99
N GLY N 17 -18.46 -41.58 -17.89
CA GLY N 17 -17.64 -42.61 -18.51
C GLY N 17 -16.48 -42.99 -17.62
N THR N 18 -15.44 -43.54 -18.26
CA THR N 18 -14.23 -43.94 -17.56
C THR N 18 -13.01 -43.65 -18.43
N VAL N 19 -11.94 -43.17 -17.82
CA VAL N 19 -10.74 -42.82 -18.56
C VAL N 19 -9.57 -43.62 -18.00
N THR N 20 -8.55 -43.82 -18.82
CA THR N 20 -7.30 -44.35 -18.31
C THR N 20 -6.15 -43.54 -18.88
N ILE N 21 -5.38 -42.89 -18.00
CA ILE N 21 -4.20 -42.12 -18.38
C ILE N 21 -2.95 -42.95 -18.14
N ASN N 22 -1.97 -42.79 -19.01
CA ASN N 22 -0.76 -43.60 -18.98
C ASN N 22 0.42 -42.73 -18.66
N CYS N 23 1.26 -43.21 -17.76
CA CYS N 23 2.46 -42.51 -17.34
C CYS N 23 3.59 -43.50 -17.35
N GLN N 24 4.72 -43.17 -18.00
CA GLN N 24 5.82 -44.13 -17.96
C GLN N 24 7.16 -43.47 -17.71
N ALA N 25 8.00 -44.18 -16.96
CA ALA N 25 9.28 -43.68 -16.48
C ALA N 25 10.43 -44.36 -17.21
N SER N 26 11.47 -43.59 -17.49
CA SER N 26 12.63 -44.15 -18.19
C SER N 26 13.43 -45.07 -17.31
N GLN N 27 13.28 -44.99 -15.99
CA GLN N 27 13.88 -45.90 -15.05
C GLN N 27 12.80 -46.42 -14.13
N SER N 28 13.02 -47.60 -13.59
CA SER N 28 12.13 -48.03 -12.52
C SER N 28 12.15 -47.03 -11.39
N ILE N 29 10.96 -46.68 -10.90
CA ILE N 29 10.81 -45.84 -9.73
C ILE N 29 9.99 -46.56 -8.68
N GLY N 30 9.94 -47.88 -8.80
CA GLY N 30 9.26 -48.72 -7.84
C GLY N 30 7.78 -48.44 -7.87
N LYS N 31 7.20 -48.31 -6.69
CA LYS N 31 5.80 -47.95 -6.52
C LYS N 31 5.63 -46.45 -6.28
N TYR N 32 6.71 -45.66 -6.39
CA TYR N 32 6.68 -44.25 -6.00
C TYR N 32 6.31 -43.38 -7.20
N LEU N 33 5.01 -43.37 -7.50
CA LEU N 33 4.45 -42.52 -8.52
C LEU N 33 3.31 -41.71 -7.93
N ASN N 34 3.24 -40.42 -8.30
CA ASN N 34 2.24 -39.49 -7.80
C ASN N 34 1.41 -38.93 -8.95
N TRP N 35 0.13 -38.70 -8.68
CA TRP N 35 -0.80 -38.14 -9.65
C TRP N 35 -1.38 -36.84 -9.12
N TYR N 36 -1.45 -35.83 -9.99
CA TYR N 36 -2.02 -34.53 -9.64
C TYR N 36 -3.10 -34.13 -10.62
N GLN N 37 -4.14 -33.46 -10.11
CA GLN N 37 -5.15 -32.79 -10.93
C GLN N 37 -4.95 -31.28 -10.81
N GLN N 38 -4.86 -30.59 -11.94
CA GLN N 38 -4.68 -29.16 -11.92
C GLN N 38 -5.68 -28.46 -12.83
N LYS N 39 -6.64 -27.74 -12.24
CA LYS N 39 -7.59 -26.97 -13.01
C LYS N 39 -6.96 -25.64 -13.45
N PRO N 40 -7.44 -25.05 -14.56
CA PRO N 40 -6.85 -23.79 -15.05
C PRO N 40 -6.81 -22.71 -13.98
N GLY N 41 -5.63 -22.12 -13.82
CA GLY N 41 -5.43 -21.02 -12.89
C GLY N 41 -5.31 -21.42 -11.44
N GLN N 42 -5.11 -22.70 -11.17
CA GLN N 42 -5.03 -23.21 -9.81
C GLN N 42 -3.74 -23.98 -9.63
N PRO N 43 -3.29 -24.15 -8.39
CA PRO N 43 -2.17 -25.05 -8.14
C PRO N 43 -2.61 -26.49 -8.31
N PRO N 44 -1.68 -27.41 -8.49
CA PRO N 44 -2.05 -28.83 -8.59
C PRO N 44 -2.67 -29.34 -7.29
N LYS N 45 -3.54 -30.33 -7.42
CA LYS N 45 -4.14 -30.99 -6.28
C LYS N 45 -3.68 -32.44 -6.25
N LEU N 46 -3.20 -32.88 -5.09
CA LEU N 46 -2.70 -34.23 -5.01
C LEU N 46 -3.87 -35.19 -5.06
N LEU N 47 -3.80 -36.16 -5.98
CA LEU N 47 -4.77 -37.24 -6.09
C LEU N 47 -4.27 -38.55 -5.52
N ILE N 48 -3.07 -38.98 -5.89
CA ILE N 48 -2.58 -40.31 -5.54
C ILE N 48 -1.10 -40.23 -5.21
N TYR N 49 -0.73 -40.65 -4.00
CA TYR N 49 0.66 -40.80 -3.61
C TYR N 49 0.96 -42.29 -3.48
N SER N 50 2.24 -42.67 -3.70
CA SER N 50 2.58 -44.07 -3.95
C SER N 50 1.80 -44.57 -5.15
N SER N 51 2.02 -45.79 -5.61
CA SER N 51 1.41 -46.15 -6.88
C SER N 51 -0.12 -45.98 -6.83
N SER N 52 -0.72 -46.11 -5.63
CA SER N 52 -2.16 -46.30 -5.55
C SER N 52 -2.85 -45.68 -4.34
N SER N 53 -2.14 -45.02 -3.42
CA SER N 53 -2.79 -44.47 -2.22
C SER N 53 -3.55 -43.18 -2.54
N LEU N 54 -4.75 -43.06 -1.96
CA LEU N 54 -5.56 -41.88 -2.18
C LEU N 54 -5.14 -40.77 -1.22
N ALA N 55 -4.97 -39.57 -1.77
CA ALA N 55 -4.73 -38.42 -0.94
C ALA N 55 -5.95 -38.12 -0.08
N SER N 56 -5.76 -37.35 0.97
CA SER N 56 -6.88 -37.04 1.87
C SER N 56 -8.01 -36.37 1.09
N GLY N 57 -9.24 -36.86 1.28
CA GLY N 57 -10.42 -36.21 0.72
C GLY N 57 -10.60 -36.34 -0.78
N VAL N 58 -9.84 -37.19 -1.44
CA VAL N 58 -10.04 -37.50 -2.85
C VAL N 58 -10.94 -38.72 -2.99
N SER N 59 -11.83 -38.69 -3.99
CA SER N 59 -12.76 -39.78 -4.16
C SER N 59 -12.07 -41.03 -4.68
N SER N 60 -12.69 -42.18 -4.37
CA SER N 60 -12.23 -43.44 -4.91
C SER N 60 -12.44 -43.55 -6.41
N ARG N 61 -13.12 -42.58 -7.03
CA ARG N 61 -13.22 -42.53 -8.48
C ARG N 61 -11.86 -42.51 -9.15
N PHE N 62 -10.83 -42.05 -8.46
CA PHE N 62 -9.49 -41.94 -9.02
C PHE N 62 -8.69 -43.14 -8.52
N LYS N 63 -8.35 -44.03 -9.43
CA LYS N 63 -7.67 -45.27 -9.09
C LYS N 63 -6.31 -45.29 -9.77
N GLY N 64 -5.25 -45.35 -8.96
CA GLY N 64 -3.89 -45.48 -9.46
C GLY N 64 -3.43 -46.92 -9.35
N SER N 65 -2.64 -47.35 -10.33
CA SER N 65 -2.04 -48.68 -10.28
C SER N 65 -0.77 -48.65 -11.12
N GLY N 66 0.01 -49.71 -11.02
CA GLY N 66 1.25 -49.75 -11.78
C GLY N 66 2.49 -49.82 -10.92
N PHE N 67 3.58 -50.28 -11.51
CA PHE N 67 4.84 -50.41 -10.79
C PHE N 67 6.00 -50.42 -11.77
N GLY N 68 7.12 -49.91 -11.30
CA GLY N 68 8.32 -49.96 -12.11
C GLY N 68 8.38 -48.82 -13.09
N THR N 69 8.11 -49.08 -14.37
CA THR N 69 8.19 -48.02 -15.36
C THR N 69 6.86 -47.61 -15.95
N GLN N 70 5.77 -48.38 -15.76
CA GLN N 70 4.50 -47.98 -16.34
C GLN N 70 3.37 -47.98 -15.32
N PHE N 71 2.58 -46.91 -15.33
CA PHE N 71 1.56 -46.64 -14.33
C PHE N 71 0.29 -46.18 -15.02
N THR N 72 -0.78 -46.05 -14.22
CA THR N 72 -2.11 -45.79 -14.75
C THR N 72 -2.99 -45.09 -13.73
N LEU N 73 -3.58 -43.97 -14.15
CA LEU N 73 -4.67 -43.34 -13.42
C LEU N 73 -5.96 -43.60 -14.18
N THR N 74 -6.95 -44.18 -13.50
CA THR N 74 -8.26 -44.49 -14.06
C THR N 74 -9.31 -43.67 -13.33
N ILE N 75 -9.94 -42.74 -14.04
CA ILE N 75 -11.03 -41.94 -13.49
C ILE N 75 -12.35 -42.60 -13.88
N SER N 76 -13.10 -43.03 -12.89
CA SER N 76 -14.36 -43.72 -13.13
C SER N 76 -15.51 -42.78 -12.82
N GLY N 77 -16.64 -43.05 -13.47
CA GLY N 77 -17.81 -42.24 -13.32
C GLY N 77 -17.45 -40.78 -13.54
N VAL N 78 -16.85 -40.50 -14.70
CA VAL N 78 -16.24 -39.19 -14.95
C VAL N 78 -17.22 -38.08 -14.65
N GLN N 79 -16.90 -37.30 -13.63
CA GLN N 79 -17.71 -36.18 -13.21
C GLN N 79 -17.45 -34.99 -14.12
N CYS N 80 -18.43 -34.09 -14.21
CA CYS N 80 -18.27 -32.95 -15.10
C CYS N 80 -17.17 -32.01 -14.61
N ALA N 81 -16.95 -31.93 -13.30
CA ALA N 81 -15.91 -31.09 -12.71
C ALA N 81 -14.53 -31.77 -12.68
N ASP N 82 -14.33 -32.80 -13.48
CA ASP N 82 -13.03 -33.45 -13.61
C ASP N 82 -12.22 -32.90 -14.75
N ALA N 83 -12.72 -31.85 -15.41
CA ALA N 83 -12.00 -31.26 -16.54
C ALA N 83 -10.79 -30.53 -15.98
N ALA N 84 -9.60 -31.03 -16.30
CA ALA N 84 -8.35 -30.44 -15.82
C ALA N 84 -7.21 -31.13 -16.56
N THR N 85 -6.00 -30.73 -16.22
CA THR N 85 -4.80 -31.42 -16.68
C THR N 85 -4.27 -32.27 -15.54
N TYR N 86 -3.91 -33.52 -15.86
CA TYR N 86 -3.46 -34.51 -14.88
C TYR N 86 -1.98 -34.75 -15.09
N TYR N 87 -1.18 -34.52 -14.06
CA TYR N 87 0.25 -34.73 -14.13
C TYR N 87 0.60 -35.92 -13.26
N CYS N 88 1.58 -36.71 -13.70
CA CYS N 88 2.17 -37.73 -12.84
C CYS N 88 3.57 -37.30 -12.48
N GLN N 89 4.01 -37.67 -11.28
CA GLN N 89 5.31 -37.23 -10.79
C GLN N 89 5.99 -38.33 -10.01
N GLN N 90 7.26 -38.53 -10.27
CA GLN N 90 8.01 -39.51 -9.51
C GLN N 90 8.21 -39.03 -8.08
N GLY N 91 7.94 -39.92 -7.13
CA GLY N 91 8.08 -39.60 -5.73
C GLY N 91 9.21 -40.34 -5.07
N TYR N 92 10.26 -40.69 -5.84
CA TYR N 92 11.35 -41.50 -5.30
C TYR N 92 12.53 -40.69 -4.77
N SER N 93 13.13 -39.82 -5.58
CA SER N 93 14.27 -39.07 -5.06
C SER N 93 14.33 -37.68 -5.69
N TYR N 94 15.23 -36.86 -5.14
CA TYR N 94 15.52 -35.53 -5.67
C TYR N 94 16.93 -35.39 -6.21
N VAL N 95 17.68 -36.49 -6.39
CA VAL N 95 19.09 -36.45 -6.75
C VAL N 95 19.24 -36.69 -8.25
N ASP N 96 20.13 -35.93 -8.89
CA ASP N 96 20.36 -36.01 -10.34
C ASP N 96 19.03 -36.00 -11.09
N LEU N 97 18.19 -35.05 -10.72
CA LEU N 97 16.89 -34.86 -11.36
C LEU N 97 16.97 -33.72 -12.36
N GLU N 98 16.31 -33.90 -13.50
CA GLU N 98 16.04 -32.78 -14.37
C GLU N 98 14.65 -32.22 -14.15
N ASN N 99 13.65 -33.10 -14.13
CA ASN N 99 12.27 -32.69 -13.92
C ASN N 99 11.49 -33.92 -13.53
N GLY N 100 10.92 -33.92 -12.32
CA GLY N 100 10.22 -35.10 -11.86
C GLY N 100 8.84 -35.34 -12.46
N PHE N 101 8.28 -34.36 -13.15
CA PHE N 101 6.88 -34.37 -13.59
C PHE N 101 6.75 -34.82 -15.03
N GLY N 102 5.54 -35.24 -15.38
CA GLY N 102 5.22 -35.61 -16.75
C GLY N 102 4.74 -34.42 -17.58
N GLY N 103 4.52 -34.70 -18.86
CA GLY N 103 3.99 -33.71 -19.79
C GLY N 103 2.55 -33.35 -19.50
N GLY N 104 1.84 -34.19 -18.79
CA GLY N 104 0.45 -33.87 -18.48
C GLY N 104 -0.52 -34.36 -19.54
N THR N 105 -1.73 -34.65 -19.08
CA THR N 105 -2.82 -35.08 -19.95
C THR N 105 -4.04 -34.22 -19.66
N GLU N 106 -4.70 -33.74 -20.71
CA GLU N 106 -5.85 -32.87 -20.53
C GLU N 106 -7.14 -33.67 -20.67
N LEU N 107 -8.07 -33.48 -19.73
CA LEU N 107 -9.39 -34.07 -19.86
C LEU N 107 -10.35 -33.08 -20.52
N GLU N 108 -10.95 -33.52 -21.62
CA GLU N 108 -12.06 -32.84 -22.28
C GLU N 108 -13.30 -33.64 -21.92
N ILE N 109 -14.29 -32.99 -21.32
CA ILE N 109 -15.51 -33.68 -20.89
C ILE N 109 -16.66 -33.37 -21.84
N LEU N 110 -17.35 -34.42 -22.30
CA LEU N 110 -18.42 -34.30 -23.29
C LEU N 110 -19.75 -34.28 -22.54
N GLY N 111 -20.20 -33.08 -22.19
CA GLY N 111 -21.47 -32.90 -21.55
C GLY N 111 -22.61 -32.76 -22.54
N ASP N 112 -23.77 -32.48 -22.00
CA ASP N 112 -24.94 -32.34 -22.85
C ASP N 112 -24.80 -31.08 -23.70
N PRO N 113 -25.19 -31.14 -24.98
CA PRO N 113 -24.99 -29.99 -25.87
C PRO N 113 -25.93 -28.84 -25.55
N VAL N 114 -25.38 -27.62 -25.56
CA VAL N 114 -26.14 -26.40 -25.33
C VAL N 114 -25.71 -25.38 -26.39
N ALA N 115 -26.69 -24.72 -27.00
CA ALA N 115 -26.38 -23.71 -28.00
C ALA N 115 -26.12 -22.36 -27.34
N PRO N 116 -25.24 -21.55 -27.92
CA PRO N 116 -24.85 -20.29 -27.28
C PRO N 116 -25.83 -19.16 -27.54
N THR N 117 -25.93 -18.27 -26.56
CA THR N 117 -26.56 -16.98 -26.68
C THR N 117 -25.48 -15.92 -26.85
N VAL N 118 -25.52 -15.19 -27.96
CA VAL N 118 -24.45 -14.29 -28.35
C VAL N 118 -24.81 -12.85 -27.98
N LEU N 119 -23.82 -12.10 -27.47
CA LEU N 119 -23.97 -10.69 -27.16
C LEU N 119 -22.84 -9.89 -27.80
N ILE N 120 -23.12 -8.64 -28.13
CA ILE N 120 -22.14 -7.75 -28.74
C ILE N 120 -22.09 -6.44 -27.96
N PHE N 121 -20.89 -5.90 -27.80
CA PHE N 121 -20.68 -4.68 -27.02
C PHE N 121 -19.87 -3.66 -27.82
N PRO N 122 -20.49 -2.58 -28.30
CA PRO N 122 -19.75 -1.56 -29.03
C PRO N 122 -18.73 -0.86 -28.15
N PRO N 123 -17.71 -0.24 -28.74
CA PRO N 123 -16.70 0.46 -27.92
C PRO N 123 -17.31 1.65 -27.21
N ALA N 124 -16.84 1.90 -25.98
CA ALA N 124 -17.25 3.09 -25.25
C ALA N 124 -16.87 4.35 -26.04
N ALA N 125 -17.60 5.43 -25.79
CA ALA N 125 -17.41 6.66 -26.55
C ALA N 125 -15.98 7.19 -26.41
N ASP N 126 -15.42 7.07 -25.21
CA ASP N 126 -14.07 7.54 -24.95
C ASP N 126 -13.00 6.56 -25.42
N GLN N 127 -13.40 5.36 -25.87
CA GLN N 127 -12.42 4.42 -26.40
C GLN N 127 -11.94 4.85 -27.78
N VAL N 128 -12.81 5.54 -28.53
CA VAL N 128 -12.44 6.02 -29.85
C VAL N 128 -11.37 7.09 -29.73
N ALA N 129 -11.39 7.85 -28.63
CA ALA N 129 -10.46 8.95 -28.43
C ALA N 129 -9.03 8.46 -28.23
N THR N 130 -8.85 7.19 -27.91
CA THR N 130 -7.51 6.66 -27.68
C THR N 130 -6.77 6.31 -28.96
N GLY N 131 -7.47 6.26 -30.10
CA GLY N 131 -6.89 5.91 -31.37
C GLY N 131 -7.00 4.44 -31.74
N THR N 132 -7.50 3.60 -30.84
CA THR N 132 -7.67 2.17 -31.07
C THR N 132 -8.93 1.70 -30.38
N VAL N 133 -9.77 0.99 -31.13
CA VAL N 133 -11.04 0.49 -30.62
C VAL N 133 -10.93 -1.02 -30.42
N THR N 134 -11.82 -1.53 -29.57
CA THR N 134 -11.95 -2.96 -29.31
C THR N 134 -13.43 -3.27 -29.20
N ILE N 135 -13.92 -4.17 -30.04
CA ILE N 135 -15.31 -4.60 -30.02
C ILE N 135 -15.38 -5.96 -29.35
N VAL N 136 -16.18 -6.06 -28.29
CA VAL N 136 -16.29 -7.26 -27.46
C VAL N 136 -17.55 -8.03 -27.84
N CYS N 137 -17.39 -9.33 -28.12
CA CYS N 137 -18.50 -10.23 -28.37
C CYS N 137 -18.39 -11.41 -27.41
N VAL N 138 -19.50 -11.79 -26.80
CA VAL N 138 -19.50 -12.83 -25.77
C VAL N 138 -20.57 -13.85 -26.09
N ALA N 139 -20.22 -15.13 -26.02
CA ALA N 139 -21.16 -16.22 -26.15
C ALA N 139 -21.14 -17.02 -24.85
N ASN N 140 -22.32 -17.26 -24.28
CA ASN N 140 -22.45 -17.81 -22.93
C ASN N 140 -22.99 -19.23 -22.92
N LYS N 141 -22.52 -20.02 -21.96
CA LYS N 141 -23.16 -21.27 -21.56
C LYS N 141 -23.43 -22.17 -22.77
N TYR N 142 -22.36 -22.63 -23.40
CA TYR N 142 -22.47 -23.40 -24.63
C TYR N 142 -21.59 -24.65 -24.58
N PHE N 143 -21.94 -25.63 -25.41
CA PHE N 143 -21.15 -26.82 -25.66
C PHE N 143 -21.68 -27.49 -26.91
N PRO N 144 -20.82 -28.02 -27.80
CA PRO N 144 -19.35 -28.07 -27.71
C PRO N 144 -18.71 -26.78 -28.15
N ASP N 145 -17.39 -26.76 -28.35
CA ASP N 145 -16.71 -25.54 -28.76
C ASP N 145 -17.30 -24.99 -30.04
N VAL N 146 -17.09 -23.70 -30.25
CA VAL N 146 -17.60 -23.00 -31.40
C VAL N 146 -16.45 -22.27 -32.09
N THR N 147 -16.70 -21.85 -33.32
CA THR N 147 -15.79 -20.99 -34.07
C THR N 147 -16.48 -19.66 -34.34
N VAL N 148 -15.76 -18.57 -34.10
CA VAL N 148 -16.30 -17.21 -34.20
C VAL N 148 -15.64 -16.53 -35.40
N THR N 149 -16.44 -15.86 -36.21
CA THR N 149 -15.95 -15.06 -37.33
C THR N 149 -16.48 -13.64 -37.20
N TRP N 150 -15.61 -12.68 -37.44
CA TRP N 150 -15.97 -11.27 -37.36
C TRP N 150 -16.15 -10.74 -38.78
N GLU N 151 -17.22 -9.97 -38.99
CA GLU N 151 -17.46 -9.37 -40.29
C GLU N 151 -17.62 -7.87 -40.17
N VAL N 152 -16.97 -7.14 -41.07
CA VAL N 152 -17.07 -5.69 -41.17
C VAL N 152 -17.65 -5.39 -42.54
N ASP N 153 -18.88 -4.87 -42.57
CA ASP N 153 -19.66 -4.68 -43.80
C ASP N 153 -19.78 -5.99 -44.59
N GLY N 154 -20.12 -7.06 -43.88
CA GLY N 154 -20.22 -8.37 -44.49
C GLY N 154 -18.90 -8.97 -44.94
N THR N 155 -17.77 -8.31 -44.71
CA THR N 155 -16.46 -8.81 -45.11
C THR N 155 -15.74 -9.36 -43.89
N THR N 156 -15.45 -10.65 -43.90
CA THR N 156 -14.89 -11.28 -42.72
C THR N 156 -13.49 -10.75 -42.43
N GLN N 157 -13.24 -10.46 -41.15
CA GLN N 157 -11.94 -9.95 -40.71
C GLN N 157 -10.92 -11.08 -40.70
N THR N 158 -9.78 -10.83 -41.34
CA THR N 158 -8.69 -11.81 -41.41
C THR N 158 -7.73 -11.71 -40.24
N THR N 159 -7.64 -10.55 -39.59
CA THR N 159 -6.67 -10.30 -38.53
C THR N 159 -7.32 -9.46 -37.44
N GLY N 160 -6.61 -9.34 -36.33
CA GLY N 160 -7.03 -8.48 -35.23
C GLY N 160 -8.02 -9.09 -34.28
N ILE N 161 -8.39 -10.36 -34.46
CA ILE N 161 -9.34 -11.03 -33.60
C ILE N 161 -8.58 -11.71 -32.48
N GLU N 162 -9.15 -11.72 -31.28
CA GLU N 162 -8.47 -12.23 -30.11
C GLU N 162 -9.50 -12.86 -29.19
N ASN N 163 -9.33 -14.14 -28.90
CA ASN N 163 -10.36 -14.95 -28.26
C ASN N 163 -9.91 -15.47 -26.89
N SER N 164 -10.87 -15.56 -25.99
CA SER N 164 -10.66 -16.08 -24.64
C SER N 164 -11.87 -16.90 -24.25
N LYS N 165 -11.62 -18.04 -23.60
CA LYS N 165 -12.66 -19.01 -23.26
C LYS N 165 -12.49 -19.42 -21.82
N THR N 166 -13.57 -19.41 -21.04
CA THR N 166 -13.49 -19.88 -19.67
C THR N 166 -13.37 -21.40 -19.68
N PRO N 167 -12.78 -21.98 -18.63
CA PRO N 167 -12.76 -23.44 -18.50
C PRO N 167 -14.17 -24.01 -18.37
N GLN N 168 -14.30 -25.31 -18.57
CA GLN N 168 -15.62 -25.95 -18.52
C GLN N 168 -16.23 -25.81 -17.15
N ASN N 169 -17.52 -25.50 -17.12
CA ASN N 169 -18.22 -25.31 -15.84
C ASN N 169 -18.40 -26.65 -15.13
N SER N 170 -18.08 -26.66 -13.82
CA SER N 170 -18.12 -27.88 -13.02
C SER N 170 -19.52 -28.50 -12.94
N ALA N 171 -20.57 -27.73 -13.21
CA ALA N 171 -21.91 -28.29 -13.10
C ALA N 171 -22.46 -28.80 -14.43
N ASP N 172 -22.31 -28.03 -15.51
CA ASP N 172 -23.02 -28.34 -16.76
C ASP N 172 -22.08 -28.48 -17.96
N CYS N 173 -20.77 -28.46 -17.75
CA CYS N 173 -19.76 -28.74 -18.76
C CYS N 173 -19.71 -27.71 -19.87
N THR N 174 -20.21 -26.50 -19.65
CA THR N 174 -20.32 -25.52 -20.72
C THR N 174 -19.21 -24.48 -20.64
N TYR N 175 -18.90 -23.91 -21.80
CA TYR N 175 -17.90 -22.88 -21.95
C TYR N 175 -18.56 -21.50 -21.95
N ASN N 176 -17.71 -20.48 -21.83
CA ASN N 176 -18.11 -19.09 -22.02
C ASN N 176 -16.96 -18.43 -22.75
N LEU N 177 -17.25 -17.70 -23.83
CA LEU N 177 -16.17 -17.20 -24.68
C LEU N 177 -16.33 -15.71 -24.94
N SER N 178 -15.21 -14.99 -24.92
CA SER N 178 -15.17 -13.57 -25.26
C SER N 178 -14.24 -13.37 -26.46
N SER N 179 -14.79 -12.84 -27.55
CA SER N 179 -14.06 -12.60 -28.78
C SER N 179 -14.02 -11.10 -29.06
N THR N 180 -12.82 -10.58 -29.25
CA THR N 180 -12.59 -9.15 -29.42
C THR N 180 -11.95 -8.86 -30.78
N LEU N 181 -12.52 -7.90 -31.51
CA LEU N 181 -11.93 -7.37 -32.73
C LEU N 181 -11.31 -6.02 -32.42
N THR N 182 -10.01 -5.89 -32.63
CA THR N 182 -9.28 -4.66 -32.36
C THR N 182 -8.91 -4.00 -33.68
N LEU N 183 -9.28 -2.72 -33.81
CA LEU N 183 -9.01 -1.94 -35.01
C LEU N 183 -8.60 -0.53 -34.61
N THR N 184 -7.93 0.15 -35.51
CA THR N 184 -7.66 1.57 -35.33
C THR N 184 -8.93 2.38 -35.53
N SER N 185 -8.96 3.58 -34.93
CA SER N 185 -10.12 4.44 -35.09
C SER N 185 -10.41 4.76 -36.55
N THR N 186 -9.36 4.82 -37.39
CA THR N 186 -9.57 5.03 -38.83
C THR N 186 -10.27 3.84 -39.47
N GLN N 187 -9.86 2.61 -39.12
CA GLN N 187 -10.57 1.43 -39.62
C GLN N 187 -12.01 1.40 -39.13
N TYR N 188 -12.21 1.69 -37.84
CA TYR N 188 -13.54 1.62 -37.25
C TYR N 188 -14.47 2.64 -37.89
N ASN N 189 -13.98 3.87 -38.08
CA ASN N 189 -14.82 4.95 -38.55
C ASN N 189 -14.93 5.02 -40.07
N SER N 190 -14.39 4.06 -40.81
CA SER N 190 -14.55 4.06 -42.26
C SER N 190 -15.50 2.98 -42.75
N HIS N 191 -16.05 2.17 -41.84
CA HIS N 191 -17.02 1.14 -42.18
C HIS N 191 -18.20 1.24 -41.22
N LYS N 192 -19.32 0.61 -41.57
CA LYS N 192 -20.59 0.95 -40.93
C LYS N 192 -21.20 -0.20 -40.14
N GLU N 193 -21.18 -1.43 -40.65
CA GLU N 193 -21.80 -2.58 -39.98
C GLU N 193 -20.74 -3.53 -39.42
N TYR N 194 -20.92 -3.95 -38.18
CA TYR N 194 -20.03 -4.92 -37.55
C TYR N 194 -20.86 -6.11 -37.08
N THR N 195 -20.38 -7.31 -37.37
CA THR N 195 -21.13 -8.55 -37.20
C THR N 195 -20.29 -9.56 -36.43
N CYS N 196 -20.89 -10.18 -35.40
CA CYS N 196 -20.28 -11.27 -34.66
C CYS N 196 -21.03 -12.56 -34.98
N LYS N 197 -20.32 -13.56 -35.50
CA LYS N 197 -20.93 -14.80 -35.97
C LYS N 197 -20.33 -15.98 -35.21
N VAL N 198 -21.16 -16.61 -34.37
CA VAL N 198 -20.76 -17.78 -33.60
C VAL N 198 -21.38 -19.00 -34.25
N THR N 199 -20.55 -19.97 -34.61
CA THR N 199 -21.00 -21.18 -35.29
C THR N 199 -20.73 -22.39 -34.43
N GLN N 200 -21.77 -23.18 -34.18
CA GLN N 200 -21.70 -24.44 -33.44
C GLN N 200 -21.94 -25.56 -34.45
N GLY N 201 -20.86 -26.01 -35.09
CA GLY N 201 -20.93 -26.97 -36.17
C GLY N 201 -21.49 -26.38 -37.46
N THR N 202 -22.81 -26.24 -37.56
CA THR N 202 -23.45 -25.65 -38.74
C THR N 202 -24.45 -24.57 -38.35
N THR N 203 -25.06 -24.70 -37.17
CA THR N 203 -25.93 -23.67 -36.63
C THR N 203 -25.13 -22.42 -36.29
N SER N 204 -25.64 -21.25 -36.69
CA SER N 204 -24.96 -19.99 -36.45
C SER N 204 -25.88 -19.03 -35.72
N VAL N 205 -25.32 -18.31 -34.75
CA VAL N 205 -26.03 -17.27 -34.00
C VAL N 205 -25.28 -15.96 -34.23
N VAL N 206 -26.03 -14.88 -34.49
CA VAL N 206 -25.44 -13.62 -34.91
C VAL N 206 -25.91 -12.49 -34.01
N GLN N 207 -25.04 -11.49 -33.87
CA GLN N 207 -25.34 -10.25 -33.16
C GLN N 207 -24.56 -9.13 -33.82
N SER N 208 -25.26 -8.07 -34.20
CA SER N 208 -24.69 -6.97 -34.96
C SER N 208 -25.03 -5.64 -34.32
N PHE N 209 -24.21 -4.65 -34.67
CA PHE N 209 -24.45 -3.26 -34.32
C PHE N 209 -23.85 -2.40 -35.43
N ASN N 210 -24.31 -1.16 -35.51
CA ASN N 210 -23.81 -0.22 -36.50
C ASN N 210 -23.19 0.98 -35.79
N ARG N 211 -22.10 1.49 -36.38
CA ARG N 211 -21.32 2.55 -35.75
C ARG N 211 -22.19 3.76 -35.39
N GLY N 212 -23.08 4.16 -36.29
CA GLY N 212 -23.96 5.29 -36.09
C GLY N 212 -25.25 5.00 -35.34
N ASP N 213 -25.59 3.73 -35.17
CA ASP N 213 -26.78 3.35 -34.41
C ASP N 213 -26.68 3.71 -32.93
N CYS N 214 -25.47 3.87 -32.42
CA CYS N 214 -25.26 4.13 -30.99
C CYS N 214 -25.57 5.57 -30.63
N SER O 2 -17.24 -86.90 7.65
CA SER O 2 -16.84 -88.00 6.78
C SER O 2 -18.04 -88.59 6.03
N VAL O 3 -17.80 -89.04 4.81
CA VAL O 3 -18.84 -89.67 3.99
C VAL O 3 -18.25 -90.89 3.28
N GLU O 4 -19.01 -91.99 3.25
CA GLU O 4 -18.55 -93.20 2.57
C GLU O 4 -19.72 -93.95 1.90
N GLU O 5 -19.57 -94.22 0.60
CA GLU O 5 -20.57 -94.94 -0.16
C GLU O 5 -20.35 -96.45 -0.06
N SER O 6 -21.45 -97.20 -0.20
CA SER O 6 -21.36 -98.65 -0.15
C SER O 6 -22.47 -99.25 -1.01
N GLY O 7 -22.28 -100.50 -1.41
CA GLY O 7 -23.27 -101.21 -2.18
C GLY O 7 -23.01 -101.28 -3.66
N GLY O 8 -21.90 -100.70 -4.12
CA GLY O 8 -21.55 -100.81 -5.52
C GLY O 8 -21.17 -102.24 -5.84
N ASP O 9 -21.68 -102.74 -6.96
CA ASP O 9 -21.51 -104.13 -7.31
C ASP O 9 -21.67 -104.30 -8.81
N LEU O 10 -21.64 -105.56 -9.25
CA LEU O 10 -21.97 -105.94 -10.61
C LEU O 10 -23.48 -106.19 -10.69
N VAL O 11 -24.14 -105.67 -11.73
CA VAL O 11 -25.58 -105.86 -11.90
C VAL O 11 -25.92 -106.05 -13.38
N LYS O 12 -26.91 -106.90 -13.61
CA LYS O 12 -27.43 -107.15 -14.96
C LYS O 12 -28.13 -105.92 -15.51
N PRO O 13 -28.14 -105.75 -16.83
CA PRO O 13 -28.93 -104.66 -17.43
C PRO O 13 -30.40 -104.81 -17.10
N GLY O 14 -31.07 -103.67 -16.95
CA GLY O 14 -32.45 -103.65 -16.52
C GLY O 14 -32.69 -103.89 -15.04
N ALA O 15 -31.71 -104.43 -14.31
CA ALA O 15 -31.85 -104.65 -12.88
C ALA O 15 -31.81 -103.33 -12.12
N SER O 16 -31.87 -103.42 -10.79
CA SER O 16 -31.81 -102.26 -9.93
C SER O 16 -30.82 -102.52 -8.80
N LEU O 17 -30.28 -101.44 -8.26
CA LEU O 17 -29.28 -101.53 -7.20
C LEU O 17 -29.36 -100.28 -6.34
N THR O 18 -29.12 -100.46 -5.04
CA THR O 18 -29.26 -99.37 -4.08
C THR O 18 -27.91 -99.10 -3.41
N LEU O 19 -27.41 -97.89 -3.61
CA LEU O 19 -26.20 -97.43 -2.96
C LEU O 19 -26.56 -96.68 -1.70
N THR O 20 -25.61 -96.64 -0.78
CA THR O 20 -25.87 -96.05 0.53
C THR O 20 -24.71 -95.15 0.92
N CYS O 21 -25.05 -93.93 1.30
CA CYS O 21 -24.12 -92.95 1.80
C CYS O 21 -24.26 -92.82 3.31
N THR O 22 -23.16 -92.96 4.03
CA THR O 22 -23.17 -92.94 5.49
C THR O 22 -22.28 -91.84 6.03
N ALA O 23 -22.76 -91.15 7.07
CA ALA O 23 -22.13 -89.99 7.68
C ALA O 23 -21.40 -90.33 8.97
N SER O 24 -20.45 -89.47 9.34
CA SER O 24 -19.71 -89.64 10.59
C SER O 24 -19.34 -88.26 11.14
N GLY O 25 -19.85 -87.94 12.34
CA GLY O 25 -19.52 -86.69 12.99
C GLY O 25 -19.85 -85.47 12.15
N PHE O 26 -21.13 -85.14 12.05
CA PHE O 26 -21.65 -84.19 11.07
C PHE O 26 -22.04 -82.83 11.65
N THR O 27 -21.49 -82.45 12.80
CA THR O 27 -21.68 -81.12 13.38
C THR O 27 -23.15 -80.77 13.65
N ILE O 28 -24.00 -81.79 13.78
CA ILE O 28 -25.40 -81.73 14.19
C ILE O 28 -26.13 -80.47 13.70
N SER O 29 -25.81 -80.02 12.50
CA SER O 29 -26.59 -79.00 11.80
C SER O 29 -27.39 -79.73 10.71
N SER O 30 -28.65 -79.39 10.58
CA SER O 30 -29.42 -80.07 9.55
C SER O 30 -29.55 -79.27 8.26
N ASP O 31 -29.38 -77.96 8.31
CA ASP O 31 -29.46 -77.13 7.12
C ASP O 31 -28.38 -77.49 6.09
N TYR O 32 -28.52 -78.61 5.38
CA TYR O 32 -27.58 -78.93 4.32
C TYR O 32 -28.24 -79.89 3.33
N TYR O 33 -27.60 -80.08 2.19
CA TYR O 33 -28.05 -81.03 1.18
C TYR O 33 -27.06 -82.18 1.06
N MET O 34 -27.55 -83.38 0.81
CA MET O 34 -26.73 -84.56 0.52
C MET O 34 -26.96 -84.93 -0.95
N CYS O 35 -25.91 -85.11 -1.72
CA CYS O 35 -26.06 -85.23 -3.16
C CYS O 35 -25.27 -86.40 -3.70
N TRP O 36 -25.63 -86.86 -4.90
CA TRP O 36 -24.94 -87.96 -5.56
C TRP O 36 -24.39 -87.49 -6.91
N VAL O 37 -23.09 -87.73 -7.13
CA VAL O 37 -22.41 -87.41 -8.38
C VAL O 37 -21.73 -88.67 -8.90
N ARG O 38 -21.98 -89.00 -10.16
CA ARG O 38 -21.43 -90.20 -10.80
C ARG O 38 -20.43 -89.80 -11.88
N GLN O 39 -19.46 -90.69 -12.12
CA GLN O 39 -18.40 -90.43 -13.09
C GLN O 39 -18.11 -91.69 -13.87
N ALA O 40 -18.45 -91.70 -15.17
CA ALA O 40 -18.14 -92.87 -15.96
C ALA O 40 -16.64 -92.92 -16.20
N PRO O 41 -16.07 -94.10 -16.47
CA PRO O 41 -14.61 -94.21 -16.53
C PRO O 41 -14.03 -93.27 -17.57
N GLY O 42 -13.16 -92.38 -17.12
CA GLY O 42 -12.48 -91.44 -18.00
C GLY O 42 -13.35 -90.35 -18.59
N LYS O 43 -14.52 -90.10 -18.04
CA LYS O 43 -15.37 -89.02 -18.52
C LYS O 43 -15.72 -88.11 -17.35
N GLY O 44 -16.37 -86.99 -17.65
CA GLY O 44 -16.48 -85.92 -16.68
C GLY O 44 -17.37 -86.25 -15.49
N LEU O 45 -17.47 -85.30 -14.57
CA LEU O 45 -18.37 -85.42 -13.44
C LEU O 45 -19.79 -85.18 -13.91
N GLU O 46 -20.72 -85.99 -13.41
CA GLU O 46 -22.12 -85.94 -13.81
C GLU O 46 -22.96 -85.84 -12.55
N TRP O 47 -23.57 -84.67 -12.32
CA TRP O 47 -24.43 -84.49 -11.18
C TRP O 47 -25.71 -85.27 -11.38
N ILE O 48 -26.22 -85.88 -10.30
CA ILE O 48 -27.43 -86.70 -10.35
C ILE O 48 -28.58 -86.02 -9.60
N GLY O 49 -28.44 -85.84 -8.29
CA GLY O 49 -29.53 -85.31 -7.51
C GLY O 49 -29.07 -84.99 -6.10
N CYS O 50 -29.95 -84.33 -5.37
CA CYS O 50 -29.69 -83.94 -4.00
C CYS O 50 -30.95 -84.13 -3.19
N ILE O 51 -30.79 -84.38 -1.90
CA ILE O 51 -31.94 -84.44 -1.00
C ILE O 51 -31.60 -83.57 0.19
N TYR O 52 -32.49 -82.62 0.51
CA TYR O 52 -32.26 -81.69 1.60
C TYR O 52 -32.55 -82.43 2.89
N ILE O 53 -31.53 -82.54 3.76
CA ILE O 53 -31.71 -83.25 5.01
C ILE O 53 -32.79 -82.48 5.78
N GLY O 54 -32.46 -81.29 6.26
CA GLY O 54 -33.43 -80.43 6.94
C GLY O 54 -34.57 -81.08 7.72
N SER O 55 -35.77 -80.53 7.57
CA SER O 55 -36.97 -81.05 8.20
C SER O 55 -37.97 -81.51 7.16
N GLY O 56 -37.59 -81.47 5.89
CA GLY O 56 -38.48 -81.86 4.82
C GLY O 56 -37.73 -82.57 3.72
N THR O 57 -38.35 -83.63 3.19
CA THR O 57 -37.73 -84.43 2.13
C THR O 57 -38.06 -83.84 0.76
N ASP O 58 -37.38 -82.73 0.47
CA ASP O 58 -37.44 -82.10 -0.85
C ASP O 58 -36.29 -82.67 -1.66
N THR O 59 -36.58 -83.27 -2.81
CA THR O 59 -35.55 -83.89 -3.63
C THR O 59 -35.46 -83.21 -4.99
N TYR O 60 -34.24 -83.09 -5.47
CA TYR O 60 -33.95 -82.47 -6.75
C TYR O 60 -33.09 -83.44 -7.54
N TYR O 61 -33.50 -83.74 -8.76
CA TYR O 61 -32.81 -84.71 -9.60
C TYR O 61 -32.40 -84.02 -10.90
N ALA O 62 -31.39 -84.58 -11.56
CA ALA O 62 -31.00 -84.06 -12.86
C ALA O 62 -32.08 -84.35 -13.90
N SER O 63 -32.06 -83.56 -14.97
CA SER O 63 -33.09 -83.68 -16.01
C SER O 63 -33.12 -85.07 -16.62
N TRP O 64 -31.95 -85.65 -16.88
CA TRP O 64 -31.84 -86.96 -17.55
C TRP O 64 -32.17 -88.14 -16.64
N ALA O 65 -32.18 -87.96 -15.31
CA ALA O 65 -32.54 -89.07 -14.44
C ALA O 65 -33.93 -89.60 -14.76
N LYS O 66 -34.86 -88.69 -15.04
CA LYS O 66 -36.19 -89.05 -15.55
C LYS O 66 -36.85 -90.14 -14.70
N GLY O 67 -36.61 -90.10 -13.38
CA GLY O 67 -37.33 -90.97 -12.48
C GLY O 67 -36.78 -92.36 -12.35
N ARG O 68 -35.68 -92.70 -13.03
CA ARG O 68 -35.00 -93.95 -12.75
C ARG O 68 -34.32 -93.89 -11.39
N PHE O 69 -33.91 -92.71 -10.97
CA PHE O 69 -33.14 -92.52 -9.75
C PHE O 69 -34.00 -91.92 -8.64
N THR O 70 -33.92 -92.52 -7.45
CA THR O 70 -34.69 -92.15 -6.27
C THR O 70 -33.74 -92.00 -5.10
N ILE O 71 -33.68 -90.81 -4.50
CA ILE O 71 -32.85 -90.60 -3.33
C ILE O 71 -33.77 -90.55 -2.13
N SER O 72 -33.39 -91.25 -1.07
CA SER O 72 -34.23 -91.31 0.11
C SER O 72 -33.37 -91.16 1.35
N LYS O 73 -33.92 -90.50 2.35
CA LYS O 73 -33.29 -90.44 3.67
C LYS O 73 -33.78 -91.64 4.48
N THR O 74 -32.85 -92.49 4.95
CA THR O 74 -33.22 -93.71 5.66
C THR O 74 -32.80 -93.71 7.13
N SER O 75 -31.77 -92.94 7.48
CA SER O 75 -31.36 -92.76 8.87
C SER O 75 -30.92 -91.32 9.07
N SER O 76 -30.65 -90.98 10.34
CA SER O 76 -29.96 -89.73 10.62
C SER O 76 -28.57 -89.72 10.00
N THR O 77 -28.08 -90.91 9.66
CA THR O 77 -26.73 -91.11 9.19
C THR O 77 -26.66 -91.81 7.84
N THR O 78 -27.79 -92.10 7.19
CA THR O 78 -27.74 -92.78 5.91
C THR O 78 -28.78 -92.18 4.95
N VAL O 79 -28.38 -92.01 3.70
CA VAL O 79 -29.30 -91.73 2.60
C VAL O 79 -28.95 -92.71 1.49
N THR O 80 -29.94 -93.08 0.69
CA THR O 80 -29.81 -94.15 -0.29
C THR O 80 -30.15 -93.65 -1.68
N LEU O 81 -29.29 -93.96 -2.64
CA LEU O 81 -29.57 -93.73 -4.06
C LEU O 81 -30.08 -95.03 -4.65
N GLN O 82 -31.31 -95.03 -5.17
CA GLN O 82 -31.97 -96.23 -5.66
C GLN O 82 -32.10 -96.11 -7.18
N MET O 83 -31.44 -97.02 -7.88
CA MET O 83 -31.33 -96.94 -9.33
C MET O 83 -32.13 -98.06 -9.97
N THR O 84 -32.89 -97.75 -11.03
CA THR O 84 -33.72 -98.75 -11.70
C THR O 84 -33.40 -98.76 -13.18
N SER O 85 -33.69 -99.89 -13.82
CA SER O 85 -33.51 -100.05 -15.27
C SER O 85 -32.07 -99.71 -15.68
N LEU O 86 -31.12 -100.34 -15.00
CA LEU O 86 -29.71 -100.05 -15.22
C LEU O 86 -29.27 -100.51 -16.61
N THR O 87 -28.40 -99.74 -17.23
CA THR O 87 -27.87 -100.07 -18.55
C THR O 87 -26.35 -100.01 -18.50
N ALA O 88 -25.73 -100.45 -19.60
CA ALA O 88 -24.27 -100.35 -19.70
C ALA O 88 -23.80 -98.91 -19.53
N ALA O 89 -24.59 -97.94 -20.02
CA ALA O 89 -24.23 -96.52 -19.93
C ALA O 89 -24.28 -96.00 -18.50
N ASP O 90 -24.78 -96.78 -17.55
CA ASP O 90 -24.79 -96.40 -16.14
C ASP O 90 -23.57 -96.89 -15.39
N THR O 91 -22.71 -97.69 -16.04
CA THR O 91 -21.44 -98.09 -15.44
C THR O 91 -20.59 -96.87 -15.14
N ALA O 92 -20.32 -96.64 -13.86
CA ALA O 92 -19.62 -95.43 -13.42
C ALA O 92 -19.22 -95.59 -11.95
N THR O 93 -18.32 -94.72 -11.50
CA THR O 93 -18.08 -94.51 -10.08
C THR O 93 -19.12 -93.55 -9.54
N TYR O 94 -19.67 -93.84 -8.36
CA TYR O 94 -20.77 -93.05 -7.81
C TYR O 94 -20.33 -92.41 -6.50
N PHE O 95 -20.23 -91.07 -6.51
CA PHE O 95 -19.78 -90.29 -5.37
C PHE O 95 -20.95 -89.77 -4.54
N CYS O 96 -20.67 -89.58 -3.26
CA CYS O 96 -21.60 -88.95 -2.36
C CYS O 96 -20.93 -87.71 -1.78
N ALA O 97 -21.63 -86.56 -1.79
CA ALA O 97 -21.06 -85.31 -1.34
C ALA O 97 -22.08 -84.56 -0.49
N ARG O 98 -21.64 -83.45 0.10
CA ARG O 98 -22.48 -82.72 1.04
C ARG O 98 -22.32 -81.21 0.85
N ASP O 99 -23.39 -80.48 1.18
CA ASP O 99 -23.41 -79.02 1.18
C ASP O 99 -23.11 -78.53 2.56
N LYS O 100 -22.82 -77.24 2.66
CA LYS O 100 -22.87 -76.56 3.93
C LYS O 100 -24.17 -75.80 4.04
N GLY O 101 -25.13 -76.10 3.16
CA GLY O 101 -26.41 -75.44 3.15
C GLY O 101 -26.39 -74.25 2.21
N TRP O 102 -27.55 -73.61 2.03
CA TRP O 102 -27.53 -72.37 1.27
C TRP O 102 -27.07 -71.21 2.13
N SER O 103 -26.24 -70.37 1.53
CA SER O 103 -25.65 -69.18 2.09
C SER O 103 -25.70 -68.11 1.02
N ASN O 104 -26.22 -66.91 1.34
CA ASN O 104 -26.16 -65.82 0.37
C ASN O 104 -24.74 -65.41 0.05
N ALA O 105 -23.80 -65.67 0.98
CA ALA O 105 -22.42 -65.25 0.77
C ALA O 105 -21.63 -66.23 -0.09
N TRP O 106 -21.84 -67.52 0.12
CA TRP O 106 -20.97 -68.58 -0.38
C TRP O 106 -21.66 -69.51 -1.37
N GLY O 107 -22.92 -69.81 -1.13
CA GLY O 107 -23.70 -70.60 -2.04
C GLY O 107 -23.57 -72.07 -1.70
N PHE O 108 -23.83 -72.90 -2.71
CA PHE O 108 -23.75 -74.35 -2.58
C PHE O 108 -22.39 -74.81 -3.04
N TYR O 109 -21.68 -75.55 -2.21
CA TYR O 109 -20.40 -76.11 -2.58
C TYR O 109 -20.24 -77.45 -1.89
N PHE O 110 -19.57 -78.38 -2.57
CA PHE O 110 -19.32 -79.71 -2.04
C PHE O 110 -17.94 -79.71 -1.43
N GLN O 111 -17.85 -79.50 -0.12
CA GLN O 111 -16.54 -79.55 0.48
C GLN O 111 -16.15 -80.98 0.82
N LEU O 112 -17.11 -81.76 1.30
CA LEU O 112 -16.86 -83.11 1.73
C LEU O 112 -17.33 -84.06 0.62
N TRP O 113 -16.46 -84.96 0.17
CA TRP O 113 -16.82 -85.98 -0.81
C TRP O 113 -16.51 -87.35 -0.22
N GLY O 114 -17.12 -88.39 -0.79
CA GLY O 114 -16.81 -89.73 -0.38
C GLY O 114 -15.80 -90.38 -1.32
N PRO O 115 -15.19 -91.50 -0.92
CA PRO O 115 -14.21 -92.14 -1.79
C PRO O 115 -14.79 -92.72 -3.06
N GLY O 116 -16.10 -92.86 -3.15
CA GLY O 116 -16.73 -93.46 -4.31
C GLY O 116 -17.09 -94.91 -4.08
N THR O 117 -18.01 -95.40 -4.92
CA THR O 117 -18.33 -96.82 -5.01
C THR O 117 -18.60 -97.17 -6.46
N LEU O 118 -18.09 -98.32 -6.89
CA LEU O 118 -18.06 -98.70 -8.29
C LEU O 118 -19.30 -99.49 -8.67
N VAL O 119 -20.03 -99.04 -9.70
CA VAL O 119 -21.17 -99.79 -10.23
C VAL O 119 -20.86 -100.28 -11.64
N THR O 120 -20.78 -101.60 -11.81
CA THR O 120 -20.53 -102.21 -13.12
C THR O 120 -21.80 -102.90 -13.61
N VAL O 121 -22.30 -102.49 -14.78
CA VAL O 121 -23.49 -103.08 -15.37
C VAL O 121 -23.05 -103.89 -16.58
N SER O 122 -23.16 -105.22 -16.47
CA SER O 122 -22.68 -106.13 -17.49
C SER O 122 -23.43 -107.45 -17.37
N SER O 123 -23.74 -108.05 -18.52
CA SER O 123 -24.33 -109.38 -18.50
C SER O 123 -23.35 -110.44 -18.05
N GLY O 124 -22.07 -110.11 -17.94
CA GLY O 124 -21.07 -111.07 -17.51
C GLY O 124 -21.23 -111.45 -16.04
N GLN O 125 -20.48 -112.47 -15.66
CA GLN O 125 -20.56 -113.04 -14.33
C GLN O 125 -19.34 -112.67 -13.51
N PRO O 126 -19.42 -112.73 -12.17
CA PRO O 126 -18.24 -112.44 -11.35
C PRO O 126 -17.14 -113.44 -11.63
N LYS O 127 -15.96 -112.94 -11.97
CA LYS O 127 -14.81 -113.75 -12.32
C LYS O 127 -13.63 -113.30 -11.47
N ALA O 128 -12.99 -114.24 -10.82
CA ALA O 128 -11.85 -113.92 -9.97
C ALA O 128 -10.60 -113.75 -10.82
N PRO O 129 -9.63 -112.95 -10.37
CA PRO O 129 -8.44 -112.72 -11.17
C PRO O 129 -7.51 -113.92 -11.13
N SER O 130 -6.72 -114.06 -12.19
CA SER O 130 -5.74 -115.13 -12.33
C SER O 130 -4.37 -114.49 -12.21
N VAL O 131 -3.77 -114.60 -11.03
CA VAL O 131 -2.50 -113.94 -10.76
C VAL O 131 -1.36 -114.80 -11.29
N PHE O 132 -0.46 -114.17 -12.05
CA PHE O 132 0.67 -114.80 -12.69
C PHE O 132 1.94 -114.04 -12.34
N PRO O 133 3.04 -114.73 -12.05
CA PRO O 133 4.28 -114.01 -11.73
C PRO O 133 4.93 -113.43 -12.98
N LEU O 134 5.75 -112.40 -12.74
CA LEU O 134 6.59 -111.80 -13.75
C LEU O 134 8.02 -111.75 -13.22
N ALA O 135 8.97 -112.16 -14.04
CA ALA O 135 10.39 -112.19 -13.68
C ALA O 135 11.21 -112.17 -14.94
N PRO O 136 12.48 -111.76 -14.85
CA PRO O 136 13.36 -111.83 -16.03
C PRO O 136 13.87 -113.25 -16.24
N CYS O 137 13.62 -113.80 -17.43
CA CYS O 137 13.92 -115.19 -17.69
C CYS O 137 15.30 -115.39 -18.28
N CYS O 138 16.03 -114.31 -18.56
CA CYS O 138 17.25 -114.39 -19.34
C CYS O 138 18.38 -114.99 -18.50
N GLY O 139 19.59 -114.98 -19.04
CA GLY O 139 20.75 -115.42 -18.29
C GLY O 139 21.53 -114.26 -17.69
N ASP O 140 20.87 -113.11 -17.56
CA ASP O 140 21.52 -111.93 -17.02
C ASP O 140 21.94 -112.17 -15.57
N THR O 141 23.03 -111.52 -15.16
CA THR O 141 23.55 -111.73 -13.83
C THR O 141 22.51 -111.32 -12.80
N PRO O 142 22.35 -112.07 -11.71
CA PRO O 142 21.34 -111.72 -10.70
C PRO O 142 21.71 -110.46 -9.91
N SER O 143 21.34 -109.29 -10.42
CA SER O 143 21.73 -108.04 -9.80
C SER O 143 21.20 -107.94 -8.37
N SER O 144 21.91 -107.18 -7.55
CA SER O 144 21.56 -107.07 -6.13
C SER O 144 20.16 -106.49 -5.95
N THR O 145 19.74 -105.62 -6.87
CA THR O 145 18.40 -105.06 -6.89
C THR O 145 17.77 -105.34 -8.24
N VAL O 146 16.60 -105.98 -8.22
CA VAL O 146 15.88 -106.39 -9.43
C VAL O 146 14.39 -106.12 -9.23
N THR O 147 13.73 -105.66 -10.29
CA THR O 147 12.28 -105.44 -10.26
C THR O 147 11.55 -106.75 -10.54
N LEU O 148 10.62 -107.10 -9.65
CA LEU O 148 9.79 -108.27 -9.78
C LEU O 148 8.34 -107.83 -9.78
N GLY O 149 7.48 -108.61 -10.43
CA GLY O 149 6.07 -108.27 -10.44
C GLY O 149 5.22 -109.51 -10.55
N CYS O 150 3.93 -109.32 -10.28
CA CYS O 150 2.93 -110.35 -10.52
C CYS O 150 1.75 -109.69 -11.22
N LEU O 151 1.22 -110.39 -12.23
CA LEU O 151 0.22 -109.87 -13.15
C LEU O 151 -1.15 -110.40 -12.76
N VAL O 152 -2.09 -109.50 -12.52
CA VAL O 152 -3.47 -109.85 -12.22
C VAL O 152 -4.25 -109.74 -13.52
N LYS O 153 -4.82 -110.86 -13.98
CA LYS O 153 -5.35 -110.93 -15.33
C LYS O 153 -6.74 -111.54 -15.33
N GLY O 154 -7.66 -110.91 -16.08
CA GLY O 154 -8.99 -111.44 -16.32
C GLY O 154 -9.93 -111.51 -15.11
N TYR O 155 -10.43 -110.38 -14.66
CA TYR O 155 -11.37 -110.33 -13.55
C TYR O 155 -12.49 -109.36 -13.84
N LEU O 156 -13.59 -109.54 -13.12
CA LEU O 156 -14.82 -108.73 -13.20
C LEU O 156 -15.62 -108.93 -11.93
N PRO O 157 -16.13 -107.89 -11.31
CA PRO O 157 -15.96 -106.46 -11.63
C PRO O 157 -14.81 -105.82 -10.87
N GLU O 158 -14.57 -104.55 -11.18
CA GLU O 158 -13.65 -103.75 -10.38
C GLU O 158 -14.13 -103.72 -8.92
N PRO O 159 -13.22 -103.56 -7.96
CA PRO O 159 -11.77 -103.44 -8.09
C PRO O 159 -11.04 -104.67 -7.60
N VAL O 160 -9.70 -104.63 -7.66
CA VAL O 160 -8.83 -105.54 -6.93
C VAL O 160 -7.85 -104.70 -6.13
N THR O 161 -7.37 -105.27 -5.02
CA THR O 161 -6.37 -104.65 -4.16
C THR O 161 -5.12 -105.53 -4.13
N VAL O 162 -4.01 -104.98 -4.61
CA VAL O 162 -2.74 -105.70 -4.70
C VAL O 162 -1.84 -105.16 -3.60
N THR O 163 -1.32 -106.07 -2.76
CA THR O 163 -0.37 -105.73 -1.72
C THR O 163 0.85 -106.63 -1.86
N TRP O 164 1.94 -106.22 -1.22
CA TRP O 164 3.18 -106.98 -1.23
C TRP O 164 3.61 -107.28 0.20
N ASN O 165 4.00 -108.53 0.45
CA ASN O 165 4.42 -109.00 1.77
C ASN O 165 3.42 -108.61 2.86
N SER O 166 2.13 -108.83 2.56
CA SER O 166 1.04 -108.60 3.51
C SER O 166 1.05 -107.17 4.05
N GLY O 167 1.40 -106.22 3.19
CA GLY O 167 1.39 -104.82 3.56
C GLY O 167 2.67 -104.31 4.17
N THR O 168 3.62 -105.19 4.47
CA THR O 168 4.87 -104.75 5.07
C THR O 168 5.84 -104.19 4.05
N LEU O 169 5.65 -104.50 2.77
CA LEU O 169 6.48 -103.99 1.69
C LEU O 169 5.68 -102.98 0.90
N THR O 170 6.11 -101.73 0.94
CA THR O 170 5.45 -100.61 0.29
C THR O 170 6.41 -99.74 -0.50
N ASN O 171 7.64 -99.57 -0.01
CA ASN O 171 8.62 -98.75 -0.71
C ASN O 171 8.99 -99.39 -2.04
N GLY O 172 8.87 -98.62 -3.12
CA GLY O 172 9.26 -99.08 -4.44
C GLY O 172 8.21 -99.83 -5.23
N VAL O 173 6.95 -99.81 -4.77
CA VAL O 173 5.87 -100.54 -5.44
C VAL O 173 5.23 -99.62 -6.47
N ARG O 174 5.01 -100.16 -7.67
CA ARG O 174 4.20 -99.51 -8.70
C ARG O 174 3.05 -100.43 -9.06
N THR O 175 1.82 -99.99 -8.78
CA THR O 175 0.61 -100.69 -9.19
C THR O 175 -0.04 -99.90 -10.32
N PHE O 176 -0.24 -100.52 -11.46
CA PHE O 176 -0.70 -99.84 -12.65
C PHE O 176 -2.22 -99.71 -12.72
N PRO O 177 -2.71 -98.71 -13.45
CA PRO O 177 -4.16 -98.62 -13.72
C PRO O 177 -4.68 -99.84 -14.46
N SER O 178 -5.87 -100.28 -14.08
CA SER O 178 -6.47 -101.42 -14.76
C SER O 178 -6.91 -101.02 -16.16
N VAL O 179 -6.97 -102.03 -17.04
CA VAL O 179 -7.46 -101.89 -18.41
C VAL O 179 -8.59 -102.89 -18.61
N ARG O 180 -9.64 -102.45 -19.29
CA ARG O 180 -10.74 -103.33 -19.61
C ARG O 180 -10.53 -103.84 -21.03
N GLN O 181 -10.37 -105.16 -21.16
CA GLN O 181 -10.24 -105.74 -22.49
C GLN O 181 -11.55 -105.59 -23.26
N SER O 182 -11.48 -105.90 -24.55
CA SER O 182 -12.69 -105.95 -25.37
C SER O 182 -13.65 -107.02 -24.85
N SER O 183 -13.13 -108.03 -24.14
CA SER O 183 -13.94 -109.07 -23.51
C SER O 183 -14.75 -108.56 -22.33
N GLY O 184 -14.56 -107.30 -21.93
CA GLY O 184 -15.20 -106.78 -20.74
C GLY O 184 -14.51 -107.13 -19.45
N LEU O 185 -13.51 -108.01 -19.47
CA LEU O 185 -12.74 -108.32 -18.27
C LEU O 185 -11.67 -107.26 -18.03
N TYR O 186 -11.20 -107.20 -16.78
CA TYR O 186 -10.18 -106.25 -16.38
C TYR O 186 -8.87 -106.96 -16.12
N SER O 187 -7.79 -106.19 -16.14
CA SER O 187 -6.48 -106.79 -15.93
C SER O 187 -5.45 -105.69 -15.67
N LEU O 188 -4.63 -105.84 -14.64
CA LEU O 188 -3.62 -104.84 -14.31
C LEU O 188 -2.33 -105.54 -13.91
N SER O 189 -1.25 -104.78 -13.93
CA SER O 189 0.08 -105.28 -13.59
C SER O 189 0.63 -104.50 -12.40
N SER O 190 1.34 -105.19 -11.51
CA SER O 190 1.98 -104.55 -10.37
C SER O 190 3.39 -105.08 -10.21
N VAL O 191 4.37 -104.17 -10.12
CA VAL O 191 5.78 -104.55 -10.02
C VAL O 191 6.38 -103.90 -8.78
N VAL O 192 7.47 -104.48 -8.29
CA VAL O 192 8.17 -104.00 -7.12
C VAL O 192 9.67 -104.24 -7.31
N SER O 193 10.48 -103.35 -6.76
CA SER O 193 11.93 -103.47 -6.81
C SER O 193 12.43 -103.81 -5.41
N VAL O 194 13.03 -104.99 -5.28
CA VAL O 194 13.52 -105.47 -4.00
C VAL O 194 15.00 -105.79 -4.15
N THR O 195 15.68 -105.83 -3.01
CA THR O 195 17.06 -106.30 -2.93
C THR O 195 17.08 -107.80 -2.61
N SER O 196 18.29 -108.37 -2.54
CA SER O 196 18.41 -109.78 -2.20
C SER O 196 17.95 -110.07 -0.76
N SER O 197 17.83 -109.03 0.08
CA SER O 197 17.40 -109.22 1.48
C SER O 197 15.90 -109.34 1.62
N SER O 198 15.11 -108.72 0.74
CA SER O 198 13.66 -108.83 0.80
C SER O 198 13.14 -110.15 0.24
N GLN O 199 14.04 -111.14 0.03
CA GLN O 199 13.66 -112.46 -0.45
C GLN O 199 13.15 -113.32 0.71
N PRO O 200 12.05 -114.05 0.51
CA PRO O 200 11.23 -114.08 -0.71
C PRO O 200 10.25 -112.92 -0.73
N VAL O 201 9.81 -112.49 -1.90
CA VAL O 201 8.85 -111.40 -2.04
C VAL O 201 7.50 -112.01 -2.43
N THR O 202 6.43 -111.61 -1.74
CA THR O 202 5.11 -112.19 -1.92
C THR O 202 4.08 -111.09 -2.14
N CYS O 203 3.20 -111.29 -3.12
CA CYS O 203 2.17 -110.31 -3.46
C CYS O 203 0.81 -110.90 -3.13
N ASN O 204 -0.01 -110.11 -2.42
CA ASN O 204 -1.34 -110.53 -1.99
C ASN O 204 -2.36 -109.84 -2.87
N VAL O 205 -3.17 -110.62 -3.59
CA VAL O 205 -4.19 -110.07 -4.47
C VAL O 205 -5.55 -110.41 -3.88
N ALA O 206 -6.39 -109.38 -3.73
CA ALA O 206 -7.71 -109.53 -3.14
C ALA O 206 -8.77 -109.06 -4.12
N HIS O 207 -9.90 -109.78 -4.16
CA HIS O 207 -11.01 -109.47 -5.07
C HIS O 207 -12.31 -109.65 -4.31
N PRO O 208 -12.83 -108.58 -3.71
CA PRO O 208 -13.99 -108.72 -2.82
C PRO O 208 -15.23 -109.27 -3.52
N ALA O 209 -15.40 -109.01 -4.81
CA ALA O 209 -16.62 -109.44 -5.50
C ALA O 209 -16.78 -110.95 -5.49
N THR O 210 -15.67 -111.69 -5.54
CA THR O 210 -15.72 -113.15 -5.49
C THR O 210 -15.18 -113.70 -4.17
N ASN O 211 -14.90 -112.84 -3.19
CA ASN O 211 -14.29 -113.24 -1.92
C ASN O 211 -12.97 -114.00 -2.15
N THR O 212 -12.28 -113.65 -3.23
CA THR O 212 -10.99 -114.23 -3.57
C THR O 212 -9.87 -113.60 -2.75
N LYS O 213 -9.01 -114.44 -2.17
CA LYS O 213 -7.74 -114.00 -1.59
C LYS O 213 -6.66 -114.95 -2.09
N VAL O 214 -5.68 -114.41 -2.80
CA VAL O 214 -4.62 -115.20 -3.40
C VAL O 214 -3.28 -114.61 -2.98
N ASP O 215 -2.36 -115.48 -2.57
CA ASP O 215 -0.98 -115.12 -2.35
C ASP O 215 -0.10 -115.83 -3.38
N LYS O 216 0.91 -115.12 -3.84
CA LYS O 216 1.83 -115.60 -4.86
C LYS O 216 3.22 -115.13 -4.51
N THR O 217 4.17 -116.05 -4.42
CA THR O 217 5.55 -115.72 -4.11
C THR O 217 6.35 -115.78 -5.40
N VAL O 218 7.10 -114.71 -5.67
CA VAL O 218 7.80 -114.56 -6.94
C VAL O 218 9.27 -114.88 -6.73
N ALA O 219 9.77 -115.87 -7.47
CA ALA O 219 11.18 -116.21 -7.45
C ALA O 219 11.96 -115.20 -8.29
N PRO O 220 13.20 -114.88 -7.89
CA PRO O 220 13.92 -113.79 -8.60
C PRO O 220 14.14 -114.07 -10.08
N SER O 221 14.01 -115.31 -10.52
CA SER O 221 14.14 -115.66 -11.94
C SER O 221 13.20 -116.82 -12.24
N THR O 222 13.01 -117.08 -13.54
CA THR O 222 12.38 -118.32 -13.96
C THR O 222 13.42 -119.45 -13.91
N CYS O 223 13.02 -120.66 -14.32
CA CYS O 223 13.91 -121.82 -14.17
C CYS O 223 13.92 -122.73 -15.40
N ASP P 1 -31.78 -73.72 -17.71
CA ASP P 1 -30.66 -74.59 -17.42
C ASP P 1 -29.32 -73.88 -17.57
N PRO P 2 -28.56 -73.75 -16.47
CA PRO P 2 -27.19 -73.20 -16.54
C PRO P 2 -26.19 -74.28 -16.90
N VAL P 3 -25.54 -74.14 -18.04
CA VAL P 3 -24.64 -75.14 -18.59
C VAL P 3 -23.26 -74.54 -18.76
N LEU P 4 -22.28 -75.12 -18.10
CA LEU P 4 -20.93 -74.57 -18.07
C LEU P 4 -20.06 -75.31 -19.08
N THR P 5 -19.45 -74.55 -19.98
CA THR P 5 -18.46 -75.04 -20.92
C THR P 5 -17.09 -74.56 -20.48
N GLN P 6 -16.12 -75.46 -20.53
CA GLN P 6 -14.79 -75.24 -19.97
C GLN P 6 -13.77 -75.43 -21.08
N THR P 7 -12.85 -74.49 -21.20
CA THR P 7 -11.78 -74.52 -22.19
C THR P 7 -10.50 -74.02 -21.52
N PRO P 8 -9.34 -74.51 -21.96
CA PRO P 8 -9.09 -75.47 -23.04
C PRO P 8 -9.39 -76.89 -22.60
N ALA P 9 -9.40 -77.85 -23.52
CA ALA P 9 -9.64 -79.23 -23.14
C ALA P 9 -8.50 -79.75 -22.27
N SER P 10 -7.27 -79.46 -22.67
CA SER P 10 -6.11 -79.77 -21.85
C SER P 10 -5.07 -78.70 -22.11
N VAL P 11 -4.08 -78.62 -21.22
CA VAL P 11 -3.04 -77.61 -21.37
C VAL P 11 -1.75 -78.10 -20.71
N GLU P 12 -0.64 -77.92 -21.43
CA GLU P 12 0.70 -78.18 -20.92
C GLU P 12 1.26 -76.93 -20.27
N VAL P 13 1.86 -77.08 -19.10
CA VAL P 13 2.47 -75.94 -18.41
C VAL P 13 3.75 -76.35 -17.72
N PRO P 14 4.82 -75.56 -17.86
CA PRO P 14 6.09 -75.93 -17.21
C PRO P 14 6.00 -75.74 -15.70
N VAL P 15 6.88 -76.47 -15.01
CA VAL P 15 6.89 -76.41 -13.55
C VAL P 15 7.15 -74.99 -13.09
N GLY P 16 6.36 -74.55 -12.12
CA GLY P 16 6.51 -73.21 -11.61
C GLY P 16 5.89 -72.11 -12.45
N GLY P 17 5.19 -72.45 -13.54
CA GLY P 17 4.58 -71.45 -14.39
C GLY P 17 3.30 -70.90 -13.82
N THR P 18 2.42 -70.45 -14.71
CA THR P 18 1.10 -69.96 -14.32
C THR P 18 0.09 -70.41 -15.36
N VAL P 19 -1.08 -70.84 -14.90
CA VAL P 19 -2.10 -71.32 -15.81
C VAL P 19 -3.37 -70.51 -15.58
N THR P 20 -4.19 -70.43 -16.61
CA THR P 20 -5.53 -69.89 -16.49
C THR P 20 -6.50 -70.79 -17.25
N ILE P 21 -7.44 -71.38 -16.52
CA ILE P 21 -8.50 -72.18 -17.10
C ILE P 21 -9.76 -71.34 -17.16
N ASN P 22 -10.57 -71.58 -18.17
CA ASN P 22 -11.76 -70.77 -18.44
C ASN P 22 -13.00 -71.62 -18.28
N CYS P 23 -14.01 -71.08 -17.61
CA CYS P 23 -15.30 -71.73 -17.42
C CYS P 23 -16.38 -70.71 -17.69
N GLN P 24 -17.35 -71.04 -18.53
CA GLN P 24 -18.40 -70.07 -18.82
C GLN P 24 -19.77 -70.72 -18.80
N ALA P 25 -20.75 -69.95 -18.33
CA ALA P 25 -22.09 -70.44 -18.08
C ALA P 25 -23.05 -69.88 -19.12
N SER P 26 -24.01 -70.71 -19.52
CA SER P 26 -25.00 -70.30 -20.52
C SER P 26 -26.01 -69.31 -19.97
N GLN P 27 -26.11 -69.20 -18.63
CA GLN P 27 -26.91 -68.19 -17.95
C GLN P 27 -26.05 -67.53 -16.88
N SER P 28 -26.38 -66.29 -16.53
CA SER P 28 -25.73 -65.68 -15.38
C SER P 28 -25.94 -66.54 -14.15
N ILE P 29 -24.86 -66.77 -13.39
CA ILE P 29 -24.96 -67.46 -12.11
C ILE P 29 -24.34 -66.59 -11.03
N GLY P 30 -24.21 -65.30 -11.32
CA GLY P 30 -23.67 -64.38 -10.33
C GLY P 30 -22.23 -64.71 -9.98
N LYS P 31 -21.93 -64.73 -8.69
CA LYS P 31 -20.63 -65.11 -8.16
C LYS P 31 -20.55 -66.56 -7.75
N TYR P 32 -21.60 -67.35 -8.01
CA TYR P 32 -21.69 -68.72 -7.50
C TYR P 32 -21.11 -69.71 -8.50
N LEU P 33 -19.77 -69.75 -8.53
CA LEU P 33 -19.03 -70.73 -9.31
C LEU P 33 -18.01 -71.42 -8.40
N ASN P 34 -17.87 -72.73 -8.56
CA ASN P 34 -16.98 -73.53 -7.73
C ASN P 34 -15.90 -74.18 -8.59
N TRP P 35 -14.72 -74.37 -8.02
CA TRP P 35 -13.60 -74.97 -8.72
C TRP P 35 -13.12 -76.22 -7.98
N TYR P 36 -12.91 -77.31 -8.72
CA TYR P 36 -12.42 -78.55 -8.15
C TYR P 36 -11.18 -79.04 -8.87
N GLN P 37 -10.29 -79.64 -8.08
CA GLN P 37 -9.17 -80.43 -8.55
C GLN P 37 -9.46 -81.89 -8.22
N GLN P 38 -9.34 -82.76 -9.24
CA GLN P 38 -9.59 -84.20 -9.07
C GLN P 38 -8.39 -84.95 -9.57
N LYS P 39 -7.65 -85.56 -8.67
CA LYS P 39 -6.55 -86.40 -9.11
C LYS P 39 -7.06 -87.76 -9.55
N PRO P 40 -6.34 -88.45 -10.44
CA PRO P 40 -6.76 -89.77 -10.91
C PRO P 40 -6.99 -90.74 -9.76
N GLY P 41 -8.18 -91.37 -9.75
CA GLY P 41 -8.54 -92.34 -8.74
C GLY P 41 -9.01 -91.76 -7.43
N GLN P 42 -9.32 -90.47 -7.38
CA GLN P 42 -9.72 -89.83 -6.14
C GLN P 42 -11.04 -89.10 -6.31
N PRO P 43 -11.73 -88.79 -5.21
CA PRO P 43 -12.87 -87.90 -5.30
C PRO P 43 -12.39 -86.49 -5.57
N PRO P 44 -13.26 -85.62 -6.09
CA PRO P 44 -12.84 -84.23 -6.32
C PRO P 44 -12.51 -83.56 -4.99
N LYS P 45 -11.61 -82.58 -5.04
CA LYS P 45 -11.25 -81.81 -3.88
C LYS P 45 -11.63 -80.36 -4.14
N LEU P 46 -12.34 -79.74 -3.21
CA LEU P 46 -12.79 -78.38 -3.42
C LEU P 46 -11.60 -77.43 -3.31
N LEU P 47 -11.45 -76.54 -4.29
CA LEU P 47 -10.45 -75.50 -4.24
C LEU P 47 -11.05 -74.14 -3.92
N ILE P 48 -12.14 -73.77 -4.59
CA ILE P 48 -12.71 -72.42 -4.53
C ILE P 48 -14.23 -72.51 -4.50
N TYR P 49 -14.83 -71.95 -3.45
CA TYR P 49 -16.28 -71.81 -3.33
C TYR P 49 -16.65 -70.34 -3.41
N SER P 50 -17.85 -70.06 -3.93
CA SER P 50 -18.17 -68.72 -4.42
C SER P 50 -17.15 -68.37 -5.49
N SER P 51 -17.23 -67.20 -6.12
CA SER P 51 -16.36 -67.00 -7.28
C SER P 51 -14.88 -67.14 -6.91
N SER P 52 -14.52 -66.86 -5.65
CA SER P 52 -13.10 -66.68 -5.34
C SER P 52 -12.66 -67.08 -3.94
N SER P 53 -13.54 -67.58 -3.07
CA SER P 53 -13.10 -67.93 -1.73
C SER P 53 -12.31 -69.24 -1.72
N LEU P 54 -11.23 -69.28 -0.94
CA LEU P 54 -10.41 -70.48 -0.84
C LEU P 54 -11.01 -71.44 0.17
N ALA P 55 -11.10 -72.72 -0.21
CA ALA P 55 -11.47 -73.75 0.74
C ALA P 55 -10.39 -73.89 1.79
N SER P 56 -10.75 -74.49 2.92
CA SER P 56 -9.80 -74.63 4.02
C SER P 56 -8.56 -75.38 3.54
N GLY P 57 -7.39 -74.80 3.83
CA GLY P 57 -6.15 -75.48 3.54
C GLY P 57 -5.75 -75.57 2.09
N VAL P 58 -6.43 -74.86 1.21
CA VAL P 58 -5.99 -74.79 -0.17
C VAL P 58 -5.05 -73.60 -0.27
N SER P 59 -3.96 -73.74 -1.01
CA SER P 59 -3.03 -72.62 -1.06
C SER P 59 -3.59 -71.47 -1.88
N SER P 60 -3.08 -70.28 -1.59
CA SER P 60 -3.38 -69.10 -2.38
C SER P 60 -2.81 -69.19 -3.79
N ARG P 61 -2.08 -70.28 -4.10
CA ARG P 61 -1.65 -70.53 -5.46
C ARG P 61 -2.81 -70.59 -6.43
N PHE P 62 -4.01 -70.96 -5.96
CA PHE P 62 -5.20 -71.09 -6.80
C PHE P 62 -6.06 -69.85 -6.60
N LYS P 63 -6.20 -69.05 -7.65
CA LYS P 63 -6.94 -67.79 -7.59
C LYS P 63 -8.17 -67.88 -8.50
N GLY P 64 -9.33 -67.70 -7.92
CA GLY P 64 -10.58 -67.66 -8.67
C GLY P 64 -11.01 -66.23 -8.95
N SER P 65 -11.60 -66.02 -10.12
CA SER P 65 -12.16 -64.73 -10.48
C SER P 65 -13.28 -64.95 -11.48
N GLY P 66 -14.03 -63.88 -11.73
CA GLY P 66 -15.14 -63.93 -12.64
C GLY P 66 -16.50 -63.65 -12.02
N PHE P 67 -17.44 -63.25 -12.87
CA PHE P 67 -18.80 -63.00 -12.44
C PHE P 67 -19.70 -63.13 -13.64
N GLY P 68 -20.93 -63.57 -13.38
CA GLY P 68 -21.93 -63.61 -14.42
C GLY P 68 -21.87 -64.85 -15.28
N THR P 69 -21.31 -64.74 -16.48
CA THR P 69 -21.24 -65.87 -17.37
C THR P 69 -19.83 -66.37 -17.63
N GLN P 70 -18.78 -65.66 -17.24
CA GLN P 70 -17.43 -66.15 -17.47
C GLN P 70 -16.58 -66.05 -16.23
N PHE P 71 -15.83 -67.12 -15.94
CA PHE P 71 -15.02 -67.27 -14.74
C PHE P 71 -13.64 -67.79 -15.09
N THR P 72 -12.77 -67.81 -14.07
CA THR P 72 -11.36 -68.11 -14.24
C THR P 72 -10.68 -68.65 -12.99
N LEU P 73 -10.03 -69.81 -13.14
CA LEU P 73 -9.09 -70.35 -12.17
C LEU P 73 -7.67 -70.16 -12.69
N THR P 74 -6.83 -69.51 -11.89
CA THR P 74 -5.44 -69.22 -12.23
C THR P 74 -4.54 -69.93 -11.24
N ILE P 75 -3.78 -70.91 -11.73
CA ILE P 75 -2.82 -71.62 -10.91
C ILE P 75 -1.46 -70.98 -11.11
N SER P 76 -0.92 -70.44 -10.03
CA SER P 76 0.36 -69.77 -10.02
C SER P 76 1.37 -70.65 -9.32
N GLY P 77 2.65 -70.43 -9.66
CA GLY P 77 3.71 -71.22 -9.09
C GLY P 77 3.38 -72.68 -9.24
N VAL P 78 3.07 -73.09 -10.47
CA VAL P 78 2.55 -74.42 -10.78
C VAL P 78 3.46 -75.47 -10.16
N GLN P 79 2.94 -76.17 -9.18
CA GLN P 79 3.65 -77.23 -8.50
C GLN P 79 3.58 -78.49 -9.36
N CYS P 80 4.57 -79.36 -9.18
CA CYS P 80 4.63 -80.57 -9.99
C CYS P 80 3.48 -81.52 -9.65
N ALA P 81 2.99 -81.47 -8.41
CA ALA P 81 1.86 -82.28 -7.97
C ALA P 81 0.51 -81.62 -8.27
N ASP P 82 0.46 -80.65 -9.17
CA ASP P 82 -0.80 -80.02 -9.57
C ASP P 82 -1.40 -80.69 -10.79
N ALA P 83 -0.81 -81.77 -11.27
CA ALA P 83 -1.35 -82.47 -12.41
C ALA P 83 -2.64 -83.17 -12.01
N ALA P 84 -3.75 -82.72 -12.58
CA ALA P 84 -5.06 -83.32 -12.31
C ALA P 84 -6.02 -82.76 -13.34
N THR P 85 -7.28 -83.15 -13.22
CA THR P 85 -8.34 -82.54 -14.00
C THR P 85 -9.08 -81.53 -13.13
N TYR P 86 -9.35 -80.35 -13.70
CA TYR P 86 -9.97 -79.25 -12.95
C TYR P 86 -11.38 -79.01 -13.47
N TYR P 87 -12.36 -79.10 -12.57
CA TYR P 87 -13.76 -78.90 -12.94
C TYR P 87 -14.31 -77.65 -12.29
N CYS P 88 -15.19 -76.97 -13.02
CA CYS P 88 -15.96 -75.88 -12.46
C CYS P 88 -17.40 -76.31 -12.29
N GLN P 89 -18.05 -75.76 -11.28
CA GLN P 89 -19.42 -76.13 -10.97
C GLN P 89 -20.20 -74.90 -10.54
N GLN P 90 -21.39 -74.77 -11.08
CA GLN P 90 -22.28 -73.71 -10.64
C GLN P 90 -22.74 -74.03 -9.23
N GLY P 91 -22.73 -73.03 -8.34
CA GLY P 91 -23.18 -73.23 -6.97
C GLY P 91 -24.46 -72.49 -6.65
N TYR P 92 -25.30 -72.28 -7.65
CA TYR P 92 -26.47 -71.43 -7.44
C TYR P 92 -27.72 -72.21 -7.06
N SER P 93 -28.15 -73.17 -7.88
CA SER P 93 -29.38 -73.87 -7.53
C SER P 93 -29.31 -75.32 -7.99
N TYR P 94 -30.32 -76.08 -7.57
CA TYR P 94 -30.51 -77.47 -7.98
C TYR P 94 -31.80 -77.68 -8.77
N VAL P 95 -32.44 -76.61 -9.25
CA VAL P 95 -33.75 -76.70 -9.88
C VAL P 95 -33.59 -76.61 -11.40
N ASP P 96 -34.32 -77.49 -12.11
CA ASP P 96 -34.27 -77.58 -13.58
C ASP P 96 -32.83 -77.64 -14.09
N LEU P 97 -32.05 -78.52 -13.49
CA LEU P 97 -30.65 -78.73 -13.85
C LEU P 97 -30.51 -79.95 -14.75
N GLU P 98 -29.58 -79.87 -15.70
CA GLU P 98 -29.11 -81.08 -16.34
C GLU P 98 -27.83 -81.60 -15.71
N ASN P 99 -26.85 -80.72 -15.53
CA ASN P 99 -25.57 -81.09 -14.94
C ASN P 99 -24.89 -79.79 -14.49
N GLY P 100 -24.58 -79.70 -13.19
CA GLY P 100 -23.99 -78.49 -12.66
C GLY P 100 -22.50 -78.31 -12.94
N PHE P 101 -21.81 -79.34 -13.41
CA PHE P 101 -20.36 -79.30 -13.54
C PHE P 101 -19.96 -78.97 -14.96
N GLY P 102 -18.73 -78.50 -15.11
CA GLY P 102 -18.19 -78.23 -16.42
C GLY P 102 -17.54 -79.45 -17.03
N GLY P 103 -17.11 -79.30 -18.29
CA GLY P 103 -16.50 -80.40 -19.01
C GLY P 103 -15.15 -80.83 -18.47
N GLY P 104 -14.48 -79.95 -17.75
CA GLY P 104 -13.19 -80.26 -17.17
C GLY P 104 -12.04 -79.95 -18.09
N THR P 105 -10.91 -79.58 -17.47
CA THR P 105 -9.66 -79.30 -18.14
C THR P 105 -8.57 -80.08 -17.44
N GLU P 106 -7.70 -80.71 -18.22
CA GLU P 106 -6.61 -81.52 -17.69
C GLU P 106 -5.32 -80.72 -17.72
N LEU P 107 -4.58 -80.74 -16.62
CA LEU P 107 -3.23 -80.19 -16.58
C LEU P 107 -2.18 -81.24 -16.90
N GLU P 108 -1.37 -80.96 -17.91
CA GLU P 108 -0.16 -81.70 -18.21
C GLU P 108 0.98 -80.83 -17.71
N ILE P 109 1.80 -81.36 -16.81
CA ILE P 109 2.90 -80.57 -16.23
C ILE P 109 4.21 -81.01 -16.87
N LEU P 110 5.01 -80.03 -17.31
CA LEU P 110 6.26 -80.28 -18.05
C LEU P 110 7.42 -80.19 -17.06
N GLY P 111 7.79 -81.35 -16.50
CA GLY P 111 8.92 -81.45 -15.60
C GLY P 111 10.23 -81.68 -16.32
N ASP P 112 11.28 -81.91 -15.54
CA ASP P 112 12.59 -82.10 -16.12
C ASP P 112 12.63 -83.41 -16.92
N PRO P 113 13.26 -83.41 -18.09
CA PRO P 113 13.22 -84.60 -18.94
C PRO P 113 14.05 -85.73 -18.35
N VAL P 114 13.47 -86.94 -18.34
CA VAL P 114 14.16 -88.14 -17.86
C VAL P 114 13.88 -89.27 -18.83
N ALA P 115 14.93 -90.03 -19.16
CA ALA P 115 14.81 -91.15 -20.08
C ALA P 115 14.35 -92.43 -19.37
N PRO P 116 13.61 -93.29 -20.07
CA PRO P 116 13.05 -94.48 -19.42
C PRO P 116 14.03 -95.64 -19.38
N THR P 117 13.90 -96.44 -18.32
CA THR P 117 14.53 -97.76 -18.22
C THR P 117 13.47 -98.81 -18.53
N VAL P 118 13.73 -99.63 -19.55
CA VAL P 118 12.75 -100.60 -20.05
C VAL P 118 13.06 -101.97 -19.47
N LEU P 119 12.01 -102.67 -19.03
CA LEU P 119 12.10 -104.02 -18.54
C LEU P 119 11.08 -104.87 -19.28
N ILE P 120 11.41 -106.14 -19.47
CA ILE P 120 10.54 -107.09 -20.16
C ILE P 120 10.36 -108.33 -19.29
N PHE P 121 9.14 -108.86 -19.28
CA PHE P 121 8.79 -110.00 -18.44
C PHE P 121 8.11 -111.09 -19.26
N PRO P 122 8.80 -112.21 -19.53
CA PRO P 122 8.19 -113.30 -20.30
C PRO P 122 7.03 -113.91 -19.54
N PRO P 123 6.13 -114.62 -20.22
CA PRO P 123 5.00 -115.24 -19.52
C PRO P 123 5.50 -116.33 -18.58
N ALA P 124 4.86 -116.40 -17.40
CA ALA P 124 5.15 -117.47 -16.46
C ALA P 124 4.92 -118.83 -17.09
N ALA P 125 5.59 -119.85 -16.55
CA ALA P 125 5.52 -121.18 -17.14
C ALA P 125 4.09 -121.71 -17.16
N ASP P 126 3.32 -121.41 -16.11
CA ASP P 126 1.94 -121.88 -16.02
C ASP P 126 0.97 -121.03 -16.84
N GLN P 127 1.45 -119.92 -17.39
CA GLN P 127 0.59 -119.07 -18.20
C GLN P 127 0.38 -119.64 -19.61
N VAL P 128 1.33 -120.44 -20.10
CA VAL P 128 1.20 -120.99 -21.45
C VAL P 128 0.07 -122.02 -21.51
N ALA P 129 -0.18 -122.74 -20.41
CA ALA P 129 -1.17 -123.81 -20.42
C ALA P 129 -2.61 -123.31 -20.58
N THR P 130 -2.86 -122.02 -20.36
CA THR P 130 -4.22 -121.49 -20.44
C THR P 130 -4.69 -121.23 -21.87
N GLY P 131 -3.80 -121.28 -22.84
CA GLY P 131 -4.16 -121.03 -24.22
C GLY P 131 -4.00 -119.60 -24.65
N THR P 132 -3.71 -118.70 -23.71
CA THR P 132 -3.47 -117.28 -24.00
C THR P 132 -2.38 -116.77 -23.06
N VAL P 133 -1.34 -116.19 -23.66
CA VAL P 133 -0.20 -115.67 -22.92
C VAL P 133 -0.25 -114.15 -22.94
N THR P 134 0.43 -113.54 -21.96
CA THR P 134 0.56 -112.09 -21.87
C THR P 134 1.97 -111.76 -21.44
N ILE P 135 2.67 -111.01 -22.29
CA ILE P 135 4.05 -110.57 -22.05
C ILE P 135 4.01 -109.11 -21.61
N VAL P 136 4.59 -108.82 -20.45
CA VAL P 136 4.54 -107.51 -19.82
C VAL P 136 5.85 -106.75 -20.04
N CYS P 137 5.73 -105.50 -20.46
CA CYS P 137 6.85 -104.60 -20.64
C CYS P 137 6.61 -103.33 -19.82
N VAL P 138 7.63 -102.89 -19.07
CA VAL P 138 7.51 -101.78 -18.16
C VAL P 138 8.66 -100.81 -18.41
N ALA P 139 8.34 -99.52 -18.52
CA ALA P 139 9.34 -98.46 -18.63
C ALA P 139 9.18 -97.55 -17.42
N ASN P 140 10.28 -97.29 -16.70
CA ASN P 140 10.20 -96.65 -15.40
C ASN P 140 10.73 -95.22 -15.43
N LYS P 141 10.06 -94.35 -14.66
CA LYS P 141 10.55 -93.03 -14.26
C LYS P 141 11.02 -92.21 -15.46
N TYR P 142 10.04 -91.84 -16.30
CA TYR P 142 10.36 -91.18 -17.56
C TYR P 142 9.48 -89.95 -17.75
N PHE P 143 9.98 -89.03 -18.58
CA PHE P 143 9.25 -87.87 -19.09
C PHE P 143 10.00 -87.27 -20.27
N PRO P 144 9.32 -86.84 -21.33
CA PRO P 144 7.87 -86.85 -21.52
C PRO P 144 7.34 -88.21 -21.94
N ASP P 145 6.09 -88.24 -22.38
CA ASP P 145 5.44 -89.49 -22.78
C ASP P 145 6.23 -90.21 -23.87
N VAL P 146 5.99 -91.51 -23.97
CA VAL P 146 6.66 -92.37 -24.94
C VAL P 146 5.61 -93.13 -25.73
N THR P 147 6.06 -93.70 -26.85
CA THR P 147 5.28 -94.61 -27.68
C THR P 147 5.96 -95.98 -27.72
N VAL P 148 5.16 -97.04 -27.58
CA VAL P 148 5.66 -98.40 -27.46
C VAL P 148 5.26 -99.18 -28.71
N THR P 149 6.20 -99.91 -29.27
CA THR P 149 5.94 -100.82 -30.38
C THR P 149 6.44 -102.21 -30.02
N TRP P 150 5.64 -103.22 -30.35
CA TRP P 150 5.98 -104.61 -30.06
C TRP P 150 6.42 -105.30 -31.34
N GLU P 151 7.47 -106.10 -31.24
CA GLU P 151 7.96 -106.86 -32.39
C GLU P 151 8.05 -108.35 -32.07
N VAL P 152 7.54 -109.17 -32.98
CA VAL P 152 7.60 -110.62 -32.86
C VAL P 152 8.42 -111.15 -34.04
N ASP P 153 9.60 -111.68 -33.74
CA ASP P 153 10.58 -112.03 -34.77
C ASP P 153 10.90 -110.83 -35.66
N GLY P 154 11.14 -109.68 -35.01
CA GLY P 154 11.43 -108.44 -35.71
C GLY P 154 10.29 -107.84 -36.50
N THR P 155 9.10 -108.44 -36.48
CA THR P 155 7.95 -107.97 -37.23
C THR P 155 7.01 -107.24 -36.28
N THR P 156 6.78 -105.95 -36.55
CA THR P 156 6.04 -105.12 -35.60
C THR P 156 4.59 -105.61 -35.47
N GLN P 157 4.14 -105.75 -34.22
CA GLN P 157 2.80 -106.21 -33.91
C GLN P 157 1.78 -105.10 -34.18
N THR P 158 0.77 -105.41 -34.97
CA THR P 158 -0.29 -104.46 -35.32
C THR P 158 -1.46 -104.47 -34.35
N THR P 159 -1.73 -105.57 -33.65
CA THR P 159 -2.88 -105.71 -32.78
C THR P 159 -2.49 -106.46 -31.52
N GLY P 160 -3.40 -106.45 -30.55
CA GLY P 160 -3.23 -107.17 -29.31
C GLY P 160 -2.42 -106.45 -28.24
N ILE P 161 -1.98 -105.21 -28.50
CA ILE P 161 -1.18 -104.45 -27.55
C ILE P 161 -2.11 -103.64 -26.66
N GLU P 162 -1.72 -103.49 -25.39
CA GLU P 162 -2.58 -102.86 -24.39
C GLU P 162 -1.72 -102.12 -23.37
N ASN P 163 -1.92 -100.81 -23.25
CA ASN P 163 -1.04 -99.93 -22.49
C ASN P 163 -1.74 -99.30 -21.29
N SER P 164 -0.99 -99.14 -20.21
CA SER P 164 -1.45 -98.55 -18.97
C SER P 164 -0.34 -97.66 -18.43
N LYS P 165 -0.71 -96.47 -17.97
CA LYS P 165 0.25 -95.46 -17.53
C LYS P 165 -0.17 -94.88 -16.19
N THR P 166 0.76 -94.82 -15.24
CA THR P 166 0.46 -94.22 -13.95
C THR P 166 0.41 -92.70 -14.10
N PRO P 167 -0.34 -92.02 -13.23
CA PRO P 167 -0.37 -90.54 -13.24
C PRO P 167 1.00 -89.95 -12.94
N GLN P 168 1.15 -88.66 -13.22
CA GLN P 168 2.45 -88.01 -13.02
C GLN P 168 2.83 -88.04 -11.55
N ASN P 169 4.11 -88.30 -11.28
CA ASN P 169 4.55 -88.40 -9.91
C ASN P 169 4.59 -87.02 -9.26
N SER P 170 3.97 -86.93 -8.07
CA SER P 170 3.82 -85.65 -7.38
C SER P 170 5.15 -84.99 -7.07
N ALA P 171 6.24 -85.75 -7.06
CA ALA P 171 7.53 -85.15 -6.74
C ALA P 171 8.33 -84.75 -7.98
N ASP P 172 8.36 -85.59 -9.02
CA ASP P 172 9.27 -85.34 -10.14
C ASP P 172 8.59 -85.32 -11.50
N CYS P 173 7.26 -85.39 -11.55
CA CYS P 173 6.46 -85.25 -12.77
C CYS P 173 6.66 -86.39 -13.77
N THR P 174 7.16 -87.55 -13.34
CA THR P 174 7.52 -88.62 -14.27
C THR P 174 6.46 -89.72 -14.30
N TYR P 175 6.38 -90.39 -15.44
CA TYR P 175 5.41 -91.44 -15.70
C TYR P 175 6.00 -92.83 -15.47
N ASN P 176 5.10 -93.81 -15.45
CA ASN P 176 5.44 -95.22 -15.44
C ASN P 176 4.45 -95.90 -16.36
N LEU P 177 4.91 -96.73 -17.27
CA LEU P 177 4.00 -97.33 -18.24
C LEU P 177 4.20 -98.83 -18.29
N SER P 178 3.08 -99.57 -18.36
CA SER P 178 3.10 -101.01 -18.55
C SER P 178 2.33 -101.33 -19.83
N SER P 179 3.00 -101.99 -20.76
CA SER P 179 2.40 -102.38 -22.03
C SER P 179 2.40 -103.90 -22.11
N THR P 180 1.23 -104.50 -22.39
CA THR P 180 1.11 -105.94 -22.41
C THR P 180 0.73 -106.40 -23.82
N LEU P 181 1.47 -107.37 -24.34
CA LEU P 181 1.17 -108.00 -25.62
C LEU P 181 0.50 -109.34 -25.35
N THR P 182 -0.71 -109.51 -25.87
CA THR P 182 -1.49 -110.72 -25.68
C THR P 182 -1.59 -111.49 -26.98
N LEU P 183 -1.27 -112.79 -26.92
CA LEU P 183 -1.28 -113.68 -28.08
C LEU P 183 -1.86 -115.02 -27.65
N THR P 184 -2.29 -115.79 -28.65
CA THR P 184 -2.65 -117.18 -28.40
C THR P 184 -1.39 -118.00 -28.16
N SER P 185 -1.55 -119.09 -27.42
CA SER P 185 -0.40 -119.96 -27.14
C SER P 185 0.20 -120.53 -28.43
N THR P 186 -0.62 -120.77 -29.45
CA THR P 186 -0.07 -121.22 -30.72
C THR P 186 0.76 -120.13 -31.38
N GLN P 187 0.29 -118.88 -31.34
CA GLN P 187 1.08 -117.77 -31.85
C GLN P 187 2.39 -117.62 -31.06
N TYR P 188 2.32 -117.77 -29.74
CA TYR P 188 3.51 -117.62 -28.91
C TYR P 188 4.55 -118.69 -29.21
N ASN P 189 4.13 -119.94 -29.34
CA ASN P 189 5.06 -121.05 -29.52
C ASN P 189 5.46 -121.29 -30.97
N SER P 190 5.06 -120.43 -31.89
CA SER P 190 5.51 -120.56 -33.28
C SER P 190 6.48 -119.46 -33.67
N HIS P 191 6.81 -118.56 -32.74
CA HIS P 191 7.78 -117.49 -32.96
C HIS P 191 8.78 -117.49 -31.80
N LYS P 192 9.92 -116.85 -32.01
CA LYS P 192 11.07 -117.09 -31.13
C LYS P 192 11.53 -115.86 -30.36
N GLU P 193 11.66 -114.69 -31.00
CA GLU P 193 12.15 -113.49 -30.35
C GLU P 193 11.02 -112.50 -30.15
N TYR P 194 10.92 -111.94 -28.94
CA TYR P 194 9.93 -110.92 -28.62
C TYR P 194 10.65 -109.66 -28.15
N THR P 195 10.23 -108.52 -28.69
CA THR P 195 10.95 -107.27 -28.50
C THR P 195 9.98 -106.18 -28.06
N CYS P 196 10.35 -105.45 -27.02
CA CYS P 196 9.63 -104.28 -26.57
C CYS P 196 10.46 -103.04 -26.87
N LYS P 197 9.90 -102.10 -27.62
CA LYS P 197 10.62 -100.93 -28.11
C LYS P 197 9.92 -99.67 -27.59
N VAL P 198 10.54 -98.99 -26.64
CA VAL P 198 10.01 -97.76 -26.07
C VAL P 198 10.80 -96.60 -26.65
N THR P 199 10.10 -95.65 -27.28
CA THR P 199 10.73 -94.53 -27.97
C THR P 199 10.33 -93.22 -27.30
N GLN P 200 11.33 -92.41 -26.96
CA GLN P 200 11.10 -91.07 -26.41
C GLN P 200 11.54 -90.05 -27.46
N GLY P 201 10.62 -89.73 -28.38
CA GLY P 201 10.94 -88.86 -29.49
C GLY P 201 11.80 -89.54 -30.54
N THR P 202 13.10 -89.62 -30.30
CA THR P 202 14.00 -90.31 -31.22
C THR P 202 14.86 -91.31 -30.46
N THR P 203 15.15 -91.02 -29.20
CA THR P 203 15.86 -91.99 -28.36
C THR P 203 14.95 -93.21 -28.12
N SER P 204 15.50 -94.40 -28.34
CA SER P 204 14.77 -95.64 -28.15
C SER P 204 15.54 -96.55 -27.20
N VAL P 205 14.80 -97.19 -26.29
CA VAL P 205 15.35 -98.18 -25.36
C VAL P 205 14.62 -99.49 -25.65
N VAL P 206 15.38 -100.59 -25.74
CA VAL P 206 14.83 -101.87 -26.17
C VAL P 206 15.17 -102.94 -25.16
N GLN P 207 14.28 -103.93 -25.06
CA GLN P 207 14.49 -105.08 -24.21
C GLN P 207 13.85 -106.28 -24.87
N SER P 208 14.61 -107.35 -25.01
CA SER P 208 14.18 -108.53 -25.75
C SER P 208 14.43 -109.78 -24.93
N PHE P 209 13.71 -110.83 -25.32
CA PHE P 209 13.91 -112.17 -24.78
C PHE P 209 13.55 -113.16 -25.87
N ASN P 210 14.02 -114.40 -25.69
CA ASN P 210 13.72 -115.50 -26.58
C ASN P 210 12.93 -116.56 -25.84
N ARG P 211 11.96 -117.16 -26.55
CA ARG P 211 11.03 -118.11 -25.94
C ARG P 211 11.77 -119.25 -25.26
N GLY P 212 12.81 -119.79 -25.92
CA GLY P 212 13.59 -120.90 -25.40
C GLY P 212 14.67 -120.51 -24.43
N ASP P 213 14.97 -119.21 -24.33
CA ASP P 213 15.95 -118.73 -23.36
C ASP P 213 15.48 -118.92 -21.92
N CYS P 214 14.18 -119.01 -21.70
CA CYS P 214 13.63 -119.09 -20.35
C CYS P 214 13.74 -120.47 -19.74
N SER Q 2 -1.26 -10.85 58.68
CA SER Q 2 -1.81 -12.07 58.13
C SER Q 2 -3.08 -12.43 58.87
N VAL Q 3 -4.03 -13.00 58.13
CA VAL Q 3 -5.31 -13.41 58.69
C VAL Q 3 -5.67 -14.77 58.12
N GLU Q 4 -6.13 -15.70 58.99
CA GLU Q 4 -6.53 -17.03 58.54
C GLU Q 4 -7.71 -17.57 59.32
N GLU Q 5 -8.73 -18.02 58.58
CA GLU Q 5 -9.92 -18.66 59.11
C GLU Q 5 -9.70 -20.16 59.25
N SER Q 6 -10.41 -20.77 60.20
CA SER Q 6 -10.31 -22.21 60.43
C SER Q 6 -11.64 -22.72 60.98
N GLY Q 7 -11.85 -24.01 60.85
CA GLY Q 7 -13.02 -24.63 61.46
C GLY Q 7 -14.18 -24.87 60.53
N GLY Q 8 -14.07 -24.49 59.26
CA GLY Q 8 -15.09 -24.83 58.30
C GLY Q 8 -15.09 -26.32 58.06
N ASP Q 9 -16.28 -26.90 57.98
CA ASP Q 9 -16.43 -28.35 57.90
C ASP Q 9 -17.77 -28.67 57.27
N LEU Q 10 -18.10 -29.95 57.24
CA LEU Q 10 -19.42 -30.42 56.90
C LEU Q 10 -20.27 -30.41 58.17
N VAL Q 11 -21.51 -29.95 58.06
CA VAL Q 11 -22.42 -29.90 59.20
C VAL Q 11 -23.81 -30.29 58.74
N LYS Q 12 -24.53 -30.94 59.65
CA LYS Q 12 -25.93 -31.27 59.40
C LYS Q 12 -26.75 -29.99 59.36
N PRO Q 13 -27.82 -29.94 58.57
CA PRO Q 13 -28.70 -28.78 58.62
C PRO Q 13 -29.27 -28.62 60.02
N GLY Q 14 -29.51 -27.35 60.39
CA GLY Q 14 -29.96 -27.02 61.72
C GLY Q 14 -28.88 -27.05 62.79
N ALA Q 15 -27.74 -27.70 62.52
CA ALA Q 15 -26.67 -27.72 63.50
C ALA Q 15 -26.04 -26.33 63.59
N SER Q 16 -25.00 -26.22 64.40
CA SER Q 16 -24.30 -24.97 64.58
C SER Q 16 -22.79 -25.22 64.52
N LEU Q 17 -22.06 -24.18 64.14
CA LEU Q 17 -20.62 -24.32 63.91
C LEU Q 17 -19.91 -23.01 64.20
N THR Q 18 -18.69 -23.12 64.72
CA THR Q 18 -17.89 -21.96 65.11
C THR Q 18 -16.61 -21.91 64.31
N LEU Q 19 -16.44 -20.84 63.54
CA LEU Q 19 -15.23 -20.55 62.79
C LEU Q 19 -14.35 -19.63 63.61
N THR Q 20 -13.06 -19.64 63.30
CA THR Q 20 -12.11 -18.82 64.03
C THR Q 20 -11.20 -18.11 63.06
N CYS Q 21 -11.10 -16.79 63.23
CA CYS Q 21 -10.14 -15.97 62.51
C CYS Q 21 -8.99 -15.68 63.45
N THR Q 22 -7.77 -15.95 62.98
CA THR Q 22 -6.56 -15.83 63.78
C THR Q 22 -5.61 -14.82 63.15
N ALA Q 23 -5.02 -13.98 63.99
CA ALA Q 23 -4.19 -12.87 63.53
C ALA Q 23 -2.73 -13.29 63.59
N SER Q 24 -1.90 -12.65 62.78
CA SER Q 24 -0.48 -12.98 62.77
C SER Q 24 0.31 -11.73 62.44
N GLY Q 25 1.16 -11.30 63.37
CA GLY Q 25 2.01 -10.15 63.14
C GLY Q 25 1.27 -8.88 62.76
N PHE Q 26 0.57 -8.29 63.71
CA PHE Q 26 -0.32 -7.17 63.43
C PHE Q 26 0.25 -5.82 63.84
N THR Q 27 1.48 -5.79 64.37
CA THR Q 27 2.10 -4.54 64.87
C THR Q 27 1.21 -3.89 65.94
N ILE Q 28 0.45 -4.75 66.64
CA ILE Q 28 -0.45 -4.47 67.78
C ILE Q 28 -1.23 -3.17 67.63
N SER Q 29 -1.73 -2.90 66.42
CA SER Q 29 -2.69 -1.82 66.25
C SER Q 29 -4.02 -2.31 66.87
N SER Q 30 -4.64 -1.48 67.72
CA SER Q 30 -5.91 -1.87 68.35
C SER Q 30 -7.16 -1.15 67.84
N ASP Q 31 -7.03 -0.10 67.03
CA ASP Q 31 -8.19 0.67 66.57
C ASP Q 31 -8.61 0.20 65.18
N TYR Q 32 -9.27 -0.97 65.13
CA TYR Q 32 -9.78 -1.46 63.85
C TYR Q 32 -10.92 -2.44 64.09
N TYR Q 33 -11.60 -2.81 63.00
CA TYR Q 33 -12.68 -3.77 63.05
C TYR Q 33 -12.25 -5.04 62.35
N MET Q 34 -12.65 -6.18 62.89
CA MET Q 34 -12.41 -7.49 62.30
C MET Q 34 -13.76 -8.00 61.80
N CYS Q 35 -13.82 -8.44 60.55
CA CYS Q 35 -15.12 -8.69 59.93
C CYS Q 35 -15.13 -10.03 59.22
N TRP Q 36 -16.35 -10.53 58.97
CA TRP Q 36 -16.56 -11.79 58.28
C TRP Q 36 -17.38 -11.56 57.02
N VAL Q 37 -16.90 -12.11 55.90
CA VAL Q 37 -17.58 -12.04 54.61
C VAL Q 37 -17.70 -13.45 54.06
N ARG Q 38 -18.90 -13.80 53.61
CA ARG Q 38 -19.16 -15.12 53.05
C ARG Q 38 -19.49 -15.02 51.56
N GLN Q 39 -19.14 -16.07 50.82
CA GLN Q 39 -19.35 -16.12 49.37
C GLN Q 39 -19.80 -17.51 48.99
N ALA Q 40 -21.09 -17.67 48.65
CA ALA Q 40 -21.62 -18.96 48.23
C ALA Q 40 -21.14 -19.31 46.82
N PRO Q 41 -21.15 -20.59 46.45
CA PRO Q 41 -20.55 -20.99 45.17
C PRO Q 41 -21.13 -20.20 44.00
N GLY Q 42 -20.24 -19.56 43.25
CA GLY Q 42 -20.61 -18.83 42.06
C GLY Q 42 -21.46 -17.60 42.28
N LYS Q 43 -21.50 -17.09 43.51
CA LYS Q 43 -22.29 -15.91 43.80
C LYS Q 43 -21.40 -14.89 44.49
N GLY Q 44 -21.96 -13.71 44.70
CA GLY Q 44 -21.20 -12.53 45.10
C GLY Q 44 -20.70 -12.56 46.55
N LEU Q 45 -19.98 -11.50 46.90
CA LEU Q 45 -19.53 -11.30 48.27
C LEU Q 45 -20.71 -10.83 49.11
N GLU Q 46 -20.81 -11.37 50.32
CA GLU Q 46 -21.95 -11.12 51.22
C GLU Q 46 -21.37 -10.75 52.59
N TRP Q 47 -21.56 -9.51 53.01
CA TRP Q 47 -21.06 -9.07 54.31
C TRP Q 47 -21.86 -9.70 55.45
N ILE Q 48 -21.16 -10.07 56.52
CA ILE Q 48 -21.75 -10.74 57.68
C ILE Q 48 -21.75 -9.83 58.91
N GLY Q 49 -20.57 -9.42 59.37
CA GLY Q 49 -20.52 -8.59 60.56
C GLY Q 49 -19.11 -8.10 60.82
N CYS Q 50 -19.03 -7.17 61.78
CA CYS Q 50 -17.76 -6.62 62.22
C CYS Q 50 -17.76 -6.45 63.73
N ILE Q 51 -16.58 -6.55 64.32
CA ILE Q 51 -16.40 -6.35 65.75
C ILE Q 51 -15.19 -5.44 65.96
N TYR Q 52 -15.34 -4.48 66.86
CA TYR Q 52 -14.28 -3.51 67.13
C TYR Q 52 -13.23 -4.12 68.04
N ILE Q 53 -12.02 -4.25 67.52
CA ILE Q 53 -10.88 -4.84 68.24
C ILE Q 53 -10.24 -3.82 69.18
N GLY Q 54 -10.83 -2.64 69.29
CA GLY Q 54 -10.41 -1.62 70.26
C GLY Q 54 -11.08 -1.79 71.61
N SER Q 55 -11.42 -0.67 72.25
CA SER Q 55 -12.11 -0.67 73.55
C SER Q 55 -13.60 -0.84 73.36
N GLY Q 56 -14.22 -1.67 74.21
CA GLY Q 56 -15.64 -1.91 74.15
C GLY Q 56 -16.05 -3.06 73.26
N THR Q 57 -17.14 -3.75 73.59
CA THR Q 57 -17.60 -4.87 72.80
C THR Q 57 -18.65 -4.39 71.79
N ASP Q 58 -18.18 -3.55 70.88
CA ASP Q 58 -19.04 -3.00 69.83
C ASP Q 58 -19.04 -3.98 68.66
N THR Q 59 -20.21 -4.54 68.38
CA THR Q 59 -20.38 -5.48 67.29
C THR Q 59 -21.46 -5.00 66.34
N TYR Q 60 -21.26 -5.26 65.05
CA TYR Q 60 -22.17 -4.85 64.00
C TYR Q 60 -22.43 -6.02 63.07
N TYR Q 61 -23.69 -6.34 62.83
CA TYR Q 61 -24.08 -7.49 62.02
C TYR Q 61 -24.94 -7.03 60.86
N ALA Q 62 -24.95 -7.82 59.80
CA ALA Q 62 -25.83 -7.54 58.67
C ALA Q 62 -27.27 -7.80 59.07
N SER Q 63 -28.19 -7.14 58.36
CA SER Q 63 -29.61 -7.20 58.71
C SER Q 63 -30.13 -8.62 58.64
N TRP Q 64 -29.71 -9.37 57.62
CA TRP Q 64 -30.23 -10.71 57.39
C TRP Q 64 -29.69 -11.73 58.40
N ALA Q 65 -28.62 -11.41 59.11
CA ALA Q 65 -28.09 -12.36 60.11
C ALA Q 65 -29.16 -12.74 61.11
N LYS Q 66 -29.98 -11.78 61.52
CA LYS Q 66 -31.15 -12.03 62.36
C LYS Q 66 -30.76 -12.87 63.57
N GLY Q 67 -29.55 -12.63 64.09
CA GLY Q 67 -29.12 -13.19 65.35
C GLY Q 67 -28.62 -14.61 65.30
N ARG Q 68 -28.59 -15.24 64.12
CA ARG Q 68 -27.97 -16.55 64.01
C ARG Q 68 -26.47 -16.48 64.16
N PHE Q 69 -25.86 -15.35 63.80
CA PHE Q 69 -24.41 -15.18 63.77
C PHE Q 69 -23.95 -14.34 64.96
N THR Q 70 -22.91 -14.80 65.64
CA THR Q 70 -22.34 -14.11 66.80
C THR Q 70 -20.84 -13.97 66.59
N ILE Q 71 -20.37 -12.74 66.58
CA ILE Q 71 -18.94 -12.48 66.45
C ILE Q 71 -18.41 -12.07 67.81
N SER Q 72 -17.30 -12.67 68.21
CA SER Q 72 -16.72 -12.42 69.51
C SER Q 72 -15.21 -12.36 69.37
N LYS Q 73 -14.59 -11.51 70.17
CA LYS Q 73 -13.14 -11.49 70.33
C LYS Q 73 -12.80 -12.49 71.42
N THR Q 74 -11.93 -13.46 71.14
CA THR Q 74 -11.61 -14.46 72.15
C THR Q 74 -10.19 -14.31 72.68
N SER Q 75 -9.27 -13.75 71.91
CA SER Q 75 -7.93 -13.44 72.40
C SER Q 75 -7.42 -12.18 71.71
N SER Q 76 -6.21 -11.75 72.10
CA SER Q 76 -5.54 -10.70 71.34
C SER Q 76 -5.29 -11.11 69.89
N THR Q 77 -5.38 -12.41 69.58
CA THR Q 77 -5.09 -12.90 68.24
C THR Q 77 -6.23 -13.69 67.62
N THR Q 78 -7.38 -13.78 68.27
CA THR Q 78 -8.47 -14.60 67.74
C THR Q 78 -9.81 -13.89 67.85
N VAL Q 79 -10.64 -14.01 66.81
CA VAL Q 79 -12.06 -13.66 66.86
C VAL Q 79 -12.82 -14.82 66.24
N THR Q 80 -14.06 -15.04 66.69
CA THR Q 80 -14.84 -16.21 66.28
C THR Q 80 -16.20 -15.83 65.74
N LEU Q 81 -16.55 -16.38 64.57
CA LEU Q 81 -17.91 -16.30 64.04
C LEU Q 81 -18.63 -17.57 64.41
N GLN Q 82 -19.69 -17.44 65.18
CA GLN Q 82 -20.39 -18.58 65.73
C GLN Q 82 -21.79 -18.62 65.11
N MET Q 83 -22.06 -19.65 64.30
CA MET Q 83 -23.24 -19.73 63.45
C MET Q 83 -24.17 -20.80 63.97
N THR Q 84 -25.47 -20.50 63.99
CA THR Q 84 -26.49 -21.40 64.50
C THR Q 84 -27.60 -21.60 63.47
N SER Q 85 -28.30 -22.73 63.59
CA SER Q 85 -29.43 -23.05 62.72
C SER Q 85 -29.02 -22.98 61.25
N LEU Q 86 -27.92 -23.66 60.94
CA LEU Q 86 -27.35 -23.65 59.59
C LEU Q 86 -28.26 -24.42 58.64
N THR Q 87 -28.35 -23.94 57.40
CA THR Q 87 -29.11 -24.58 56.34
C THR Q 87 -28.25 -24.65 55.07
N ALA Q 88 -28.80 -25.28 54.04
CA ALA Q 88 -28.12 -25.32 52.75
C ALA Q 88 -27.83 -23.92 52.20
N ALA Q 89 -28.70 -22.95 52.48
CA ALA Q 89 -28.47 -21.60 51.99
C ALA Q 89 -27.26 -20.94 52.66
N ASP Q 90 -26.69 -21.56 53.70
CA ASP Q 90 -25.47 -21.07 54.33
C ASP Q 90 -24.21 -21.75 53.79
N THR Q 91 -24.34 -22.76 52.92
CA THR Q 91 -23.15 -23.35 52.31
C THR Q 91 -22.39 -22.28 51.54
N ALA Q 92 -21.19 -21.95 52.01
CA ALA Q 92 -20.43 -20.84 51.44
C ALA Q 92 -18.99 -20.91 51.92
N THR Q 93 -18.12 -20.16 51.25
CA THR Q 93 -16.79 -19.88 51.77
C THR Q 93 -16.90 -18.74 52.77
N TYR Q 94 -16.16 -18.83 53.86
CA TYR Q 94 -16.25 -17.80 54.90
C TYR Q 94 -14.89 -17.13 55.06
N PHE Q 95 -14.82 -15.85 54.65
CA PHE Q 95 -13.62 -15.05 54.73
C PHE Q 95 -13.58 -14.19 55.98
N CYS Q 96 -12.36 -13.89 56.40
CA CYS Q 96 -12.06 -12.97 57.48
C CYS Q 96 -11.20 -11.83 56.96
N ALA Q 97 -11.57 -10.58 57.27
CA ALA Q 97 -10.85 -9.40 56.81
C ALA Q 97 -10.78 -8.37 57.93
N ARG Q 98 -9.96 -7.34 57.74
CA ARG Q 98 -9.71 -6.32 58.76
C ARG Q 98 -9.57 -4.93 58.12
N ASP Q 99 -9.90 -3.89 58.89
CA ASP Q 99 -9.74 -2.49 58.50
C ASP Q 99 -8.49 -1.91 59.10
N LYS Q 100 -8.19 -0.68 58.68
CA LYS Q 100 -7.23 0.14 59.39
C LYS Q 100 -7.93 1.12 60.31
N GLY Q 101 -9.21 0.87 60.59
CA GLY Q 101 -10.00 1.75 61.44
C GLY Q 101 -10.75 2.78 60.62
N TRP Q 102 -11.55 3.61 61.30
CA TRP Q 102 -12.17 4.71 60.59
C TRP Q 102 -11.19 5.85 60.38
N SER Q 103 -11.25 6.43 59.19
CA SER Q 103 -10.43 7.56 58.77
C SER Q 103 -11.34 8.50 58.01
N ASN Q 104 -11.37 9.80 58.36
CA ASN Q 104 -12.16 10.71 57.54
C ASN Q 104 -11.59 10.81 56.12
N ALA Q 105 -10.28 10.56 55.99
CA ALA Q 105 -9.64 10.64 54.68
C ALA Q 105 -9.85 9.38 53.87
N TRP Q 106 -9.81 8.21 54.52
CA TRP Q 106 -9.74 6.91 53.85
C TRP Q 106 -10.96 6.04 54.08
N GLY Q 107 -11.50 6.02 55.29
CA GLY Q 107 -12.73 5.30 55.54
C GLY Q 107 -12.46 3.86 55.92
N PHE Q 108 -13.47 3.02 55.72
CA PHE Q 108 -13.36 1.59 56.00
C PHE Q 108 -12.97 0.86 54.72
N TYR Q 109 -11.90 0.08 54.78
CA TYR Q 109 -11.49 -0.73 53.64
C TYR Q 109 -10.89 -2.01 54.20
N PHE Q 110 -11.09 -3.12 53.48
CA PHE Q 110 -10.59 -4.43 53.88
C PHE Q 110 -9.29 -4.66 53.14
N GLN Q 111 -8.16 -4.40 53.81
CA GLN Q 111 -6.88 -4.66 53.16
C GLN Q 111 -6.38 -6.09 53.33
N LEU Q 112 -6.54 -6.66 54.52
CA LEU Q 112 -6.12 -8.02 54.82
C LEU Q 112 -7.32 -8.94 54.70
N TRP Q 113 -7.19 -10.00 53.92
CA TRP Q 113 -8.23 -11.01 53.79
C TRP Q 113 -7.61 -12.38 54.13
N GLY Q 114 -8.46 -13.33 54.50
CA GLY Q 114 -7.98 -14.68 54.73
C GLY Q 114 -8.20 -15.54 53.50
N PRO Q 115 -7.55 -16.70 53.44
CA PRO Q 115 -7.74 -17.60 52.28
C PRO Q 115 -9.15 -18.17 52.17
N GLY Q 116 -9.95 -18.08 53.23
CA GLY Q 116 -11.29 -18.64 53.29
C GLY Q 116 -11.31 -19.96 54.05
N THR Q 117 -12.51 -20.32 54.51
CA THR Q 117 -12.74 -21.65 55.07
C THR Q 117 -14.11 -22.12 54.62
N LEU Q 118 -14.22 -23.40 54.24
CA LEU Q 118 -15.42 -23.93 53.60
C LEU Q 118 -16.41 -24.47 54.62
N VAL Q 119 -17.64 -23.99 54.53
CA VAL Q 119 -18.75 -24.53 55.32
C VAL Q 119 -19.67 -25.22 54.34
N THR Q 120 -19.78 -26.54 54.45
CA THR Q 120 -20.69 -27.33 53.65
C THR Q 120 -21.78 -27.83 54.58
N VAL Q 121 -23.02 -27.44 54.31
CA VAL Q 121 -24.16 -27.83 55.14
C VAL Q 121 -24.97 -28.83 54.33
N SER Q 122 -24.94 -30.08 54.77
CA SER Q 122 -25.56 -31.15 54.01
C SER Q 122 -25.88 -32.30 54.95
N SER Q 123 -27.02 -32.95 54.69
CA SER Q 123 -27.37 -34.15 55.44
C SER Q 123 -26.46 -35.32 55.13
N GLY Q 124 -25.62 -35.21 54.10
CA GLY Q 124 -24.73 -36.28 53.74
C GLY Q 124 -23.61 -36.45 54.76
N GLN Q 125 -22.92 -37.57 54.63
CA GLN Q 125 -21.89 -37.97 55.57
C GLN Q 125 -20.53 -37.74 54.93
N PRO Q 126 -19.46 -37.63 55.71
CA PRO Q 126 -18.13 -37.45 55.11
C PRO Q 126 -17.77 -38.66 54.27
N LYS Q 127 -17.40 -38.40 53.01
CA LYS Q 127 -17.07 -39.44 52.06
C LYS Q 127 -15.70 -39.18 51.48
N ALA Q 128 -14.83 -40.22 51.52
CA ALA Q 128 -13.47 -40.14 51.01
C ALA Q 128 -13.44 -40.34 49.49
N PRO Q 129 -12.49 -39.70 48.80
CA PRO Q 129 -12.46 -39.77 47.35
C PRO Q 129 -11.94 -41.10 46.85
N SER Q 130 -12.40 -41.48 45.65
CA SER Q 130 -11.99 -42.71 44.98
C SER Q 130 -11.11 -42.32 43.80
N VAL Q 131 -9.80 -42.46 43.98
CA VAL Q 131 -8.82 -42.03 42.98
C VAL Q 131 -8.66 -43.11 41.92
N PHE Q 132 -8.72 -42.71 40.65
CA PHE Q 132 -8.59 -43.62 39.52
C PHE Q 132 -7.57 -43.08 38.53
N PRO Q 133 -6.70 -43.94 37.98
CA PRO Q 133 -5.73 -43.47 36.99
C PRO Q 133 -6.39 -43.19 35.64
N LEU Q 134 -5.71 -42.35 34.86
CA LEU Q 134 -6.09 -42.04 33.48
C LEU Q 134 -4.89 -42.23 32.57
N ALA Q 135 -5.11 -42.83 31.41
CA ALA Q 135 -4.05 -43.05 30.44
C ALA Q 135 -4.69 -43.27 29.07
N PRO Q 136 -3.92 -43.10 27.99
CA PRO Q 136 -4.43 -43.45 26.65
C PRO Q 136 -4.35 -44.94 26.40
N CYS Q 137 -5.50 -45.57 26.11
CA CYS Q 137 -5.59 -47.02 26.01
C CYS Q 137 -5.35 -47.57 24.62
N CYS Q 138 -5.25 -46.71 23.61
CA CYS Q 138 -5.22 -47.17 22.23
C CYS Q 138 -3.86 -47.76 21.90
N GLY Q 139 -3.63 -48.05 20.63
CA GLY Q 139 -2.35 -48.57 20.18
C GLY Q 139 -1.47 -47.46 19.66
N ASP Q 140 -1.76 -46.21 20.03
CA ASP Q 140 -0.97 -45.09 19.58
C ASP Q 140 0.47 -45.19 20.09
N THR Q 141 1.41 -44.67 19.29
CA THR Q 141 2.82 -44.82 19.59
C THR Q 141 3.16 -44.19 20.93
N PRO Q 142 4.05 -44.82 21.73
CA PRO Q 142 4.39 -44.27 23.05
C PRO Q 142 5.27 -43.03 22.96
N SER Q 143 4.65 -41.86 22.85
CA SER Q 143 5.40 -40.61 22.71
C SER Q 143 6.27 -40.34 23.93
N SER Q 144 7.41 -39.66 23.68
CA SER Q 144 8.37 -39.39 24.74
C SER Q 144 7.77 -38.51 25.83
N THR Q 145 6.85 -37.63 25.47
CA THR Q 145 6.13 -36.79 26.42
C THR Q 145 4.64 -37.03 26.22
N VAL Q 146 3.97 -37.48 27.27
CA VAL Q 146 2.56 -37.82 27.23
C VAL Q 146 1.91 -37.30 28.50
N THR Q 147 0.68 -36.80 28.37
CA THR Q 147 -0.07 -36.29 29.51
C THR Q 147 -0.81 -37.46 30.18
N LEU Q 148 -0.57 -37.63 31.48
CA LEU Q 148 -1.26 -38.61 32.31
C LEU Q 148 -1.93 -37.89 33.47
N GLY Q 149 -3.00 -38.49 33.97
CA GLY Q 149 -3.73 -37.92 35.09
C GLY Q 149 -4.37 -39.00 35.93
N CYS Q 150 -4.86 -38.58 37.09
CA CYS Q 150 -5.65 -39.44 37.95
C CYS Q 150 -6.90 -38.68 38.37
N LEU Q 151 -8.03 -39.38 38.37
CA LEU Q 151 -9.35 -38.78 38.55
C LEU Q 151 -9.83 -38.99 39.98
N VAL Q 152 -10.14 -37.90 40.67
CA VAL Q 152 -10.70 -37.94 42.01
C VAL Q 152 -12.20 -37.75 41.88
N LYS Q 153 -12.97 -38.75 42.32
CA LYS Q 153 -14.39 -38.82 42.05
C LYS Q 153 -15.14 -39.22 43.32
N GLY Q 154 -16.27 -38.55 43.57
CA GLY Q 154 -17.13 -38.88 44.70
C GLY Q 154 -16.57 -38.65 46.09
N TYR Q 155 -16.50 -37.38 46.52
CA TYR Q 155 -16.07 -37.06 47.88
C TYR Q 155 -16.91 -35.89 48.40
N LEU Q 156 -16.93 -35.76 49.73
CA LEU Q 156 -17.65 -34.73 50.46
C LEU Q 156 -17.02 -34.64 51.84
N PRO Q 157 -16.76 -33.43 52.35
CA PRO Q 157 -16.97 -32.14 51.71
C PRO Q 157 -15.74 -31.71 50.99
N GLU Q 158 -15.83 -30.59 50.26
CA GLU Q 158 -14.65 -29.94 49.74
C GLU Q 158 -13.73 -29.60 50.91
N PRO Q 159 -12.42 -29.52 50.67
CA PRO Q 159 -11.69 -29.75 49.44
C PRO Q 159 -10.88 -31.02 49.43
N VAL Q 160 -10.15 -31.22 48.34
CA VAL Q 160 -9.03 -32.15 48.29
C VAL Q 160 -7.82 -31.36 47.81
N THR Q 161 -6.64 -31.81 48.23
CA THR Q 161 -5.38 -31.23 47.80
C THR Q 161 -4.60 -32.32 47.09
N VAL Q 162 -4.38 -32.14 45.79
CA VAL Q 162 -3.71 -33.12 44.94
C VAL Q 162 -2.32 -32.61 44.61
N THR Q 163 -1.31 -33.44 44.86
CA THR Q 163 0.06 -33.14 44.49
C THR Q 163 0.58 -34.28 43.63
N TRP Q 164 1.68 -34.03 42.93
CA TRP Q 164 2.32 -35.04 42.09
C TRP Q 164 3.74 -35.25 42.57
N ASN Q 165 4.12 -36.53 42.71
CA ASN Q 165 5.43 -36.92 43.23
C ASN Q 165 5.72 -36.24 44.57
N SER Q 166 4.70 -36.24 45.44
CA SER Q 166 4.79 -35.71 46.80
C SER Q 166 5.22 -34.25 46.83
N GLY Q 167 4.73 -33.47 45.88
CA GLY Q 167 5.05 -32.06 45.81
C GLY Q 167 6.28 -31.72 45.00
N THR Q 168 7.04 -32.72 44.55
CA THR Q 168 8.23 -32.48 43.77
C THR Q 168 7.93 -32.25 42.29
N LEU Q 169 6.74 -32.62 41.83
CA LEU Q 169 6.33 -32.39 40.45
C LEU Q 169 5.30 -31.27 40.45
N THR Q 170 5.66 -30.13 39.86
CA THR Q 170 4.80 -28.96 39.80
C THR Q 170 4.72 -28.38 38.39
N ASN Q 171 5.81 -28.44 37.63
CA ASN Q 171 5.82 -27.92 36.27
C ASN Q 171 4.92 -28.77 35.36
N GLY Q 172 3.98 -28.12 34.68
CA GLY Q 172 3.12 -28.81 33.74
C GLY Q 172 1.87 -29.42 34.33
N VAL Q 173 1.53 -29.11 35.59
CA VAL Q 173 0.36 -29.66 36.25
C VAL Q 173 -0.83 -28.73 36.03
N ARG Q 174 -1.97 -29.32 35.65
CA ARG Q 174 -3.25 -28.63 35.64
C ARG Q 174 -4.21 -29.40 36.54
N THR Q 175 -4.66 -28.76 37.61
CA THR Q 175 -5.69 -29.29 38.49
C THR Q 175 -6.96 -28.49 38.25
N PHE Q 176 -8.00 -29.14 37.83
CA PHE Q 176 -9.22 -28.48 37.40
C PHE Q 176 -10.15 -28.18 38.56
N PRO Q 177 -11.03 -27.19 38.39
CA PRO Q 177 -12.04 -26.92 39.41
C PRO Q 177 -12.98 -28.09 39.64
N SER Q 178 -13.32 -28.31 40.90
CA SER Q 178 -14.23 -29.39 41.25
C SER Q 178 -15.66 -29.07 40.79
N VAL Q 179 -16.43 -30.13 40.57
CA VAL Q 179 -17.83 -30.01 40.18
C VAL Q 179 -18.67 -30.81 41.17
N ARG Q 180 -19.83 -30.26 41.51
CA ARG Q 180 -20.77 -30.93 42.41
C ARG Q 180 -21.80 -31.70 41.58
N GLN Q 181 -21.83 -33.02 41.75
CA GLN Q 181 -22.85 -33.86 41.12
C GLN Q 181 -24.22 -33.54 41.71
N SER Q 182 -25.27 -34.07 41.07
CA SER Q 182 -26.61 -33.96 41.64
C SER Q 182 -26.71 -34.68 42.98
N SER Q 183 -25.87 -35.69 43.19
CA SER Q 183 -25.78 -36.45 44.44
C SER Q 183 -25.21 -35.65 45.60
N GLY Q 184 -24.78 -34.41 45.37
CA GLY Q 184 -24.12 -33.64 46.39
C GLY Q 184 -22.65 -33.95 46.58
N LEU Q 185 -22.13 -34.99 45.94
CA LEU Q 185 -20.71 -35.31 46.01
C LEU Q 185 -19.90 -34.46 45.03
N TYR Q 186 -18.61 -34.33 45.32
CA TYR Q 186 -17.71 -33.54 44.50
C TYR Q 186 -16.77 -34.47 43.74
N SER Q 187 -16.20 -33.94 42.66
CA SER Q 187 -15.30 -34.70 41.78
C SER Q 187 -14.53 -33.74 40.85
N LEU Q 188 -13.22 -33.92 40.75
CA LEU Q 188 -12.37 -33.08 39.92
C LEU Q 188 -11.36 -33.96 39.22
N SER Q 189 -10.76 -33.43 38.15
CA SER Q 189 -9.74 -34.15 37.39
C SER Q 189 -8.44 -33.36 37.42
N SER Q 190 -7.31 -34.06 37.50
CA SER Q 190 -6.00 -33.41 37.47
C SER Q 190 -5.07 -34.19 36.55
N VAL Q 191 -4.41 -33.48 35.62
CA VAL Q 191 -3.51 -34.09 34.65
C VAL Q 191 -2.16 -33.38 34.70
N VAL Q 192 -1.14 -34.08 34.20
CA VAL Q 192 0.22 -33.57 34.14
C VAL Q 192 0.88 -34.12 32.89
N SER Q 193 1.78 -33.34 32.30
CA SER Q 193 2.54 -33.74 31.12
C SER Q 193 3.98 -34.01 31.55
N VAL Q 194 4.43 -35.26 31.37
CA VAL Q 194 5.74 -35.68 31.81
C VAL Q 194 6.52 -36.25 30.63
N THR Q 195 7.84 -36.27 30.78
CA THR Q 195 8.72 -36.90 29.82
C THR Q 195 8.93 -38.37 30.20
N SER Q 196 9.68 -39.11 29.35
CA SER Q 196 9.94 -40.52 29.62
C SER Q 196 10.89 -40.74 30.80
N SER Q 197 11.65 -39.70 31.19
CA SER Q 197 12.55 -39.81 32.33
C SER Q 197 11.82 -39.65 33.66
N SER Q 198 10.69 -38.93 33.67
CA SER Q 198 9.90 -38.71 34.87
C SER Q 198 9.07 -39.94 35.25
N GLN Q 199 9.33 -41.11 34.63
CA GLN Q 199 8.65 -42.36 34.95
C GLN Q 199 9.30 -43.01 36.17
N PRO Q 200 8.49 -43.53 37.12
CA PRO Q 200 7.02 -43.53 37.15
C PRO Q 200 6.45 -42.22 37.71
N VAL Q 201 5.20 -41.89 37.39
CA VAL Q 201 4.55 -40.68 37.88
C VAL Q 201 3.53 -41.09 38.93
N THR Q 202 3.54 -40.40 40.07
CA THR Q 202 2.68 -40.72 41.20
C THR Q 202 1.94 -39.48 41.68
N CYS Q 203 0.65 -39.62 41.96
CA CYS Q 203 -0.19 -38.51 42.40
C CYS Q 203 -0.65 -38.73 43.83
N ASN Q 204 -0.48 -37.70 44.66
CA ASN Q 204 -0.85 -37.73 46.07
C ASN Q 204 -2.14 -36.93 46.25
N VAL Q 205 -3.18 -37.59 46.74
CA VAL Q 205 -4.47 -36.98 46.99
C VAL Q 205 -4.69 -36.98 48.49
N ALA Q 206 -5.06 -35.83 49.05
CA ALA Q 206 -5.28 -35.68 50.48
C ALA Q 206 -6.70 -35.18 50.69
N HIS Q 207 -7.36 -35.70 51.73
CA HIS Q 207 -8.73 -35.31 52.04
C HIS Q 207 -8.82 -35.10 53.54
N PRO Q 208 -8.59 -33.87 54.02
CA PRO Q 208 -8.51 -33.65 55.47
C PRO Q 208 -9.82 -33.99 56.18
N ALA Q 209 -10.95 -33.83 55.48
CA ALA Q 209 -12.24 -34.09 56.10
C ALA Q 209 -12.38 -35.54 56.56
N THR Q 210 -11.80 -36.50 55.85
CA THR Q 210 -11.83 -37.92 56.25
C THR Q 210 -10.47 -38.43 56.73
N ASN Q 211 -9.47 -37.56 56.90
CA ASN Q 211 -8.11 -37.98 57.23
C ASN Q 211 -7.58 -38.99 56.22
N THR Q 212 -8.07 -38.91 54.98
CA THR Q 212 -7.67 -39.77 53.88
C THR Q 212 -6.35 -39.30 53.28
N LYS Q 213 -5.44 -40.25 53.04
CA LYS Q 213 -4.25 -40.03 52.22
C LYS Q 213 -4.13 -41.20 51.25
N VAL Q 214 -4.14 -40.91 49.96
CA VAL Q 214 -4.09 -41.92 48.91
C VAL Q 214 -2.95 -41.56 47.95
N ASP Q 215 -2.14 -42.56 47.59
CA ASP Q 215 -1.18 -42.42 46.52
C ASP Q 215 -1.55 -43.34 45.37
N LYS Q 216 -1.32 -42.87 44.15
CA LYS Q 216 -1.62 -43.64 42.95
C LYS Q 216 -0.52 -43.38 41.94
N THR Q 217 0.09 -44.45 41.42
CA THR Q 217 1.14 -44.33 40.41
C THR Q 217 0.56 -44.72 39.06
N VAL Q 218 0.78 -43.87 38.07
CA VAL Q 218 0.13 -43.99 36.77
C VAL Q 218 1.14 -44.56 35.76
N ALA Q 219 0.77 -45.69 35.12
CA ALA Q 219 1.55 -46.30 34.06
C ALA Q 219 1.31 -45.56 32.74
N PRO Q 220 2.35 -45.46 31.89
CA PRO Q 220 2.21 -44.68 30.65
C PRO Q 220 1.14 -45.19 29.68
N SER Q 221 0.64 -46.42 29.85
CA SER Q 221 -0.43 -46.96 29.02
C SER Q 221 -1.37 -47.78 29.89
N THR Q 222 -2.57 -48.04 29.35
CA THR Q 222 -3.50 -48.92 30.02
C THR Q 222 -3.09 -50.38 29.88
N CYS Q 223 -3.94 -51.25 30.40
CA CYS Q 223 -3.61 -52.64 30.55
C CYS Q 223 -4.74 -53.56 30.11
N ASP R 1 -30.39 1.97 54.23
CA ASP R 1 -29.51 0.90 53.76
C ASP R 1 -28.83 1.30 52.46
N PRO R 2 -27.49 1.36 52.46
CA PRO R 2 -26.73 1.59 51.22
C PRO R 2 -26.53 0.28 50.45
N VAL R 3 -27.10 0.22 49.25
CA VAL R 3 -27.13 -0.98 48.41
C VAL R 3 -26.45 -0.66 47.08
N LEU R 4 -25.35 -1.37 46.77
CA LEU R 4 -24.55 -1.05 45.61
C LEU R 4 -24.89 -1.99 44.46
N THR R 5 -25.29 -1.42 43.33
CA THR R 5 -25.53 -2.13 42.09
C THR R 5 -24.40 -1.82 41.12
N GLN R 6 -23.95 -2.85 40.42
CA GLN R 6 -22.75 -2.80 39.60
C GLN R 6 -23.15 -3.23 38.20
N THR R 7 -22.71 -2.49 37.19
CA THR R 7 -22.97 -2.84 35.81
C THR R 7 -21.73 -2.55 34.97
N PRO R 8 -21.50 -3.32 33.90
CA PRO R 8 -22.31 -4.45 33.41
C PRO R 8 -22.05 -5.70 34.24
N ALA R 9 -22.85 -6.75 34.12
CA ALA R 9 -22.56 -7.98 34.87
C ALA R 9 -21.25 -8.60 34.40
N SER R 10 -21.02 -8.63 33.09
CA SER R 10 -19.75 -9.08 32.56
C SER R 10 -19.42 -8.23 31.36
N VAL R 11 -18.15 -8.28 30.97
CA VAL R 11 -17.69 -7.51 29.83
C VAL R 11 -16.49 -8.21 29.23
N GLU R 12 -16.48 -8.29 27.89
CA GLU R 12 -15.35 -8.81 27.14
C GLU R 12 -14.43 -7.65 26.76
N VAL R 13 -13.12 -7.84 26.93
CA VAL R 13 -12.16 -6.79 26.59
C VAL R 13 -10.87 -7.34 26.00
N PRO R 14 -10.38 -6.76 24.91
CA PRO R 14 -9.14 -7.25 24.29
C PRO R 14 -7.92 -6.88 25.13
N VAL R 15 -6.85 -7.62 24.88
CA VAL R 15 -5.60 -7.36 25.58
C VAL R 15 -5.11 -5.96 25.26
N GLY R 16 -4.66 -5.24 26.29
CA GLY R 16 -4.15 -3.90 26.12
C GLY R 16 -5.20 -2.82 25.95
N GLY R 17 -6.48 -3.17 26.02
CA GLY R 17 -7.55 -2.20 25.85
C GLY R 17 -7.78 -1.40 27.12
N THR R 18 -9.00 -0.89 27.23
CA THR R 18 -9.45 -0.10 28.37
C THR R 18 -10.88 -0.50 28.72
N VAL R 19 -11.15 -0.58 30.03
CA VAL R 19 -12.46 -0.96 30.52
C VAL R 19 -12.94 0.15 31.44
N THR R 20 -14.26 0.27 31.56
CA THR R 20 -14.87 1.05 32.63
C THR R 20 -16.02 0.22 33.18
N ILE R 21 -15.92 -0.10 34.46
CA ILE R 21 -16.97 -0.79 35.20
C ILE R 21 -17.71 0.27 36.01
N ASN R 22 -19.01 0.07 36.19
CA ASN R 22 -19.85 1.07 36.85
C ASN R 22 -20.42 0.50 38.14
N CYS R 23 -20.44 1.31 39.19
CA CYS R 23 -21.00 0.98 40.50
C CYS R 23 -21.86 2.14 40.96
N GLN R 24 -23.08 1.87 41.39
CA GLN R 24 -23.92 2.95 41.88
C GLN R 24 -24.60 2.57 43.18
N ALA R 25 -24.74 3.56 44.05
CA ALA R 25 -25.20 3.41 45.41
C ALA R 25 -26.60 4.00 45.56
N SER R 26 -27.44 3.32 46.35
CA SER R 26 -28.80 3.80 46.55
C SER R 26 -28.85 5.04 47.43
N GLN R 27 -27.82 5.28 48.23
CA GLN R 27 -27.67 6.49 49.02
C GLN R 27 -26.29 7.06 48.73
N SER R 28 -26.16 8.36 48.90
CA SER R 28 -24.83 8.96 48.86
C SER R 28 -23.93 8.30 49.90
N ILE R 29 -22.72 7.94 49.48
CA ILE R 29 -21.69 7.40 50.37
C ILE R 29 -20.43 8.26 50.31
N GLY R 30 -20.56 9.49 49.82
CA GLY R 30 -19.42 10.40 49.77
C GLY R 30 -18.35 9.91 48.82
N LYS R 31 -17.11 9.97 49.28
CA LYS R 31 -15.95 9.47 48.55
C LYS R 31 -15.55 8.09 49.01
N TYR R 32 -16.32 7.48 49.91
CA TYR R 32 -15.93 6.23 50.56
C TYR R 32 -16.46 5.04 49.78
N LEU R 33 -15.77 4.71 48.67
CA LEU R 33 -16.07 3.54 47.87
C LEU R 33 -14.80 2.72 47.67
N ASN R 34 -14.93 1.40 47.75
CA ASN R 34 -13.80 0.49 47.60
C ASN R 34 -14.03 -0.41 46.39
N TRP R 35 -12.94 -0.76 45.72
CA TRP R 35 -12.95 -1.65 44.55
C TRP R 35 -12.06 -2.84 44.84
N TYR R 36 -12.56 -4.05 44.55
CA TYR R 36 -11.82 -5.29 44.76
C TYR R 36 -11.71 -6.13 43.49
N GLN R 37 -10.55 -6.78 43.32
CA GLN R 37 -10.36 -7.80 42.29
C GLN R 37 -10.26 -9.16 42.97
N GLN R 38 -11.10 -10.11 42.54
CA GLN R 38 -11.10 -11.45 43.11
C GLN R 38 -10.97 -12.47 41.99
N LYS R 39 -9.78 -13.09 41.89
CA LYS R 39 -9.59 -14.16 40.92
C LYS R 39 -10.18 -15.45 41.44
N PRO R 40 -10.60 -16.36 40.55
CA PRO R 40 -11.25 -17.60 41.01
C PRO R 40 -10.43 -18.34 42.05
N GLY R 41 -11.09 -18.71 43.14
CA GLY R 41 -10.48 -19.49 44.18
C GLY R 41 -9.60 -18.72 45.15
N GLN R 42 -9.64 -17.41 45.15
CA GLN R 42 -8.82 -16.60 46.03
C GLN R 42 -9.70 -15.64 46.81
N PRO R 43 -9.20 -15.09 47.91
CA PRO R 43 -9.90 -13.97 48.55
C PRO R 43 -9.75 -12.71 47.70
N PRO R 44 -10.66 -11.75 47.85
CA PRO R 44 -10.52 -10.50 47.09
C PRO R 44 -9.25 -9.77 47.49
N LYS R 45 -8.72 -9.00 46.55
CA LYS R 45 -7.58 -8.13 46.81
C LYS R 45 -8.02 -6.69 46.62
N LEU R 46 -7.75 -5.85 47.61
CA LEU R 46 -8.17 -4.47 47.52
C LEU R 46 -7.37 -3.78 46.44
N LEU R 47 -8.07 -3.09 45.53
CA LEU R 47 -7.45 -2.27 44.49
C LEU R 47 -7.48 -0.80 44.87
N ILE R 48 -8.63 -0.30 45.31
CA ILE R 48 -8.83 1.12 45.56
C ILE R 48 -9.68 1.30 46.81
N TYR R 49 -9.14 2.01 47.79
CA TYR R 49 -9.87 2.40 48.99
C TYR R 49 -10.06 3.91 48.91
N SER R 50 -11.15 4.40 49.51
CA SER R 50 -11.67 5.75 49.20
C SER R 50 -12.00 5.81 47.71
N SER R 51 -12.62 6.86 47.22
CA SER R 51 -13.12 6.79 45.85
C SER R 51 -12.01 6.49 44.83
N SER R 52 -10.75 6.84 45.13
CA SER R 52 -9.72 6.85 44.10
C SER R 52 -8.32 6.50 44.54
N SER R 53 -8.08 6.21 45.82
CA SER R 53 -6.73 5.91 46.31
C SER R 53 -6.30 4.49 45.95
N LEU R 54 -5.05 4.35 45.53
CA LEU R 54 -4.51 3.05 45.16
C LEU R 54 -4.05 2.32 46.40
N ALA R 55 -4.42 1.05 46.52
CA ALA R 55 -3.85 0.23 47.57
C ALA R 55 -2.37 0.02 47.27
N SER R 56 -1.61 -0.33 48.30
CA SER R 56 -0.18 -0.45 48.13
C SER R 56 0.15 -1.49 47.06
N GLY R 57 1.00 -1.13 46.12
CA GLY R 57 1.45 -2.07 45.11
C GLY R 57 0.44 -2.42 44.03
N VAL R 58 -0.68 -1.68 43.91
CA VAL R 58 -1.62 -1.82 42.80
C VAL R 58 -1.22 -0.84 41.70
N SER R 59 -1.32 -1.27 40.45
CA SER R 59 -0.83 -0.45 39.34
C SER R 59 -1.70 0.78 39.10
N SER R 60 -1.09 1.81 38.51
CA SER R 60 -1.87 2.95 38.09
C SER R 60 -2.80 2.64 36.93
N ARG R 61 -2.71 1.42 36.35
CA ARG R 61 -3.68 0.97 35.36
C ARG R 61 -5.10 1.03 35.88
N PHE R 62 -5.26 0.98 37.20
CA PHE R 62 -6.56 0.97 37.85
C PHE R 62 -6.81 2.38 38.37
N LYS R 63 -7.83 3.03 37.81
CA LYS R 63 -8.22 4.39 38.16
C LYS R 63 -9.61 4.34 38.76
N GLY R 64 -9.76 4.83 39.99
CA GLY R 64 -11.07 4.96 40.62
C GLY R 64 -11.55 6.40 40.47
N SER R 65 -12.86 6.57 40.30
CA SER R 65 -13.44 7.91 40.25
C SER R 65 -14.91 7.84 40.68
N GLY R 66 -15.51 9.00 40.87
CA GLY R 66 -16.89 9.06 41.28
C GLY R 66 -17.11 9.67 42.67
N PHE R 67 -18.32 10.15 42.92
CA PHE R 67 -18.66 10.67 44.23
C PHE R 67 -20.17 10.56 44.42
N GLY R 68 -20.56 10.35 45.67
CA GLY R 68 -21.97 10.35 46.00
C GLY R 68 -22.60 9.00 45.75
N THR R 69 -23.34 8.87 44.65
CA THR R 69 -24.03 7.62 44.38
C THR R 69 -23.49 6.87 43.17
N GLN R 70 -22.61 7.47 42.37
CA GLN R 70 -22.13 6.75 41.19
C GLN R 70 -20.62 6.81 41.07
N PHE R 71 -20.04 5.64 40.79
CA PHE R 71 -18.59 5.45 40.78
C PHE R 71 -18.17 4.64 39.56
N THR R 72 -16.85 4.53 39.41
CA THR R 72 -16.23 3.97 38.21
C THR R 72 -14.84 3.45 38.51
N LEU R 73 -14.60 2.20 38.12
CA LEU R 73 -13.28 1.63 38.01
C LEU R 73 -12.92 1.55 36.53
N THR R 74 -11.80 2.12 36.16
CA THR R 74 -11.33 2.11 34.79
C THR R 74 -10.02 1.34 34.76
N ILE R 75 -10.02 0.19 34.10
CA ILE R 75 -8.83 -0.63 33.92
C ILE R 75 -8.21 -0.27 32.58
N SER R 76 -7.04 0.34 32.59
CA SER R 76 -6.38 0.76 31.36
C SER R 76 -5.22 -0.17 31.06
N GLY R 77 -4.88 -0.26 29.78
CA GLY R 77 -3.84 -1.19 29.37
C GLY R 77 -4.14 -2.57 29.90
N VAL R 78 -5.34 -3.06 29.59
CA VAL R 78 -5.88 -4.31 30.16
C VAL R 78 -4.87 -5.42 29.99
N GLN R 79 -4.34 -5.87 31.11
CA GLN R 79 -3.36 -6.94 31.13
C GLN R 79 -4.06 -8.28 31.02
N CYS R 80 -3.34 -9.27 30.47
CA CYS R 80 -3.95 -10.57 30.26
C CYS R 80 -4.28 -11.25 31.60
N ALA R 81 -3.51 -10.95 32.65
CA ALA R 81 -3.72 -11.47 34.00
C ALA R 81 -4.73 -10.65 34.82
N ASP R 82 -5.58 -9.86 34.17
CA ASP R 82 -6.63 -9.10 34.84
C ASP R 82 -7.98 -9.79 34.83
N ALA R 83 -8.06 -11.01 34.32
CA ALA R 83 -9.33 -11.71 34.28
C ALA R 83 -9.74 -12.08 35.68
N ALA R 84 -10.84 -11.51 36.16
CA ALA R 84 -11.34 -11.77 37.51
C ALA R 84 -12.73 -11.17 37.61
N THR R 85 -13.31 -11.30 38.79
CA THR R 85 -14.54 -10.60 39.13
C THR R 85 -14.18 -9.41 40.00
N TYR R 86 -14.75 -8.25 39.67
CA TYR R 86 -14.42 -7.00 40.35
C TYR R 86 -15.64 -6.58 41.16
N TYR R 87 -15.45 -6.39 42.46
CA TYR R 87 -16.52 -5.97 43.36
C TYR R 87 -16.27 -4.56 43.86
N CYS R 88 -17.35 -3.80 44.02
CA CYS R 88 -17.27 -2.53 44.72
C CYS R 88 -17.95 -2.69 46.08
N GLN R 89 -17.49 -1.91 47.05
CA GLN R 89 -17.97 -2.01 48.41
C GLN R 89 -18.03 -0.62 49.03
N GLN R 90 -19.13 -0.33 49.72
CA GLN R 90 -19.21 0.95 50.42
C GLN R 90 -18.26 0.92 51.60
N GLY R 91 -17.52 2.00 51.78
CA GLY R 91 -16.61 2.11 52.90
C GLY R 91 -17.03 3.14 53.93
N TYR R 92 -18.33 3.38 54.08
CA TYR R 92 -18.79 4.46 54.95
C TYR R 92 -19.11 3.99 56.36
N SER R 93 -20.03 3.04 56.54
CA SER R 93 -20.36 2.59 57.89
C SER R 93 -20.78 1.13 57.89
N TYR R 94 -20.94 0.60 59.11
CA TYR R 94 -21.41 -0.76 59.33
C TYR R 94 -22.78 -0.79 60.01
N VAL R 95 -23.48 0.34 60.05
CA VAL R 95 -24.72 0.48 60.81
C VAL R 95 -25.90 0.28 59.87
N ASP R 96 -26.90 -0.48 60.34
CA ASP R 96 -28.11 -0.76 59.56
C ASP R 96 -27.77 -1.14 58.13
N LEU R 97 -26.82 -2.06 57.99
CA LEU R 97 -26.35 -2.54 56.71
C LEU R 97 -27.00 -3.86 56.35
N GLU R 98 -27.26 -4.05 55.06
CA GLU R 98 -27.54 -5.43 54.65
C GLU R 98 -26.29 -6.08 54.08
N ASN R 99 -25.63 -5.38 53.16
CA ASN R 99 -24.40 -5.87 52.57
C ASN R 99 -23.73 -4.72 51.86
N GLY R 100 -22.50 -4.40 52.24
CA GLY R 100 -21.83 -3.26 51.66
C GLY R 100 -21.35 -3.49 50.23
N PHE R 101 -21.41 -4.72 49.72
CA PHE R 101 -20.77 -5.04 48.45
C PHE R 101 -21.75 -4.99 47.28
N GLY R 102 -21.16 -4.88 46.09
CA GLY R 102 -21.91 -4.89 44.86
C GLY R 102 -22.11 -6.30 44.32
N GLY R 103 -22.86 -6.37 43.21
CA GLY R 103 -23.11 -7.64 42.58
C GLY R 103 -21.89 -8.26 41.91
N GLY R 104 -20.90 -7.45 41.59
CA GLY R 104 -19.72 -7.95 40.91
C GLY R 104 -19.83 -7.85 39.40
N THR R 105 -18.67 -7.66 38.77
CA THR R 105 -18.54 -7.60 37.32
C THR R 105 -17.42 -8.56 36.92
N GLU R 106 -17.67 -9.39 35.90
CA GLU R 106 -16.66 -10.36 35.45
C GLU R 106 -15.94 -9.83 34.21
N LEU R 107 -14.61 -9.94 34.23
CA LEU R 107 -13.80 -9.65 33.06
C LEU R 107 -13.55 -10.89 32.23
N GLU R 108 -13.95 -10.83 30.98
CA GLU R 108 -13.57 -11.79 29.96
C GLU R 108 -12.49 -11.10 29.12
N ILE R 109 -11.30 -11.66 29.09
CA ILE R 109 -10.19 -11.05 28.36
C ILE R 109 -9.97 -11.81 27.06
N LEU R 110 -9.91 -11.05 25.95
CA LEU R 110 -9.84 -11.59 24.60
C LEU R 110 -8.38 -11.59 24.14
N GLY R 111 -7.72 -12.73 24.35
CA GLY R 111 -6.35 -12.92 23.88
C GLY R 111 -6.26 -13.44 22.46
N ASP R 112 -5.05 -13.81 22.08
CA ASP R 112 -4.83 -14.34 20.75
C ASP R 112 -5.50 -15.70 20.59
N PRO R 113 -6.15 -15.94 19.46
CA PRO R 113 -6.88 -17.21 19.30
C PRO R 113 -5.93 -18.39 19.11
N VAL R 114 -6.19 -19.47 19.83
CA VAL R 114 -5.41 -20.70 19.75
C VAL R 114 -6.38 -21.87 19.72
N ALA R 115 -6.11 -22.84 18.83
CA ALA R 115 -6.94 -24.03 18.74
C ALA R 115 -6.51 -25.07 19.78
N PRO R 116 -7.45 -25.86 20.29
CA PRO R 116 -7.12 -26.80 21.37
C PRO R 116 -6.52 -28.11 20.87
N THR R 117 -5.65 -28.67 21.70
CA THR R 117 -5.18 -30.05 21.55
C THR R 117 -5.95 -30.92 22.53
N VAL R 118 -6.71 -31.87 21.98
CA VAL R 118 -7.67 -32.66 22.75
C VAL R 118 -7.09 -34.03 23.09
N LEU R 119 -7.30 -34.46 24.32
CA LEU R 119 -6.90 -35.79 24.79
C LEU R 119 -8.09 -36.47 25.45
N ILE R 120 -8.11 -37.80 25.34
CA ILE R 120 -9.18 -38.61 25.93
C ILE R 120 -8.54 -39.72 26.76
N PHE R 121 -9.19 -40.05 27.88
CA PHE R 121 -8.69 -41.04 28.83
C PHE R 121 -9.78 -42.07 29.08
N PRO R 122 -9.63 -43.29 28.57
CA PRO R 122 -10.63 -44.34 28.83
C PRO R 122 -10.68 -44.69 30.29
N PRO R 123 -11.78 -45.28 30.77
CA PRO R 123 -11.88 -45.58 32.20
C PRO R 123 -10.82 -46.58 32.64
N ALA R 124 -10.27 -46.36 33.82
CA ALA R 124 -9.36 -47.35 34.40
C ALA R 124 -10.09 -48.68 34.55
N ALA R 125 -9.32 -49.77 34.55
CA ALA R 125 -9.92 -51.09 34.55
C ALA R 125 -10.81 -51.29 35.78
N ASP R 126 -10.39 -50.78 36.93
CA ASP R 126 -11.14 -50.92 38.18
C ASP R 126 -12.28 -49.93 38.30
N GLN R 127 -12.41 -48.97 37.38
CA GLN R 127 -13.52 -48.03 37.41
C GLN R 127 -14.82 -48.67 36.91
N VAL R 128 -14.73 -49.62 35.97
CA VAL R 128 -15.92 -50.28 35.46
C VAL R 128 -16.53 -51.21 36.51
N ALA R 129 -15.70 -51.78 37.38
CA ALA R 129 -16.17 -52.74 38.38
C ALA R 129 -17.07 -52.11 39.42
N THR R 130 -17.07 -50.79 39.55
CA THR R 130 -17.87 -50.09 40.54
C THR R 130 -19.33 -49.92 40.12
N GLY R 131 -19.66 -50.16 38.86
CA GLY R 131 -21.01 -49.99 38.37
C GLY R 131 -21.29 -48.66 37.70
N THR R 132 -20.35 -47.71 37.73
CA THR R 132 -20.51 -46.41 37.07
C THR R 132 -19.18 -45.98 36.49
N VAL R 133 -19.16 -45.66 35.21
CA VAL R 133 -17.92 -45.29 34.51
C VAL R 133 -17.93 -43.79 34.25
N THR R 134 -16.72 -43.25 34.10
CA THR R 134 -16.52 -41.84 33.75
C THR R 134 -15.34 -41.75 32.81
N ILE R 135 -15.57 -41.23 31.61
CA ILE R 135 -14.53 -41.01 30.63
C ILE R 135 -14.16 -39.54 30.65
N VAL R 136 -12.87 -39.26 30.83
CA VAL R 136 -12.39 -37.89 30.99
C VAL R 136 -11.81 -37.44 29.65
N CYS R 137 -12.23 -36.25 29.21
CA CYS R 137 -11.73 -35.64 27.99
C CYS R 137 -11.15 -34.28 28.34
N VAL R 138 -9.96 -33.99 27.81
CA VAL R 138 -9.22 -32.77 28.17
C VAL R 138 -8.81 -32.06 26.89
N ALA R 139 -9.12 -30.77 26.81
CA ALA R 139 -8.67 -29.92 25.72
C ALA R 139 -7.83 -28.80 26.33
N ASN R 140 -6.62 -28.61 25.80
CA ASN R 140 -5.62 -27.76 26.43
C ASN R 140 -5.35 -26.50 25.63
N LYS R 141 -5.04 -25.42 26.36
CA LYS R 141 -4.40 -24.21 25.82
C LYS R 141 -5.17 -23.66 24.62
N TYR R 142 -6.38 -23.18 24.88
CA TYR R 142 -7.25 -22.73 23.81
C TYR R 142 -7.88 -21.38 24.13
N PHE R 143 -8.30 -20.67 23.07
CA PHE R 143 -9.09 -19.45 23.12
C PHE R 143 -9.66 -19.17 21.73
N PRO R 144 -10.92 -18.75 21.60
CA PRO R 144 -11.92 -18.47 22.65
C PRO R 144 -12.57 -19.72 23.21
N ASP R 145 -13.64 -19.56 23.99
CA ASP R 145 -14.32 -20.69 24.60
C ASP R 145 -14.78 -21.68 23.53
N VAL R 146 -14.99 -22.93 23.95
CA VAL R 146 -15.39 -23.98 23.03
C VAL R 146 -16.67 -24.62 23.57
N THR R 147 -17.33 -25.36 22.67
CA THR R 147 -18.48 -26.17 23.03
C THR R 147 -18.15 -27.64 22.76
N VAL R 148 -18.48 -28.51 23.73
CA VAL R 148 -18.10 -29.92 23.67
C VAL R 148 -19.38 -30.74 23.52
N THR R 149 -19.32 -31.73 22.62
CA THR R 149 -20.40 -32.69 22.43
C THR R 149 -19.83 -34.10 22.56
N TRP R 150 -20.55 -34.96 23.26
CA TRP R 150 -20.14 -36.33 23.45
C TRP R 150 -20.97 -37.23 22.55
N GLU R 151 -20.32 -38.17 21.87
CA GLU R 151 -21.00 -39.15 21.03
C GLU R 151 -20.62 -40.57 21.43
N VAL R 152 -21.63 -41.43 21.52
CA VAL R 152 -21.45 -42.86 21.80
C VAL R 152 -21.98 -43.61 20.59
N ASP R 153 -21.09 -44.30 19.87
CA ASP R 153 -21.41 -44.92 18.58
C ASP R 153 -21.98 -43.88 17.60
N GLY R 154 -21.28 -42.75 17.51
CA GLY R 154 -21.71 -41.66 16.65
C GLY R 154 -23.00 -40.96 17.05
N THR R 155 -23.59 -41.34 18.18
CA THR R 155 -24.85 -40.76 18.64
C THR R 155 -24.59 -39.78 19.78
N THR R 156 -24.96 -38.52 19.58
CA THR R 156 -24.64 -37.45 20.53
C THR R 156 -25.32 -37.67 21.88
N GLN R 157 -24.54 -37.53 22.95
CA GLN R 157 -25.06 -37.74 24.30
C GLN R 157 -25.96 -36.60 24.75
N THR R 158 -27.16 -36.94 25.22
CA THR R 158 -28.13 -35.96 25.65
C THR R 158 -28.00 -35.54 27.12
N THR R 159 -27.48 -36.40 27.99
CA THR R 159 -27.37 -36.13 29.42
C THR R 159 -26.08 -36.73 29.96
N GLY R 160 -25.78 -36.41 31.21
CA GLY R 160 -24.63 -37.01 31.89
C GLY R 160 -23.31 -36.35 31.62
N ILE R 161 -23.28 -35.23 30.91
CA ILE R 161 -22.05 -34.52 30.60
C ILE R 161 -21.76 -33.55 31.73
N GLU R 162 -20.49 -33.36 32.03
CA GLU R 162 -20.06 -32.56 33.18
C GLU R 162 -18.77 -31.86 32.85
N ASN R 163 -18.79 -30.53 32.91
CA ASN R 163 -17.69 -29.71 32.41
C ASN R 163 -17.05 -28.87 33.51
N SER R 164 -15.74 -28.72 33.41
CA SER R 164 -14.93 -27.92 34.32
C SER R 164 -13.88 -27.19 33.48
N LYS R 165 -13.69 -25.90 33.77
CA LYS R 165 -12.81 -25.07 32.97
C LYS R 165 -11.90 -24.29 33.90
N THR R 166 -10.59 -24.32 33.61
CA THR R 166 -9.67 -23.55 34.42
C THR R 166 -9.83 -22.06 34.12
N PRO R 167 -9.50 -21.20 35.07
CA PRO R 167 -9.49 -19.76 34.79
C PRO R 167 -8.48 -19.41 33.71
N GLN R 168 -8.61 -18.20 33.17
CA GLN R 168 -7.70 -17.80 32.10
C GLN R 168 -6.28 -17.73 32.62
N ASN R 169 -5.34 -18.17 31.80
CA ASN R 169 -3.93 -18.17 32.19
C ASN R 169 -3.37 -16.75 32.22
N SER R 170 -2.68 -16.42 33.32
CA SER R 170 -2.19 -15.06 33.51
C SER R 170 -1.23 -14.64 32.41
N ALA R 171 -0.63 -15.58 31.69
CA ALA R 171 0.36 -15.23 30.68
C ALA R 171 -0.23 -15.10 29.28
N ASP R 172 -1.12 -16.00 28.86
CA ASP R 172 -1.56 -16.02 27.47
C ASP R 172 -3.06 -15.97 27.26
N CYS R 173 -3.85 -15.78 28.32
CA CYS R 173 -5.31 -15.59 28.25
C CYS R 173 -6.03 -16.85 27.78
N THR R 174 -5.42 -18.02 27.91
CA THR R 174 -5.96 -19.27 27.36
C THR R 174 -6.61 -20.11 28.46
N TYR R 175 -7.57 -20.92 28.04
CA TYR R 175 -8.34 -21.79 28.91
C TYR R 175 -7.79 -23.21 28.86
N ASN R 176 -8.27 -24.03 29.80
CA ASN R 176 -8.08 -25.47 29.82
C ASN R 176 -9.39 -26.05 30.32
N LEU R 177 -9.91 -27.08 29.65
CA LEU R 177 -11.25 -27.59 29.94
C LEU R 177 -11.26 -29.09 30.16
N SER R 178 -12.04 -29.53 31.14
CA SER R 178 -12.28 -30.95 31.42
C SER R 178 -13.76 -31.26 31.27
N SER R 179 -14.08 -32.13 30.33
CA SER R 179 -15.46 -32.57 30.11
C SER R 179 -15.53 -34.07 30.37
N THR R 180 -16.46 -34.48 31.23
CA THR R 180 -16.57 -35.87 31.67
C THR R 180 -17.91 -36.46 31.26
N LEU R 181 -17.89 -37.65 30.67
CA LEU R 181 -19.09 -38.41 30.37
C LEU R 181 -19.23 -39.53 31.40
N THR R 182 -20.31 -39.48 32.18
CA THR R 182 -20.57 -40.45 33.23
C THR R 182 -21.71 -41.37 32.78
N LEU R 183 -21.49 -42.67 32.85
CA LEU R 183 -22.50 -43.64 32.48
C LEU R 183 -22.46 -44.81 33.45
N THR R 184 -23.57 -45.54 33.52
CA THR R 184 -23.60 -46.81 34.25
C THR R 184 -22.83 -47.86 33.46
N SER R 185 -22.34 -48.89 34.19
CA SER R 185 -21.59 -49.95 33.53
C SER R 185 -22.41 -50.64 32.45
N THR R 186 -23.74 -50.70 32.62
CA THR R 186 -24.60 -51.28 31.59
C THR R 186 -24.59 -50.44 30.32
N GLN R 187 -24.68 -49.11 30.46
CA GLN R 187 -24.61 -48.22 29.30
C GLN R 187 -23.26 -48.31 28.61
N TYR R 188 -22.17 -48.30 29.38
CA TYR R 188 -20.82 -48.34 28.82
C TYR R 188 -20.55 -49.67 28.12
N ASN R 189 -20.94 -50.76 28.75
CA ASN R 189 -20.56 -52.09 28.28
C ASN R 189 -21.51 -52.64 27.22
N SER R 190 -22.46 -51.85 26.74
CA SER R 190 -23.33 -52.24 25.64
C SER R 190 -23.06 -51.46 24.36
N HIS R 191 -22.09 -50.55 24.38
CA HIS R 191 -21.69 -49.76 23.21
C HIS R 191 -20.18 -49.85 23.04
N LYS R 192 -19.71 -49.48 21.85
CA LYS R 192 -18.36 -49.82 21.43
C LYS R 192 -17.45 -48.63 21.18
N GLU R 193 -17.91 -47.58 20.50
CA GLU R 193 -17.09 -46.41 20.16
C GLU R 193 -17.52 -45.19 20.97
N TYR R 194 -16.54 -44.47 21.53
CA TYR R 194 -16.79 -43.24 22.26
C TYR R 194 -16.00 -42.10 21.64
N THR R 195 -16.66 -40.95 21.50
CA THR R 195 -16.10 -39.79 20.80
C THR R 195 -16.27 -38.54 21.65
N CYS R 196 -15.18 -37.78 21.79
CA CYS R 196 -15.21 -36.44 22.40
C CYS R 196 -14.97 -35.41 21.30
N LYS R 197 -15.90 -34.48 21.11
CA LYS R 197 -15.86 -33.53 20.01
C LYS R 197 -15.86 -32.11 20.57
N VAL R 198 -14.75 -31.40 20.39
CA VAL R 198 -14.59 -30.03 20.86
C VAL R 198 -14.77 -29.09 19.68
N THR R 199 -15.72 -28.16 19.80
CA THR R 199 -16.07 -27.24 18.72
C THR R 199 -15.67 -25.83 19.11
N GLN R 200 -14.83 -25.21 18.28
CA GLN R 200 -14.37 -23.83 18.48
C GLN R 200 -15.00 -22.97 17.39
N GLY R 201 -16.22 -22.51 17.64
CA GLY R 201 -16.95 -21.76 16.64
C GLY R 201 -17.35 -22.67 15.50
N THR R 202 -16.40 -22.96 14.62
CA THR R 202 -16.62 -23.85 13.49
C THR R 202 -15.53 -24.92 13.38
N THR R 203 -14.29 -24.60 13.79
CA THR R 203 -13.22 -25.61 13.83
C THR R 203 -13.49 -26.63 14.93
N SER R 204 -13.36 -27.92 14.59
CA SER R 204 -13.58 -29.01 15.52
C SER R 204 -12.40 -29.97 15.55
N VAL R 205 -12.03 -30.41 16.76
CA VAL R 205 -10.99 -31.43 16.96
C VAL R 205 -11.60 -32.60 17.71
N VAL R 206 -11.25 -33.82 17.30
CA VAL R 206 -11.87 -35.04 17.83
C VAL R 206 -10.79 -36.01 18.32
N GLN R 207 -11.15 -36.81 19.31
CA GLN R 207 -10.32 -37.89 19.83
C GLN R 207 -11.25 -38.99 20.31
N SER R 208 -11.01 -40.22 19.85
CA SER R 208 -11.90 -41.33 20.10
C SER R 208 -11.13 -42.53 20.64
N PHE R 209 -11.87 -43.42 21.28
CA PHE R 209 -11.34 -44.70 21.73
C PHE R 209 -12.48 -45.70 21.66
N ASN R 210 -12.12 -46.98 21.63
CA ASN R 210 -13.10 -48.06 21.57
C ASN R 210 -12.97 -48.97 22.78
N ARG R 211 -14.11 -49.47 23.26
CA ARG R 211 -14.15 -50.23 24.50
C ARG R 211 -13.16 -51.39 24.48
N GLY R 212 -13.08 -52.11 23.35
CA GLY R 212 -12.16 -53.21 23.21
C GLY R 212 -10.77 -52.83 22.75
N ASP R 213 -10.56 -51.59 22.30
CA ASP R 213 -9.24 -51.16 21.89
C ASP R 213 -8.26 -51.14 23.06
N CYS R 214 -8.75 -51.06 24.29
CA CYS R 214 -7.90 -50.97 25.47
C CYS R 214 -7.33 -52.32 25.85
#